data_7QCC
#
_entry.id   7QCC
#
_entity_poly.entity_id   1
_entity_poly.type   'polypeptide(L)'
_entity_poly.pdbx_seq_one_letter_code
;GAMAQEEAGRLPQVLARVGTSHGITDLACKLRFYDDWAPEYDQDVAALKYRAPRLAVDCLSRAFRGSPHDALILDVACGT
GLVAVELQARGFLQVQGVDGSPEMLKQARARGLYHHLSLCTLGQEPLPDPEGTFDAVIIVGALSEGQVPCSAIPELLRVT
KPGGLVCLTTRTNPSNLPYKETLEATLDSLERAGVWECLVTQPVDHWELATSEQETGLGTCANDGFISGIIYLYRKQETV
;
_entity_poly.pdbx_strand_id   A
#
# COMPACT_ATOMS: atom_id res chain seq x y z
N GLY A 1 28.80 6.78 14.64
CA GLY A 1 29.96 5.99 14.13
C GLY A 1 29.56 4.96 13.09
N ALA A 2 29.94 3.71 13.30
CA ALA A 2 29.61 2.64 12.38
C ALA A 2 28.42 1.83 12.89
N MET A 3 27.39 1.71 12.05
CA MET A 3 26.19 0.96 12.42
C MET A 3 26.49 -0.53 12.49
N ALA A 4 27.28 -1.02 11.53
CA ALA A 4 27.64 -2.42 11.47
C ALA A 4 28.39 -2.87 12.73
N GLN A 5 29.41 -2.11 13.11
CA GLN A 5 30.22 -2.43 14.28
C GLN A 5 29.39 -2.45 15.57
N GLU A 6 28.59 -1.41 15.78
CA GLU A 6 27.78 -1.33 17.00
C GLU A 6 26.91 -2.56 17.16
N GLU A 7 27.10 -3.26 18.27
CA GLU A 7 26.33 -4.48 18.57
C GLU A 7 25.49 -4.29 19.83
N ALA A 8 25.92 -4.91 20.93
CA ALA A 8 25.21 -4.80 22.20
C ALA A 8 25.33 -3.40 22.80
N GLY A 9 26.51 -2.81 22.69
CA GLY A 9 26.74 -1.48 23.23
C GLY A 9 27.46 -1.52 24.57
N ARG A 10 28.40 -0.60 24.77
CA ARG A 10 29.17 -0.54 26.00
C ARG A 10 29.10 0.85 26.63
N LEU A 11 28.99 0.89 27.96
CA LEU A 11 28.90 2.17 28.68
C LEU A 11 30.10 2.36 29.62
N PRO A 12 31.33 2.33 29.08
CA PRO A 12 32.54 2.50 29.89
C PRO A 12 32.69 3.93 30.41
N GLN A 13 33.25 4.07 31.60
CA GLN A 13 33.46 5.39 32.19
C GLN A 13 34.52 5.34 33.29
N VAL A 14 35.59 6.10 33.10
CA VAL A 14 36.69 6.13 34.07
C VAL A 14 36.93 7.54 34.58
N LEU A 15 37.07 7.68 35.89
CA LEU A 15 37.31 8.98 36.51
C LEU A 15 38.60 9.62 36.01
N ALA A 16 39.65 8.81 35.86
CA ALA A 16 40.95 9.33 35.42
C ALA A 16 40.81 10.22 34.19
N ARG A 17 40.37 9.66 33.08
CA ARG A 17 40.22 10.43 31.84
C ARG A 17 38.78 10.89 31.65
N VAL A 18 38.62 12.18 31.37
CA VAL A 18 37.30 12.76 31.16
C VAL A 18 36.69 12.28 29.85
N GLY A 19 37.52 12.17 28.81
CA GLY A 19 37.03 11.73 27.52
C GLY A 19 36.59 10.27 27.54
N THR A 20 35.37 10.01 27.07
CA THR A 20 34.85 8.65 27.04
C THR A 20 35.69 7.74 26.16
N SER A 21 36.15 8.27 25.03
CA SER A 21 36.97 7.49 24.10
C SER A 21 38.23 8.25 23.70
N HIS A 22 39.34 7.53 23.61
CA HIS A 22 40.62 8.13 23.23
C HIS A 22 40.61 8.51 21.76
N GLY A 23 41.22 9.66 21.45
CA GLY A 23 41.27 10.12 20.07
C GLY A 23 40.82 11.57 19.92
N ILE A 24 41.63 12.49 20.43
CA ILE A 24 41.31 13.91 20.36
C ILE A 24 41.26 14.40 18.91
N THR A 25 42.21 13.93 18.10
CA THR A 25 42.31 14.29 16.68
C THR A 25 41.69 15.67 16.39
N ASP A 26 42.03 16.66 17.21
CA ASP A 26 41.50 18.00 17.03
C ASP A 26 42.51 18.92 16.36
N LEU A 27 43.69 18.40 16.03
CA LEU A 27 44.71 19.21 15.36
C LEU A 27 44.19 19.74 14.03
N ALA A 28 43.64 18.86 13.20
CA ALA A 28 43.10 19.25 11.91
C ALA A 28 41.77 18.58 11.63
N CYS A 29 40.94 19.22 10.81
CA CYS A 29 39.63 18.68 10.47
C CYS A 29 39.51 18.47 8.97
N LYS A 30 39.02 17.30 8.57
CA LYS A 30 38.86 16.97 7.16
C LYS A 30 37.64 17.68 6.58
N LEU A 31 37.73 18.05 5.31
CA LEU A 31 36.64 18.74 4.63
C LEU A 31 35.94 17.82 3.64
N ARG A 32 34.61 17.89 3.61
CA ARG A 32 33.82 17.06 2.71
C ARG A 32 33.00 17.92 1.74
N PHE A 33 32.86 17.45 0.51
CA PHE A 33 32.11 18.17 -0.51
C PHE A 33 30.93 17.33 -1.01
N TYR A 34 29.80 17.98 -1.23
CA TYR A 34 28.60 17.29 -1.70
C TYR A 34 27.92 18.06 -2.83
N ASP A 35 27.18 17.34 -3.67
CA ASP A 35 26.48 17.94 -4.80
C ASP A 35 25.31 18.79 -4.33
N ASP A 36 25.24 20.02 -4.84
CA ASP A 36 24.16 20.94 -4.48
C ASP A 36 23.07 20.97 -5.54
N TRP A 37 23.22 20.15 -6.58
CA TRP A 37 22.24 20.09 -7.66
C TRP A 37 21.32 18.89 -7.52
N ALA A 38 21.25 18.34 -6.31
CA ALA A 38 20.41 17.18 -6.04
C ALA A 38 18.99 17.37 -6.57
N PRO A 39 18.49 16.43 -7.38
CA PRO A 39 17.13 16.49 -7.96
C PRO A 39 16.05 16.53 -6.87
N GLU A 40 14.94 17.18 -7.19
CA GLU A 40 13.83 17.33 -6.26
C GLU A 40 13.12 16.01 -5.94
N TYR A 41 12.93 15.16 -6.96
CA TYR A 41 12.23 13.88 -6.75
C TYR A 41 13.19 12.74 -6.38
N ASP A 42 14.48 13.04 -6.29
CA ASP A 42 15.46 12.02 -5.93
C ASP A 42 15.71 12.02 -4.42
N GLN A 43 14.89 12.77 -3.70
CA GLN A 43 15.00 12.84 -2.25
C GLN A 43 14.58 11.51 -1.63
N ASP A 44 13.57 10.89 -2.23
CA ASP A 44 13.06 9.61 -1.77
C ASP A 44 12.82 8.67 -2.95
N VAL A 45 13.74 7.73 -3.18
CA VAL A 45 13.61 6.79 -4.28
C VAL A 45 12.41 5.85 -4.06
N ALA A 46 12.27 5.37 -2.83
CA ALA A 46 11.19 4.45 -2.50
C ALA A 46 9.82 4.99 -2.91
N ALA A 47 9.59 6.27 -2.64
CA ALA A 47 8.33 6.90 -2.99
C ALA A 47 8.06 6.84 -4.49
N LEU A 48 9.10 7.00 -5.28
CA LEU A 48 8.97 6.98 -6.75
C LEU A 48 8.40 5.66 -7.24
N LYS A 49 8.85 4.55 -6.65
CA LYS A 49 8.37 3.23 -7.07
C LYS A 49 6.95 2.98 -6.56
N TYR A 50 6.01 2.90 -7.50
CA TYR A 50 4.63 2.65 -7.15
C TYR A 50 4.41 1.22 -6.67
N ARG A 51 4.85 0.26 -7.48
CA ARG A 51 4.69 -1.16 -7.18
C ARG A 51 3.23 -1.50 -6.91
N ALA A 52 2.33 -0.65 -7.43
CA ALA A 52 0.90 -0.87 -7.26
C ALA A 52 0.03 0.29 -7.81
N PRO A 53 0.19 1.52 -7.31
CA PRO A 53 -0.61 2.67 -7.73
C PRO A 53 -0.95 2.70 -9.22
N ARG A 54 0.00 3.08 -10.07
CA ARG A 54 -0.24 3.17 -11.51
C ARG A 54 -0.63 1.82 -12.11
N LEU A 55 0.04 0.77 -11.67
CA LEU A 55 -0.23 -0.57 -12.18
C LEU A 55 -1.67 -0.99 -11.89
N ALA A 56 -2.16 -0.64 -10.71
CA ALA A 56 -3.51 -0.99 -10.29
C ALA A 56 -4.59 -0.45 -11.23
N VAL A 57 -4.63 0.87 -11.37
CA VAL A 57 -5.66 1.52 -12.19
C VAL A 57 -5.69 1.02 -13.63
N ASP A 58 -4.54 0.85 -14.27
CA ASP A 58 -4.53 0.38 -15.65
C ASP A 58 -5.21 -1.00 -15.74
N CYS A 59 -4.77 -1.90 -14.87
CA CYS A 59 -5.30 -3.26 -14.84
C CYS A 59 -6.73 -3.30 -14.32
N LEU A 60 -7.03 -2.49 -13.30
CA LEU A 60 -8.37 -2.47 -12.73
C LEU A 60 -9.37 -2.11 -13.80
N SER A 61 -9.09 -1.03 -14.51
CA SER A 61 -9.95 -0.61 -15.61
C SER A 61 -9.93 -1.66 -16.69
N ARG A 62 -8.76 -2.29 -16.86
CA ARG A 62 -8.59 -3.34 -17.86
C ARG A 62 -9.55 -4.49 -17.57
N ALA A 63 -9.70 -4.80 -16.29
CA ALA A 63 -10.60 -5.85 -15.85
C ALA A 63 -11.93 -5.28 -15.39
N PHE A 64 -12.14 -3.99 -15.66
CA PHE A 64 -13.38 -3.32 -15.29
C PHE A 64 -14.24 -3.18 -16.54
N ARG A 65 -15.32 -3.94 -16.62
CA ARG A 65 -16.21 -3.88 -17.77
C ARG A 65 -17.39 -2.94 -17.51
N GLY A 66 -17.51 -2.48 -16.28
CA GLY A 66 -18.59 -1.60 -15.91
C GLY A 66 -18.38 -0.19 -16.42
N SER A 67 -19.18 0.74 -15.92
CA SER A 67 -19.04 2.12 -16.33
C SER A 67 -18.24 2.90 -15.30
N PRO A 68 -16.97 3.20 -15.60
CA PRO A 68 -16.09 3.94 -14.69
C PRO A 68 -16.53 5.39 -14.54
N HIS A 69 -17.47 5.81 -15.38
CA HIS A 69 -18.00 7.17 -15.30
C HIS A 69 -18.97 7.25 -14.13
N ASP A 70 -19.88 6.29 -14.07
CA ASP A 70 -20.88 6.23 -13.00
C ASP A 70 -20.38 5.35 -11.85
N ALA A 71 -19.13 4.88 -11.96
CA ALA A 71 -18.55 4.06 -10.93
C ALA A 71 -17.83 4.93 -9.90
N LEU A 72 -17.81 4.47 -8.66
CA LEU A 72 -17.16 5.21 -7.59
C LEU A 72 -15.93 4.44 -7.09
N ILE A 73 -14.82 5.15 -6.89
CA ILE A 73 -13.58 4.52 -6.43
C ILE A 73 -13.13 5.12 -5.10
N LEU A 74 -12.62 4.29 -4.20
CA LEU A 74 -12.20 4.79 -2.88
C LEU A 74 -10.68 4.77 -2.66
N ASP A 75 -10.11 5.96 -2.46
CA ASP A 75 -8.67 6.11 -2.24
C ASP A 75 -8.34 6.55 -0.81
N VAL A 76 -7.26 5.99 -0.27
CA VAL A 76 -6.79 6.25 1.11
C VAL A 76 -6.33 7.70 1.36
N ALA A 77 -5.60 7.89 2.46
CA ALA A 77 -5.08 9.18 2.89
C ALA A 77 -3.60 9.36 2.51
N CYS A 78 -3.19 8.73 1.43
CA CYS A 78 -1.80 8.80 0.99
C CYS A 78 -1.56 9.89 -0.05
N GLY A 79 -2.40 10.93 -0.07
CA GLY A 79 -2.23 11.99 -1.05
C GLY A 79 -2.41 11.46 -2.46
N THR A 80 -2.92 10.23 -2.53
CA THR A 80 -3.14 9.52 -3.78
C THR A 80 -4.08 10.27 -4.73
N GLY A 81 -4.08 11.60 -4.65
CA GLY A 81 -4.91 12.39 -5.52
C GLY A 81 -4.51 12.22 -6.96
N LEU A 82 -3.23 11.95 -7.18
CA LEU A 82 -2.74 11.74 -8.54
C LEU A 82 -3.48 10.55 -9.13
N VAL A 83 -3.52 9.45 -8.40
CA VAL A 83 -4.19 8.25 -8.86
C VAL A 83 -5.63 8.61 -9.22
N ALA A 84 -6.26 9.44 -8.40
CA ALA A 84 -7.62 9.88 -8.67
C ALA A 84 -7.66 10.61 -10.00
N VAL A 85 -6.58 11.34 -10.31
CA VAL A 85 -6.48 12.07 -11.56
C VAL A 85 -6.41 11.09 -12.72
N GLU A 86 -5.56 10.07 -12.58
CA GLU A 86 -5.42 9.06 -13.61
C GLU A 86 -6.74 8.30 -13.72
N LEU A 87 -7.34 8.04 -12.56
CA LEU A 87 -8.61 7.32 -12.50
C LEU A 87 -9.61 8.02 -13.42
N GLN A 88 -9.73 9.34 -13.30
CA GLN A 88 -10.63 10.10 -14.14
C GLN A 88 -10.25 9.90 -15.60
N ALA A 89 -8.94 9.89 -15.82
CA ALA A 89 -8.42 9.67 -17.16
C ALA A 89 -8.95 8.35 -17.71
N ARG A 90 -8.71 7.28 -16.96
CA ARG A 90 -9.15 5.94 -17.34
C ARG A 90 -10.68 5.79 -17.27
N GLY A 91 -11.39 6.92 -17.27
CA GLY A 91 -12.84 6.90 -17.22
C GLY A 91 -13.41 6.93 -15.82
N PHE A 92 -12.56 6.67 -14.83
CA PHE A 92 -13.00 6.65 -13.44
C PHE A 92 -13.15 8.08 -12.92
N LEU A 93 -14.27 8.71 -13.29
CA LEU A 93 -14.56 10.08 -12.91
C LEU A 93 -14.87 10.22 -11.43
N GLN A 94 -15.60 9.25 -10.88
CA GLN A 94 -16.00 9.33 -9.49
C GLN A 94 -15.06 8.58 -8.56
N VAL A 95 -14.31 9.32 -7.78
CA VAL A 95 -13.39 8.74 -6.81
C VAL A 95 -13.52 9.42 -5.45
N GLN A 96 -13.78 8.64 -4.42
CA GLN A 96 -13.91 9.16 -3.07
C GLN A 96 -12.79 8.60 -2.21
N GLY A 97 -12.41 9.31 -1.16
CA GLY A 97 -11.35 8.83 -0.30
C GLY A 97 -11.38 9.49 1.06
N VAL A 98 -10.38 9.21 1.87
CA VAL A 98 -10.29 9.81 3.19
C VAL A 98 -8.85 10.07 3.56
N ASP A 99 -8.58 11.32 3.92
CA ASP A 99 -7.23 11.73 4.28
C ASP A 99 -7.12 11.99 5.78
N GLY A 100 -5.90 11.90 6.30
CA GLY A 100 -5.69 12.13 7.72
C GLY A 100 -4.75 13.30 7.97
N SER A 101 -4.45 14.05 6.92
CA SER A 101 -3.57 15.20 7.01
C SER A 101 -4.21 16.41 6.34
N PRO A 102 -4.57 17.44 7.11
CA PRO A 102 -5.21 18.64 6.55
C PRO A 102 -4.43 19.19 5.36
N GLU A 103 -3.11 19.17 5.45
CA GLU A 103 -2.27 19.66 4.37
C GLU A 103 -2.41 18.79 3.13
N MET A 104 -2.32 17.47 3.31
CA MET A 104 -2.45 16.53 2.21
C MET A 104 -3.89 16.48 1.69
N LEU A 105 -4.84 16.53 2.62
CA LEU A 105 -6.25 16.49 2.26
C LEU A 105 -6.62 17.67 1.37
N LYS A 106 -6.16 18.85 1.75
CA LYS A 106 -6.43 20.05 0.98
C LYS A 106 -5.89 19.91 -0.43
N GLN A 107 -4.72 19.30 -0.53
CA GLN A 107 -4.08 19.09 -1.83
C GLN A 107 -5.00 18.24 -2.71
N ALA A 108 -5.38 17.06 -2.21
CA ALA A 108 -6.25 16.17 -2.95
C ALA A 108 -7.63 16.80 -3.21
N ARG A 109 -8.14 17.51 -2.22
CA ARG A 109 -9.44 18.18 -2.37
C ARG A 109 -9.36 19.20 -3.50
N ALA A 110 -8.35 20.07 -3.42
CA ALA A 110 -8.15 21.10 -4.43
C ALA A 110 -7.99 20.48 -5.82
N ARG A 111 -7.59 19.22 -5.85
CA ARG A 111 -7.42 18.50 -7.10
C ARG A 111 -8.74 18.46 -7.87
N GLY A 112 -9.82 18.26 -7.11
CA GLY A 112 -11.15 18.20 -7.71
C GLY A 112 -11.44 16.85 -8.34
N LEU A 113 -10.55 15.90 -8.12
CA LEU A 113 -10.71 14.56 -8.66
C LEU A 113 -11.60 13.70 -7.77
N TYR A 114 -11.52 13.92 -6.47
CA TYR A 114 -12.31 13.15 -5.52
C TYR A 114 -13.70 13.74 -5.36
N HIS A 115 -14.72 12.87 -5.46
CA HIS A 115 -16.09 13.29 -5.28
C HIS A 115 -16.30 13.83 -3.88
N HIS A 116 -15.67 13.17 -2.91
CA HIS A 116 -15.76 13.58 -1.52
C HIS A 116 -14.59 13.02 -0.71
N LEU A 117 -14.06 13.84 0.18
CA LEU A 117 -12.95 13.44 1.04
C LEU A 117 -13.28 13.77 2.50
N SER A 118 -12.78 12.97 3.42
CA SER A 118 -13.05 13.18 4.84
C SER A 118 -11.85 12.83 5.70
N LEU A 119 -11.87 13.30 6.94
CA LEU A 119 -10.80 13.02 7.87
C LEU A 119 -11.09 11.76 8.67
N CYS A 120 -10.26 10.74 8.47
CA CYS A 120 -10.44 9.48 9.16
C CYS A 120 -9.12 8.72 9.25
N THR A 121 -9.05 7.84 10.23
CA THR A 121 -7.87 6.99 10.41
C THR A 121 -8.35 5.56 10.59
N LEU A 122 -8.35 4.84 9.48
CA LEU A 122 -8.83 3.45 9.42
C LEU A 122 -8.61 2.68 10.72
N GLY A 123 -9.72 2.27 11.31
CA GLY A 123 -9.70 1.53 12.56
C GLY A 123 -10.24 2.35 13.72
N GLN A 124 -10.22 3.66 13.56
CA GLN A 124 -10.73 4.56 14.59
C GLN A 124 -12.22 4.32 14.76
N GLU A 125 -12.91 4.30 13.63
CA GLU A 125 -14.36 4.08 13.58
C GLU A 125 -14.72 3.38 12.28
N PRO A 126 -15.93 2.80 12.17
CA PRO A 126 -16.35 2.13 10.94
C PRO A 126 -16.36 3.11 9.78
N LEU A 127 -16.13 2.62 8.56
CA LEU A 127 -16.08 3.49 7.40
C LEU A 127 -17.38 4.28 7.24
N PRO A 128 -17.27 5.55 6.81
CA PRO A 128 -18.42 6.43 6.60
C PRO A 128 -19.14 6.14 5.28
N ASP A 129 -18.55 5.27 4.48
CA ASP A 129 -19.12 4.92 3.19
C ASP A 129 -20.18 3.82 3.30
N PRO A 130 -21.36 4.03 2.69
CA PRO A 130 -22.45 3.05 2.71
C PRO A 130 -22.12 1.83 1.85
N GLU A 131 -22.82 0.72 2.06
CA GLU A 131 -22.58 -0.48 1.29
C GLU A 131 -23.02 -0.31 -0.16
N GLY A 132 -22.32 -0.97 -1.09
CA GLY A 132 -22.66 -0.87 -2.50
C GLY A 132 -22.58 0.56 -3.00
N THR A 133 -21.79 1.38 -2.32
CA THR A 133 -21.63 2.78 -2.71
C THR A 133 -20.61 2.95 -3.84
N PHE A 134 -19.43 2.36 -3.67
CA PHE A 134 -18.36 2.51 -4.66
C PHE A 134 -18.18 1.27 -5.52
N ASP A 135 -18.13 1.47 -6.83
CA ASP A 135 -17.93 0.37 -7.75
C ASP A 135 -16.59 -0.29 -7.48
N ALA A 136 -15.56 0.52 -7.23
CA ALA A 136 -14.22 0.00 -6.99
C ALA A 136 -13.44 0.81 -5.96
N VAL A 137 -12.36 0.24 -5.46
CA VAL A 137 -11.50 0.93 -4.48
C VAL A 137 -10.04 0.57 -4.72
N ILE A 138 -9.14 1.53 -4.55
CA ILE A 138 -7.72 1.26 -4.75
C ILE A 138 -6.85 1.84 -3.63
N ILE A 139 -6.21 0.94 -2.90
CA ILE A 139 -5.33 1.31 -1.79
C ILE A 139 -4.25 0.26 -1.62
N VAL A 140 -2.99 0.65 -1.81
CA VAL A 140 -1.89 -0.29 -1.68
C VAL A 140 -1.16 -0.16 -0.35
N GLY A 141 -0.89 -1.28 0.29
CA GLY A 141 -0.20 -1.27 1.55
C GLY A 141 -0.98 -0.55 2.62
N ALA A 142 -0.36 -0.35 3.77
CA ALA A 142 -1.00 0.36 4.87
C ALA A 142 -2.06 -0.50 5.56
N LEU A 143 -2.42 -1.64 4.95
CA LEU A 143 -3.41 -2.53 5.52
C LEU A 143 -2.89 -3.18 6.79
N SER A 144 -1.62 -3.56 6.78
CA SER A 144 -1.00 -4.20 7.94
C SER A 144 0.02 -3.26 8.61
N GLU A 145 0.44 -2.24 7.87
CA GLU A 145 1.41 -1.28 8.39
C GLU A 145 0.86 -0.58 9.63
N GLY A 146 -0.43 -0.27 9.59
CA GLY A 146 -1.07 0.41 10.71
C GLY A 146 -2.01 1.51 10.24
N GLN A 147 -2.10 1.71 8.93
CA GLN A 147 -2.99 2.71 8.37
C GLN A 147 -4.41 2.16 8.30
N VAL A 148 -4.59 1.16 7.43
CA VAL A 148 -5.90 0.52 7.24
C VAL A 148 -5.93 -0.87 7.86
N PRO A 149 -6.56 -1.01 9.03
CA PRO A 149 -6.64 -2.30 9.73
C PRO A 149 -7.40 -3.35 8.93
N CYS A 150 -6.90 -4.58 8.97
CA CYS A 150 -7.50 -5.67 8.22
C CYS A 150 -9.00 -5.76 8.44
N SER A 151 -9.45 -5.34 9.63
CA SER A 151 -10.86 -5.37 9.95
C SER A 151 -11.64 -4.44 9.02
N ALA A 152 -11.06 -3.28 8.73
CA ALA A 152 -11.68 -2.28 7.88
C ALA A 152 -11.74 -2.70 6.41
N ILE A 153 -10.75 -3.47 5.94
CA ILE A 153 -10.70 -3.88 4.54
C ILE A 153 -12.04 -4.42 4.04
N PRO A 154 -12.68 -5.36 4.77
CA PRO A 154 -13.97 -5.92 4.36
C PRO A 154 -15.04 -4.84 4.25
N GLU A 155 -14.87 -3.77 5.03
CA GLU A 155 -15.77 -2.64 4.98
C GLU A 155 -15.60 -1.88 3.67
N LEU A 156 -14.40 -2.01 3.07
CA LEU A 156 -14.10 -1.38 1.80
C LEU A 156 -14.74 -2.18 0.66
N LEU A 157 -14.57 -3.49 0.72
CA LEU A 157 -15.15 -4.39 -0.29
C LEU A 157 -16.67 -4.44 -0.13
N ARG A 158 -17.10 -4.45 1.12
CA ARG A 158 -18.52 -4.51 1.44
C ARG A 158 -19.25 -3.31 0.83
N VAL A 159 -18.65 -2.13 0.98
CA VAL A 159 -19.24 -0.92 0.42
C VAL A 159 -19.11 -0.89 -1.09
N THR A 160 -18.23 -1.73 -1.62
CA THR A 160 -18.02 -1.81 -3.06
C THR A 160 -19.17 -2.56 -3.73
N LYS A 161 -19.74 -1.97 -4.77
CA LYS A 161 -20.86 -2.59 -5.50
C LYS A 161 -20.46 -3.91 -6.13
N PRO A 162 -21.44 -4.78 -6.42
CA PRO A 162 -21.20 -6.08 -7.06
C PRO A 162 -20.55 -5.89 -8.42
N GLY A 163 -19.60 -6.76 -8.76
CA GLY A 163 -18.90 -6.64 -10.03
C GLY A 163 -17.83 -5.57 -9.99
N GLY A 164 -17.71 -4.91 -8.83
CA GLY A 164 -16.72 -3.86 -8.66
C GLY A 164 -15.32 -4.41 -8.62
N LEU A 165 -14.32 -3.53 -8.54
CA LEU A 165 -12.94 -3.97 -8.50
C LEU A 165 -12.18 -3.35 -7.32
N VAL A 166 -11.63 -4.20 -6.46
CA VAL A 166 -10.87 -3.73 -5.31
C VAL A 166 -9.42 -4.19 -5.42
N CYS A 167 -8.48 -3.24 -5.45
CA CYS A 167 -7.07 -3.57 -5.55
C CYS A 167 -6.32 -3.20 -4.28
N LEU A 168 -5.97 -4.21 -3.49
CA LEU A 168 -5.26 -3.98 -2.24
C LEU A 168 -3.89 -4.65 -2.23
N THR A 169 -2.97 -4.07 -1.47
CA THR A 169 -1.62 -4.59 -1.32
C THR A 169 -1.26 -4.56 0.16
N THR A 170 -0.38 -5.45 0.60
CA THR A 170 0.00 -5.49 2.00
C THR A 170 1.28 -6.30 2.21
N ARG A 171 1.95 -6.07 3.34
CA ARG A 171 3.13 -6.84 3.64
C ARG A 171 2.72 -8.29 3.80
N THR A 172 3.42 -9.19 3.13
CA THR A 172 3.09 -10.60 3.19
C THR A 172 4.10 -11.38 4.01
N ASN A 173 4.70 -10.70 4.99
CA ASN A 173 5.68 -11.32 5.88
C ASN A 173 6.65 -12.22 5.13
N PRO A 174 7.68 -11.63 4.50
CA PRO A 174 8.70 -12.38 3.76
C PRO A 174 9.44 -13.38 4.63
N SER A 175 9.41 -13.14 5.93
CA SER A 175 10.11 -14.00 6.88
C SER A 175 9.60 -15.43 6.81
N ASN A 176 8.29 -15.60 6.67
CA ASN A 176 7.71 -16.94 6.59
C ASN A 176 7.24 -17.28 5.18
N LEU A 177 8.03 -18.10 4.48
CA LEU A 177 7.69 -18.51 3.13
C LEU A 177 6.36 -19.26 3.08
N PRO A 178 6.25 -20.38 3.84
CA PRO A 178 5.03 -21.18 3.89
C PRO A 178 3.81 -20.41 4.39
N TYR A 179 4.05 -19.41 5.21
CA TYR A 179 2.97 -18.61 5.79
C TYR A 179 2.12 -17.92 4.70
N LYS A 180 2.76 -17.51 3.62
CA LYS A 180 2.06 -16.81 2.54
C LYS A 180 0.86 -17.62 2.03
N GLU A 181 0.96 -18.94 2.07
CA GLU A 181 -0.14 -19.78 1.61
C GLU A 181 -1.40 -19.50 2.44
N THR A 182 -1.18 -19.23 3.72
CA THR A 182 -2.27 -18.91 4.64
C THR A 182 -3.02 -17.68 4.17
N LEU A 183 -2.27 -16.70 3.69
CA LEU A 183 -2.86 -15.48 3.16
C LEU A 183 -3.58 -15.79 1.85
N GLU A 184 -2.83 -16.36 0.91
CA GLU A 184 -3.36 -16.70 -0.40
C GLU A 184 -4.54 -17.65 -0.30
N ALA A 185 -4.52 -18.53 0.70
CA ALA A 185 -5.61 -19.48 0.89
C ALA A 185 -6.89 -18.75 1.27
N THR A 186 -6.76 -17.72 2.12
CA THR A 186 -7.90 -16.94 2.56
C THR A 186 -8.61 -16.29 1.38
N LEU A 187 -7.82 -15.78 0.43
CA LEU A 187 -8.38 -15.13 -0.74
C LEU A 187 -9.12 -16.15 -1.60
N ASP A 188 -8.52 -17.33 -1.73
CA ASP A 188 -9.11 -18.41 -2.53
C ASP A 188 -10.48 -18.80 -2.01
N SER A 189 -10.66 -18.86 -0.70
CA SER A 189 -11.95 -19.22 -0.13
C SER A 189 -12.97 -18.14 -0.45
N LEU A 190 -12.54 -16.89 -0.33
CA LEU A 190 -13.39 -15.75 -0.62
C LEU A 190 -13.85 -15.79 -2.06
N GLU A 191 -12.97 -16.21 -2.96
CA GLU A 191 -13.31 -16.32 -4.36
C GLU A 191 -14.29 -17.46 -4.55
N ARG A 192 -13.98 -18.59 -3.94
CA ARG A 192 -14.84 -19.77 -4.03
C ARG A 192 -16.22 -19.47 -3.47
N ALA A 193 -16.26 -18.71 -2.38
CA ALA A 193 -17.51 -18.34 -1.74
C ALA A 193 -18.36 -17.44 -2.64
N GLY A 194 -17.72 -16.82 -3.62
CA GLY A 194 -18.44 -15.95 -4.54
C GLY A 194 -18.43 -14.49 -4.13
N VAL A 195 -17.74 -14.18 -3.02
CA VAL A 195 -17.67 -12.81 -2.53
C VAL A 195 -16.85 -11.90 -3.44
N TRP A 196 -15.82 -12.45 -4.09
CA TRP A 196 -14.97 -11.66 -4.98
C TRP A 196 -14.03 -12.56 -5.80
N GLU A 197 -13.61 -12.08 -6.97
CA GLU A 197 -12.72 -12.85 -7.83
C GLU A 197 -11.54 -12.00 -8.29
N CYS A 198 -10.46 -12.66 -8.65
CA CYS A 198 -9.27 -11.99 -9.12
C CYS A 198 -9.49 -11.38 -10.50
N LEU A 199 -9.07 -10.14 -10.65
CA LEU A 199 -9.19 -9.43 -11.92
C LEU A 199 -7.82 -9.16 -12.52
N VAL A 200 -6.81 -9.25 -11.68
CA VAL A 200 -5.45 -9.01 -12.09
C VAL A 200 -4.54 -9.15 -10.88
N THR A 201 -3.26 -9.32 -11.12
CA THR A 201 -2.30 -9.43 -10.04
C THR A 201 -0.95 -8.89 -10.47
N GLN A 202 -0.66 -7.65 -10.07
CA GLN A 202 0.61 -7.03 -10.41
C GLN A 202 1.74 -7.97 -10.06
N PRO A 203 2.39 -8.57 -11.08
CA PRO A 203 3.48 -9.52 -10.84
C PRO A 203 4.59 -8.89 -10.02
N VAL A 204 4.89 -9.52 -8.89
CA VAL A 204 5.91 -9.03 -7.99
C VAL A 204 7.23 -9.77 -8.20
N ASP A 205 8.32 -9.02 -8.09
CA ASP A 205 9.65 -9.59 -8.25
C ASP A 205 10.10 -10.26 -6.96
N HIS A 206 9.19 -10.36 -6.00
CA HIS A 206 9.47 -11.01 -4.73
C HIS A 206 9.15 -12.51 -4.84
N TRP A 207 8.44 -12.87 -5.90
CA TRP A 207 8.04 -14.26 -6.15
C TRP A 207 9.27 -15.15 -6.33
N GLU A 208 10.40 -14.56 -6.68
CA GLU A 208 11.63 -15.32 -6.89
C GLU A 208 11.88 -16.24 -5.70
N LEU A 209 12.53 -17.37 -5.96
CA LEU A 209 12.81 -18.34 -4.90
C LEU A 209 13.39 -17.65 -3.67
N ALA A 210 12.65 -17.74 -2.57
CA ALA A 210 13.06 -17.10 -1.33
C ALA A 210 13.56 -18.12 -0.30
N THR A 211 13.46 -19.41 -0.64
CA THR A 211 13.91 -20.45 0.27
C THR A 211 15.42 -20.41 0.46
N SER A 212 16.15 -20.14 -0.63
CA SER A 212 17.60 -20.06 -0.57
C SER A 212 18.10 -18.63 -0.76
N GLU A 213 17.77 -18.04 -1.91
CA GLU A 213 18.18 -16.67 -2.22
C GLU A 213 19.69 -16.49 -2.08
N GLN A 214 20.46 -17.47 -2.50
CA GLN A 214 21.91 -17.38 -2.42
C GLN A 214 22.41 -16.20 -3.23
N GLU A 215 23.33 -15.43 -2.65
CA GLU A 215 23.90 -14.27 -3.31
C GLU A 215 25.34 -14.03 -2.87
N THR A 216 26.03 -13.16 -3.59
CA THR A 216 27.41 -12.84 -3.27
C THR A 216 27.51 -12.26 -1.86
N GLY A 217 26.54 -11.42 -1.49
CA GLY A 217 26.54 -10.81 -0.18
C GLY A 217 27.25 -9.48 -0.17
N LEU A 218 27.24 -8.80 -1.30
CA LEU A 218 27.89 -7.50 -1.41
C LEU A 218 27.27 -6.50 -0.44
N GLY A 219 25.94 -6.57 -0.32
CA GLY A 219 25.23 -5.67 0.59
C GLY A 219 23.86 -6.20 0.96
N THR A 220 22.95 -6.20 -0.02
CA THR A 220 21.58 -6.68 0.20
C THR A 220 20.96 -6.03 1.44
N CYS A 221 21.05 -4.71 1.51
CA CYS A 221 20.48 -3.97 2.63
C CYS A 221 18.97 -4.17 2.71
N ALA A 222 18.34 -4.16 1.54
CA ALA A 222 16.90 -4.34 1.45
C ALA A 222 16.54 -5.83 1.38
N ASN A 223 15.35 -6.17 1.86
CA ASN A 223 14.91 -7.56 1.83
C ASN A 223 14.86 -8.07 0.40
N ASP A 224 15.24 -9.32 0.21
CA ASP A 224 15.23 -9.91 -1.11
C ASP A 224 13.83 -9.89 -1.69
N GLY A 225 12.86 -10.18 -0.83
CA GLY A 225 11.48 -10.21 -1.25
C GLY A 225 10.93 -11.60 -1.22
N PHE A 226 10.93 -12.19 -0.05
CA PHE A 226 10.46 -13.54 0.12
C PHE A 226 8.98 -13.65 -0.25
N ILE A 227 8.18 -12.67 0.17
CA ILE A 227 6.75 -12.69 -0.11
C ILE A 227 6.14 -11.28 -0.09
N SER A 228 6.77 -10.33 0.60
CA SER A 228 6.24 -8.97 0.69
C SER A 228 6.34 -8.22 -0.61
N GLY A 229 5.55 -7.16 -0.73
CA GLY A 229 5.53 -6.36 -1.94
C GLY A 229 4.60 -6.92 -2.98
N ILE A 230 3.37 -7.25 -2.57
CA ILE A 230 2.39 -7.80 -3.49
C ILE A 230 1.13 -6.94 -3.60
N ILE A 231 0.81 -6.58 -4.83
CA ILE A 231 -0.38 -5.79 -5.15
C ILE A 231 -1.23 -6.55 -6.14
N TYR A 232 -2.44 -6.97 -5.74
CA TYR A 232 -3.28 -7.74 -6.65
C TYR A 232 -4.70 -7.20 -6.72
N LEU A 233 -5.27 -7.24 -7.92
CA LEU A 233 -6.62 -6.74 -8.17
C LEU A 233 -7.70 -7.77 -7.81
N TYR A 234 -8.94 -7.30 -7.76
CA TYR A 234 -10.08 -8.17 -7.44
C TYR A 234 -11.40 -7.54 -7.89
N ARG A 235 -12.44 -8.37 -8.03
CA ARG A 235 -13.77 -7.89 -8.42
C ARG A 235 -14.80 -8.37 -7.40
N LYS A 236 -15.68 -7.50 -6.92
CA LYS A 236 -16.67 -7.88 -5.93
C LYS A 236 -17.76 -8.79 -6.47
N GLN A 237 -18.03 -9.85 -5.73
CA GLN A 237 -19.06 -10.83 -6.07
C GLN A 237 -18.65 -11.71 -7.26
N GLU A 238 -17.86 -12.72 -6.93
CA GLU A 238 -17.40 -13.68 -7.93
C GLU A 238 -16.83 -14.96 -7.35
N THR A 239 -16.97 -16.03 -8.14
CA THR A 239 -16.51 -17.36 -7.77
C THR A 239 -15.22 -17.72 -8.51
N VAL A 240 -14.36 -18.52 -7.87
CA VAL A 240 -13.11 -18.95 -8.48
C VAL A 240 -12.64 -20.27 -7.88
N GLY A 1 36.50 -2.66 10.77
CA GLY A 1 35.68 -3.60 11.60
C GLY A 1 36.24 -5.01 11.69
N ALA A 2 37.28 -5.30 10.91
CA ALA A 2 37.91 -6.61 10.91
C ALA A 2 38.71 -6.84 12.18
N MET A 3 38.80 -8.09 12.61
CA MET A 3 39.56 -8.45 13.80
C MET A 3 41.05 -8.24 13.57
N ALA A 4 41.50 -8.59 12.37
CA ALA A 4 42.90 -8.44 12.01
C ALA A 4 43.39 -7.02 12.28
N GLN A 5 42.84 -6.06 11.53
CA GLN A 5 43.22 -4.66 11.69
C GLN A 5 42.82 -4.13 13.07
N GLU A 6 41.64 -4.53 13.53
CA GLU A 6 41.13 -4.09 14.83
C GLU A 6 42.04 -4.52 15.98
N GLU A 7 42.22 -3.62 16.94
CA GLU A 7 43.06 -3.89 18.11
C GLU A 7 42.27 -3.64 19.39
N ALA A 8 42.73 -4.23 20.49
CA ALA A 8 42.05 -4.07 21.77
C ALA A 8 42.01 -2.60 22.18
N GLY A 9 43.11 -1.89 21.93
CA GLY A 9 43.19 -0.47 22.25
C GLY A 9 42.58 -0.12 23.59
N ARG A 10 41.57 0.74 23.56
CA ARG A 10 40.88 1.17 24.77
C ARG A 10 39.42 0.73 24.76
N LEU A 11 38.90 0.40 25.93
CA LEU A 11 37.51 -0.05 26.05
C LEU A 11 36.66 1.02 26.73
N PRO A 12 36.47 2.18 26.08
CA PRO A 12 35.69 3.29 26.62
C PRO A 12 34.19 2.98 26.66
N GLN A 13 33.47 3.67 27.53
CA GLN A 13 32.04 3.46 27.67
C GLN A 13 31.33 3.97 26.40
N VAL A 14 30.59 3.08 25.76
CA VAL A 14 29.87 3.42 24.53
C VAL A 14 28.64 4.29 24.82
N LEU A 15 28.44 5.29 23.97
CA LEU A 15 27.31 6.21 24.12
C LEU A 15 25.97 5.50 24.08
N ALA A 16 25.83 4.51 23.19
CA ALA A 16 24.58 3.76 23.02
C ALA A 16 23.70 3.80 24.29
N ARG A 17 22.47 4.29 24.13
CA ARG A 17 21.54 4.40 25.25
C ARG A 17 20.17 3.83 24.89
N VAL A 18 19.39 3.47 25.90
CA VAL A 18 18.05 2.92 25.69
C VAL A 18 17.10 4.01 25.18
N GLY A 19 17.24 5.20 25.74
CA GLY A 19 16.39 6.31 25.33
C GLY A 19 14.93 6.08 25.65
N THR A 20 14.05 6.70 24.87
CA THR A 20 12.61 6.57 25.07
C THR A 20 11.92 6.21 23.76
N SER A 21 10.89 5.37 23.85
CA SER A 21 10.15 4.94 22.67
C SER A 21 9.53 6.13 21.95
N HIS A 22 9.00 7.08 22.72
CA HIS A 22 8.38 8.27 22.15
C HIS A 22 9.11 9.53 22.57
N GLY A 23 9.44 10.38 21.60
CA GLY A 23 10.14 11.61 21.89
C GLY A 23 9.33 12.84 21.53
N ILE A 24 9.03 13.66 22.53
CA ILE A 24 8.25 14.87 22.32
C ILE A 24 8.93 15.83 21.34
N THR A 25 10.23 16.05 21.54
CA THR A 25 10.98 16.94 20.66
C THR A 25 12.31 16.32 20.23
N ASP A 26 12.68 16.54 18.98
CA ASP A 26 13.93 16.00 18.46
C ASP A 26 14.91 17.10 18.11
N LEU A 27 16.19 16.75 18.01
CA LEU A 27 17.23 17.72 17.69
C LEU A 27 16.96 18.36 16.33
N ALA A 28 16.69 17.53 15.33
CA ALA A 28 16.40 18.02 13.98
C ALA A 28 15.26 19.03 14.03
N CYS A 29 15.34 20.04 13.17
CA CYS A 29 14.31 21.08 13.12
C CYS A 29 13.04 20.56 12.47
N LYS A 30 11.94 21.28 12.67
CA LYS A 30 10.65 20.88 12.11
C LYS A 30 10.74 20.84 10.58
N LEU A 31 11.44 21.82 10.00
CA LEU A 31 11.58 21.90 8.55
C LEU A 31 12.22 20.63 8.00
N ARG A 32 11.66 20.12 6.90
CA ARG A 32 12.17 18.91 6.28
C ARG A 32 13.62 19.07 5.82
N PHE A 33 13.95 20.24 5.29
CA PHE A 33 15.30 20.51 4.82
C PHE A 33 15.80 21.87 5.29
N TYR A 34 17.12 22.02 5.31
CA TYR A 34 17.74 23.25 5.76
C TYR A 34 17.50 24.38 4.75
N ASP A 35 17.58 24.03 3.47
CA ASP A 35 17.38 25.00 2.40
C ASP A 35 16.24 24.57 1.48
N ASP A 36 15.52 25.55 0.94
CA ASP A 36 14.41 25.26 0.03
C ASP A 36 14.88 25.20 -1.42
N TRP A 37 16.18 25.40 -1.62
CA TRP A 37 16.77 25.36 -2.96
C TRP A 37 17.50 24.04 -3.19
N ALA A 38 17.13 23.03 -2.42
CA ALA A 38 17.72 21.71 -2.53
C ALA A 38 17.24 20.98 -3.79
N PRO A 39 17.90 19.87 -4.16
CA PRO A 39 17.52 19.09 -5.35
C PRO A 39 16.09 18.57 -5.26
N GLU A 40 15.44 18.41 -6.41
CA GLU A 40 14.07 17.93 -6.47
C GLU A 40 14.00 16.41 -6.52
N TYR A 41 14.62 15.75 -5.54
CA TYR A 41 14.64 14.30 -5.49
C TYR A 41 13.38 13.74 -4.83
N ASP A 42 12.37 14.59 -4.67
CA ASP A 42 11.11 14.17 -4.07
C ASP A 42 10.49 13.06 -4.91
N GLN A 43 10.40 13.31 -6.22
CA GLN A 43 9.82 12.34 -7.15
C GLN A 43 10.63 11.03 -7.18
N ASP A 44 11.91 11.14 -6.85
CA ASP A 44 12.78 9.95 -6.82
C ASP A 44 12.24 8.92 -5.82
N VAL A 45 11.76 9.42 -4.69
CA VAL A 45 11.20 8.57 -3.64
C VAL A 45 9.97 7.84 -4.15
N ALA A 46 9.16 8.55 -4.93
CA ALA A 46 7.94 7.99 -5.51
C ALA A 46 8.29 6.82 -6.43
N ALA A 47 9.39 6.98 -7.15
CA ALA A 47 9.85 5.95 -8.09
C ALA A 47 10.06 4.61 -7.40
N LEU A 48 10.39 4.66 -6.10
CA LEU A 48 10.61 3.44 -5.33
C LEU A 48 9.36 2.56 -5.34
N LYS A 49 8.20 3.18 -5.22
CA LYS A 49 6.93 2.45 -5.22
C LYS A 49 6.32 2.44 -6.62
N TYR A 50 6.11 1.24 -7.16
CA TYR A 50 5.56 1.09 -8.51
C TYR A 50 4.75 -0.20 -8.65
N ARG A 51 4.12 -0.38 -9.81
CA ARG A 51 3.29 -1.57 -10.06
C ARG A 51 2.15 -1.63 -9.07
N ALA A 52 1.64 -0.45 -8.74
CA ALA A 52 0.55 -0.34 -7.78
C ALA A 52 -0.35 0.87 -8.07
N PRO A 53 0.21 2.05 -8.37
CA PRO A 53 -0.59 3.25 -8.63
C PRO A 53 -1.09 3.36 -10.08
N ARG A 54 -0.26 3.90 -10.96
CA ARG A 54 -0.64 4.07 -12.36
C ARG A 54 -0.96 2.75 -13.03
N LEU A 55 -0.13 1.75 -12.78
CA LEU A 55 -0.31 0.44 -13.37
C LEU A 55 -1.62 -0.21 -12.91
N ALA A 56 -1.98 -0.03 -11.66
CA ALA A 56 -3.22 -0.62 -11.12
C ALA A 56 -4.43 -0.18 -11.93
N VAL A 57 -4.69 1.13 -12.00
CA VAL A 57 -5.86 1.65 -12.70
C VAL A 57 -5.92 1.21 -14.16
N ASP A 58 -4.77 1.19 -14.84
CA ASP A 58 -4.75 0.77 -16.23
C ASP A 58 -5.27 -0.67 -16.31
N CYS A 59 -4.70 -1.51 -15.46
CA CYS A 59 -5.09 -2.91 -15.39
C CYS A 59 -6.52 -3.07 -14.87
N LEU A 60 -6.91 -2.22 -13.94
CA LEU A 60 -8.26 -2.30 -13.37
C LEU A 60 -9.29 -2.11 -14.47
N SER A 61 -9.11 -1.06 -15.26
CA SER A 61 -10.02 -0.77 -16.36
C SER A 61 -10.08 -1.97 -17.31
N ARG A 62 -8.97 -2.68 -17.42
CA ARG A 62 -8.89 -3.87 -18.27
C ARG A 62 -9.89 -4.92 -17.82
N ALA A 63 -10.11 -4.99 -16.51
CA ALA A 63 -11.04 -5.96 -15.95
C ALA A 63 -12.37 -5.30 -15.56
N PHE A 64 -12.49 -4.01 -15.86
CA PHE A 64 -13.70 -3.26 -15.54
C PHE A 64 -14.49 -2.97 -16.81
N ARG A 65 -15.59 -3.68 -17.03
CA ARG A 65 -16.41 -3.45 -18.21
C ARG A 65 -17.57 -2.53 -17.90
N GLY A 66 -17.66 -2.13 -16.62
CA GLY A 66 -18.73 -1.24 -16.21
C GLY A 66 -18.45 0.19 -16.58
N SER A 67 -19.24 1.11 -16.06
CA SER A 67 -19.06 2.52 -16.37
C SER A 67 -18.24 3.22 -15.29
N PRO A 68 -16.97 3.57 -15.59
CA PRO A 68 -16.11 4.28 -14.65
C PRO A 68 -16.57 5.72 -14.44
N HIS A 69 -17.51 6.16 -15.26
CA HIS A 69 -18.08 7.50 -15.16
C HIS A 69 -19.08 7.55 -14.01
N ASP A 70 -19.95 6.54 -13.96
CA ASP A 70 -20.96 6.45 -12.93
C ASP A 70 -20.53 5.48 -11.82
N ALA A 71 -19.26 5.05 -11.88
CA ALA A 71 -18.71 4.14 -10.89
C ALA A 71 -18.00 4.92 -9.79
N LEU A 72 -17.96 4.36 -8.59
CA LEU A 72 -17.30 5.02 -7.46
C LEU A 72 -16.05 4.26 -7.03
N ILE A 73 -14.99 5.00 -6.73
CA ILE A 73 -13.72 4.40 -6.32
C ILE A 73 -13.29 4.92 -4.95
N LEU A 74 -12.68 4.08 -4.11
CA LEU A 74 -12.27 4.51 -2.77
C LEU A 74 -10.76 4.45 -2.54
N ASP A 75 -10.19 5.62 -2.22
CA ASP A 75 -8.76 5.71 -1.97
C ASP A 75 -8.44 6.05 -0.50
N VAL A 76 -7.35 5.47 -0.01
CA VAL A 76 -6.90 5.65 1.38
C VAL A 76 -6.28 7.05 1.61
N ALA A 77 -5.71 7.27 2.80
CA ALA A 77 -5.09 8.55 3.15
C ALA A 77 -3.59 8.55 2.86
N CYS A 78 -3.21 8.02 1.71
CA CYS A 78 -1.80 7.96 1.34
C CYS A 78 -1.44 9.07 0.35
N GLY A 79 -2.26 10.12 0.31
CA GLY A 79 -1.99 11.20 -0.64
C GLY A 79 -2.19 10.72 -2.06
N THR A 80 -2.95 9.64 -2.18
CA THR A 80 -3.23 9.01 -3.47
C THR A 80 -4.03 9.94 -4.38
N GLY A 81 -3.94 11.25 -4.17
CA GLY A 81 -4.63 12.20 -4.99
C GLY A 81 -4.22 12.10 -6.44
N LEU A 82 -2.96 11.74 -6.66
CA LEU A 82 -2.45 11.60 -8.02
C LEU A 82 -3.26 10.56 -8.77
N VAL A 83 -3.43 9.39 -8.15
CA VAL A 83 -4.16 8.30 -8.79
C VAL A 83 -5.55 8.77 -9.19
N ALA A 84 -6.18 9.58 -8.33
CA ALA A 84 -7.51 10.08 -8.62
C ALA A 84 -7.51 10.90 -9.90
N VAL A 85 -6.46 11.71 -10.09
CA VAL A 85 -6.34 12.51 -11.30
C VAL A 85 -6.30 11.60 -12.52
N GLU A 86 -5.51 10.55 -12.40
CA GLU A 86 -5.40 9.56 -13.46
C GLU A 86 -6.73 8.84 -13.63
N LEU A 87 -7.36 8.55 -12.50
CA LEU A 87 -8.64 7.85 -12.51
C LEU A 87 -9.61 8.62 -13.40
N GLN A 88 -9.73 9.94 -13.18
CA GLN A 88 -10.60 10.76 -14.01
C GLN A 88 -10.16 10.64 -15.47
N ALA A 89 -8.85 10.62 -15.64
CA ALA A 89 -8.27 10.48 -16.97
C ALA A 89 -8.81 9.22 -17.65
N ARG A 90 -8.62 8.08 -17.00
CA ARG A 90 -9.10 6.78 -17.51
C ARG A 90 -10.63 6.70 -17.50
N GLY A 91 -11.29 7.80 -17.16
CA GLY A 91 -12.74 7.84 -17.14
C GLY A 91 -13.32 7.65 -15.75
N PHE A 92 -12.48 7.25 -14.81
CA PHE A 92 -12.92 7.05 -13.43
C PHE A 92 -13.12 8.40 -12.77
N LEU A 93 -14.24 9.04 -13.10
CA LEU A 93 -14.58 10.36 -12.58
C LEU A 93 -14.93 10.37 -11.09
N GLN A 94 -15.65 9.35 -10.66
CA GLN A 94 -16.10 9.30 -9.27
C GLN A 94 -15.12 8.55 -8.38
N VAL A 95 -14.42 9.31 -7.53
CA VAL A 95 -13.47 8.71 -6.60
C VAL A 95 -13.59 9.33 -5.21
N GLN A 96 -13.76 8.47 -4.22
CA GLN A 96 -13.86 8.90 -2.83
C GLN A 96 -12.71 8.30 -2.03
N GLY A 97 -12.34 8.92 -0.93
CA GLY A 97 -11.24 8.40 -0.13
C GLY A 97 -10.97 9.24 1.10
N VAL A 98 -10.63 8.60 2.20
CA VAL A 98 -10.40 9.32 3.44
C VAL A 98 -8.92 9.54 3.73
N ASP A 99 -8.57 10.81 3.94
CA ASP A 99 -7.20 11.19 4.25
C ASP A 99 -7.02 11.32 5.76
N GLY A 100 -5.77 11.41 6.20
CA GLY A 100 -5.49 11.54 7.63
C GLY A 100 -4.53 12.68 7.94
N SER A 101 -4.21 13.45 6.92
CA SER A 101 -3.31 14.60 7.08
C SER A 101 -3.95 15.85 6.50
N PRO A 102 -4.28 16.84 7.33
CA PRO A 102 -4.92 18.07 6.85
C PRO A 102 -4.16 18.67 5.67
N GLU A 103 -2.83 18.63 5.74
CA GLU A 103 -2.01 19.16 4.65
C GLU A 103 -2.21 18.34 3.37
N MET A 104 -2.18 17.02 3.51
CA MET A 104 -2.37 16.14 2.37
C MET A 104 -3.80 16.18 1.85
N LEU A 105 -4.75 16.24 2.79
CA LEU A 105 -6.18 16.27 2.45
C LEU A 105 -6.53 17.48 1.61
N LYS A 106 -6.09 18.65 2.03
CA LYS A 106 -6.38 19.87 1.30
C LYS A 106 -5.79 19.79 -0.10
N GLN A 107 -4.60 19.23 -0.20
CA GLN A 107 -3.95 19.08 -1.48
C GLN A 107 -4.84 18.22 -2.39
N ALA A 108 -5.16 17.02 -1.91
CA ALA A 108 -6.00 16.10 -2.67
C ALA A 108 -7.39 16.69 -2.91
N ARG A 109 -7.96 17.35 -1.91
CA ARG A 109 -9.28 17.96 -2.07
C ARG A 109 -9.23 19.05 -3.14
N ALA A 110 -8.30 19.97 -2.99
CA ALA A 110 -8.15 21.08 -3.94
C ALA A 110 -8.00 20.54 -5.36
N ARG A 111 -7.55 19.29 -5.48
CA ARG A 111 -7.40 18.66 -6.78
C ARG A 111 -8.75 18.62 -7.48
N GLY A 112 -9.79 18.33 -6.71
CA GLY A 112 -11.15 18.26 -7.25
C GLY A 112 -11.41 16.95 -7.96
N LEU A 113 -10.53 15.98 -7.74
CA LEU A 113 -10.67 14.67 -8.36
C LEU A 113 -11.53 13.73 -7.54
N TYR A 114 -11.46 13.86 -6.21
CA TYR A 114 -12.23 13.01 -5.34
C TYR A 114 -13.62 13.58 -5.08
N HIS A 115 -14.63 12.74 -5.26
CA HIS A 115 -16.01 13.15 -5.03
C HIS A 115 -16.20 13.58 -3.59
N HIS A 116 -15.58 12.87 -2.66
CA HIS A 116 -15.68 13.20 -1.25
C HIS A 116 -14.50 12.67 -0.45
N LEU A 117 -13.80 13.58 0.24
CA LEU A 117 -12.67 13.21 1.07
C LEU A 117 -12.96 13.56 2.52
N SER A 118 -12.49 12.73 3.45
CA SER A 118 -12.73 12.96 4.87
C SER A 118 -11.55 12.51 5.73
N LEU A 119 -11.61 12.85 7.01
CA LEU A 119 -10.56 12.48 7.94
C LEU A 119 -10.87 11.17 8.64
N CYS A 120 -10.00 10.19 8.45
CA CYS A 120 -10.18 8.88 9.06
C CYS A 120 -8.85 8.18 9.27
N THR A 121 -8.83 7.29 10.25
CA THR A 121 -7.66 6.49 10.56
C THR A 121 -8.12 5.05 10.67
N LEU A 122 -7.82 4.27 9.62
CA LEU A 122 -8.26 2.88 9.55
C LEU A 122 -8.14 2.16 10.89
N GLY A 123 -9.25 1.55 11.29
CA GLY A 123 -9.32 0.82 12.54
C GLY A 123 -9.98 1.60 13.65
N GLN A 124 -10.00 2.92 13.53
CA GLN A 124 -10.62 3.77 14.53
C GLN A 124 -12.12 3.49 14.62
N GLU A 125 -12.76 3.50 13.45
CA GLU A 125 -14.19 3.23 13.33
C GLU A 125 -14.50 2.67 11.95
N PRO A 126 -15.72 2.15 11.73
CA PRO A 126 -16.10 1.60 10.42
C PRO A 126 -16.00 2.69 9.35
N LEU A 127 -15.72 2.29 8.12
CA LEU A 127 -15.57 3.24 7.02
C LEU A 127 -16.84 4.04 6.78
N PRO A 128 -16.68 5.28 6.28
CA PRO A 128 -17.79 6.19 5.99
C PRO A 128 -18.56 5.80 4.73
N ASP A 129 -18.04 4.81 3.99
CA ASP A 129 -18.69 4.37 2.76
C ASP A 129 -19.57 3.15 3.00
N PRO A 130 -20.85 3.21 2.58
CA PRO A 130 -21.81 2.10 2.74
C PRO A 130 -21.47 0.91 1.84
N GLU A 131 -22.07 -0.23 2.14
CA GLU A 131 -21.85 -1.45 1.35
C GLU A 131 -22.27 -1.23 -0.10
N GLY A 132 -21.55 -1.85 -1.04
CA GLY A 132 -21.89 -1.72 -2.44
C GLY A 132 -22.01 -0.27 -2.89
N THR A 133 -21.43 0.65 -2.14
CA THR A 133 -21.48 2.06 -2.48
C THR A 133 -20.57 2.40 -3.65
N PHE A 134 -19.38 1.81 -3.67
CA PHE A 134 -18.42 2.11 -4.72
C PHE A 134 -18.19 0.94 -5.66
N ASP A 135 -18.17 1.24 -6.95
CA ASP A 135 -17.95 0.22 -7.97
C ASP A 135 -16.59 -0.43 -7.80
N ALA A 136 -15.59 0.37 -7.49
CA ALA A 136 -14.24 -0.14 -7.32
C ALA A 136 -13.46 0.69 -6.30
N VAL A 137 -12.29 0.20 -5.90
CA VAL A 137 -11.47 0.91 -4.94
C VAL A 137 -10.00 0.69 -5.23
N ILE A 138 -9.17 1.70 -4.95
CA ILE A 138 -7.74 1.59 -5.19
C ILE A 138 -6.92 2.21 -4.05
N ILE A 139 -6.16 1.37 -3.34
CA ILE A 139 -5.35 1.84 -2.22
C ILE A 139 -4.03 1.10 -2.16
N VAL A 140 -2.95 1.74 -2.57
CA VAL A 140 -1.64 1.11 -2.55
C VAL A 140 -0.81 1.60 -1.37
N GLY A 141 -0.24 0.64 -0.65
CA GLY A 141 0.57 0.99 0.49
C GLY A 141 -0.26 1.15 1.75
N ALA A 142 0.40 1.41 2.86
CA ALA A 142 -0.29 1.60 4.13
C ALA A 142 -1.06 0.33 4.50
N LEU A 143 -0.68 -0.78 3.89
CA LEU A 143 -1.33 -2.04 4.14
C LEU A 143 -0.43 -3.00 4.91
N SER A 144 0.69 -2.48 5.41
CA SER A 144 1.64 -3.30 6.18
C SER A 144 1.08 -3.73 7.53
N GLU A 145 -0.24 -3.86 7.63
CA GLU A 145 -0.88 -4.28 8.87
C GLU A 145 -0.57 -3.29 9.98
N GLY A 146 -0.56 -2.01 9.63
CA GLY A 146 -0.28 -0.97 10.60
C GLY A 146 -0.95 0.34 10.25
N GLN A 147 -0.74 0.79 9.02
CA GLN A 147 -1.36 2.02 8.54
C GLN A 147 -2.85 1.79 8.29
N VAL A 148 -3.16 0.62 7.74
CA VAL A 148 -4.53 0.24 7.45
C VAL A 148 -4.83 -1.17 7.99
N PRO A 149 -5.39 -1.25 9.21
CA PRO A 149 -5.72 -2.53 9.84
C PRO A 149 -6.51 -3.47 8.93
N CYS A 150 -6.05 -4.70 8.84
CA CYS A 150 -6.66 -5.72 7.99
C CYS A 150 -8.18 -5.78 8.16
N SER A 151 -8.66 -5.45 9.35
CA SER A 151 -10.10 -5.50 9.63
C SER A 151 -10.89 -4.57 8.70
N ALA A 152 -10.37 -3.37 8.47
CA ALA A 152 -11.03 -2.40 7.62
C ALA A 152 -11.00 -2.76 6.13
N ILE A 153 -9.98 -3.51 5.71
CA ILE A 153 -9.85 -3.90 4.30
C ILE A 153 -11.13 -4.52 3.75
N PRO A 154 -11.71 -5.52 4.44
CA PRO A 154 -12.95 -6.17 4.01
C PRO A 154 -14.08 -5.15 3.91
N GLU A 155 -14.00 -4.12 4.74
CA GLU A 155 -15.00 -3.06 4.75
C GLU A 155 -14.90 -2.24 3.46
N LEU A 156 -13.77 -2.38 2.76
CA LEU A 156 -13.60 -1.72 1.46
C LEU A 156 -14.25 -2.61 0.40
N LEU A 157 -14.06 -3.91 0.58
CA LEU A 157 -14.62 -4.90 -0.31
C LEU A 157 -16.14 -4.91 -0.21
N ARG A 158 -16.62 -4.82 1.02
CA ARG A 158 -18.05 -4.82 1.28
C ARG A 158 -18.71 -3.64 0.57
N VAL A 159 -18.10 -2.47 0.68
CA VAL A 159 -18.64 -1.26 0.05
C VAL A 159 -18.52 -1.35 -1.47
N THR A 160 -17.69 -2.26 -1.95
CA THR A 160 -17.50 -2.44 -3.39
C THR A 160 -18.63 -3.30 -3.96
N LYS A 161 -19.31 -2.80 -4.98
CA LYS A 161 -20.40 -3.52 -5.63
C LYS A 161 -19.89 -4.72 -6.42
N PRO A 162 -20.77 -5.70 -6.72
CA PRO A 162 -20.39 -6.88 -7.49
C PRO A 162 -19.81 -6.46 -8.84
N GLY A 163 -18.90 -7.25 -9.40
CA GLY A 163 -18.30 -6.86 -10.66
C GLY A 163 -17.32 -5.71 -10.49
N GLY A 164 -17.27 -5.17 -9.26
CA GLY A 164 -16.39 -4.06 -8.96
C GLY A 164 -14.93 -4.45 -9.00
N LEU A 165 -14.05 -3.48 -8.84
CA LEU A 165 -12.61 -3.75 -8.88
C LEU A 165 -11.87 -3.17 -7.69
N VAL A 166 -11.19 -4.02 -6.92
CA VAL A 166 -10.43 -3.54 -5.77
C VAL A 166 -8.94 -3.59 -6.09
N CYS A 167 -8.30 -2.42 -6.07
CA CYS A 167 -6.87 -2.32 -6.38
C CYS A 167 -6.03 -2.00 -5.15
N LEU A 168 -5.53 -3.03 -4.48
CA LEU A 168 -4.71 -2.84 -3.30
C LEU A 168 -3.44 -3.68 -3.38
N THR A 169 -2.42 -3.30 -2.62
CA THR A 169 -1.15 -4.02 -2.63
C THR A 169 -1.07 -5.02 -1.49
N THR A 170 -0.59 -6.21 -1.82
CA THR A 170 -0.48 -7.33 -0.91
C THR A 170 -0.02 -6.99 0.52
N ARG A 171 -0.53 -7.79 1.46
CA ARG A 171 -0.24 -7.71 2.89
C ARG A 171 0.15 -9.10 3.38
N THR A 172 0.86 -9.80 2.52
CA THR A 172 1.26 -11.18 2.76
C THR A 172 2.26 -11.35 3.90
N ASN A 173 2.75 -10.25 4.47
CA ASN A 173 3.74 -10.34 5.55
C ASN A 173 4.85 -11.31 5.18
N PRO A 174 5.85 -10.82 4.40
CA PRO A 174 6.99 -11.63 3.95
C PRO A 174 7.81 -12.20 5.10
N SER A 175 7.82 -11.49 6.22
CA SER A 175 8.59 -11.92 7.38
C SER A 175 8.12 -13.29 7.86
N ASN A 176 6.80 -13.51 7.84
CA ASN A 176 6.25 -14.78 8.29
C ASN A 176 5.91 -15.68 7.10
N LEU A 177 6.80 -16.63 6.81
CA LEU A 177 6.61 -17.56 5.71
C LEU A 177 5.35 -18.43 5.88
N PRO A 178 5.24 -19.18 6.98
CA PRO A 178 4.09 -20.06 7.24
C PRO A 178 2.78 -19.30 7.29
N TYR A 179 2.82 -18.06 7.72
CA TYR A 179 1.63 -17.24 7.83
C TYR A 179 1.05 -16.95 6.44
N LYS A 180 1.82 -17.21 5.40
CA LYS A 180 1.36 -16.97 4.03
C LYS A 180 0.10 -17.78 3.72
N GLU A 181 0.07 -19.04 4.17
CA GLU A 181 -1.08 -19.91 3.94
C GLU A 181 -2.34 -19.32 4.57
N THR A 182 -2.18 -18.76 5.76
CA THR A 182 -3.30 -18.16 6.50
C THR A 182 -3.93 -17.03 5.70
N LEU A 183 -3.10 -16.24 5.06
CA LEU A 183 -3.58 -15.14 4.23
C LEU A 183 -4.21 -15.70 2.95
N GLU A 184 -3.43 -16.50 2.23
CA GLU A 184 -3.88 -17.08 0.96
C GLU A 184 -5.11 -17.94 1.16
N ALA A 185 -5.19 -18.63 2.29
CA ALA A 185 -6.34 -19.47 2.59
C ALA A 185 -7.59 -18.61 2.77
N THR A 186 -7.44 -17.47 3.41
CA THR A 186 -8.56 -16.57 3.66
C THR A 186 -9.15 -16.05 2.34
N LEU A 187 -8.27 -15.70 1.41
CA LEU A 187 -8.72 -15.20 0.11
C LEU A 187 -9.46 -16.29 -0.65
N ASP A 188 -8.92 -17.51 -0.58
CA ASP A 188 -9.50 -18.64 -1.29
C ASP A 188 -10.94 -18.91 -0.85
N SER A 189 -11.19 -18.88 0.47
CA SER A 189 -12.55 -19.12 0.96
C SER A 189 -13.51 -18.06 0.42
N LEU A 190 -13.05 -16.82 0.39
CA LEU A 190 -13.85 -15.71 -0.10
C LEU A 190 -14.16 -15.88 -1.58
N GLU A 191 -13.18 -16.40 -2.33
CA GLU A 191 -13.39 -16.65 -3.74
C GLU A 191 -14.37 -17.80 -3.90
N ARG A 192 -14.12 -18.86 -3.15
CA ARG A 192 -14.97 -20.06 -3.17
C ARG A 192 -16.40 -19.70 -2.77
N ALA A 193 -16.53 -18.84 -1.78
CA ALA A 193 -17.84 -18.42 -1.29
C ALA A 193 -18.55 -17.54 -2.32
N GLY A 194 -17.77 -17.02 -3.27
CA GLY A 194 -18.34 -16.17 -4.30
C GLY A 194 -18.52 -14.73 -3.84
N VAL A 195 -17.97 -14.41 -2.67
CA VAL A 195 -18.07 -13.06 -2.13
C VAL A 195 -17.21 -12.08 -2.93
N TRP A 196 -16.14 -12.58 -3.54
CA TRP A 196 -15.26 -11.75 -4.35
C TRP A 196 -14.27 -12.63 -5.12
N GLU A 197 -13.67 -12.08 -6.18
CA GLU A 197 -12.72 -12.83 -7.00
C GLU A 197 -11.52 -11.97 -7.35
N CYS A 198 -10.40 -12.63 -7.64
CA CYS A 198 -9.20 -11.95 -8.07
C CYS A 198 -9.04 -12.22 -9.55
N LEU A 199 -8.59 -11.24 -10.32
CA LEU A 199 -8.43 -11.44 -11.76
C LEU A 199 -7.05 -10.98 -12.20
N VAL A 200 -6.86 -9.69 -12.21
CA VAL A 200 -5.59 -9.11 -12.63
C VAL A 200 -4.73 -8.69 -11.44
N THR A 201 -3.44 -8.98 -11.54
CA THR A 201 -2.50 -8.64 -10.48
C THR A 201 -1.11 -8.36 -11.07
N GLN A 202 -0.77 -7.09 -11.18
CA GLN A 202 0.52 -6.70 -11.75
C GLN A 202 1.66 -7.35 -10.98
N PRO A 203 2.58 -8.02 -11.70
CA PRO A 203 3.73 -8.69 -11.07
C PRO A 203 4.73 -7.67 -10.53
N VAL A 204 4.90 -7.66 -9.22
CA VAL A 204 5.81 -6.73 -8.57
C VAL A 204 7.17 -7.37 -8.27
N ASP A 205 8.23 -6.66 -8.66
CA ASP A 205 9.61 -7.12 -8.46
C ASP A 205 10.00 -7.15 -6.99
N HIS A 206 9.15 -6.58 -6.14
CA HIS A 206 9.39 -6.59 -4.71
C HIS A 206 9.44 -8.04 -4.24
N TRP A 207 8.54 -8.85 -4.81
CA TRP A 207 8.46 -10.27 -4.47
C TRP A 207 9.43 -11.09 -5.32
N GLU A 208 10.35 -11.74 -4.65
CA GLU A 208 11.35 -12.59 -5.28
C GLU A 208 11.72 -13.71 -4.31
N LEU A 209 12.29 -14.80 -4.80
CA LEU A 209 12.66 -15.90 -3.92
C LEU A 209 13.49 -15.37 -2.75
N ALA A 210 13.06 -15.69 -1.53
CA ALA A 210 13.74 -15.22 -0.33
C ALA A 210 14.44 -16.37 0.39
N THR A 211 13.89 -17.57 0.26
CA THR A 211 14.47 -18.74 0.92
C THR A 211 14.85 -19.79 -0.12
N SER A 212 16.09 -20.26 -0.03
CA SER A 212 16.59 -21.28 -0.94
C SER A 212 16.90 -22.57 -0.18
N GLU A 213 16.82 -22.51 1.15
CA GLU A 213 17.10 -23.67 1.99
C GLU A 213 16.05 -23.80 3.09
N GLN A 214 15.93 -24.99 3.64
CA GLN A 214 14.97 -25.24 4.71
C GLN A 214 15.39 -24.55 6.00
N GLU A 215 14.41 -24.07 6.75
CA GLU A 215 14.67 -23.39 8.02
C GLU A 215 15.56 -22.16 7.84
N THR A 216 15.32 -21.41 6.76
CA THR A 216 16.09 -20.20 6.49
C THR A 216 15.18 -19.06 6.05
N GLY A 217 15.60 -17.84 6.33
CA GLY A 217 14.82 -16.68 5.96
C GLY A 217 14.96 -15.53 6.96
N LEU A 218 16.16 -15.38 7.49
CA LEU A 218 16.44 -14.33 8.47
C LEU A 218 16.42 -12.96 7.81
N GLY A 219 15.91 -11.97 8.55
CA GLY A 219 15.84 -10.61 8.02
C GLY A 219 14.45 -10.00 8.18
N THR A 220 14.08 -9.71 9.42
CA THR A 220 12.78 -9.12 9.71
C THR A 220 12.71 -7.66 9.22
N CYS A 221 13.85 -6.97 9.23
CA CYS A 221 13.90 -5.58 8.80
C CYS A 221 13.44 -5.41 7.36
N ALA A 222 13.84 -6.35 6.51
CA ALA A 222 13.45 -6.32 5.11
C ALA A 222 13.44 -7.72 4.52
N ASN A 223 12.68 -7.91 3.45
CA ASN A 223 12.58 -9.22 2.82
C ASN A 223 12.82 -9.14 1.32
N ASP A 224 13.58 -10.10 0.80
CA ASP A 224 13.85 -10.17 -0.62
C ASP A 224 12.54 -10.42 -1.37
N GLY A 225 11.64 -11.12 -0.70
CA GLY A 225 10.36 -11.43 -1.28
C GLY A 225 9.86 -12.79 -0.84
N PHE A 226 9.80 -12.99 0.47
CA PHE A 226 9.33 -14.25 1.02
C PHE A 226 7.87 -14.47 0.66
N ILE A 227 7.07 -13.41 0.71
CA ILE A 227 5.65 -13.53 0.41
C ILE A 227 5.04 -12.27 -0.21
N SER A 228 5.50 -11.09 0.22
CA SER A 228 4.95 -9.82 -0.29
C SER A 228 5.52 -9.43 -1.65
N GLY A 229 4.94 -8.38 -2.22
CA GLY A 229 5.37 -7.89 -3.52
C GLY A 229 4.38 -8.21 -4.62
N ILE A 230 3.10 -8.01 -4.33
CA ILE A 230 2.03 -8.28 -5.31
C ILE A 230 0.85 -7.33 -5.14
N ILE A 231 0.38 -6.76 -6.25
CA ILE A 231 -0.76 -5.85 -6.25
C ILE A 231 -1.94 -6.51 -6.95
N TYR A 232 -2.81 -7.13 -6.17
CA TYR A 232 -3.92 -7.92 -6.73
C TYR A 232 -5.28 -7.23 -6.85
N LEU A 233 -5.76 -7.16 -8.09
CA LEU A 233 -7.08 -6.58 -8.40
C LEU A 233 -8.17 -7.59 -8.01
N TYR A 234 -9.40 -7.11 -7.84
CA TYR A 234 -10.50 -8.00 -7.46
C TYR A 234 -11.86 -7.57 -8.00
N ARG A 235 -12.68 -8.57 -8.34
CA ARG A 235 -14.05 -8.32 -8.81
C ARG A 235 -15.03 -8.86 -7.78
N LYS A 236 -15.94 -8.04 -7.25
CA LYS A 236 -16.87 -8.50 -6.24
C LYS A 236 -17.95 -9.42 -6.81
N GLN A 237 -18.22 -10.51 -6.09
CA GLN A 237 -19.22 -11.48 -6.50
C GLN A 237 -18.73 -12.29 -7.70
N GLU A 238 -17.93 -13.29 -7.38
CA GLU A 238 -17.39 -14.18 -8.40
C GLU A 238 -16.90 -15.50 -7.84
N THR A 239 -17.12 -16.55 -8.63
CA THR A 239 -16.72 -17.89 -8.26
C THR A 239 -15.23 -18.11 -8.49
N VAL A 240 -14.55 -18.67 -7.50
CA VAL A 240 -13.12 -18.92 -7.60
C VAL A 240 -12.78 -19.75 -8.85
N GLY A 1 22.21 17.83 21.23
CA GLY A 1 23.24 17.51 22.26
C GLY A 1 23.61 16.04 22.30
N ALA A 2 23.31 15.33 21.23
CA ALA A 2 23.62 13.90 21.15
C ALA A 2 25.12 13.67 21.28
N MET A 3 25.90 14.54 20.66
CA MET A 3 27.35 14.46 20.71
C MET A 3 27.84 14.82 22.11
N ALA A 4 27.19 15.80 22.72
CA ALA A 4 27.55 16.27 24.05
C ALA A 4 27.47 15.16 25.10
N GLN A 5 26.49 14.27 24.93
CA GLN A 5 26.31 13.16 25.87
C GLN A 5 27.56 12.29 25.92
N GLU A 6 28.04 11.89 24.74
CA GLU A 6 29.23 11.05 24.64
C GLU A 6 29.13 9.82 25.53
N GLU A 7 27.98 9.16 25.52
CA GLU A 7 27.79 7.97 26.35
C GLU A 7 28.79 6.89 25.96
N ALA A 8 29.03 6.75 24.67
CA ALA A 8 29.97 5.74 24.17
C ALA A 8 31.34 5.89 24.81
N GLY A 9 31.73 7.13 25.12
CA GLY A 9 33.01 7.37 25.74
C GLY A 9 34.17 7.41 24.75
N ARG A 10 33.84 7.52 23.47
CA ARG A 10 34.86 7.57 22.43
C ARG A 10 35.08 9.02 21.99
N LEU A 11 36.34 9.44 21.95
CA LEU A 11 36.67 10.81 21.55
C LEU A 11 37.32 10.83 20.17
N PRO A 12 36.51 10.91 19.09
CA PRO A 12 37.01 10.95 17.72
C PRO A 12 37.92 12.14 17.46
N GLN A 13 37.66 13.24 18.15
CA GLN A 13 38.47 14.45 17.98
C GLN A 13 39.91 14.19 18.40
N VAL A 14 40.85 14.73 17.65
CA VAL A 14 42.27 14.53 17.93
C VAL A 14 42.97 15.84 18.23
N LEU A 15 43.79 15.84 19.27
CA LEU A 15 44.50 17.04 19.70
C LEU A 15 45.35 17.61 18.56
N ALA A 16 46.06 16.77 17.84
CA ALA A 16 46.90 17.23 16.74
C ALA A 16 46.14 17.27 15.41
N ARG A 17 44.86 16.90 15.44
CA ARG A 17 44.03 16.92 14.24
C ARG A 17 44.71 16.15 13.10
N VAL A 18 44.80 14.83 13.26
CA VAL A 18 45.43 13.98 12.26
C VAL A 18 44.71 14.10 10.91
N GLY A 19 43.38 14.17 10.95
CA GLY A 19 42.62 14.29 9.71
C GLY A 19 43.06 15.49 8.90
N THR A 20 42.85 15.43 7.58
CA THR A 20 43.25 16.52 6.70
C THR A 20 42.10 16.94 5.79
N SER A 21 42.07 18.23 5.45
CA SER A 21 41.04 18.79 4.60
C SER A 21 41.31 18.47 3.12
N HIS A 22 40.27 18.57 2.30
CA HIS A 22 40.40 18.32 0.87
C HIS A 22 40.88 16.89 0.61
N GLY A 23 40.36 15.95 1.39
CA GLY A 23 40.75 14.56 1.23
C GLY A 23 39.88 13.82 0.24
N ILE A 24 40.26 12.58 -0.06
CA ILE A 24 39.51 11.76 -0.99
C ILE A 24 38.92 10.55 -0.29
N THR A 25 37.65 10.25 -0.55
CA THR A 25 36.98 9.12 0.08
C THR A 25 36.49 8.12 -0.97
N ASP A 26 36.82 6.86 -0.74
CA ASP A 26 36.41 5.79 -1.66
C ASP A 26 35.40 4.85 -0.98
N LEU A 27 34.66 4.10 -1.78
CA LEU A 27 33.67 3.17 -1.25
C LEU A 27 34.36 2.15 -0.35
N ALA A 28 35.53 1.69 -0.78
CA ALA A 28 36.30 0.72 -0.01
C ALA A 28 36.94 1.36 1.22
N CYS A 29 36.63 2.64 1.45
CA CYS A 29 37.16 3.37 2.60
C CYS A 29 36.02 3.99 3.40
N LYS A 30 36.11 3.90 4.71
CA LYS A 30 35.09 4.47 5.59
C LYS A 30 33.72 3.84 5.32
N LEU A 31 33.71 2.53 5.08
CA LEU A 31 32.45 1.82 4.81
C LEU A 31 31.60 1.74 6.07
N ARG A 32 30.29 1.90 5.90
CA ARG A 32 29.37 1.86 7.04
C ARG A 32 28.40 0.68 6.90
N PHE A 33 28.29 -0.11 7.96
CA PHE A 33 27.40 -1.28 7.95
C PHE A 33 25.95 -0.85 7.73
N TYR A 34 25.56 0.26 8.32
CA TYR A 34 24.20 0.78 8.19
C TYR A 34 24.05 1.55 6.89
N ASP A 35 22.88 1.40 6.25
CA ASP A 35 22.61 2.08 4.99
C ASP A 35 22.19 3.54 5.19
N ASP A 36 23.09 4.34 5.75
CA ASP A 36 22.80 5.76 5.98
C ASP A 36 23.51 6.62 4.95
N TRP A 37 23.88 6.01 3.83
CA TRP A 37 24.57 6.73 2.76
C TRP A 37 23.61 7.12 1.63
N ALA A 38 22.31 6.90 1.87
CA ALA A 38 21.30 7.24 0.88
C ALA A 38 20.17 8.05 1.51
N PRO A 39 20.53 9.19 2.16
CA PRO A 39 19.54 10.06 2.80
C PRO A 39 18.74 10.88 1.80
N GLU A 40 17.49 11.18 2.14
CA GLU A 40 16.62 11.97 1.27
C GLU A 40 16.29 11.21 -0.03
N TYR A 41 16.05 9.91 0.10
CA TYR A 41 15.71 9.07 -1.06
C TYR A 41 14.24 8.66 -1.02
N ASP A 42 13.44 9.40 -0.26
CA ASP A 42 12.02 9.10 -0.16
C ASP A 42 11.39 9.06 -1.55
N GLN A 43 11.50 10.17 -2.27
CA GLN A 43 10.97 10.27 -3.63
C GLN A 43 11.65 9.25 -4.55
N ASP A 44 12.95 9.09 -4.37
CA ASP A 44 13.74 8.16 -5.18
C ASP A 44 13.26 6.73 -4.97
N VAL A 45 12.98 6.38 -3.72
CA VAL A 45 12.48 5.05 -3.37
C VAL A 45 11.06 4.85 -3.87
N ALA A 46 10.26 5.90 -3.76
CA ALA A 46 8.87 5.85 -4.22
C ALA A 46 8.80 5.69 -5.73
N ALA A 47 9.54 6.53 -6.43
CA ALA A 47 9.57 6.52 -7.89
C ALA A 47 10.12 5.21 -8.45
N LEU A 48 11.17 4.68 -7.80
CA LEU A 48 11.80 3.44 -8.25
C LEU A 48 10.81 2.27 -8.27
N LYS A 49 10.07 2.10 -7.19
CA LYS A 49 9.11 1.00 -7.09
C LYS A 49 7.69 1.52 -6.93
N TYR A 50 6.74 0.88 -7.61
CA TYR A 50 5.34 1.29 -7.53
C TYR A 50 4.55 0.32 -6.68
N ARG A 51 4.03 0.83 -5.56
CA ARG A 51 3.25 0.02 -4.64
C ARG A 51 1.96 -0.47 -5.30
N ALA A 52 1.26 0.44 -5.96
CA ALA A 52 0.00 0.10 -6.66
C ALA A 52 -0.75 1.35 -7.12
N PRO A 53 -0.09 2.29 -7.83
CA PRO A 53 -0.72 3.51 -8.30
C PRO A 53 -1.16 3.39 -9.76
N ARG A 54 -0.28 3.76 -10.69
CA ARG A 54 -0.59 3.68 -12.12
C ARG A 54 -0.68 2.23 -12.57
N LEU A 55 0.22 1.40 -12.06
CA LEU A 55 0.25 -0.02 -12.42
C LEU A 55 -1.06 -0.72 -12.06
N ALA A 56 -1.62 -0.38 -10.90
CA ALA A 56 -2.87 -1.01 -10.48
C ALA A 56 -4.05 -0.58 -11.36
N VAL A 57 -4.34 0.72 -11.39
CA VAL A 57 -5.47 1.21 -12.16
C VAL A 57 -5.41 0.81 -13.63
N ASP A 58 -4.22 0.83 -14.23
CA ASP A 58 -4.09 0.44 -15.63
C ASP A 58 -4.56 -1.01 -15.78
N CYS A 59 -4.03 -1.86 -14.91
CA CYS A 59 -4.38 -3.27 -14.90
C CYS A 59 -5.86 -3.46 -14.61
N LEU A 60 -6.40 -2.64 -13.70
CA LEU A 60 -7.80 -2.74 -13.35
C LEU A 60 -8.67 -2.51 -14.58
N SER A 61 -8.38 -1.43 -15.30
CA SER A 61 -9.12 -1.08 -16.52
C SER A 61 -9.15 -2.24 -17.50
N ARG A 62 -8.17 -3.14 -17.38
CA ARG A 62 -8.08 -4.29 -18.26
C ARG A 62 -9.33 -5.17 -18.16
N ALA A 63 -9.87 -5.33 -16.96
CA ALA A 63 -11.08 -6.13 -16.76
C ALA A 63 -12.32 -5.23 -16.74
N PHE A 64 -12.21 -4.12 -16.02
CA PHE A 64 -13.32 -3.16 -15.90
C PHE A 64 -14.03 -2.94 -17.23
N ARG A 65 -15.09 -3.70 -17.48
CA ARG A 65 -15.85 -3.55 -18.72
C ARG A 65 -17.00 -2.57 -18.52
N GLY A 66 -17.13 -2.04 -17.32
CA GLY A 66 -18.18 -1.09 -17.02
C GLY A 66 -17.75 0.34 -17.32
N SER A 67 -18.54 1.30 -16.87
CA SER A 67 -18.22 2.71 -17.11
C SER A 67 -17.45 3.29 -15.93
N PRO A 68 -16.13 3.52 -16.10
CA PRO A 68 -15.32 4.10 -15.04
C PRO A 68 -15.67 5.57 -14.81
N HIS A 69 -16.40 6.16 -15.77
CA HIS A 69 -16.85 7.53 -15.66
C HIS A 69 -18.01 7.62 -14.67
N ASP A 70 -18.89 6.63 -14.75
CA ASP A 70 -20.04 6.55 -13.87
C ASP A 70 -19.78 5.59 -12.72
N ALA A 71 -18.55 5.08 -12.65
CA ALA A 71 -18.15 4.17 -11.58
C ALA A 71 -17.68 4.97 -10.38
N LEU A 72 -17.71 4.38 -9.19
CA LEU A 72 -17.25 5.06 -7.98
C LEU A 72 -16.10 4.29 -7.35
N ILE A 73 -15.09 5.02 -6.85
CA ILE A 73 -13.93 4.39 -6.22
C ILE A 73 -13.61 5.06 -4.88
N LEU A 74 -12.90 4.36 -3.98
CA LEU A 74 -12.60 4.94 -2.66
C LEU A 74 -11.13 4.74 -2.22
N ASP A 75 -10.42 5.86 -2.10
CA ASP A 75 -9.01 5.86 -1.67
C ASP A 75 -8.88 6.25 -0.18
N VAL A 76 -7.81 5.81 0.44
CA VAL A 76 -7.57 6.07 1.87
C VAL A 76 -7.07 7.51 2.16
N ALA A 77 -6.32 7.67 3.26
CA ALA A 77 -5.77 8.95 3.66
C ALA A 77 -4.28 9.02 3.39
N CYS A 78 -3.84 8.26 2.40
CA CYS A 78 -2.43 8.21 2.03
C CYS A 78 -2.07 9.27 1.00
N GLY A 79 -2.97 10.22 0.78
CA GLY A 79 -2.71 11.26 -0.20
C GLY A 79 -2.67 10.69 -1.60
N THR A 80 -3.84 10.38 -2.13
CA THR A 80 -3.96 9.82 -3.46
C THR A 80 -4.57 10.81 -4.43
N GLY A 81 -4.39 12.10 -4.14
CA GLY A 81 -4.92 13.13 -5.01
C GLY A 81 -4.39 12.98 -6.42
N LEU A 82 -3.10 12.67 -6.53
CA LEU A 82 -2.48 12.47 -7.84
C LEU A 82 -3.17 11.33 -8.58
N VAL A 83 -3.30 10.20 -7.89
CA VAL A 83 -3.90 9.01 -8.49
C VAL A 83 -5.29 9.31 -9.02
N ALA A 84 -6.07 10.09 -8.28
CA ALA A 84 -7.41 10.44 -8.72
C ALA A 84 -7.36 11.19 -10.04
N VAL A 85 -6.28 11.95 -10.26
CA VAL A 85 -6.12 12.71 -11.50
C VAL A 85 -5.88 11.75 -12.65
N GLU A 86 -5.01 10.78 -12.42
CA GLU A 86 -4.72 9.76 -13.43
C GLU A 86 -5.93 8.88 -13.62
N LEU A 87 -6.59 8.56 -12.50
CA LEU A 87 -7.77 7.72 -12.53
C LEU A 87 -8.79 8.28 -13.53
N GLN A 88 -9.06 9.58 -13.40
CA GLN A 88 -9.99 10.25 -14.32
C GLN A 88 -9.46 10.09 -15.74
N ALA A 89 -8.15 10.23 -15.86
CA ALA A 89 -7.47 10.09 -17.14
C ALA A 89 -7.89 8.77 -17.81
N ARG A 90 -7.66 7.66 -17.10
CA ARG A 90 -8.01 6.33 -17.60
C ARG A 90 -9.53 6.13 -17.70
N GLY A 91 -10.28 7.13 -17.24
CA GLY A 91 -11.73 7.06 -17.28
C GLY A 91 -12.37 6.94 -15.91
N PHE A 92 -11.54 6.76 -14.89
CA PHE A 92 -12.02 6.66 -13.53
C PHE A 92 -12.22 8.05 -12.95
N LEU A 93 -13.24 8.73 -13.47
CA LEU A 93 -13.56 10.10 -13.07
C LEU A 93 -14.13 10.20 -11.65
N GLN A 94 -14.83 9.16 -11.19
CA GLN A 94 -15.41 9.21 -9.85
C GLN A 94 -14.58 8.46 -8.83
N VAL A 95 -14.01 9.21 -7.88
CA VAL A 95 -13.21 8.62 -6.83
C VAL A 95 -13.41 9.37 -5.51
N GLN A 96 -13.45 8.64 -4.41
CA GLN A 96 -13.63 9.23 -3.10
C GLN A 96 -12.57 8.70 -2.14
N GLY A 97 -12.32 9.41 -1.04
CA GLY A 97 -11.32 8.93 -0.10
C GLY A 97 -11.21 9.82 1.12
N VAL A 98 -10.97 9.22 2.27
CA VAL A 98 -10.88 10.00 3.51
C VAL A 98 -9.43 10.21 3.96
N ASP A 99 -9.03 11.48 3.96
CA ASP A 99 -7.69 11.87 4.38
C ASP A 99 -7.66 12.12 5.89
N GLY A 100 -6.47 12.30 6.44
CA GLY A 100 -6.35 12.55 7.87
C GLY A 100 -5.52 13.78 8.18
N SER A 101 -5.18 14.54 7.13
CA SER A 101 -4.39 15.75 7.29
C SER A 101 -5.03 16.91 6.53
N PRO A 102 -5.45 17.97 7.24
CA PRO A 102 -6.09 19.12 6.60
C PRO A 102 -5.27 19.64 5.42
N GLU A 103 -3.95 19.65 5.58
CA GLU A 103 -3.07 20.10 4.52
C GLU A 103 -3.15 19.18 3.31
N MET A 104 -3.08 17.87 3.58
CA MET A 104 -3.16 16.86 2.52
C MET A 104 -4.56 16.80 1.93
N LEU A 105 -5.57 16.91 2.80
CA LEU A 105 -6.96 16.86 2.37
C LEU A 105 -7.27 17.99 1.38
N LYS A 106 -6.86 19.20 1.73
CA LYS A 106 -7.08 20.35 0.86
C LYS A 106 -6.40 20.14 -0.47
N GLN A 107 -5.20 19.56 -0.43
CA GLN A 107 -4.46 19.29 -1.66
C GLN A 107 -5.28 18.35 -2.53
N ALA A 108 -5.64 17.20 -1.98
CA ALA A 108 -6.43 16.21 -2.70
C ALA A 108 -7.80 16.78 -3.09
N ARG A 109 -8.42 17.53 -2.18
CA ARG A 109 -9.72 18.11 -2.46
C ARG A 109 -9.62 19.15 -3.58
N ALA A 110 -8.70 20.10 -3.39
CA ALA A 110 -8.48 21.16 -4.38
C ALA A 110 -8.33 20.58 -5.78
N ARG A 111 -7.95 19.30 -5.85
CA ARG A 111 -7.79 18.62 -7.12
C ARG A 111 -9.10 18.60 -7.89
N GLY A 112 -10.19 18.39 -7.17
CA GLY A 112 -11.48 18.28 -7.82
C GLY A 112 -11.61 16.93 -8.48
N LEU A 113 -10.66 16.06 -8.17
CA LEU A 113 -10.60 14.71 -8.72
C LEU A 113 -11.47 13.76 -7.91
N TYR A 114 -11.60 14.02 -6.62
CA TYR A 114 -12.38 13.17 -5.75
C TYR A 114 -13.81 13.69 -5.58
N HIS A 115 -14.76 12.78 -5.71
CA HIS A 115 -16.18 13.12 -5.56
C HIS A 115 -16.46 13.68 -4.17
N HIS A 116 -15.84 13.09 -3.16
CA HIS A 116 -16.04 13.55 -1.79
C HIS A 116 -14.88 13.11 -0.92
N LEU A 117 -14.44 14.00 -0.04
CA LEU A 117 -13.34 13.70 0.87
C LEU A 117 -13.76 14.02 2.31
N SER A 118 -13.23 13.28 3.26
CA SER A 118 -13.56 13.50 4.66
C SER A 118 -12.40 13.14 5.57
N LEU A 119 -12.57 13.36 6.87
CA LEU A 119 -11.52 13.06 7.84
C LEU A 119 -11.75 11.70 8.48
N CYS A 120 -10.79 10.81 8.30
CA CYS A 120 -10.88 9.47 8.86
C CYS A 120 -9.49 8.88 9.10
N THR A 121 -9.42 7.95 10.03
CA THR A 121 -8.17 7.26 10.36
C THR A 121 -8.47 5.78 10.49
N LEU A 122 -8.04 5.02 9.48
CA LEU A 122 -8.30 3.58 9.43
C LEU A 122 -8.14 2.90 10.79
N GLY A 123 -9.28 2.47 11.32
CA GLY A 123 -9.30 1.79 12.60
C GLY A 123 -9.94 2.62 13.69
N GLN A 124 -9.87 3.94 13.56
CA GLN A 124 -10.45 4.82 14.56
C GLN A 124 -11.96 4.57 14.66
N GLU A 125 -12.59 4.49 13.49
CA GLU A 125 -14.03 4.24 13.39
C GLU A 125 -14.34 3.49 12.11
N PRO A 126 -15.52 2.84 12.02
CA PRO A 126 -15.89 2.11 10.80
C PRO A 126 -16.00 3.06 9.62
N LEU A 127 -15.72 2.56 8.42
CA LEU A 127 -15.77 3.41 7.22
C LEU A 127 -17.05 4.23 7.15
N PRO A 128 -16.92 5.54 6.88
CA PRO A 128 -18.07 6.44 6.77
C PRO A 128 -18.90 6.17 5.53
N ASP A 129 -18.29 5.50 4.56
CA ASP A 129 -18.97 5.17 3.31
C ASP A 129 -19.95 4.01 3.50
N PRO A 130 -21.20 4.17 3.01
CA PRO A 130 -22.23 3.13 3.13
C PRO A 130 -21.94 1.91 2.27
N GLU A 131 -22.55 0.78 2.65
CA GLU A 131 -22.37 -0.47 1.91
C GLU A 131 -22.82 -0.32 0.46
N GLY A 132 -22.06 -0.90 -0.46
CA GLY A 132 -22.42 -0.84 -1.88
C GLY A 132 -22.44 0.59 -2.40
N THR A 133 -21.78 1.50 -1.70
CA THR A 133 -21.75 2.91 -2.10
C THR A 133 -20.79 3.14 -3.27
N PHE A 134 -19.59 2.60 -3.17
CA PHE A 134 -18.59 2.81 -4.22
C PHE A 134 -18.28 1.54 -5.01
N ASP A 135 -18.23 1.69 -6.32
CA ASP A 135 -17.97 0.58 -7.21
C ASP A 135 -16.62 -0.06 -6.93
N ALA A 136 -15.60 0.73 -6.59
CA ALA A 136 -14.28 0.16 -6.35
C ALA A 136 -13.47 0.91 -5.28
N VAL A 137 -12.38 0.28 -4.86
CA VAL A 137 -11.48 0.86 -3.86
C VAL A 137 -10.03 0.50 -4.20
N ILE A 138 -9.11 1.44 -4.02
CA ILE A 138 -7.70 1.17 -4.33
C ILE A 138 -6.79 1.59 -3.17
N ILE A 139 -5.97 0.65 -2.70
CA ILE A 139 -5.06 0.90 -1.60
C ILE A 139 -3.94 -0.13 -1.54
N VAL A 140 -2.71 0.32 -1.40
CA VAL A 140 -1.57 -0.59 -1.34
C VAL A 140 -0.76 -0.39 -0.06
N GLY A 141 -0.36 -1.52 0.54
CA GLY A 141 0.43 -1.47 1.75
C GLY A 141 -0.42 -1.48 3.01
N ALA A 142 -1.73 -1.32 2.85
CA ALA A 142 -2.62 -1.32 4.01
C ALA A 142 -2.59 -2.64 4.75
N LEU A 143 -2.71 -3.74 4.02
CA LEU A 143 -2.70 -5.07 4.62
C LEU A 143 -1.34 -5.37 5.24
N SER A 144 -0.28 -4.97 4.54
CA SER A 144 1.09 -5.20 4.99
C SER A 144 1.48 -4.24 6.11
N GLU A 145 1.38 -2.96 5.81
CA GLU A 145 1.75 -1.91 6.76
C GLU A 145 0.88 -2.00 8.01
N GLY A 146 -0.39 -2.29 7.81
CA GLY A 146 -1.31 -2.39 8.93
C GLY A 146 -2.03 -1.08 9.19
N GLN A 147 -1.96 -0.17 8.23
CA GLN A 147 -2.63 1.12 8.36
C GLN A 147 -4.14 0.89 8.47
N VAL A 148 -4.64 -0.07 7.70
CA VAL A 148 -6.05 -0.41 7.73
C VAL A 148 -6.26 -1.71 8.52
N PRO A 149 -6.88 -1.63 9.70
CA PRO A 149 -7.12 -2.80 10.55
C PRO A 149 -7.95 -3.88 9.86
N CYS A 150 -7.59 -5.12 10.13
CA CYS A 150 -8.26 -6.27 9.52
C CYS A 150 -9.78 -6.17 9.65
N SER A 151 -10.25 -5.54 10.71
CA SER A 151 -11.69 -5.36 10.91
C SER A 151 -12.27 -4.38 9.90
N ALA A 152 -11.52 -3.32 9.62
CA ALA A 152 -11.95 -2.28 8.69
C ALA A 152 -11.93 -2.74 7.23
N ILE A 153 -11.02 -3.66 6.90
CA ILE A 153 -10.90 -4.13 5.52
C ILE A 153 -12.24 -4.54 4.92
N PRO A 154 -13.04 -5.36 5.61
CA PRO A 154 -14.34 -5.79 5.11
C PRO A 154 -15.26 -4.60 4.88
N GLU A 155 -15.02 -3.54 5.63
CA GLU A 155 -15.81 -2.32 5.50
C GLU A 155 -15.56 -1.67 4.14
N LEU A 156 -14.34 -1.82 3.63
CA LEU A 156 -13.98 -1.27 2.33
C LEU A 156 -14.66 -2.07 1.21
N LEU A 157 -14.62 -3.39 1.36
CA LEU A 157 -15.24 -4.30 0.40
C LEU A 157 -16.75 -4.22 0.46
N ARG A 158 -17.27 -4.12 1.69
CA ARG A 158 -18.71 -4.04 1.91
C ARG A 158 -19.31 -2.83 1.21
N VAL A 159 -18.64 -1.69 1.32
CA VAL A 159 -19.11 -0.47 0.68
C VAL A 159 -18.97 -0.57 -0.84
N THR A 160 -18.11 -1.48 -1.28
CA THR A 160 -17.90 -1.68 -2.70
C THR A 160 -18.99 -2.59 -3.28
N LYS A 161 -19.66 -2.14 -4.34
CA LYS A 161 -20.74 -2.90 -4.97
C LYS A 161 -20.20 -4.14 -5.69
N PRO A 162 -21.09 -5.11 -5.97
CA PRO A 162 -20.71 -6.33 -6.69
C PRO A 162 -20.10 -5.94 -8.02
N GLY A 163 -19.17 -6.74 -8.54
CA GLY A 163 -18.53 -6.36 -9.78
C GLY A 163 -17.58 -5.19 -9.57
N GLY A 164 -17.45 -4.78 -8.30
CA GLY A 164 -16.59 -3.69 -7.94
C GLY A 164 -15.13 -4.06 -8.00
N LEU A 165 -14.24 -3.07 -7.96
CA LEU A 165 -12.81 -3.35 -8.03
C LEU A 165 -12.07 -2.93 -6.75
N VAL A 166 -11.43 -3.88 -6.09
CA VAL A 166 -10.68 -3.58 -4.87
C VAL A 166 -9.20 -3.89 -5.07
N CYS A 167 -8.37 -2.85 -5.15
CA CYS A 167 -6.93 -3.04 -5.34
C CYS A 167 -6.22 -3.16 -4.01
N LEU A 168 -5.88 -4.39 -3.65
CA LEU A 168 -5.19 -4.64 -2.40
C LEU A 168 -3.85 -5.31 -2.63
N THR A 169 -2.86 -4.88 -1.87
CA THR A 169 -1.53 -5.45 -1.95
C THR A 169 -1.15 -5.94 -0.56
N THR A 170 -0.22 -6.87 -0.48
CA THR A 170 0.19 -7.40 0.81
C THR A 170 1.59 -7.98 0.74
N ARG A 171 2.19 -8.16 1.91
CA ARG A 171 3.51 -8.74 1.98
C ARG A 171 3.50 -10.12 1.36
N THR A 172 4.43 -10.36 0.44
CA THR A 172 4.52 -11.63 -0.26
C THR A 172 5.42 -12.61 0.45
N ASN A 173 5.63 -12.39 1.75
CA ASN A 173 6.50 -13.22 2.57
C ASN A 173 7.83 -12.51 2.87
N PRO A 174 7.79 -11.21 3.26
CA PRO A 174 8.98 -10.43 3.57
C PRO A 174 9.35 -10.50 5.05
N SER A 175 8.42 -10.96 5.88
CA SER A 175 8.66 -11.07 7.32
C SER A 175 8.41 -12.49 7.81
N ASN A 176 7.36 -13.12 7.27
CA ASN A 176 7.02 -14.47 7.67
C ASN A 176 6.85 -15.39 6.46
N LEU A 177 7.51 -16.54 6.50
CA LEU A 177 7.43 -17.50 5.40
C LEU A 177 6.06 -18.18 5.33
N PRO A 178 5.70 -18.96 6.38
CA PRO A 178 4.40 -19.67 6.44
C PRO A 178 3.18 -18.76 6.38
N TYR A 179 3.32 -17.54 6.88
CA TYR A 179 2.20 -16.60 6.89
C TYR A 179 1.75 -16.19 5.49
N LYS A 180 2.66 -16.24 4.52
CA LYS A 180 2.31 -15.89 3.15
C LYS A 180 1.19 -16.78 2.62
N GLU A 181 1.30 -18.08 2.90
CA GLU A 181 0.30 -19.05 2.45
C GLU A 181 -1.03 -18.87 3.16
N THR A 182 -1.00 -18.54 4.46
CA THR A 182 -2.20 -18.34 5.24
C THR A 182 -3.02 -17.18 4.67
N LEU A 183 -2.31 -16.15 4.20
CA LEU A 183 -2.96 -14.99 3.60
C LEU A 183 -3.57 -15.39 2.26
N GLU A 184 -2.71 -15.93 1.38
CA GLU A 184 -3.11 -16.32 0.05
C GLU A 184 -4.21 -17.40 0.07
N ALA A 185 -4.19 -18.27 1.07
CA ALA A 185 -5.21 -19.32 1.17
C ALA A 185 -6.57 -18.75 1.53
N THR A 186 -6.58 -17.77 2.43
CA THR A 186 -7.82 -17.15 2.89
C THR A 186 -8.59 -16.49 1.74
N LEU A 187 -7.87 -15.79 0.88
CA LEU A 187 -8.48 -15.11 -0.25
C LEU A 187 -9.03 -16.13 -1.25
N ASP A 188 -8.27 -17.19 -1.46
CA ASP A 188 -8.65 -18.23 -2.41
C ASP A 188 -9.99 -18.87 -2.04
N SER A 189 -10.23 -19.10 -0.76
CA SER A 189 -11.49 -19.70 -0.32
C SER A 189 -12.64 -18.71 -0.53
N LEU A 190 -12.39 -17.46 -0.19
CA LEU A 190 -13.39 -16.41 -0.36
C LEU A 190 -13.79 -16.26 -1.81
N GLU A 191 -12.81 -16.38 -2.70
CA GLU A 191 -13.05 -16.32 -4.12
C GLU A 191 -13.90 -17.50 -4.56
N ARG A 192 -13.48 -18.68 -4.11
CA ARG A 192 -14.19 -19.91 -4.42
C ARG A 192 -15.62 -19.86 -3.90
N ALA A 193 -15.78 -19.30 -2.70
CA ALA A 193 -17.10 -19.18 -2.07
C ALA A 193 -18.03 -18.28 -2.86
N GLY A 194 -17.45 -17.44 -3.72
CA GLY A 194 -18.27 -16.56 -4.53
C GLY A 194 -18.42 -15.15 -3.96
N VAL A 195 -17.79 -14.90 -2.82
CA VAL A 195 -17.87 -13.58 -2.18
C VAL A 195 -17.13 -12.51 -2.98
N TRP A 196 -15.97 -12.87 -3.54
CA TRP A 196 -15.17 -11.93 -4.33
C TRP A 196 -14.08 -12.67 -5.12
N GLU A 197 -13.71 -12.13 -6.27
CA GLU A 197 -12.68 -12.73 -7.12
C GLU A 197 -11.64 -11.72 -7.53
N CYS A 198 -10.50 -12.23 -7.99
CA CYS A 198 -9.43 -11.36 -8.45
C CYS A 198 -9.88 -10.63 -9.70
N LEU A 199 -9.84 -9.31 -9.63
CA LEU A 199 -10.21 -8.47 -10.74
C LEU A 199 -9.25 -8.62 -11.90
N VAL A 200 -7.96 -8.60 -11.57
CA VAL A 200 -6.88 -8.76 -12.54
C VAL A 200 -5.62 -8.99 -11.73
N THR A 201 -4.54 -9.46 -12.35
CA THR A 201 -3.32 -9.69 -11.59
C THR A 201 -2.11 -9.07 -12.27
N GLN A 202 -1.16 -8.67 -11.43
CA GLN A 202 0.08 -8.07 -11.92
C GLN A 202 1.26 -8.96 -11.57
N PRO A 203 1.98 -9.47 -12.59
CA PRO A 203 3.12 -10.34 -12.36
C PRO A 203 4.12 -9.73 -11.39
N VAL A 204 4.44 -10.47 -10.34
CA VAL A 204 5.38 -10.00 -9.34
C VAL A 204 6.44 -11.05 -9.06
N ASP A 205 7.56 -10.61 -8.49
CA ASP A 205 8.65 -11.50 -8.16
C ASP A 205 8.50 -12.01 -6.73
N HIS A 206 7.28 -12.41 -6.38
CA HIS A 206 6.98 -12.89 -5.04
C HIS A 206 7.74 -14.17 -4.68
N TRP A 207 8.49 -14.72 -5.63
CA TRP A 207 9.24 -15.95 -5.37
C TRP A 207 10.19 -15.72 -4.20
N GLU A 208 10.28 -16.70 -3.32
CA GLU A 208 11.14 -16.60 -2.14
C GLU A 208 12.48 -17.31 -2.32
N LEU A 209 13.56 -16.55 -2.23
CA LEU A 209 14.91 -17.09 -2.37
C LEU A 209 15.59 -17.20 -1.01
N ALA A 210 14.84 -16.97 0.07
CA ALA A 210 15.37 -17.03 1.42
C ALA A 210 15.55 -18.47 1.90
N THR A 211 15.48 -19.43 0.98
CA THR A 211 15.64 -20.83 1.32
C THR A 211 17.01 -21.09 1.94
N SER A 212 17.04 -21.94 2.96
CA SER A 212 18.30 -22.29 3.63
C SER A 212 18.89 -21.07 4.34
N GLU A 213 18.42 -20.82 5.56
CA GLU A 213 18.92 -19.69 6.34
C GLU A 213 20.36 -19.91 6.78
N GLN A 214 21.13 -18.83 6.86
CA GLN A 214 22.53 -18.92 7.25
C GLN A 214 22.67 -19.41 8.69
N GLU A 215 23.64 -20.27 8.93
CA GLU A 215 23.87 -20.82 10.26
C GLU A 215 24.20 -19.74 11.27
N THR A 216 24.99 -18.76 10.85
CA THR A 216 25.39 -17.66 11.73
C THR A 216 24.16 -16.89 12.22
N GLY A 217 23.30 -16.49 11.29
CA GLY A 217 22.10 -15.76 11.66
C GLY A 217 22.33 -14.27 11.81
N LEU A 218 23.59 -13.86 11.79
CA LEU A 218 23.96 -12.45 11.94
C LEU A 218 23.63 -11.67 10.66
N GLY A 219 23.32 -10.38 10.84
CA GLY A 219 23.00 -9.54 9.71
C GLY A 219 21.70 -8.77 9.89
N THR A 220 21.58 -8.11 11.03
CA THR A 220 20.39 -7.32 11.33
C THR A 220 20.20 -6.22 10.29
N CYS A 221 21.30 -5.60 9.88
CA CYS A 221 21.27 -4.54 8.89
C CYS A 221 20.78 -5.07 7.54
N ALA A 222 21.23 -6.27 7.20
CA ALA A 222 20.84 -6.90 5.95
C ALA A 222 19.40 -7.36 5.98
N ASN A 223 18.85 -7.65 4.80
CA ASN A 223 17.47 -8.11 4.69
C ASN A 223 17.35 -9.52 5.26
N ASP A 224 16.13 -9.92 5.60
CA ASP A 224 15.89 -11.26 6.14
C ASP A 224 15.96 -12.32 5.05
N GLY A 225 15.82 -11.88 3.80
CA GLY A 225 15.84 -12.80 2.68
C GLY A 225 14.44 -13.11 2.20
N PHE A 226 13.46 -12.60 2.93
CA PHE A 226 12.06 -12.80 2.60
C PHE A 226 11.67 -12.00 1.35
N ILE A 227 10.42 -12.13 0.91
CA ILE A 227 9.98 -11.46 -0.32
C ILE A 227 8.68 -10.66 -0.14
N SER A 228 8.62 -9.49 -0.80
CA SER A 228 7.46 -8.61 -0.77
C SER A 228 7.18 -8.03 -2.16
N GLY A 229 5.98 -7.47 -2.37
CA GLY A 229 5.69 -6.83 -3.66
C GLY A 229 4.65 -7.53 -4.53
N ILE A 230 3.44 -7.74 -4.01
CA ILE A 230 2.38 -8.35 -4.83
C ILE A 230 1.14 -7.44 -4.83
N ILE A 231 0.66 -7.11 -6.03
CA ILE A 231 -0.50 -6.24 -6.15
C ILE A 231 -1.53 -6.80 -7.12
N TYR A 232 -2.61 -7.35 -6.58
CA TYR A 232 -3.67 -7.95 -7.41
C TYR A 232 -5.04 -7.39 -7.05
N LEU A 233 -5.77 -6.95 -8.07
CA LEU A 233 -7.10 -6.38 -7.88
C LEU A 233 -8.16 -7.45 -7.56
N TYR A 234 -9.29 -6.95 -7.06
CA TYR A 234 -10.43 -7.82 -6.69
C TYR A 234 -11.79 -7.23 -7.05
N ARG A 235 -12.79 -8.12 -7.16
CA ARG A 235 -14.17 -7.74 -7.49
C ARG A 235 -15.15 -8.38 -6.51
N LYS A 236 -16.18 -7.65 -6.09
CA LYS A 236 -17.16 -8.19 -5.15
C LYS A 236 -18.17 -9.09 -5.87
N GLN A 237 -18.49 -10.21 -5.21
CA GLN A 237 -19.44 -11.19 -5.75
C GLN A 237 -18.87 -11.89 -6.97
N GLU A 238 -17.97 -12.81 -6.65
CA GLU A 238 -17.33 -13.63 -7.68
C GLU A 238 -16.80 -14.96 -7.16
N THR A 239 -16.82 -15.94 -8.06
CA THR A 239 -16.36 -17.28 -7.77
C THR A 239 -15.03 -17.57 -8.47
N VAL A 240 -14.23 -18.43 -7.85
CA VAL A 240 -12.92 -18.82 -8.41
C VAL A 240 -12.23 -17.67 -9.15
N GLY A 1 23.45 -17.87 18.19
CA GLY A 1 22.14 -18.45 17.74
C GLY A 1 22.31 -19.77 17.03
N ALA A 2 23.18 -20.64 17.55
CA ALA A 2 23.43 -21.94 16.96
C ALA A 2 22.50 -23.00 17.57
N MET A 3 21.39 -23.26 16.90
CA MET A 3 20.43 -24.25 17.37
C MET A 3 20.98 -25.66 17.23
N ALA A 4 21.77 -25.89 16.19
CA ALA A 4 22.32 -27.20 15.91
C ALA A 4 23.54 -27.51 16.78
N GLN A 5 24.65 -26.83 16.52
CA GLN A 5 25.88 -27.06 17.27
C GLN A 5 25.78 -26.56 18.71
N GLU A 6 24.87 -25.62 18.96
CA GLU A 6 24.70 -25.07 20.31
C GLU A 6 26.01 -24.42 20.77
N GLU A 7 26.58 -23.60 19.91
CA GLU A 7 27.84 -22.91 20.22
C GLU A 7 27.63 -21.41 20.33
N ALA A 8 28.53 -20.75 21.06
CA ALA A 8 28.47 -19.31 21.26
C ALA A 8 28.55 -18.58 19.93
N GLY A 9 29.41 -19.07 19.04
CA GLY A 9 29.56 -18.46 17.73
C GLY A 9 30.24 -17.11 17.78
N ARG A 10 29.55 -16.09 17.27
CA ARG A 10 30.07 -14.74 17.23
C ARG A 10 30.39 -14.20 18.62
N LEU A 11 31.51 -13.49 18.72
CA LEU A 11 31.97 -12.92 19.98
C LEU A 11 32.26 -11.43 19.84
N PRO A 12 31.21 -10.59 19.88
CA PRO A 12 31.36 -9.14 19.76
C PRO A 12 32.04 -8.53 20.97
N GLN A 13 32.77 -7.44 20.78
CA GLN A 13 33.47 -6.79 21.87
C GLN A 13 32.90 -5.40 22.16
N VAL A 14 32.94 -5.02 23.44
CA VAL A 14 32.46 -3.70 23.88
C VAL A 14 31.11 -3.31 23.25
N LEU A 15 30.67 -2.09 23.55
CA LEU A 15 29.41 -1.55 23.03
C LEU A 15 29.55 -1.07 21.59
N ALA A 16 30.46 -0.13 21.38
CA ALA A 16 30.69 0.44 20.05
C ALA A 16 31.49 -0.48 19.15
N ARG A 17 31.41 -0.23 17.85
CA ARG A 17 32.14 -1.02 16.87
C ARG A 17 33.64 -0.73 16.98
N VAL A 18 33.97 0.54 17.18
CA VAL A 18 35.35 0.97 17.31
C VAL A 18 35.94 0.59 18.67
N GLY A 19 35.07 0.53 19.68
CA GLY A 19 35.52 0.19 21.01
C GLY A 19 35.45 1.36 21.98
N THR A 20 35.21 2.55 21.46
CA THR A 20 35.13 3.75 22.29
C THR A 20 33.76 4.42 22.17
N SER A 21 33.14 4.71 23.31
CA SER A 21 31.83 5.35 23.33
C SER A 21 31.84 6.56 24.27
N HIS A 22 31.06 7.58 23.92
CA HIS A 22 30.98 8.78 24.73
C HIS A 22 30.48 8.45 26.13
N GLY A 23 29.50 7.55 26.22
CA GLY A 23 28.96 7.16 27.51
C GLY A 23 28.01 5.98 27.41
N ILE A 24 27.87 5.26 28.52
CA ILE A 24 26.99 4.09 28.57
C ILE A 24 25.55 4.48 28.26
N THR A 25 25.06 5.50 28.94
CA THR A 25 23.69 5.98 28.74
C THR A 25 23.63 7.50 28.76
N ASP A 26 22.71 8.06 28.00
CA ASP A 26 22.55 9.51 27.94
C ASP A 26 22.22 10.07 29.31
N LEU A 27 22.80 11.21 29.63
CA LEU A 27 22.56 11.86 30.92
C LEU A 27 21.14 12.41 31.00
N ALA A 28 20.66 12.91 29.86
CA ALA A 28 19.31 13.46 29.78
C ALA A 28 18.81 13.44 28.34
N CYS A 29 17.52 13.20 28.16
CA CYS A 29 16.94 13.14 26.81
C CYS A 29 17.32 11.83 26.13
N LYS A 30 16.80 10.72 26.65
CA LYS A 30 17.09 9.40 26.10
C LYS A 30 16.64 9.30 24.65
N LEU A 31 15.48 9.88 24.34
CA LEU A 31 14.95 9.84 22.98
C LEU A 31 15.55 10.97 22.15
N ARG A 32 16.22 10.61 21.07
CA ARG A 32 16.84 11.60 20.19
C ARG A 32 16.36 11.44 18.75
N PHE A 33 15.16 10.89 18.57
CA PHE A 33 14.61 10.68 17.25
C PHE A 33 14.48 12.01 16.51
N TYR A 34 14.07 13.05 17.23
CA TYR A 34 13.92 14.38 16.65
C TYR A 34 15.08 15.29 17.09
N ASP A 35 15.72 15.93 16.13
CA ASP A 35 16.83 16.83 16.43
C ASP A 35 16.91 17.96 15.40
N ASP A 36 17.69 17.75 14.34
CA ASP A 36 17.83 18.75 13.30
C ASP A 36 16.91 18.46 12.11
N TRP A 37 16.14 17.37 12.21
CA TRP A 37 15.22 16.98 11.14
C TRP A 37 15.94 16.97 9.80
N ALA A 38 17.23 16.62 9.84
CA ALA A 38 18.04 16.57 8.63
C ALA A 38 17.45 15.64 7.59
N PRO A 39 17.15 14.37 7.97
CA PRO A 39 16.58 13.40 7.04
C PRO A 39 15.12 13.66 6.74
N GLU A 40 14.77 13.67 5.47
CA GLU A 40 13.40 13.88 5.05
C GLU A 40 13.09 12.97 3.87
N TYR A 41 12.34 11.90 4.13
CA TYR A 41 11.99 10.94 3.11
C TYR A 41 10.63 11.29 2.50
N ASP A 42 10.16 12.51 2.76
CA ASP A 42 8.90 13.01 2.25
C ASP A 42 8.99 13.23 0.74
N GLN A 43 10.14 13.77 0.32
CA GLN A 43 10.39 14.08 -1.08
C GLN A 43 11.10 12.94 -1.80
N ASP A 44 11.06 11.74 -1.22
CA ASP A 44 11.72 10.59 -1.81
C ASP A 44 11.23 10.31 -3.23
N VAL A 45 12.16 9.96 -4.10
CA VAL A 45 11.85 9.65 -5.49
C VAL A 45 10.89 8.47 -5.61
N ALA A 46 11.03 7.48 -4.71
CA ALA A 46 10.16 6.32 -4.74
C ALA A 46 8.71 6.71 -4.50
N ALA A 47 8.45 7.45 -3.42
CA ALA A 47 7.09 7.87 -3.09
C ALA A 47 6.47 8.74 -4.18
N LEU A 48 7.31 9.40 -4.98
CA LEU A 48 6.80 10.25 -6.05
C LEU A 48 5.96 9.44 -7.03
N LYS A 49 6.39 8.23 -7.33
CA LYS A 49 5.66 7.38 -8.26
C LYS A 49 5.50 5.95 -7.72
N TYR A 50 4.28 5.44 -7.81
CA TYR A 50 3.99 4.08 -7.37
C TYR A 50 3.39 3.27 -8.51
N ARG A 51 3.86 2.03 -8.66
CA ARG A 51 3.34 1.15 -9.68
C ARG A 51 1.92 0.71 -9.37
N ALA A 52 1.68 0.45 -8.09
CA ALA A 52 0.39 -0.03 -7.61
C ALA A 52 -0.77 0.84 -8.12
N PRO A 53 -0.74 2.16 -7.89
CA PRO A 53 -1.83 3.05 -8.34
C PRO A 53 -2.03 3.05 -9.85
N ARG A 54 -0.95 3.26 -10.60
CA ARG A 54 -1.03 3.30 -12.06
C ARG A 54 -1.32 1.92 -12.65
N LEU A 55 -0.71 0.88 -12.09
CA LEU A 55 -0.93 -0.48 -12.59
C LEU A 55 -2.35 -0.92 -12.29
N ALA A 56 -2.83 -0.57 -11.11
CA ALA A 56 -4.17 -0.95 -10.68
C ALA A 56 -5.24 -0.46 -11.64
N VAL A 57 -5.32 0.86 -11.84
CA VAL A 57 -6.35 1.45 -12.68
C VAL A 57 -6.30 0.92 -14.11
N ASP A 58 -5.11 0.73 -14.68
CA ASP A 58 -5.02 0.22 -16.03
C ASP A 58 -5.62 -1.17 -16.12
N CYS A 59 -5.15 -2.07 -15.26
CA CYS A 59 -5.63 -3.44 -15.24
C CYS A 59 -7.09 -3.49 -14.80
N LEU A 60 -7.43 -2.67 -13.81
CA LEU A 60 -8.80 -2.63 -13.30
C LEU A 60 -9.75 -2.20 -14.41
N SER A 61 -9.40 -1.10 -15.06
CA SER A 61 -10.18 -0.54 -16.15
C SER A 61 -10.15 -1.46 -17.37
N ARG A 62 -9.05 -2.19 -17.52
CA ARG A 62 -8.89 -3.10 -18.64
C ARG A 62 -10.00 -4.15 -18.61
N ALA A 63 -10.31 -4.61 -17.40
CA ALA A 63 -11.37 -5.58 -17.22
C ALA A 63 -12.72 -4.87 -17.10
N PHE A 64 -12.72 -3.73 -16.40
CA PHE A 64 -13.94 -2.94 -16.22
C PHE A 64 -14.46 -2.45 -17.56
N ARG A 65 -15.33 -3.23 -18.18
CA ARG A 65 -15.87 -2.87 -19.49
C ARG A 65 -16.89 -1.73 -19.40
N GLY A 66 -17.86 -1.86 -18.49
CA GLY A 66 -18.92 -0.86 -18.34
C GLY A 66 -18.51 0.59 -18.49
N SER A 67 -19.02 1.43 -17.60
CA SER A 67 -18.73 2.86 -17.64
C SER A 67 -17.98 3.32 -16.40
N PRO A 68 -16.66 3.59 -16.54
CA PRO A 68 -15.85 4.06 -15.42
C PRO A 68 -16.26 5.45 -14.97
N HIS A 69 -17.14 6.10 -15.75
CA HIS A 69 -17.64 7.41 -15.40
C HIS A 69 -18.67 7.32 -14.29
N ASP A 70 -19.59 6.36 -14.42
CA ASP A 70 -20.63 6.15 -13.44
C ASP A 70 -20.14 5.25 -12.30
N ALA A 71 -18.92 4.74 -12.42
CA ALA A 71 -18.35 3.89 -11.40
C ALA A 71 -17.83 4.71 -10.23
N LEU A 72 -17.99 4.19 -9.02
CA LEU A 72 -17.53 4.88 -7.81
C LEU A 72 -16.32 4.13 -7.24
N ILE A 73 -15.26 4.88 -6.89
CA ILE A 73 -14.05 4.27 -6.36
C ILE A 73 -13.64 4.94 -5.04
N LEU A 74 -13.03 4.17 -4.13
CA LEU A 74 -12.59 4.72 -2.83
C LEU A 74 -11.09 4.58 -2.59
N ASP A 75 -10.38 5.72 -2.60
CA ASP A 75 -8.94 5.74 -2.37
C ASP A 75 -8.60 5.94 -0.88
N VAL A 76 -7.46 5.40 -0.47
CA VAL A 76 -7.00 5.47 0.93
C VAL A 76 -6.52 6.89 1.33
N ALA A 77 -5.68 6.97 2.37
CA ALA A 77 -5.16 8.23 2.88
C ALA A 77 -3.69 8.39 2.51
N CYS A 78 -3.29 7.79 1.41
CA CYS A 78 -1.91 7.84 0.96
C CYS A 78 -1.72 8.89 -0.13
N GLY A 79 -2.63 9.87 -0.18
CA GLY A 79 -2.52 10.90 -1.18
C GLY A 79 -2.58 10.35 -2.58
N THR A 80 -3.79 10.28 -3.12
CA THR A 80 -4.01 9.78 -4.47
C THR A 80 -4.56 10.88 -5.37
N GLY A 81 -4.18 12.12 -5.06
CA GLY A 81 -4.64 13.25 -5.85
C GLY A 81 -4.30 13.08 -7.31
N LEU A 82 -3.05 12.69 -7.59
CA LEU A 82 -2.63 12.46 -8.97
C LEU A 82 -3.49 11.38 -9.58
N VAL A 83 -3.60 10.26 -8.86
CA VAL A 83 -4.37 9.13 -9.34
C VAL A 83 -5.77 9.58 -9.71
N ALA A 84 -6.38 10.39 -8.86
CA ALA A 84 -7.72 10.88 -9.13
C ALA A 84 -7.77 11.61 -10.46
N VAL A 85 -6.71 12.36 -10.79
CA VAL A 85 -6.66 13.07 -12.06
C VAL A 85 -6.62 12.08 -13.22
N GLU A 86 -5.75 11.08 -13.10
CA GLU A 86 -5.62 10.04 -14.12
C GLU A 86 -6.91 9.24 -14.20
N LEU A 87 -7.49 8.97 -13.03
CA LEU A 87 -8.73 8.20 -12.97
C LEU A 87 -9.75 8.74 -13.96
N GLN A 88 -9.96 10.05 -13.99
CA GLN A 88 -10.88 10.66 -14.94
C GLN A 88 -10.43 10.34 -16.36
N ALA A 89 -9.11 10.41 -16.56
CA ALA A 89 -8.53 10.11 -17.87
C ALA A 89 -9.08 8.77 -18.35
N ARG A 90 -8.81 7.73 -17.56
CA ARG A 90 -9.26 6.38 -17.86
C ARG A 90 -10.80 6.29 -17.79
N GLY A 91 -11.44 7.40 -17.44
CA GLY A 91 -12.89 7.45 -17.35
C GLY A 91 -13.42 7.31 -15.94
N PHE A 92 -12.52 7.01 -15.00
CA PHE A 92 -12.91 6.85 -13.60
C PHE A 92 -13.05 8.21 -12.92
N LEU A 93 -14.11 8.92 -13.27
CA LEU A 93 -14.38 10.23 -12.71
C LEU A 93 -14.82 10.17 -11.25
N GLN A 94 -15.66 9.20 -10.91
CA GLN A 94 -16.18 9.09 -9.55
C GLN A 94 -15.22 8.34 -8.63
N VAL A 95 -14.48 9.12 -7.84
CA VAL A 95 -13.54 8.54 -6.89
C VAL A 95 -13.56 9.31 -5.57
N GLN A 96 -13.56 8.57 -4.47
CA GLN A 96 -13.58 9.14 -3.13
C GLN A 96 -12.49 8.49 -2.28
N GLY A 97 -11.99 9.16 -1.25
CA GLY A 97 -10.94 8.56 -0.44
C GLY A 97 -10.68 9.28 0.87
N VAL A 98 -10.57 8.52 1.96
CA VAL A 98 -10.36 9.13 3.27
C VAL A 98 -8.89 9.32 3.65
N ASP A 99 -8.48 10.58 3.70
CA ASP A 99 -7.12 10.95 4.08
C ASP A 99 -6.99 11.00 5.60
N GLY A 100 -5.77 10.86 6.11
CA GLY A 100 -5.55 10.88 7.55
C GLY A 100 -4.56 11.94 7.97
N SER A 101 -4.17 12.80 7.02
CA SER A 101 -3.23 13.87 7.29
C SER A 101 -3.85 15.20 6.89
N PRO A 102 -4.11 16.10 7.84
CA PRO A 102 -4.72 17.40 7.54
C PRO A 102 -4.01 18.12 6.40
N GLU A 103 -2.68 18.05 6.37
CA GLU A 103 -1.91 18.70 5.31
C GLU A 103 -2.11 18.01 3.97
N MET A 104 -2.07 16.68 3.95
CA MET A 104 -2.25 15.92 2.73
C MET A 104 -3.69 16.00 2.22
N LEU A 105 -4.64 15.96 3.15
CA LEU A 105 -6.05 16.03 2.80
C LEU A 105 -6.37 17.33 2.08
N LYS A 106 -5.84 18.43 2.60
CA LYS A 106 -6.07 19.73 2.00
C LYS A 106 -5.54 19.75 0.57
N GLN A 107 -4.39 19.11 0.38
CA GLN A 107 -3.75 19.04 -0.93
C GLN A 107 -4.66 18.36 -1.95
N ALA A 108 -5.18 17.18 -1.58
CA ALA A 108 -6.06 16.41 -2.46
C ALA A 108 -7.39 17.11 -2.71
N ARG A 109 -7.89 17.82 -1.71
CA ARG A 109 -9.15 18.54 -1.86
C ARG A 109 -8.98 19.65 -2.89
N ALA A 110 -7.82 20.31 -2.81
CA ALA A 110 -7.47 21.40 -3.72
C ALA A 110 -7.47 20.90 -5.16
N ARG A 111 -7.11 19.63 -5.33
CA ARG A 111 -7.07 19.01 -6.63
C ARG A 111 -8.44 19.03 -7.30
N GLY A 112 -9.48 18.81 -6.49
CA GLY A 112 -10.83 18.84 -7.02
C GLY A 112 -11.18 17.61 -7.83
N LEU A 113 -10.31 16.61 -7.79
CA LEU A 113 -10.52 15.37 -8.53
C LEU A 113 -11.35 14.38 -7.72
N TYR A 114 -11.22 14.45 -6.40
CA TYR A 114 -11.96 13.55 -5.52
C TYR A 114 -13.43 13.95 -5.43
N HIS A 115 -14.31 12.98 -5.62
CA HIS A 115 -15.73 13.25 -5.52
C HIS A 115 -16.08 13.70 -4.11
N HIS A 116 -15.45 13.04 -3.14
CA HIS A 116 -15.64 13.36 -1.74
C HIS A 116 -14.48 12.87 -0.91
N LEU A 117 -14.10 13.65 0.09
CA LEU A 117 -13.00 13.28 0.97
C LEU A 117 -13.39 13.44 2.43
N SER A 118 -12.83 12.60 3.28
CA SER A 118 -13.10 12.65 4.70
C SER A 118 -11.82 12.32 5.47
N LEU A 119 -11.82 12.64 6.77
CA LEU A 119 -10.65 12.39 7.60
C LEU A 119 -10.80 11.08 8.36
N CYS A 120 -9.92 10.14 8.07
CA CYS A 120 -9.95 8.84 8.72
C CYS A 120 -8.55 8.23 8.79
N THR A 121 -8.36 7.38 9.77
CA THR A 121 -7.10 6.68 9.95
C THR A 121 -7.41 5.23 10.28
N LEU A 122 -7.14 4.35 9.33
CA LEU A 122 -7.43 2.93 9.46
C LEU A 122 -7.24 2.42 10.89
N GLY A 123 -8.35 1.99 11.48
CA GLY A 123 -8.35 1.48 12.84
C GLY A 123 -8.95 2.48 13.81
N GLN A 124 -8.88 3.76 13.45
CA GLN A 124 -9.42 4.82 14.27
C GLN A 124 -10.94 4.66 14.39
N GLU A 125 -11.58 4.42 13.25
CA GLU A 125 -13.02 4.24 13.19
C GLU A 125 -13.40 3.50 11.90
N PRO A 126 -14.61 2.90 11.85
CA PRO A 126 -15.08 2.18 10.67
C PRO A 126 -15.23 3.13 9.48
N LEU A 127 -15.04 2.60 8.27
CA LEU A 127 -15.12 3.41 7.06
C LEU A 127 -16.45 4.16 6.97
N PRO A 128 -16.42 5.42 6.51
CA PRO A 128 -17.62 6.25 6.37
C PRO A 128 -18.47 5.84 5.18
N ASP A 129 -17.94 4.97 4.33
CA ASP A 129 -18.66 4.52 3.14
C ASP A 129 -19.55 3.31 3.43
N PRO A 130 -20.84 3.38 3.03
CA PRO A 130 -21.81 2.29 3.24
C PRO A 130 -21.52 1.05 2.37
N GLU A 131 -22.09 -0.08 2.79
CA GLU A 131 -21.91 -1.33 2.05
C GLU A 131 -22.45 -1.21 0.62
N GLY A 132 -21.73 -1.79 -0.34
CA GLY A 132 -22.17 -1.74 -1.72
C GLY A 132 -22.33 -0.32 -2.25
N THR A 133 -21.61 0.62 -1.64
CA THR A 133 -21.70 2.01 -2.05
C THR A 133 -20.87 2.31 -3.30
N PHE A 134 -19.63 1.85 -3.33
CA PHE A 134 -18.74 2.12 -4.45
C PHE A 134 -18.48 0.89 -5.32
N ASP A 135 -18.49 1.10 -6.62
CA ASP A 135 -18.24 0.01 -7.57
C ASP A 135 -16.86 -0.59 -7.35
N ALA A 136 -15.86 0.26 -7.11
CA ALA A 136 -14.50 -0.24 -6.92
C ALA A 136 -13.74 0.56 -5.84
N VAL A 137 -12.66 -0.03 -5.35
CA VAL A 137 -11.83 0.62 -4.33
C VAL A 137 -10.35 0.36 -4.63
N ILE A 138 -9.53 1.40 -4.50
CA ILE A 138 -8.10 1.27 -4.75
C ILE A 138 -7.27 1.88 -3.62
N ILE A 139 -6.56 1.03 -2.90
CA ILE A 139 -5.73 1.48 -1.78
C ILE A 139 -4.48 0.61 -1.67
N VAL A 140 -3.33 1.16 -2.03
CA VAL A 140 -2.09 0.39 -1.98
C VAL A 140 -1.05 1.05 -1.08
N GLY A 141 -0.32 0.21 -0.35
CA GLY A 141 0.70 0.68 0.56
C GLY A 141 0.16 0.96 1.95
N ALA A 142 -1.16 1.08 2.06
CA ALA A 142 -1.79 1.34 3.35
C ALA A 142 -1.70 0.13 4.25
N LEU A 143 -2.16 -1.02 3.75
CA LEU A 143 -2.12 -2.25 4.51
C LEU A 143 -0.70 -2.61 4.89
N SER A 144 0.24 -2.38 3.97
CA SER A 144 1.64 -2.66 4.23
C SER A 144 2.23 -1.60 5.16
N GLU A 145 1.82 -0.35 4.94
CA GLU A 145 2.30 0.77 5.75
C GLU A 145 1.16 1.75 6.04
N GLY A 146 1.24 2.44 7.16
CA GLY A 146 0.21 3.39 7.53
C GLY A 146 -0.66 2.90 8.67
N GLN A 147 -0.62 1.59 8.90
CA GLN A 147 -1.38 0.96 9.98
C GLN A 147 -2.85 0.74 9.62
N VAL A 148 -3.11 -0.10 8.61
CA VAL A 148 -4.48 -0.39 8.24
C VAL A 148 -4.85 -1.77 8.80
N PRO A 149 -5.72 -1.80 9.82
CA PRO A 149 -6.11 -3.05 10.49
C PRO A 149 -6.90 -4.03 9.61
N CYS A 150 -6.36 -5.23 9.50
CA CYS A 150 -6.97 -6.29 8.69
C CYS A 150 -8.49 -6.34 8.88
N SER A 151 -8.97 -5.88 10.03
CA SER A 151 -10.40 -5.86 10.32
C SER A 151 -11.13 -4.89 9.39
N ALA A 152 -10.51 -3.74 9.13
CA ALA A 152 -11.10 -2.71 8.28
C ALA A 152 -11.14 -3.12 6.80
N ILE A 153 -10.14 -3.86 6.34
CA ILE A 153 -10.07 -4.27 4.93
C ILE A 153 -11.41 -4.79 4.40
N PRO A 154 -12.05 -5.74 5.11
CA PRO A 154 -13.33 -6.30 4.68
C PRO A 154 -14.41 -5.22 4.57
N GLU A 155 -14.23 -4.14 5.32
CA GLU A 155 -15.15 -3.02 5.27
C GLU A 155 -15.03 -2.31 3.92
N LEU A 156 -13.82 -2.36 3.35
CA LEU A 156 -13.57 -1.77 2.04
C LEU A 156 -14.24 -2.60 0.95
N LEU A 157 -14.09 -3.91 1.06
CA LEU A 157 -14.69 -4.85 0.11
C LEU A 157 -16.21 -4.87 0.27
N ARG A 158 -16.64 -4.79 1.53
CA ARG A 158 -18.06 -4.82 1.85
C ARG A 158 -18.77 -3.65 1.19
N VAL A 159 -18.15 -2.48 1.25
CA VAL A 159 -18.72 -1.29 0.63
C VAL A 159 -18.65 -1.39 -0.90
N THR A 160 -17.75 -2.23 -1.40
CA THR A 160 -17.60 -2.42 -2.83
C THR A 160 -18.70 -3.33 -3.38
N LYS A 161 -19.42 -2.82 -4.38
CA LYS A 161 -20.52 -3.56 -5.00
C LYS A 161 -20.02 -4.75 -5.81
N PRO A 162 -20.92 -5.73 -6.07
CA PRO A 162 -20.59 -6.91 -6.88
C PRO A 162 -20.16 -6.46 -8.27
N GLY A 163 -19.28 -7.22 -8.92
CA GLY A 163 -18.83 -6.80 -10.23
C GLY A 163 -17.88 -5.61 -10.13
N GLY A 164 -17.54 -5.25 -8.90
CA GLY A 164 -16.65 -4.13 -8.67
C GLY A 164 -15.20 -4.53 -8.69
N LEU A 165 -14.30 -3.57 -8.58
CA LEU A 165 -12.87 -3.86 -8.60
C LEU A 165 -12.14 -3.32 -7.38
N VAL A 166 -11.58 -4.20 -6.57
CA VAL A 166 -10.85 -3.77 -5.38
C VAL A 166 -9.36 -4.04 -5.51
N CYS A 167 -8.56 -2.97 -5.48
CA CYS A 167 -7.12 -3.09 -5.59
C CYS A 167 -6.44 -2.78 -4.27
N LEU A 168 -6.12 -3.82 -3.51
CA LEU A 168 -5.49 -3.64 -2.21
C LEU A 168 -4.16 -4.37 -2.14
N THR A 169 -3.27 -3.87 -1.28
CA THR A 169 -1.97 -4.48 -1.09
C THR A 169 -1.83 -4.91 0.36
N THR A 170 -1.09 -5.97 0.58
CA THR A 170 -0.89 -6.46 1.93
C THR A 170 0.39 -7.26 2.03
N ARG A 171 0.89 -7.39 3.24
CA ARG A 171 2.09 -8.16 3.46
C ARG A 171 1.84 -9.59 2.98
N THR A 172 2.67 -10.06 2.07
CA THR A 172 2.52 -11.40 1.51
C THR A 172 3.21 -12.45 2.36
N ASN A 173 3.48 -12.10 3.63
CA ASN A 173 4.11 -12.99 4.61
C ASN A 173 5.57 -12.64 4.92
N PRO A 174 5.88 -11.36 5.20
CA PRO A 174 7.24 -10.96 5.54
C PRO A 174 7.70 -11.68 6.81
N SER A 175 6.73 -12.02 7.65
CA SER A 175 7.01 -12.71 8.90
C SER A 175 7.34 -14.19 8.68
N ASN A 176 6.40 -14.93 8.09
CA ASN A 176 6.63 -16.36 7.86
C ASN A 176 6.07 -16.83 6.52
N LEU A 177 6.70 -17.85 5.94
CA LEU A 177 6.27 -18.42 4.67
C LEU A 177 4.81 -18.87 4.74
N PRO A 178 4.45 -19.66 5.77
CA PRO A 178 3.08 -20.18 5.95
C PRO A 178 2.06 -19.05 6.08
N TYR A 179 2.50 -17.90 6.55
CA TYR A 179 1.60 -16.77 6.71
C TYR A 179 0.97 -16.38 5.36
N LYS A 180 1.77 -16.43 4.29
CA LYS A 180 1.28 -16.08 2.96
C LYS A 180 0.13 -16.99 2.55
N GLU A 181 0.32 -18.29 2.70
CA GLU A 181 -0.72 -19.24 2.35
C GLU A 181 -1.96 -18.96 3.18
N THR A 182 -1.76 -18.62 4.44
CA THR A 182 -2.86 -18.29 5.34
C THR A 182 -3.65 -17.11 4.78
N LEU A 183 -2.92 -16.13 4.25
CA LEU A 183 -3.55 -14.95 3.66
C LEU A 183 -4.21 -15.33 2.34
N GLU A 184 -3.40 -15.83 1.41
CA GLU A 184 -3.89 -16.21 0.08
C GLU A 184 -4.97 -17.29 0.13
N ALA A 185 -4.84 -18.25 1.04
CA ALA A 185 -5.84 -19.31 1.14
C ALA A 185 -7.21 -18.73 1.47
N THR A 186 -7.23 -17.74 2.36
CA THR A 186 -8.48 -17.09 2.75
C THR A 186 -9.15 -16.46 1.53
N LEU A 187 -8.35 -15.81 0.70
CA LEU A 187 -8.87 -15.17 -0.51
C LEU A 187 -9.46 -16.23 -1.44
N ASP A 188 -8.72 -17.31 -1.64
CA ASP A 188 -9.15 -18.37 -2.53
C ASP A 188 -10.46 -18.98 -2.07
N SER A 189 -10.60 -19.21 -0.76
CA SER A 189 -11.84 -19.76 -0.23
C SER A 189 -12.99 -18.82 -0.55
N LEU A 190 -12.70 -17.52 -0.42
CA LEU A 190 -13.68 -16.49 -0.70
C LEU A 190 -14.04 -16.47 -2.18
N GLU A 191 -13.05 -16.68 -3.03
CA GLU A 191 -13.29 -16.74 -4.46
C GLU A 191 -14.15 -17.96 -4.75
N ARG A 192 -13.75 -19.08 -4.18
CA ARG A 192 -14.46 -20.33 -4.34
C ARG A 192 -15.90 -20.19 -3.84
N ALA A 193 -16.04 -19.48 -2.71
CA ALA A 193 -17.36 -19.25 -2.12
C ALA A 193 -18.21 -18.36 -3.02
N GLY A 194 -17.57 -17.67 -3.97
CA GLY A 194 -18.30 -16.81 -4.88
C GLY A 194 -18.45 -15.38 -4.38
N VAL A 195 -17.84 -15.07 -3.24
CA VAL A 195 -17.93 -13.72 -2.69
C VAL A 195 -17.15 -12.71 -3.54
N TRP A 196 -16.06 -13.17 -4.16
CA TRP A 196 -15.25 -12.29 -5.02
C TRP A 196 -14.20 -13.10 -5.78
N GLU A 197 -13.77 -12.59 -6.94
CA GLU A 197 -12.76 -13.28 -7.74
C GLU A 197 -11.64 -12.34 -8.15
N CYS A 198 -10.48 -12.93 -8.45
CA CYS A 198 -9.33 -12.16 -8.87
C CYS A 198 -9.52 -11.67 -10.29
N LEU A 199 -9.13 -10.43 -10.53
CA LEU A 199 -9.25 -9.84 -11.85
C LEU A 199 -7.87 -9.60 -12.46
N VAL A 200 -6.87 -9.54 -11.57
CA VAL A 200 -5.47 -9.35 -11.95
C VAL A 200 -4.61 -9.23 -10.69
N THR A 201 -3.34 -9.56 -10.82
CA THR A 201 -2.42 -9.49 -9.68
C THR A 201 -1.06 -8.95 -10.12
N GLN A 202 -0.39 -8.26 -9.20
CA GLN A 202 0.93 -7.71 -9.45
C GLN A 202 1.92 -8.24 -8.43
N PRO A 203 2.65 -9.32 -8.77
CA PRO A 203 3.62 -9.95 -7.86
C PRO A 203 4.72 -9.00 -7.43
N VAL A 204 5.21 -9.19 -6.20
CA VAL A 204 6.28 -8.35 -5.66
C VAL A 204 7.63 -8.83 -6.16
N ASP A 205 8.33 -7.95 -6.88
CA ASP A 205 9.65 -8.28 -7.41
C ASP A 205 10.76 -7.90 -6.45
N HIS A 206 10.38 -7.35 -5.29
CA HIS A 206 11.36 -6.91 -4.30
C HIS A 206 12.23 -8.07 -3.81
N TRP A 207 11.62 -9.22 -3.56
CA TRP A 207 12.34 -10.40 -3.10
C TRP A 207 11.39 -11.41 -2.43
N GLU A 208 11.36 -12.62 -2.95
CA GLU A 208 10.50 -13.67 -2.40
C GLU A 208 11.32 -14.86 -1.88
N LEU A 209 11.19 -15.14 -0.59
CA LEU A 209 11.90 -16.25 0.04
C LEU A 209 11.43 -17.59 -0.51
N ALA A 210 10.12 -17.70 -0.73
CA ALA A 210 9.53 -18.93 -1.24
C ALA A 210 10.10 -19.31 -2.60
N THR A 211 10.31 -18.31 -3.46
CA THR A 211 10.87 -18.55 -4.79
C THR A 211 12.34 -18.95 -4.67
N SER A 212 13.02 -18.33 -3.71
CA SER A 212 14.43 -18.61 -3.47
C SER A 212 14.63 -20.09 -3.12
N GLU A 213 13.71 -20.62 -2.33
CA GLU A 213 13.79 -22.01 -1.92
C GLU A 213 15.07 -22.27 -1.14
N GLN A 214 15.57 -21.22 -0.48
CA GLN A 214 16.79 -21.31 0.31
C GLN A 214 16.50 -20.96 1.76
N GLU A 215 17.12 -21.69 2.68
CA GLU A 215 16.92 -21.45 4.10
C GLU A 215 18.07 -20.66 4.70
N THR A 216 17.77 -19.44 5.14
CA THR A 216 18.78 -18.58 5.76
C THR A 216 19.18 -19.14 7.12
N GLY A 217 18.19 -19.62 7.86
CA GLY A 217 18.44 -20.17 9.18
C GLY A 217 17.73 -19.40 10.27
N LEU A 218 17.03 -20.12 11.15
CA LEU A 218 16.31 -19.50 12.24
C LEU A 218 17.27 -18.88 13.25
N GLY A 219 16.91 -17.73 13.79
CA GLY A 219 17.76 -17.06 14.76
C GLY A 219 17.02 -16.03 15.58
N THR A 220 17.75 -15.29 16.39
CA THR A 220 17.17 -14.26 17.23
C THR A 220 16.67 -13.07 16.42
N CYS A 221 17.04 -13.02 15.14
CA CYS A 221 16.64 -11.93 14.27
C CYS A 221 15.78 -12.44 13.11
N ALA A 222 14.66 -11.76 12.88
CA ALA A 222 13.74 -12.13 11.81
C ALA A 222 14.37 -11.88 10.45
N ASN A 223 14.13 -12.79 9.51
CA ASN A 223 14.68 -12.68 8.16
C ASN A 223 14.01 -11.54 7.39
N ASP A 224 14.68 -11.08 6.35
CA ASP A 224 14.16 -10.02 5.48
C ASP A 224 13.92 -10.58 4.08
N GLY A 225 14.11 -11.89 3.96
CA GLY A 225 13.92 -12.57 2.69
C GLY A 225 12.48 -12.94 2.41
N PHE A 226 11.62 -12.79 3.42
CA PHE A 226 10.20 -13.12 3.25
C PHE A 226 9.51 -12.15 2.30
N ILE A 227 8.41 -12.61 1.71
CA ILE A 227 7.65 -11.80 0.75
C ILE A 227 6.85 -10.70 1.46
N SER A 228 6.74 -9.55 0.82
CA SER A 228 6.00 -8.44 1.41
C SER A 228 5.36 -7.54 0.34
N GLY A 229 4.34 -6.78 0.77
CA GLY A 229 3.64 -5.86 -0.12
C GLY A 229 3.29 -6.42 -1.48
N ILE A 230 2.01 -6.74 -1.67
CA ILE A 230 1.51 -7.25 -2.95
C ILE A 230 0.27 -6.47 -3.38
N ILE A 231 0.24 -6.00 -4.62
CA ILE A 231 -0.90 -5.24 -5.11
C ILE A 231 -1.67 -6.02 -6.17
N TYR A 232 -2.89 -6.47 -5.84
CA TYR A 232 -3.68 -7.26 -6.79
C TYR A 232 -5.15 -6.82 -6.83
N LEU A 233 -5.73 -6.94 -8.03
CA LEU A 233 -7.13 -6.56 -8.27
C LEU A 233 -8.10 -7.68 -7.86
N TYR A 234 -9.39 -7.33 -7.81
CA TYR A 234 -10.44 -8.28 -7.45
C TYR A 234 -11.83 -7.75 -7.84
N ARG A 235 -12.79 -8.67 -7.95
CA ARG A 235 -14.16 -8.30 -8.30
C ARG A 235 -15.14 -8.91 -7.30
N LYS A 236 -16.05 -8.11 -6.74
CA LYS A 236 -17.02 -8.60 -5.77
C LYS A 236 -18.09 -9.50 -6.39
N GLN A 237 -18.34 -10.62 -5.72
CA GLN A 237 -19.33 -11.62 -6.15
C GLN A 237 -18.84 -12.41 -7.36
N GLU A 238 -17.86 -13.25 -7.07
CA GLU A 238 -17.29 -14.10 -8.11
C GLU A 238 -16.69 -15.40 -7.59
N THR A 239 -16.82 -16.44 -8.42
CA THR A 239 -16.33 -17.77 -8.12
C THR A 239 -15.05 -18.06 -8.90
N VAL A 240 -14.12 -18.79 -8.29
CA VAL A 240 -12.87 -19.12 -8.96
C VAL A 240 -13.08 -20.22 -10.00
N GLY A 1 29.45 -20.03 32.74
CA GLY A 1 28.23 -20.57 32.09
C GLY A 1 27.39 -19.49 31.42
N ALA A 2 26.38 -19.00 32.14
CA ALA A 2 25.51 -17.96 31.60
C ALA A 2 26.30 -16.71 31.27
N MET A 3 27.17 -16.29 32.17
CA MET A 3 27.99 -15.10 31.97
C MET A 3 28.87 -15.25 30.74
N ALA A 4 29.36 -16.46 30.50
CA ALA A 4 30.21 -16.71 29.35
C ALA A 4 29.46 -16.40 28.06
N GLN A 5 28.23 -16.90 27.96
CA GLN A 5 27.40 -16.66 26.79
C GLN A 5 27.17 -15.16 26.63
N GLU A 6 26.75 -14.53 27.72
CA GLU A 6 26.49 -13.09 27.73
C GLU A 6 27.15 -12.43 28.94
N GLU A 7 27.84 -11.32 28.70
CA GLU A 7 28.52 -10.60 29.78
C GLU A 7 27.59 -9.62 30.47
N ALA A 8 27.75 -9.49 31.79
CA ALA A 8 26.93 -8.58 32.58
C ALA A 8 27.11 -7.14 32.09
N GLY A 9 28.35 -6.79 31.75
CA GLY A 9 28.63 -5.46 31.27
C GLY A 9 27.94 -5.17 29.95
N ARG A 10 27.58 -3.91 29.73
CA ARG A 10 26.90 -3.51 28.52
C ARG A 10 27.72 -2.46 27.76
N LEU A 11 27.85 -2.65 26.44
CA LEU A 11 28.64 -1.72 25.63
C LEU A 11 27.75 -1.02 24.58
N PRO A 12 26.80 -0.19 25.04
CA PRO A 12 25.89 0.54 24.13
C PRO A 12 26.63 1.56 23.26
N GLN A 13 27.74 2.08 23.76
CA GLN A 13 28.51 3.08 23.03
C GLN A 13 29.95 3.14 23.52
N VAL A 14 30.80 3.77 22.72
CA VAL A 14 32.21 3.93 23.05
C VAL A 14 32.57 5.41 23.15
N LEU A 15 33.30 5.78 24.19
CA LEU A 15 33.68 7.18 24.39
C LEU A 15 34.50 7.70 23.22
N ALA A 16 35.40 6.88 22.71
CA ALA A 16 36.24 7.29 21.58
C ALA A 16 35.58 6.93 20.25
N ARG A 17 35.32 7.96 19.43
CA ARG A 17 34.70 7.76 18.13
C ARG A 17 35.72 7.92 17.01
N VAL A 18 35.72 6.98 16.07
CA VAL A 18 36.64 7.02 14.95
C VAL A 18 36.41 8.31 14.13
N GLY A 19 35.13 8.66 13.96
CA GLY A 19 34.79 9.86 13.22
C GLY A 19 34.83 11.09 14.10
N THR A 20 34.30 12.20 13.59
CA THR A 20 34.28 13.45 14.35
C THR A 20 32.89 14.08 14.37
N SER A 21 32.54 14.68 15.51
CA SER A 21 31.25 15.32 15.67
C SER A 21 31.10 16.52 14.74
N HIS A 22 29.91 16.69 14.18
CA HIS A 22 29.63 17.79 13.26
C HIS A 22 29.85 19.14 13.95
N GLY A 23 29.44 19.23 15.20
CA GLY A 23 29.58 20.47 15.94
C GLY A 23 30.98 20.66 16.51
N ILE A 24 31.97 20.72 15.63
CA ILE A 24 33.36 20.90 16.06
C ILE A 24 33.53 22.21 16.82
N THR A 25 32.87 23.26 16.35
CA THR A 25 32.96 24.58 16.97
C THR A 25 34.31 25.24 16.66
N ASP A 26 34.80 24.97 15.45
CA ASP A 26 36.09 25.52 15.02
C ASP A 26 35.96 27.00 14.69
N LEU A 27 36.99 27.76 14.99
CA LEU A 27 37.00 29.20 14.73
C LEU A 27 36.83 29.47 13.23
N ALA A 28 37.48 28.65 12.41
CA ALA A 28 37.41 28.80 10.96
C ALA A 28 36.35 27.86 10.37
N CYS A 29 35.66 28.35 9.34
CA CYS A 29 34.62 27.57 8.67
C CYS A 29 35.15 26.95 7.37
N LYS A 30 35.09 25.63 7.27
CA LYS A 30 35.57 24.93 6.09
C LYS A 30 34.81 25.38 4.84
N LEU A 31 35.52 25.53 3.74
CA LEU A 31 34.92 25.98 2.50
C LEU A 31 33.91 24.97 1.95
N ARG A 32 34.24 23.68 2.06
CA ARG A 32 33.35 22.63 1.55
C ARG A 32 32.67 21.83 2.65
N PHE A 33 31.34 21.85 2.65
CA PHE A 33 30.54 21.11 3.63
C PHE A 33 29.47 20.28 2.93
N TYR A 34 29.11 19.14 3.51
CA TYR A 34 28.09 18.26 2.94
C TYR A 34 28.32 18.07 1.43
N ASP A 35 27.25 18.06 0.64
CA ASP A 35 27.36 17.89 -0.79
C ASP A 35 26.38 18.81 -1.52
N ASP A 36 26.65 19.07 -2.79
CA ASP A 36 25.80 19.93 -3.60
C ASP A 36 25.00 19.12 -4.61
N TRP A 37 25.03 17.80 -4.48
CA TRP A 37 24.31 16.91 -5.39
C TRP A 37 23.32 16.03 -4.63
N ALA A 38 22.83 16.52 -3.50
CA ALA A 38 21.88 15.77 -2.69
C ALA A 38 20.44 16.14 -3.05
N PRO A 39 19.69 15.21 -3.68
CA PRO A 39 18.31 15.48 -4.07
C PRO A 39 17.39 15.60 -2.86
N GLU A 40 16.35 16.42 -3.01
CA GLU A 40 15.38 16.68 -1.95
C GLU A 40 14.50 15.47 -1.64
N TYR A 41 14.09 14.76 -2.67
CA TYR A 41 13.21 13.60 -2.52
C TYR A 41 13.98 12.29 -2.61
N ASP A 42 15.28 12.35 -2.32
CA ASP A 42 16.11 11.14 -2.38
C ASP A 42 15.57 10.10 -1.42
N GLN A 43 15.65 10.38 -0.14
CA GLN A 43 15.22 9.45 0.89
C GLN A 43 13.85 8.84 0.56
N ASP A 44 12.88 9.68 0.18
CA ASP A 44 11.54 9.19 -0.14
C ASP A 44 11.32 8.99 -1.65
N VAL A 45 12.36 8.57 -2.38
CA VAL A 45 12.25 8.36 -3.83
C VAL A 45 11.20 7.28 -4.16
N ALA A 46 11.15 6.23 -3.36
CA ALA A 46 10.20 5.15 -3.60
C ALA A 46 8.77 5.66 -3.62
N ALA A 47 8.43 6.50 -2.65
CA ALA A 47 7.09 7.06 -2.55
C ALA A 47 6.76 7.93 -3.76
N LEU A 48 7.78 8.50 -4.39
CA LEU A 48 7.57 9.37 -5.54
C LEU A 48 6.87 8.63 -6.69
N LYS A 49 7.25 7.37 -6.90
CA LYS A 49 6.65 6.56 -7.95
C LYS A 49 5.51 5.73 -7.40
N TYR A 50 4.39 5.72 -8.13
CA TYR A 50 3.22 4.95 -7.70
C TYR A 50 3.08 3.68 -8.53
N ARG A 51 3.29 2.54 -7.88
CA ARG A 51 3.17 1.25 -8.55
C ARG A 51 1.74 0.71 -8.44
N ALA A 52 1.43 0.18 -7.26
CA ALA A 52 0.12 -0.41 -7.00
C ALA A 52 -1.01 0.48 -7.51
N PRO A 53 -1.01 1.79 -7.18
CA PRO A 53 -2.05 2.72 -7.61
C PRO A 53 -2.17 2.87 -9.13
N ARG A 54 -1.03 3.08 -9.80
CA ARG A 54 -1.03 3.25 -11.25
C ARG A 54 -1.35 1.96 -11.98
N LEU A 55 -0.82 0.87 -11.47
CA LEU A 55 -1.04 -0.45 -12.06
C LEU A 55 -2.50 -0.86 -11.92
N ALA A 56 -3.07 -0.57 -10.75
CA ALA A 56 -4.45 -0.94 -10.47
C ALA A 56 -5.40 -0.40 -11.53
N VAL A 57 -5.45 0.92 -11.69
CA VAL A 57 -6.37 1.54 -12.63
C VAL A 57 -6.23 0.96 -14.04
N ASP A 58 -5.00 0.75 -14.52
CA ASP A 58 -4.81 0.19 -15.84
C ASP A 58 -5.33 -1.24 -15.87
N CYS A 59 -4.88 -2.02 -14.89
CA CYS A 59 -5.25 -3.42 -14.75
C CYS A 59 -6.74 -3.59 -14.48
N LEU A 60 -7.31 -2.64 -13.75
CA LEU A 60 -8.71 -2.69 -13.39
C LEU A 60 -9.57 -2.75 -14.65
N SER A 61 -9.31 -1.83 -15.58
CA SER A 61 -10.03 -1.77 -16.85
C SER A 61 -10.07 -3.14 -17.53
N ARG A 62 -9.04 -3.94 -17.27
CA ARG A 62 -8.92 -5.27 -17.87
C ARG A 62 -10.10 -6.18 -17.54
N ALA A 63 -10.58 -6.13 -16.29
CA ALA A 63 -11.73 -6.94 -15.89
C ALA A 63 -12.85 -6.04 -15.37
N PHE A 64 -12.64 -4.74 -15.55
CA PHE A 64 -13.56 -3.71 -15.10
C PHE A 64 -15.04 -3.98 -15.36
N ARG A 65 -15.83 -3.19 -14.65
CA ARG A 65 -17.28 -3.19 -14.74
C ARG A 65 -17.65 -2.83 -16.18
N GLY A 66 -17.04 -1.74 -16.65
CA GLY A 66 -17.28 -1.27 -18.00
C GLY A 66 -17.46 0.24 -18.06
N SER A 67 -18.30 0.77 -17.17
CA SER A 67 -18.57 2.21 -17.14
C SER A 67 -17.72 2.91 -16.08
N PRO A 68 -16.56 3.46 -16.48
CA PRO A 68 -15.67 4.18 -15.57
C PRO A 68 -16.22 5.54 -15.21
N HIS A 69 -17.15 6.04 -16.03
CA HIS A 69 -17.79 7.33 -15.78
C HIS A 69 -18.83 7.19 -14.67
N ASP A 70 -19.60 6.11 -14.75
CA ASP A 70 -20.64 5.84 -13.78
C ASP A 70 -20.12 4.98 -12.63
N ALA A 71 -18.84 4.61 -12.69
CA ALA A 71 -18.23 3.80 -11.65
C ALA A 71 -17.73 4.69 -10.52
N LEU A 72 -17.83 4.19 -9.30
CA LEU A 72 -17.38 4.92 -8.12
C LEU A 72 -16.18 4.21 -7.49
N ILE A 73 -15.15 4.98 -7.13
CA ILE A 73 -13.95 4.41 -6.53
C ILE A 73 -13.57 5.15 -5.25
N LEU A 74 -12.87 4.47 -4.32
CA LEU A 74 -12.51 5.12 -3.06
C LEU A 74 -11.10 4.74 -2.56
N ASP A 75 -10.24 5.77 -2.46
CA ASP A 75 -8.87 5.60 -1.94
C ASP A 75 -8.80 6.18 -0.53
N VAL A 76 -7.99 5.61 0.36
CA VAL A 76 -7.97 6.12 1.75
C VAL A 76 -6.59 6.32 2.38
N ALA A 77 -6.51 7.41 3.15
CA ALA A 77 -5.32 7.80 3.91
C ALA A 77 -4.00 7.51 3.21
N CYS A 78 -3.94 7.75 1.91
CA CYS A 78 -2.70 7.51 1.18
C CYS A 78 -2.30 8.70 0.31
N GLY A 79 -3.09 9.78 0.35
CA GLY A 79 -2.78 10.91 -0.49
C GLY A 79 -2.67 10.47 -1.93
N THR A 80 -3.80 10.45 -2.61
CA THR A 80 -3.85 10.00 -3.99
C THR A 80 -4.44 11.02 -4.93
N GLY A 81 -4.21 12.30 -4.63
CA GLY A 81 -4.72 13.36 -5.51
C GLY A 81 -4.28 13.14 -6.93
N LEU A 82 -3.01 12.76 -7.11
CA LEU A 82 -2.47 12.47 -8.43
C LEU A 82 -3.25 11.34 -9.07
N VAL A 83 -3.41 10.25 -8.32
CA VAL A 83 -4.10 9.06 -8.82
C VAL A 83 -5.47 9.41 -9.36
N ALA A 84 -6.21 10.27 -8.67
CA ALA A 84 -7.52 10.67 -9.12
C ALA A 84 -7.43 11.33 -10.49
N VAL A 85 -6.31 12.00 -10.75
CA VAL A 85 -6.09 12.64 -12.05
C VAL A 85 -5.97 11.59 -13.12
N GLU A 86 -5.13 10.59 -12.86
CA GLU A 86 -4.92 9.49 -13.79
C GLU A 86 -6.19 8.67 -13.91
N LEU A 87 -6.87 8.48 -12.78
CA LEU A 87 -8.11 7.72 -12.75
C LEU A 87 -9.07 8.27 -13.80
N GLN A 88 -9.32 9.58 -13.77
CA GLN A 88 -10.20 10.19 -14.76
C GLN A 88 -9.64 9.97 -16.16
N ALA A 89 -8.32 10.04 -16.26
CA ALA A 89 -7.64 9.82 -17.52
C ALA A 89 -8.16 8.54 -18.17
N ARG A 90 -7.99 7.43 -17.47
CA ARG A 90 -8.45 6.12 -17.94
C ARG A 90 -9.98 6.11 -18.05
N GLY A 91 -10.62 7.12 -17.44
CA GLY A 91 -12.06 7.24 -17.47
C GLY A 91 -12.72 7.11 -16.11
N PHE A 92 -11.91 6.87 -15.09
CA PHE A 92 -12.41 6.72 -13.72
C PHE A 92 -12.69 8.10 -13.14
N LEU A 93 -13.75 8.73 -13.62
CA LEU A 93 -14.11 10.07 -13.18
C LEU A 93 -14.64 10.10 -11.75
N GLN A 94 -15.38 9.08 -11.34
CA GLN A 94 -15.93 9.05 -9.99
C GLN A 94 -14.99 8.34 -9.02
N VAL A 95 -14.29 9.13 -8.22
CA VAL A 95 -13.36 8.61 -7.23
C VAL A 95 -13.42 9.41 -5.94
N GLN A 96 -13.35 8.73 -4.81
CA GLN A 96 -13.38 9.38 -3.50
C GLN A 96 -12.15 8.97 -2.70
N GLY A 97 -11.82 9.75 -1.66
CA GLY A 97 -10.65 9.43 -0.86
C GLY A 97 -10.59 10.21 0.44
N VAL A 98 -10.54 9.51 1.57
CA VAL A 98 -10.52 10.18 2.87
C VAL A 98 -9.14 10.25 3.52
N ASP A 99 -8.60 11.47 3.54
CA ASP A 99 -7.29 11.73 4.13
C ASP A 99 -7.41 12.05 5.62
N GLY A 100 -6.27 12.12 6.31
CA GLY A 100 -6.28 12.43 7.73
C GLY A 100 -5.33 13.56 8.10
N SER A 101 -4.88 14.31 7.08
CA SER A 101 -3.97 15.43 7.29
C SER A 101 -4.54 16.69 6.64
N PRO A 102 -4.81 17.75 7.42
CA PRO A 102 -5.36 18.99 6.88
C PRO A 102 -4.59 19.51 5.68
N GLU A 103 -3.26 19.41 5.73
CA GLU A 103 -2.43 19.86 4.63
C GLU A 103 -2.56 18.95 3.42
N MET A 104 -2.59 17.65 3.66
CA MET A 104 -2.73 16.68 2.58
C MET A 104 -4.13 16.72 1.99
N LEU A 105 -5.12 16.87 2.86
CA LEU A 105 -6.52 16.93 2.45
C LEU A 105 -6.75 18.09 1.50
N LYS A 106 -6.23 19.26 1.88
CA LYS A 106 -6.36 20.46 1.06
C LYS A 106 -5.72 20.23 -0.30
N GLN A 107 -4.58 19.56 -0.30
CA GLN A 107 -3.89 19.27 -1.55
C GLN A 107 -4.79 18.43 -2.45
N ALA A 108 -5.23 17.29 -1.94
CA ALA A 108 -6.11 16.41 -2.69
C ALA A 108 -7.43 17.10 -3.06
N ARG A 109 -7.98 17.86 -2.12
CA ARG A 109 -9.24 18.58 -2.39
C ARG A 109 -9.03 19.57 -3.52
N ALA A 110 -7.99 20.38 -3.40
CA ALA A 110 -7.65 21.40 -4.40
C ALA A 110 -7.51 20.75 -5.77
N ARG A 111 -7.17 19.47 -5.77
CA ARG A 111 -6.99 18.73 -7.02
C ARG A 111 -8.28 18.75 -7.83
N GLY A 112 -9.41 18.60 -7.14
CA GLY A 112 -10.69 18.61 -7.80
C GLY A 112 -10.93 17.37 -8.64
N LEU A 113 -10.06 16.38 -8.49
CA LEU A 113 -10.17 15.13 -9.24
C LEU A 113 -11.06 14.13 -8.51
N TYR A 114 -11.11 14.25 -7.19
CA TYR A 114 -11.93 13.35 -6.39
C TYR A 114 -13.35 13.88 -6.24
N HIS A 115 -14.32 12.98 -6.34
CA HIS A 115 -15.73 13.36 -6.21
C HIS A 115 -16.00 13.98 -4.86
N HIS A 116 -15.39 13.43 -3.81
CA HIS A 116 -15.56 13.95 -2.47
C HIS A 116 -14.43 13.48 -1.56
N LEU A 117 -14.06 14.33 -0.61
CA LEU A 117 -13.00 13.99 0.35
C LEU A 117 -13.49 14.26 1.77
N SER A 118 -12.99 13.50 2.72
CA SER A 118 -13.38 13.68 4.11
C SER A 118 -12.20 13.37 5.05
N LEU A 119 -12.37 13.70 6.32
CA LEU A 119 -11.33 13.46 7.30
C LEU A 119 -11.52 12.14 8.03
N CYS A 120 -10.58 11.22 7.84
CA CYS A 120 -10.65 9.92 8.48
C CYS A 120 -9.25 9.39 8.78
N THR A 121 -9.13 8.61 9.83
CA THR A 121 -7.86 8.01 10.21
C THR A 121 -8.11 6.57 10.63
N LEU A 122 -7.56 5.64 9.87
CA LEU A 122 -7.74 4.22 10.12
C LEU A 122 -7.71 3.87 11.61
N GLY A 123 -8.80 3.26 12.06
CA GLY A 123 -8.94 2.86 13.46
C GLY A 123 -9.66 3.90 14.29
N GLN A 124 -9.55 5.16 13.89
CA GLN A 124 -10.20 6.25 14.60
C GLN A 124 -11.71 6.07 14.63
N GLU A 125 -12.29 5.77 13.47
CA GLU A 125 -13.72 5.57 13.34
C GLU A 125 -14.04 4.81 12.05
N PRO A 126 -15.25 4.21 11.95
CA PRO A 126 -15.64 3.48 10.75
C PRO A 126 -15.73 4.42 9.55
N LEU A 127 -15.47 3.91 8.36
CA LEU A 127 -15.49 4.73 7.16
C LEU A 127 -16.83 5.43 6.96
N PRO A 128 -16.79 6.68 6.48
CA PRO A 128 -18.00 7.49 6.24
C PRO A 128 -18.78 7.01 5.02
N ASP A 129 -18.17 6.12 4.24
CA ASP A 129 -18.82 5.60 3.04
C ASP A 129 -19.77 4.44 3.36
N PRO A 130 -21.01 4.50 2.83
CA PRO A 130 -22.02 3.47 3.06
C PRO A 130 -21.68 2.17 2.33
N GLU A 131 -22.31 1.07 2.74
CA GLU A 131 -22.06 -0.21 2.11
C GLU A 131 -22.59 -0.24 0.68
N GLY A 132 -21.87 -0.92 -0.21
CA GLY A 132 -22.29 -1.01 -1.60
C GLY A 132 -22.34 0.35 -2.27
N THR A 133 -21.62 1.32 -1.71
CA THR A 133 -21.60 2.67 -2.24
C THR A 133 -20.65 2.82 -3.43
N PHE A 134 -19.42 2.35 -3.29
CA PHE A 134 -18.43 2.51 -4.34
C PHE A 134 -18.21 1.26 -5.17
N ASP A 135 -18.24 1.44 -6.47
CA ASP A 135 -18.03 0.34 -7.40
C ASP A 135 -16.67 -0.30 -7.19
N ALA A 136 -15.64 0.51 -6.94
CA ALA A 136 -14.29 -0.01 -6.74
C ALA A 136 -13.51 0.80 -5.72
N VAL A 137 -12.43 0.21 -5.21
CA VAL A 137 -11.57 0.90 -4.24
C VAL A 137 -10.11 0.59 -4.52
N ILE A 138 -9.26 1.60 -4.39
CA ILE A 138 -7.83 1.43 -4.63
C ILE A 138 -6.99 1.95 -3.47
N ILE A 139 -6.29 1.06 -2.78
CA ILE A 139 -5.48 1.47 -1.65
C ILE A 139 -4.31 0.51 -1.37
N VAL A 140 -3.09 1.02 -1.40
CA VAL A 140 -1.91 0.21 -1.14
C VAL A 140 -1.57 0.22 0.35
N GLY A 141 -1.07 -0.90 0.83
CA GLY A 141 -0.72 -1.01 2.23
C GLY A 141 -1.86 -1.57 3.08
N ALA A 142 -3.01 -1.80 2.43
CA ALA A 142 -4.17 -2.34 3.13
C ALA A 142 -3.82 -3.65 3.83
N LEU A 143 -4.72 -4.13 4.68
CA LEU A 143 -4.50 -5.37 5.41
C LEU A 143 -3.24 -5.28 6.28
N SER A 144 -2.80 -4.06 6.57
CA SER A 144 -1.61 -3.83 7.39
C SER A 144 -1.94 -3.86 8.88
N GLU A 145 -0.88 -3.95 9.69
CA GLU A 145 -1.02 -3.99 11.13
C GLU A 145 -1.49 -2.66 11.70
N GLY A 146 -0.97 -1.54 11.16
CA GLY A 146 -1.35 -0.24 11.68
C GLY A 146 -1.82 0.76 10.64
N GLN A 147 -1.43 0.57 9.38
CA GLN A 147 -1.86 1.50 8.33
C GLN A 147 -3.36 1.32 8.05
N VAL A 148 -3.80 0.07 8.06
CA VAL A 148 -5.21 -0.26 7.80
C VAL A 148 -5.67 -1.37 8.75
N PRO A 149 -6.26 -0.99 9.91
CA PRO A 149 -6.72 -1.94 10.93
C PRO A 149 -7.62 -3.04 10.39
N CYS A 150 -7.27 -4.26 10.75
CA CYS A 150 -7.98 -5.46 10.29
C CYS A 150 -9.50 -5.27 10.36
N SER A 151 -9.97 -4.54 11.36
CA SER A 151 -11.40 -4.30 11.52
C SER A 151 -11.94 -3.42 10.40
N ALA A 152 -11.17 -2.41 10.02
CA ALA A 152 -11.57 -1.45 8.98
C ALA A 152 -11.59 -2.08 7.59
N ILE A 153 -10.65 -2.97 7.31
CA ILE A 153 -10.54 -3.61 5.99
C ILE A 153 -11.89 -4.08 5.44
N PRO A 154 -12.65 -4.86 6.22
CA PRO A 154 -13.95 -5.37 5.78
C PRO A 154 -14.93 -4.27 5.43
N GLU A 155 -14.75 -3.12 6.06
CA GLU A 155 -15.61 -1.96 5.79
C GLU A 155 -15.32 -1.42 4.38
N LEU A 156 -14.08 -1.57 3.94
CA LEU A 156 -13.67 -1.13 2.60
C LEU A 156 -14.30 -2.02 1.54
N LEU A 157 -14.16 -3.33 1.72
CA LEU A 157 -14.73 -4.29 0.78
C LEU A 157 -16.25 -4.31 0.87
N ARG A 158 -16.76 -4.23 2.09
CA ARG A 158 -18.19 -4.24 2.33
C ARG A 158 -18.88 -3.10 1.60
N VAL A 159 -18.28 -1.91 1.68
CA VAL A 159 -18.83 -0.73 1.03
C VAL A 159 -18.74 -0.87 -0.48
N THR A 160 -17.86 -1.75 -0.95
CA THR A 160 -17.69 -1.98 -2.37
C THR A 160 -18.80 -2.88 -2.90
N LYS A 161 -19.53 -2.39 -3.89
CA LYS A 161 -20.64 -3.11 -4.51
C LYS A 161 -20.14 -4.31 -5.33
N PRO A 162 -20.95 -5.38 -5.46
CA PRO A 162 -20.58 -6.56 -6.24
C PRO A 162 -20.12 -6.12 -7.62
N GLY A 163 -19.22 -6.87 -8.24
CA GLY A 163 -18.70 -6.47 -9.53
C GLY A 163 -17.72 -5.33 -9.36
N GLY A 164 -17.36 -5.05 -8.11
CA GLY A 164 -16.45 -3.98 -7.81
C GLY A 164 -15.01 -4.38 -7.95
N LEU A 165 -14.12 -3.41 -8.08
CA LEU A 165 -12.70 -3.69 -8.22
C LEU A 165 -11.94 -3.12 -7.01
N VAL A 166 -11.30 -3.98 -6.24
CA VAL A 166 -10.56 -3.54 -5.07
C VAL A 166 -9.07 -3.79 -5.21
N CYS A 167 -8.29 -2.72 -5.26
CA CYS A 167 -6.83 -2.82 -5.37
C CYS A 167 -6.20 -2.81 -3.99
N LEU A 168 -5.95 -3.99 -3.44
CA LEU A 168 -5.38 -4.10 -2.12
C LEU A 168 -3.98 -4.70 -2.13
N THR A 169 -3.06 -4.05 -1.42
CA THR A 169 -1.70 -4.53 -1.29
C THR A 169 -1.45 -4.80 0.19
N THR A 170 -0.56 -5.73 0.50
CA THR A 170 -0.31 -6.05 1.90
C THR A 170 0.97 -6.84 2.08
N ARG A 171 1.46 -6.82 3.31
CA ARG A 171 2.65 -7.58 3.64
C ARG A 171 2.22 -9.03 3.71
N THR A 172 2.68 -9.83 2.76
CA THR A 172 2.31 -11.24 2.73
C THR A 172 3.22 -12.08 3.62
N ASN A 173 3.79 -11.44 4.64
CA ASN A 173 4.67 -12.10 5.60
C ASN A 173 5.90 -12.73 4.94
N PRO A 174 6.89 -11.90 4.59
CA PRO A 174 8.13 -12.35 3.97
C PRO A 174 8.94 -13.31 4.85
N SER A 175 8.81 -13.16 6.16
CA SER A 175 9.55 -13.98 7.11
C SER A 175 9.23 -15.48 6.96
N ASN A 176 7.96 -15.80 6.73
CA ASN A 176 7.58 -17.21 6.58
C ASN A 176 7.13 -17.53 5.15
N LEU A 177 7.95 -18.29 4.44
CA LEU A 177 7.63 -18.69 3.07
C LEU A 177 6.34 -19.50 3.01
N PRO A 178 6.23 -20.57 3.82
CA PRO A 178 5.04 -21.42 3.86
C PRO A 178 3.77 -20.65 4.25
N TYR A 179 3.94 -19.62 5.06
CA TYR A 179 2.81 -18.82 5.52
C TYR A 179 2.06 -18.18 4.34
N LYS A 180 2.79 -17.88 3.26
CA LYS A 180 2.19 -17.26 2.08
C LYS A 180 1.10 -18.14 1.48
N GLU A 181 1.38 -19.43 1.35
CA GLU A 181 0.40 -20.36 0.79
C GLU A 181 -0.87 -20.36 1.62
N THR A 182 -0.72 -20.29 2.94
CA THR A 182 -1.86 -20.27 3.85
C THR A 182 -2.76 -19.07 3.57
N LEU A 183 -2.13 -17.93 3.29
CA LEU A 183 -2.86 -16.72 2.96
C LEU A 183 -3.52 -16.90 1.59
N GLU A 184 -2.71 -17.20 0.59
CA GLU A 184 -3.20 -17.37 -0.78
C GLU A 184 -4.30 -18.41 -0.85
N ALA A 185 -4.25 -19.41 0.02
CA ALA A 185 -5.28 -20.43 0.05
C ALA A 185 -6.61 -19.82 0.50
N THR A 186 -6.53 -18.92 1.47
CA THR A 186 -7.72 -18.25 2.00
C THR A 186 -8.44 -17.50 0.90
N LEU A 187 -7.69 -16.74 0.10
CA LEU A 187 -8.29 -16.00 -1.00
C LEU A 187 -8.94 -16.96 -1.98
N ASP A 188 -8.25 -18.08 -2.21
CA ASP A 188 -8.71 -19.09 -3.14
C ASP A 188 -10.07 -19.65 -2.73
N SER A 189 -10.30 -19.86 -1.45
CA SER A 189 -11.59 -20.36 -1.00
C SER A 189 -12.67 -19.32 -1.23
N LEU A 190 -12.31 -18.06 -0.97
CA LEU A 190 -13.24 -16.96 -1.18
C LEU A 190 -13.68 -16.89 -2.63
N GLU A 191 -12.73 -17.12 -3.54
CA GLU A 191 -13.05 -17.12 -4.96
C GLU A 191 -13.94 -18.32 -5.26
N ARG A 192 -13.58 -19.46 -4.69
CA ARG A 192 -14.34 -20.70 -4.87
C ARG A 192 -15.77 -20.54 -4.39
N ALA A 193 -15.93 -19.85 -3.26
CA ALA A 193 -17.25 -19.61 -2.69
C ALA A 193 -18.08 -18.69 -3.57
N GLY A 194 -17.40 -17.92 -4.42
CA GLY A 194 -18.10 -17.00 -5.30
C GLY A 194 -18.23 -15.60 -4.72
N VAL A 195 -17.62 -15.38 -3.56
CA VAL A 195 -17.68 -14.08 -2.91
C VAL A 195 -16.86 -13.03 -3.67
N TRP A 196 -15.71 -13.42 -4.22
CA TRP A 196 -14.87 -12.47 -4.97
C TRP A 196 -13.80 -13.18 -5.79
N GLU A 197 -13.42 -12.60 -6.94
CA GLU A 197 -12.41 -13.19 -7.82
C GLU A 197 -11.38 -12.16 -8.24
N CYS A 198 -10.18 -12.62 -8.54
CA CYS A 198 -9.11 -11.75 -8.98
C CYS A 198 -9.42 -11.18 -10.36
N LEU A 199 -9.26 -9.86 -10.51
CA LEU A 199 -9.50 -9.20 -11.79
C LEU A 199 -8.20 -8.88 -12.49
N VAL A 200 -7.12 -8.91 -11.72
CA VAL A 200 -5.79 -8.64 -12.22
C VAL A 200 -4.79 -8.71 -11.07
N THR A 201 -3.55 -8.96 -11.40
CA THR A 201 -2.50 -9.03 -10.40
C THR A 201 -1.27 -8.31 -10.88
N GLN A 202 -0.59 -7.66 -9.96
CA GLN A 202 0.62 -6.92 -10.29
C GLN A 202 1.85 -7.65 -9.79
N PRO A 203 2.59 -8.32 -10.69
CA PRO A 203 3.79 -9.05 -10.31
C PRO A 203 4.83 -8.15 -9.68
N VAL A 204 5.26 -8.51 -8.48
CA VAL A 204 6.24 -7.71 -7.75
C VAL A 204 7.44 -7.39 -8.64
N ASP A 205 7.86 -6.14 -8.62
CA ASP A 205 8.98 -5.68 -9.44
C ASP A 205 10.32 -6.18 -8.88
N HIS A 206 10.28 -6.84 -7.73
CA HIS A 206 11.49 -7.34 -7.11
C HIS A 206 12.19 -8.33 -8.04
N TRP A 207 11.43 -9.27 -8.59
CA TRP A 207 11.96 -10.26 -9.52
C TRP A 207 13.21 -10.95 -8.99
N GLU A 208 13.23 -11.26 -7.70
CA GLU A 208 14.39 -11.92 -7.10
C GLU A 208 13.95 -12.99 -6.11
N LEU A 209 14.85 -13.92 -5.82
CA LEU A 209 14.56 -15.02 -4.91
C LEU A 209 14.43 -14.55 -3.46
N ALA A 210 13.68 -15.32 -2.68
CA ALA A 210 13.45 -15.01 -1.28
C ALA A 210 14.76 -14.98 -0.49
N THR A 211 15.64 -15.93 -0.80
CA THR A 211 16.93 -16.01 -0.12
C THR A 211 17.95 -15.09 -0.79
N SER A 212 18.50 -14.16 -0.02
CA SER A 212 19.48 -13.22 -0.54
C SER A 212 20.74 -13.95 -1.02
N GLU A 213 21.15 -14.96 -0.26
CA GLU A 213 22.33 -15.74 -0.60
C GLU A 213 23.56 -14.84 -0.65
N GLN A 214 23.62 -13.88 0.28
CA GLN A 214 24.74 -12.94 0.34
C GLN A 214 25.95 -13.59 0.99
N GLU A 215 27.13 -13.22 0.52
CA GLU A 215 28.37 -13.77 1.06
C GLU A 215 28.50 -13.44 2.54
N THR A 216 28.11 -12.22 2.91
CA THR A 216 28.18 -11.79 4.30
C THR A 216 26.95 -12.26 5.08
N GLY A 217 27.07 -12.28 6.40
CA GLY A 217 25.96 -12.73 7.23
C GLY A 217 25.47 -11.64 8.17
N LEU A 218 25.09 -10.50 7.59
CA LEU A 218 24.60 -9.37 8.38
C LEU A 218 23.36 -9.76 9.18
N GLY A 219 22.47 -10.53 8.57
CA GLY A 219 21.26 -10.94 9.25
C GLY A 219 20.27 -9.80 9.42
N THR A 220 20.34 -8.83 8.52
CA THR A 220 19.46 -7.67 8.57
C THR A 220 18.00 -8.09 8.47
N CYS A 221 17.73 -9.09 7.64
CA CYS A 221 16.37 -9.57 7.43
C CYS A 221 15.48 -8.46 6.88
N ALA A 222 16.05 -7.65 5.99
CA ALA A 222 15.33 -6.55 5.37
C ALA A 222 15.07 -6.84 3.90
N ASN A 223 15.12 -8.12 3.55
CA ASN A 223 14.91 -8.54 2.17
C ASN A 223 13.52 -8.15 1.66
N ASP A 224 13.44 -7.94 0.36
CA ASP A 224 12.19 -7.57 -0.30
C ASP A 224 11.92 -8.57 -1.42
N GLY A 225 12.08 -9.84 -1.10
CA GLY A 225 11.87 -10.88 -2.08
C GLY A 225 11.35 -12.17 -1.46
N PHE A 226 11.12 -12.17 -0.16
CA PHE A 226 10.62 -13.36 0.50
C PHE A 226 9.20 -13.66 0.05
N ILE A 227 8.32 -12.71 0.30
CA ILE A 227 6.91 -12.84 -0.04
C ILE A 227 6.20 -11.48 -0.14
N SER A 228 6.66 -10.51 0.65
CA SER A 228 6.06 -9.17 0.67
C SER A 228 6.22 -8.44 -0.65
N GLY A 229 5.33 -7.46 -0.88
CA GLY A 229 5.39 -6.67 -2.10
C GLY A 229 4.42 -7.15 -3.17
N ILE A 230 3.22 -7.57 -2.76
CA ILE A 230 2.22 -8.07 -3.71
C ILE A 230 0.93 -7.24 -3.70
N ILE A 231 0.51 -6.83 -4.90
CA ILE A 231 -0.73 -6.05 -5.04
C ILE A 231 -1.62 -6.63 -6.15
N TYR A 232 -2.80 -7.12 -5.77
CA TYR A 232 -3.72 -7.74 -6.73
C TYR A 232 -5.14 -7.13 -6.61
N LEU A 233 -5.78 -6.88 -7.77
CA LEU A 233 -7.11 -6.25 -7.80
C LEU A 233 -8.29 -7.22 -7.93
N TYR A 234 -8.95 -7.48 -6.80
CA TYR A 234 -10.11 -8.37 -6.75
C TYR A 234 -11.42 -7.66 -7.09
N ARG A 235 -12.48 -8.46 -7.26
CA ARG A 235 -13.82 -7.96 -7.57
C ARG A 235 -14.86 -8.62 -6.69
N LYS A 236 -15.83 -7.87 -6.18
CA LYS A 236 -16.86 -8.44 -5.30
C LYS A 236 -17.87 -9.28 -6.07
N GLN A 237 -18.19 -10.45 -5.50
CA GLN A 237 -19.14 -11.39 -6.08
C GLN A 237 -18.59 -12.09 -7.32
N GLU A 238 -17.65 -12.98 -7.03
CA GLU A 238 -17.01 -13.78 -8.07
C GLU A 238 -16.49 -15.12 -7.62
N THR A 239 -16.42 -16.02 -8.60
CA THR A 239 -15.96 -17.39 -8.39
C THR A 239 -14.76 -17.68 -9.29
N VAL A 240 -13.86 -18.55 -8.81
CA VAL A 240 -12.66 -18.92 -9.57
C VAL A 240 -13.00 -19.18 -11.04
N GLY A 1 12.39 -38.69 37.69
CA GLY A 1 12.00 -38.15 39.03
C GLY A 1 11.08 -36.95 38.92
N ALA A 2 9.77 -37.21 38.88
CA ALA A 2 8.79 -36.14 38.76
C ALA A 2 9.03 -35.31 37.51
N MET A 3 8.15 -34.35 37.24
CA MET A 3 8.28 -33.50 36.08
C MET A 3 9.47 -32.56 36.21
N ALA A 4 9.67 -32.03 37.42
CA ALA A 4 10.77 -31.11 37.67
C ALA A 4 12.11 -31.71 37.21
N GLN A 5 12.57 -32.75 37.88
CA GLN A 5 13.83 -33.40 37.54
C GLN A 5 13.79 -34.00 36.13
N GLU A 6 12.65 -34.58 35.78
CA GLU A 6 12.50 -35.20 34.47
C GLU A 6 12.70 -34.18 33.35
N GLU A 7 12.18 -32.97 33.56
CA GLU A 7 12.33 -31.91 32.57
C GLU A 7 13.76 -31.39 32.55
N ALA A 8 14.26 -31.11 31.35
CA ALA A 8 15.62 -30.59 31.21
C ALA A 8 15.66 -29.07 31.39
N GLY A 9 15.13 -28.35 30.39
CA GLY A 9 15.12 -26.90 30.46
C GLY A 9 13.72 -26.31 30.39
N ARG A 10 12.72 -27.13 30.70
CA ARG A 10 11.34 -26.66 30.68
C ARG A 10 11.00 -25.88 31.94
N LEU A 11 9.92 -25.10 31.88
CA LEU A 11 9.51 -24.28 33.02
C LEU A 11 8.19 -24.78 33.62
N PRO A 12 8.28 -25.62 34.67
CA PRO A 12 7.11 -26.16 35.36
C PRO A 12 6.24 -25.07 35.97
N GLN A 13 4.94 -25.34 36.05
CA GLN A 13 3.99 -24.38 36.63
C GLN A 13 4.33 -24.09 38.08
N VAL A 14 4.20 -22.83 38.47
CA VAL A 14 4.50 -22.41 39.84
C VAL A 14 3.30 -21.76 40.51
N LEU A 15 3.15 -21.99 41.81
CA LEU A 15 2.04 -21.42 42.57
C LEU A 15 2.06 -19.90 42.51
N ALA A 16 3.26 -19.33 42.60
CA ALA A 16 3.41 -17.88 42.57
C ALA A 16 3.17 -17.34 41.16
N ARG A 17 2.01 -16.73 40.96
CA ARG A 17 1.64 -16.15 39.66
C ARG A 17 1.85 -14.64 39.66
N VAL A 18 2.56 -14.14 40.67
CA VAL A 18 2.82 -12.71 40.79
C VAL A 18 3.57 -12.20 39.56
N GLY A 19 4.53 -12.98 39.09
CA GLY A 19 5.31 -12.59 37.93
C GLY A 19 6.73 -12.19 38.31
N THR A 20 7.51 -11.80 37.31
CA THR A 20 8.90 -11.40 37.54
C THR A 20 9.14 -9.97 37.11
N SER A 21 9.73 -9.18 37.99
CA SER A 21 10.03 -7.79 37.70
C SER A 21 10.95 -7.66 36.49
N HIS A 22 10.68 -6.67 35.64
CA HIS A 22 11.48 -6.45 34.45
C HIS A 22 12.75 -5.68 34.80
N GLY A 23 13.89 -6.19 34.34
CA GLY A 23 15.15 -5.53 34.61
C GLY A 23 15.73 -5.90 35.97
N ILE A 24 16.96 -5.48 36.21
CA ILE A 24 17.63 -5.76 37.47
C ILE A 24 16.86 -5.17 38.65
N THR A 25 16.47 -3.90 38.53
CA THR A 25 15.73 -3.24 39.60
C THR A 25 14.82 -2.14 39.03
N ASP A 26 13.69 -1.90 39.72
CA ASP A 26 12.72 -0.91 39.28
C ASP A 26 13.26 0.51 39.44
N LEU A 27 14.28 0.68 40.27
CA LEU A 27 14.86 2.00 40.49
C LEU A 27 15.41 2.54 39.16
N ALA A 28 16.18 1.71 38.47
CA ALA A 28 16.74 2.10 37.17
C ALA A 28 15.86 1.60 36.04
N CYS A 29 15.57 2.48 35.09
CA CYS A 29 14.72 2.11 33.95
C CYS A 29 15.55 1.66 32.77
N LYS A 30 15.08 0.62 32.08
CA LYS A 30 15.78 0.08 30.92
C LYS A 30 14.81 -0.08 29.75
N LEU A 31 15.33 0.05 28.54
CA LEU A 31 14.50 -0.07 27.33
C LEU A 31 13.85 -1.44 27.26
N ARG A 32 12.59 -1.47 26.84
CA ARG A 32 11.85 -2.72 26.74
C ARG A 32 12.41 -3.60 25.61
N PHE A 33 12.59 -4.89 25.90
CA PHE A 33 13.12 -5.83 24.92
C PHE A 33 12.23 -5.90 23.67
N TYR A 34 10.92 -5.97 23.88
CA TYR A 34 9.96 -6.04 22.79
C TYR A 34 10.05 -4.83 21.86
N ASP A 35 10.29 -3.66 22.44
CA ASP A 35 10.40 -2.44 21.66
C ASP A 35 11.70 -2.38 20.85
N ASP A 36 12.41 -3.50 20.78
CA ASP A 36 13.66 -3.58 20.03
C ASP A 36 13.41 -3.72 18.53
N TRP A 37 12.14 -3.91 18.16
CA TRP A 37 11.77 -4.06 16.77
C TRP A 37 11.18 -2.76 16.20
N ALA A 38 11.28 -1.68 16.96
CA ALA A 38 10.75 -0.38 16.54
C ALA A 38 10.99 -0.14 15.04
N PRO A 39 10.04 0.51 14.35
CA PRO A 39 10.14 0.79 12.92
C PRO A 39 11.36 1.65 12.58
N GLU A 40 11.90 1.45 11.38
CA GLU A 40 13.07 2.21 10.95
C GLU A 40 12.69 3.16 9.80
N TYR A 41 11.63 3.94 10.01
CA TYR A 41 11.14 4.89 9.01
C TYR A 41 12.21 5.91 8.60
N ASP A 42 13.43 5.75 9.10
CA ASP A 42 14.51 6.67 8.77
C ASP A 42 14.76 6.66 7.27
N GLN A 43 14.71 5.48 6.67
CA GLN A 43 14.91 5.34 5.23
C GLN A 43 13.76 5.96 4.45
N ASP A 44 12.56 5.87 5.02
CA ASP A 44 11.36 6.42 4.38
C ASP A 44 11.01 5.65 3.11
N VAL A 45 11.55 4.44 2.97
CA VAL A 45 11.27 3.63 1.79
C VAL A 45 9.82 3.14 1.79
N ALA A 46 9.35 2.76 2.98
CA ALA A 46 7.99 2.25 3.11
C ALA A 46 6.96 3.28 2.67
N ALA A 47 7.03 4.48 3.25
CA ALA A 47 6.11 5.55 2.92
C ALA A 47 6.25 5.96 1.44
N LEU A 48 7.47 5.95 0.96
CA LEU A 48 7.76 6.33 -0.43
C LEU A 48 7.69 5.12 -1.36
N LYS A 49 7.35 3.96 -0.81
CA LYS A 49 7.26 2.75 -1.61
C LYS A 49 6.23 2.89 -2.73
N TYR A 50 5.02 3.33 -2.39
CA TYR A 50 3.96 3.50 -3.38
C TYR A 50 3.82 2.24 -4.22
N ARG A 51 3.91 1.08 -3.59
CA ARG A 51 3.84 -0.19 -4.28
C ARG A 51 2.48 -0.39 -4.95
N ALA A 52 2.51 -0.58 -6.27
CA ALA A 52 1.29 -0.80 -7.06
C ALA A 52 0.46 0.46 -7.23
N PRO A 53 1.06 1.57 -7.71
CA PRO A 53 0.34 2.83 -7.92
C PRO A 53 -0.29 2.92 -9.30
N ARG A 54 0.41 3.54 -10.25
CA ARG A 54 -0.07 3.70 -11.62
C ARG A 54 -0.29 2.36 -12.29
N LEU A 55 0.63 1.44 -12.04
CA LEU A 55 0.57 0.11 -12.63
C LEU A 55 -0.71 -0.61 -12.25
N ALA A 56 -1.13 -0.46 -11.00
CA ALA A 56 -2.33 -1.12 -10.52
C ALA A 56 -3.59 -0.66 -11.26
N VAL A 57 -3.91 0.63 -11.17
CA VAL A 57 -5.12 1.15 -11.80
C VAL A 57 -5.25 0.76 -13.27
N ASP A 58 -4.14 0.71 -14.01
CA ASP A 58 -4.20 0.33 -15.41
C ASP A 58 -4.78 -1.07 -15.53
N CYS A 59 -4.34 -1.94 -14.62
CA CYS A 59 -4.78 -3.32 -14.59
C CYS A 59 -6.28 -3.42 -14.31
N LEU A 60 -6.78 -2.58 -13.39
CA LEU A 60 -8.20 -2.60 -13.02
C LEU A 60 -9.09 -2.45 -14.24
N SER A 61 -8.81 -1.42 -15.04
CA SER A 61 -9.60 -1.13 -16.23
C SER A 61 -9.61 -2.32 -17.19
N ARG A 62 -8.49 -3.02 -17.27
CA ARG A 62 -8.39 -4.17 -18.17
C ARG A 62 -9.41 -5.24 -17.80
N ALA A 63 -9.78 -5.29 -16.52
CA ALA A 63 -10.74 -6.27 -16.05
C ALA A 63 -12.04 -5.60 -15.56
N PHE A 64 -12.18 -4.31 -15.82
CA PHE A 64 -13.36 -3.56 -15.42
C PHE A 64 -14.29 -3.43 -16.62
N ARG A 65 -15.36 -4.22 -16.64
CA ARG A 65 -16.32 -4.19 -17.74
C ARG A 65 -17.43 -3.18 -17.48
N GLY A 66 -17.45 -2.61 -16.29
CA GLY A 66 -18.46 -1.64 -15.94
C GLY A 66 -18.08 -0.26 -16.43
N SER A 67 -18.86 0.74 -16.04
CA SER A 67 -18.58 2.11 -16.45
C SER A 67 -17.81 2.85 -15.38
N PRO A 68 -16.49 3.08 -15.60
CA PRO A 68 -15.66 3.81 -14.65
C PRO A 68 -16.03 5.29 -14.60
N HIS A 69 -16.79 5.72 -15.61
CA HIS A 69 -17.26 7.10 -15.68
C HIS A 69 -18.36 7.32 -14.64
N ASP A 70 -19.30 6.36 -14.61
CA ASP A 70 -20.42 6.41 -13.69
C ASP A 70 -20.18 5.51 -12.48
N ALA A 71 -19.00 4.90 -12.41
CA ALA A 71 -18.65 4.04 -11.29
C ALA A 71 -18.13 4.88 -10.14
N LEU A 72 -18.17 4.33 -8.93
CA LEU A 72 -17.68 5.06 -7.76
C LEU A 72 -16.50 4.32 -7.13
N ILE A 73 -15.48 5.06 -6.71
CA ILE A 73 -14.28 4.46 -6.11
C ILE A 73 -13.91 5.16 -4.80
N LEU A 74 -13.20 4.46 -3.90
CA LEU A 74 -12.81 5.07 -2.63
C LEU A 74 -11.38 4.72 -2.19
N ASP A 75 -10.54 5.74 -2.10
CA ASP A 75 -9.14 5.58 -1.67
C ASP A 75 -8.94 6.05 -0.22
N VAL A 76 -7.82 5.64 0.37
CA VAL A 76 -7.50 5.97 1.77
C VAL A 76 -7.03 7.43 1.97
N ALA A 77 -6.24 7.64 3.03
CA ALA A 77 -5.72 8.96 3.39
C ALA A 77 -4.23 9.05 3.09
N CYS A 78 -3.79 8.29 2.10
CA CYS A 78 -2.38 8.25 1.72
C CYS A 78 -2.04 9.30 0.67
N GLY A 79 -2.91 10.29 0.51
CA GLY A 79 -2.66 11.32 -0.48
C GLY A 79 -2.60 10.72 -1.87
N THR A 80 -3.79 10.53 -2.45
CA THR A 80 -3.88 9.95 -3.79
C THR A 80 -4.49 10.94 -4.77
N GLY A 81 -4.26 12.23 -4.53
CA GLY A 81 -4.79 13.25 -5.42
C GLY A 81 -4.33 13.03 -6.84
N LEU A 82 -3.05 12.70 -7.00
CA LEU A 82 -2.51 12.43 -8.32
C LEU A 82 -3.25 11.26 -8.95
N VAL A 83 -3.36 10.18 -8.18
CA VAL A 83 -4.00 8.96 -8.65
C VAL A 83 -5.41 9.27 -9.17
N ALA A 84 -6.15 10.11 -8.45
CA ALA A 84 -7.49 10.46 -8.86
C ALA A 84 -7.48 11.12 -10.24
N VAL A 85 -6.44 11.91 -10.51
CA VAL A 85 -6.31 12.58 -11.80
C VAL A 85 -6.17 11.54 -12.90
N GLU A 86 -5.30 10.57 -12.65
CA GLU A 86 -5.07 9.48 -13.59
C GLU A 86 -6.29 8.59 -13.66
N LEU A 87 -6.92 8.36 -12.51
CA LEU A 87 -8.10 7.51 -12.46
C LEU A 87 -9.12 8.00 -13.48
N GLN A 88 -9.41 9.31 -13.49
CA GLN A 88 -10.35 9.85 -14.48
C GLN A 88 -9.83 9.59 -15.89
N ALA A 89 -8.51 9.75 -16.04
CA ALA A 89 -7.87 9.51 -17.32
C ALA A 89 -8.32 8.17 -17.88
N ARG A 90 -8.08 7.12 -17.10
CA ARG A 90 -8.47 5.76 -17.49
C ARG A 90 -10.00 5.60 -17.51
N GLY A 91 -10.71 6.68 -17.18
CA GLY A 91 -12.17 6.65 -17.18
C GLY A 91 -12.78 6.64 -15.79
N PHE A 92 -11.95 6.50 -14.76
CA PHE A 92 -12.45 6.48 -13.39
C PHE A 92 -12.70 7.91 -12.92
N LEU A 93 -13.77 8.51 -13.43
CA LEU A 93 -14.13 9.88 -13.09
C LEU A 93 -14.60 10.04 -11.65
N GLN A 94 -15.32 9.05 -11.13
CA GLN A 94 -15.84 9.15 -9.77
C GLN A 94 -14.94 8.42 -8.78
N VAL A 95 -14.27 9.19 -7.92
CA VAL A 95 -13.39 8.63 -6.92
C VAL A 95 -13.49 9.41 -5.60
N GLN A 96 -13.47 8.68 -4.49
CA GLN A 96 -13.55 9.29 -3.17
C GLN A 96 -12.41 8.80 -2.29
N GLY A 97 -12.10 9.54 -1.22
CA GLY A 97 -11.03 9.13 -0.34
C GLY A 97 -10.92 10.00 0.90
N VAL A 98 -10.76 9.38 2.06
CA VAL A 98 -10.69 10.13 3.31
C VAL A 98 -9.26 10.32 3.81
N ASP A 99 -8.79 11.56 3.74
CA ASP A 99 -7.46 11.92 4.21
C ASP A 99 -7.44 12.08 5.73
N GLY A 100 -6.26 12.09 6.32
CA GLY A 100 -6.13 12.25 7.76
C GLY A 100 -5.24 13.42 8.14
N SER A 101 -4.85 14.21 7.14
CA SER A 101 -4.01 15.38 7.35
C SER A 101 -4.65 16.61 6.73
N PRO A 102 -5.04 17.60 7.54
CA PRO A 102 -5.69 18.81 7.03
C PRO A 102 -4.92 19.43 5.88
N GLU A 103 -3.60 19.45 5.97
CA GLU A 103 -2.77 20.02 4.92
C GLU A 103 -2.82 19.16 3.66
N MET A 104 -2.76 17.85 3.84
CA MET A 104 -2.81 16.92 2.72
C MET A 104 -4.20 16.89 2.10
N LEU A 105 -5.22 16.94 2.95
CA LEU A 105 -6.61 16.91 2.51
C LEU A 105 -6.92 18.09 1.59
N LYS A 106 -6.48 19.28 2.00
CA LYS A 106 -6.72 20.48 1.20
C LYS A 106 -6.09 20.33 -0.17
N GLN A 107 -4.90 19.74 -0.20
CA GLN A 107 -4.19 19.54 -1.46
C GLN A 107 -5.04 18.66 -2.39
N ALA A 108 -5.42 17.49 -1.89
CA ALA A 108 -6.22 16.56 -2.67
C ALA A 108 -7.58 17.16 -3.01
N ARG A 109 -8.18 17.87 -2.05
CA ARG A 109 -9.47 18.50 -2.29
C ARG A 109 -9.36 19.51 -3.42
N ALA A 110 -8.35 20.38 -3.31
CA ALA A 110 -8.11 21.42 -4.32
C ALA A 110 -7.93 20.79 -5.70
N ARG A 111 -7.54 19.52 -5.72
CA ARG A 111 -7.34 18.81 -6.97
C ARG A 111 -8.64 18.78 -7.76
N GLY A 112 -9.76 18.58 -7.06
CA GLY A 112 -11.06 18.53 -7.70
C GLY A 112 -11.28 17.23 -8.44
N LEU A 113 -10.38 16.27 -8.23
CA LEU A 113 -10.47 14.98 -8.89
C LEU A 113 -11.37 14.01 -8.13
N TYR A 114 -11.41 14.16 -6.80
CA TYR A 114 -12.22 13.27 -5.97
C TYR A 114 -13.64 13.81 -5.81
N HIS A 115 -14.61 12.90 -5.91
CA HIS A 115 -16.01 13.25 -5.77
C HIS A 115 -16.29 13.85 -4.40
N HIS A 116 -15.67 13.28 -3.37
CA HIS A 116 -15.85 13.77 -2.01
C HIS A 116 -14.71 13.31 -1.12
N LEU A 117 -14.27 14.20 -0.22
CA LEU A 117 -13.19 13.87 0.70
C LEU A 117 -13.59 14.24 2.11
N SER A 118 -13.07 13.47 3.08
CA SER A 118 -13.37 13.72 4.48
C SER A 118 -12.15 13.45 5.34
N LEU A 119 -12.26 13.73 6.62
CA LEU A 119 -11.14 13.52 7.53
C LEU A 119 -11.30 12.22 8.30
N CYS A 120 -10.36 11.31 8.10
CA CYS A 120 -10.39 10.02 8.76
C CYS A 120 -8.98 9.51 8.97
N THR A 121 -8.80 8.69 9.99
CA THR A 121 -7.51 8.10 10.28
C THR A 121 -7.72 6.62 10.60
N LEU A 122 -7.30 5.78 9.69
CA LEU A 122 -7.48 4.34 9.79
C LEU A 122 -7.34 3.83 11.23
N GLY A 123 -8.45 3.28 11.72
CA GLY A 123 -8.50 2.75 13.06
C GLY A 123 -9.19 3.69 14.04
N GLN A 124 -9.19 4.97 13.71
CA GLN A 124 -9.83 5.96 14.56
C GLN A 124 -11.32 5.68 14.67
N GLU A 125 -11.95 5.50 13.52
CA GLU A 125 -13.38 5.22 13.43
C GLU A 125 -13.69 4.42 12.17
N PRO A 126 -14.86 3.76 12.11
CA PRO A 126 -15.25 2.98 10.92
C PRO A 126 -15.46 3.89 9.72
N LEU A 127 -15.20 3.38 8.52
CA LEU A 127 -15.34 4.18 7.31
C LEU A 127 -16.72 4.83 7.22
N PRO A 128 -16.78 6.09 6.76
CA PRO A 128 -18.04 6.84 6.64
C PRO A 128 -18.88 6.41 5.44
N ASP A 129 -18.30 5.61 4.55
CA ASP A 129 -19.02 5.15 3.36
C ASP A 129 -19.92 3.96 3.67
N PRO A 130 -21.20 4.01 3.24
CA PRO A 130 -22.18 2.94 3.45
C PRO A 130 -21.89 1.70 2.61
N GLU A 131 -22.45 0.55 3.01
CA GLU A 131 -22.27 -0.70 2.29
C GLU A 131 -22.81 -0.60 0.86
N GLY A 132 -22.08 -1.18 -0.09
CA GLY A 132 -22.51 -1.15 -1.49
C GLY A 132 -22.63 0.26 -2.03
N THR A 133 -21.98 1.20 -1.38
CA THR A 133 -22.03 2.60 -1.81
C THR A 133 -21.18 2.85 -3.05
N PHE A 134 -19.94 2.37 -3.04
CA PHE A 134 -19.03 2.60 -4.15
C PHE A 134 -18.73 1.34 -4.96
N ASP A 135 -18.70 1.51 -6.27
CA ASP A 135 -18.44 0.40 -7.18
C ASP A 135 -17.08 -0.24 -6.92
N ALA A 136 -16.06 0.57 -6.66
CA ALA A 136 -14.72 0.04 -6.45
C ALA A 136 -13.90 0.86 -5.45
N VAL A 137 -12.80 0.28 -4.99
CA VAL A 137 -11.90 0.97 -4.06
C VAL A 137 -10.45 0.66 -4.40
N ILE A 138 -9.58 1.67 -4.31
CA ILE A 138 -8.17 1.47 -4.64
C ILE A 138 -7.25 1.89 -3.49
N ILE A 139 -6.52 0.93 -2.96
CA ILE A 139 -5.58 1.19 -1.88
C ILE A 139 -4.40 0.21 -1.94
N VAL A 140 -3.23 0.71 -2.29
CA VAL A 140 -2.06 -0.14 -2.39
C VAL A 140 -0.97 0.29 -1.42
N GLY A 141 -0.43 -0.66 -0.66
CA GLY A 141 0.62 -0.35 0.29
C GLY A 141 0.08 0.00 1.67
N ALA A 142 -1.24 0.19 1.77
CA ALA A 142 -1.87 0.54 3.03
C ALA A 142 -2.64 -0.64 3.61
N LEU A 143 -2.12 -1.22 4.69
CA LEU A 143 -2.76 -2.36 5.32
C LEU A 143 -2.38 -2.48 6.80
N SER A 144 -2.93 -3.49 7.47
CA SER A 144 -2.70 -3.72 8.90
C SER A 144 -1.23 -3.47 9.29
N GLU A 145 -0.32 -3.53 8.33
CA GLU A 145 1.09 -3.28 8.59
C GLU A 145 1.31 -1.88 9.14
N GLY A 146 0.58 -0.90 8.61
CA GLY A 146 0.72 0.47 9.07
C GLY A 146 -0.46 1.37 8.70
N GLN A 147 -1.33 0.90 7.80
CA GLN A 147 -2.47 1.70 7.38
C GLN A 147 -3.73 0.83 7.22
N VAL A 148 -4.88 1.42 7.52
CA VAL A 148 -6.15 0.70 7.41
C VAL A 148 -6.16 -0.60 8.21
N PRO A 149 -6.74 -0.56 9.43
CA PRO A 149 -6.80 -1.73 10.31
C PRO A 149 -7.56 -2.90 9.68
N CYS A 150 -7.05 -4.10 9.94
CA CYS A 150 -7.63 -5.33 9.42
C CYS A 150 -9.15 -5.34 9.57
N SER A 151 -9.65 -4.74 10.65
CA SER A 151 -11.10 -4.68 10.89
C SER A 151 -11.78 -3.76 9.87
N ALA A 152 -11.14 -2.64 9.58
CA ALA A 152 -11.67 -1.66 8.64
C ALA A 152 -11.68 -2.16 7.19
N ILE A 153 -10.68 -2.98 6.85
CA ILE A 153 -10.55 -3.49 5.48
C ILE A 153 -11.85 -4.09 4.95
N PRO A 154 -12.48 -5.02 5.70
CA PRO A 154 -13.73 -5.66 5.28
C PRO A 154 -14.85 -4.65 5.06
N GLU A 155 -14.79 -3.55 5.81
CA GLU A 155 -15.76 -2.48 5.69
C GLU A 155 -15.59 -1.78 4.35
N LEU A 156 -14.34 -1.77 3.86
CA LEU A 156 -14.04 -1.15 2.58
C LEU A 156 -14.64 -1.97 1.44
N LEU A 157 -14.47 -3.30 1.52
CA LEU A 157 -15.01 -4.20 0.50
C LEU A 157 -16.53 -4.22 0.58
N ARG A 158 -17.03 -4.18 1.81
CA ARG A 158 -18.46 -4.20 2.06
C ARG A 158 -19.14 -3.01 1.39
N VAL A 159 -18.51 -1.84 1.49
CA VAL A 159 -19.07 -0.64 0.86
C VAL A 159 -19.03 -0.77 -0.65
N THR A 160 -18.14 -1.62 -1.15
CA THR A 160 -18.03 -1.84 -2.58
C THR A 160 -19.13 -2.76 -3.09
N LYS A 161 -19.88 -2.28 -4.07
CA LYS A 161 -20.98 -3.05 -4.64
C LYS A 161 -20.46 -4.29 -5.35
N PRO A 162 -21.34 -5.30 -5.56
CA PRO A 162 -20.95 -6.52 -6.26
C PRO A 162 -20.46 -6.15 -7.65
N GLY A 163 -19.54 -6.92 -8.20
CA GLY A 163 -19.01 -6.57 -9.50
C GLY A 163 -18.03 -5.41 -9.39
N GLY A 164 -17.78 -4.98 -8.15
CA GLY A 164 -16.88 -3.88 -7.90
C GLY A 164 -15.43 -4.30 -8.03
N LEU A 165 -14.53 -3.34 -8.09
CA LEU A 165 -13.10 -3.63 -8.23
C LEU A 165 -12.30 -3.09 -7.04
N VAL A 166 -11.65 -3.98 -6.31
CA VAL A 166 -10.84 -3.57 -5.16
C VAL A 166 -9.36 -3.74 -5.46
N CYS A 167 -8.67 -2.62 -5.65
CA CYS A 167 -7.24 -2.63 -5.96
C CYS A 167 -6.39 -2.52 -4.70
N LEU A 168 -5.91 -3.67 -4.21
CA LEU A 168 -5.09 -3.69 -3.01
C LEU A 168 -3.84 -4.54 -3.16
N THR A 169 -2.80 -4.18 -2.39
CA THR A 169 -1.55 -4.92 -2.40
C THR A 169 -1.55 -5.90 -1.24
N THR A 170 -1.17 -7.13 -1.51
CA THR A 170 -1.17 -8.17 -0.50
C THR A 170 -0.26 -7.87 0.69
N ARG A 171 -0.81 -8.08 1.88
CA ARG A 171 -0.08 -7.91 3.12
C ARG A 171 0.15 -9.31 3.68
N THR A 172 1.39 -9.75 3.67
CA THR A 172 1.70 -11.11 4.10
C THR A 172 2.63 -11.17 5.30
N ASN A 173 2.96 -10.03 5.90
CA ASN A 173 3.86 -10.01 7.05
C ASN A 173 5.04 -10.96 6.81
N PRO A 174 6.03 -10.56 5.98
CA PRO A 174 7.17 -11.41 5.66
C PRO A 174 7.74 -12.13 6.89
N SER A 175 7.89 -13.43 6.75
CA SER A 175 8.42 -14.27 7.82
C SER A 175 8.88 -15.61 7.25
N ASN A 176 7.96 -16.57 7.14
CA ASN A 176 8.27 -17.88 6.60
C ASN A 176 7.34 -18.22 5.44
N LEU A 177 7.86 -18.96 4.47
CA LEU A 177 7.08 -19.35 3.29
C LEU A 177 5.71 -19.95 3.65
N PRO A 178 5.63 -20.84 4.65
CA PRO A 178 4.36 -21.48 5.04
C PRO A 178 3.26 -20.47 5.35
N TYR A 179 3.65 -19.28 5.81
CA TYR A 179 2.68 -18.25 6.13
C TYR A 179 2.04 -17.71 4.85
N LYS A 180 2.84 -17.61 3.78
CA LYS A 180 2.35 -17.11 2.50
C LYS A 180 1.22 -17.98 1.97
N GLU A 181 1.41 -19.29 2.04
CA GLU A 181 0.41 -20.24 1.56
C GLU A 181 -0.91 -20.05 2.33
N THR A 182 -0.79 -19.78 3.63
CA THR A 182 -1.97 -19.57 4.47
C THR A 182 -2.79 -18.38 3.98
N LEU A 183 -2.10 -17.33 3.55
CA LEU A 183 -2.76 -16.14 3.03
C LEU A 183 -3.38 -16.47 1.67
N GLU A 184 -2.54 -16.87 0.73
CA GLU A 184 -2.99 -17.18 -0.63
C GLU A 184 -4.13 -18.19 -0.60
N ALA A 185 -4.11 -19.09 0.37
CA ALA A 185 -5.18 -20.09 0.49
C ALA A 185 -6.51 -19.41 0.80
N THR A 186 -6.46 -18.40 1.67
CA THR A 186 -7.66 -17.68 2.07
C THR A 186 -8.35 -17.03 0.87
N LEU A 187 -7.58 -16.36 0.02
CA LEU A 187 -8.15 -15.73 -1.16
C LEU A 187 -8.75 -16.77 -2.08
N ASP A 188 -8.06 -17.89 -2.21
CA ASP A 188 -8.49 -18.97 -3.08
C ASP A 188 -9.87 -19.50 -2.66
N SER A 189 -10.11 -19.62 -1.36
CA SER A 189 -11.40 -20.10 -0.88
C SER A 189 -12.49 -19.06 -1.14
N LEU A 190 -12.14 -17.80 -0.93
CA LEU A 190 -13.07 -16.70 -1.17
C LEU A 190 -13.51 -16.70 -2.63
N GLU A 191 -12.56 -16.96 -3.52
CA GLU A 191 -12.88 -17.02 -4.94
C GLU A 191 -13.77 -18.22 -5.21
N ARG A 192 -13.41 -19.35 -4.62
CA ARG A 192 -14.16 -20.59 -4.78
C ARG A 192 -15.58 -20.42 -4.26
N ALA A 193 -15.72 -19.71 -3.14
CA ALA A 193 -17.02 -19.47 -2.54
C ALA A 193 -17.89 -18.56 -3.41
N GLY A 194 -17.24 -17.77 -4.27
CA GLY A 194 -17.97 -16.88 -5.15
C GLY A 194 -18.08 -15.47 -4.62
N VAL A 195 -17.50 -15.22 -3.45
CA VAL A 195 -17.57 -13.90 -2.84
C VAL A 195 -16.78 -12.87 -3.65
N TRP A 196 -15.69 -13.31 -4.29
CA TRP A 196 -14.87 -12.41 -5.10
C TRP A 196 -13.83 -13.18 -5.92
N GLU A 197 -13.42 -12.62 -7.07
CA GLU A 197 -12.43 -13.25 -7.92
C GLU A 197 -11.40 -12.25 -8.40
N CYS A 198 -10.21 -12.73 -8.72
CA CYS A 198 -9.16 -11.86 -9.21
C CYS A 198 -9.52 -11.37 -10.60
N LEU A 199 -9.40 -10.07 -10.80
CA LEU A 199 -9.69 -9.44 -12.08
C LEU A 199 -8.41 -8.93 -12.73
N VAL A 200 -7.42 -8.69 -11.90
CA VAL A 200 -6.14 -8.19 -12.35
C VAL A 200 -5.07 -8.53 -11.33
N THR A 201 -3.88 -8.89 -11.80
CA THR A 201 -2.79 -9.23 -10.89
C THR A 201 -1.48 -8.68 -11.42
N GLN A 202 -0.63 -8.25 -10.50
CA GLN A 202 0.68 -7.73 -10.86
C GLN A 202 1.78 -8.56 -10.23
N PRO A 203 2.47 -9.39 -11.02
CA PRO A 203 3.53 -10.25 -10.50
C PRO A 203 4.63 -9.42 -9.83
N VAL A 204 5.10 -9.88 -8.69
CA VAL A 204 6.13 -9.17 -7.95
C VAL A 204 7.34 -8.89 -8.84
N ASP A 205 7.72 -7.62 -8.93
CA ASP A 205 8.86 -7.22 -9.74
C ASP A 205 10.17 -7.55 -9.06
N HIS A 206 10.10 -8.01 -7.82
CA HIS A 206 11.28 -8.36 -7.05
C HIS A 206 12.07 -9.47 -7.76
N TRP A 207 11.34 -10.44 -8.31
CA TRP A 207 11.95 -11.55 -9.02
C TRP A 207 12.94 -12.28 -8.12
N GLU A 208 12.64 -12.30 -6.83
CA GLU A 208 13.50 -12.97 -5.86
C GLU A 208 12.74 -14.08 -5.14
N LEU A 209 13.41 -15.19 -4.91
CA LEU A 209 12.80 -16.33 -4.24
C LEU A 209 13.17 -16.35 -2.75
N ALA A 210 12.20 -16.67 -1.90
CA ALA A 210 12.44 -16.73 -0.46
C ALA A 210 13.52 -17.76 -0.12
N THR A 211 13.44 -18.91 -0.76
CA THR A 211 14.42 -19.97 -0.53
C THR A 211 14.82 -20.61 -1.86
N SER A 212 15.89 -20.08 -2.45
CA SER A 212 16.39 -20.59 -3.72
C SER A 212 16.78 -22.06 -3.61
N GLU A 213 17.40 -22.43 -2.49
CA GLU A 213 17.84 -23.80 -2.26
C GLU A 213 17.94 -24.10 -0.77
N GLN A 214 17.93 -25.38 -0.43
CA GLN A 214 18.03 -25.81 0.96
C GLN A 214 19.48 -26.17 1.30
N GLU A 215 19.91 -25.77 2.50
CA GLU A 215 21.28 -26.04 2.94
C GLU A 215 21.36 -26.12 4.45
N THR A 216 22.43 -26.72 4.96
CA THR A 216 22.64 -26.85 6.39
C THR A 216 22.70 -25.49 7.06
N GLY A 217 23.35 -24.54 6.40
CA GLY A 217 23.47 -23.21 6.94
C GLY A 217 22.18 -22.42 6.77
N LEU A 218 22.18 -21.18 7.24
CA LEU A 218 21.00 -20.33 7.14
C LEU A 218 20.72 -19.95 5.69
N GLY A 219 19.46 -20.11 5.28
CA GLY A 219 19.07 -19.78 3.92
C GLY A 219 18.41 -18.42 3.84
N THR A 220 18.02 -17.87 4.99
CA THR A 220 17.37 -16.58 5.04
C THR A 220 18.36 -15.51 5.51
N CYS A 221 19.43 -15.31 4.75
CA CYS A 221 20.44 -14.33 5.11
C CYS A 221 19.85 -12.93 5.20
N ALA A 222 19.04 -12.55 4.22
CA ALA A 222 18.42 -11.24 4.23
C ALA A 222 17.57 -11.01 2.98
N ASN A 223 16.28 -11.32 3.08
CA ASN A 223 15.35 -11.12 1.98
C ASN A 223 14.12 -10.37 2.50
N ASP A 224 13.66 -9.38 1.75
CA ASP A 224 12.52 -8.59 2.18
C ASP A 224 11.23 -8.94 1.44
N GLY A 225 11.20 -10.10 0.78
CA GLY A 225 10.01 -10.50 0.08
C GLY A 225 9.77 -11.99 0.12
N PHE A 226 9.88 -12.58 1.30
CA PHE A 226 9.67 -14.01 1.47
C PHE A 226 8.22 -14.39 1.21
N ILE A 227 7.32 -13.53 1.69
CA ILE A 227 5.89 -13.81 1.59
C ILE A 227 5.13 -12.67 0.90
N SER A 228 5.45 -11.43 1.27
CA SER A 228 4.77 -10.24 0.72
C SER A 228 5.28 -9.85 -0.66
N GLY A 229 4.56 -8.91 -1.30
CA GLY A 229 4.95 -8.42 -2.60
C GLY A 229 3.98 -8.76 -3.72
N ILE A 230 2.70 -8.92 -3.40
CA ILE A 230 1.69 -9.25 -4.41
C ILE A 230 0.55 -8.22 -4.43
N ILE A 231 0.35 -7.56 -5.57
CA ILE A 231 -0.76 -6.62 -5.70
C ILE A 231 -1.68 -6.99 -6.86
N TYR A 232 -2.92 -7.29 -6.54
CA TYR A 232 -3.90 -7.71 -7.53
C TYR A 232 -5.26 -7.04 -7.28
N LEU A 233 -5.93 -6.69 -8.36
CA LEU A 233 -7.21 -6.00 -8.26
C LEU A 233 -8.40 -6.95 -8.44
N TYR A 234 -9.05 -7.23 -7.32
CA TYR A 234 -10.19 -8.14 -7.26
C TYR A 234 -11.52 -7.46 -7.55
N ARG A 235 -12.56 -8.29 -7.71
CA ARG A 235 -13.91 -7.80 -7.99
C ARG A 235 -14.92 -8.54 -7.09
N LYS A 236 -15.88 -7.82 -6.52
CA LYS A 236 -16.85 -8.42 -5.62
C LYS A 236 -17.86 -9.32 -6.34
N GLN A 237 -18.12 -10.46 -5.72
CA GLN A 237 -19.06 -11.46 -6.23
C GLN A 237 -18.53 -12.19 -7.47
N GLU A 238 -17.62 -13.10 -7.19
CA GLU A 238 -17.01 -13.91 -8.24
C GLU A 238 -16.50 -15.28 -7.79
N THR A 239 -16.54 -16.22 -8.73
CA THR A 239 -16.12 -17.60 -8.51
C THR A 239 -14.95 -17.97 -9.41
N VAL A 240 -14.12 -18.89 -8.94
CA VAL A 240 -12.97 -19.36 -9.73
C VAL A 240 -12.97 -20.89 -9.79
N GLY A 1 16.57 7.04 12.67
CA GLY A 1 16.57 5.59 12.35
C GLY A 1 16.66 4.73 13.60
N ALA A 2 17.10 3.49 13.43
CA ALA A 2 17.24 2.57 14.55
C ALA A 2 15.90 2.32 15.23
N MET A 3 14.81 2.45 14.47
CA MET A 3 13.48 2.24 15.01
C MET A 3 13.30 0.78 15.44
N ALA A 4 13.84 -0.13 14.62
CA ALA A 4 13.78 -1.56 14.91
C ALA A 4 14.70 -1.90 16.08
N GLN A 5 15.87 -1.27 16.08
CA GLN A 5 16.86 -1.50 17.13
C GLN A 5 16.30 -1.13 18.49
N GLU A 6 15.69 0.04 18.59
CA GLU A 6 15.10 0.51 19.84
C GLU A 6 13.68 1.00 19.62
N GLU A 7 12.80 0.69 20.56
CA GLU A 7 11.40 1.10 20.48
C GLU A 7 11.28 2.61 20.59
N ALA A 8 10.38 3.20 19.81
CA ALA A 8 10.17 4.63 19.84
C ALA A 8 9.74 5.10 21.23
N GLY A 9 8.88 4.32 21.87
CA GLY A 9 8.40 4.66 23.20
C GLY A 9 8.13 3.43 24.04
N ARG A 10 7.29 3.57 25.05
CA ARG A 10 6.97 2.45 25.92
C ARG A 10 5.69 1.74 25.46
N LEU A 11 5.81 0.46 25.14
CA LEU A 11 4.67 -0.33 24.69
C LEU A 11 3.64 -0.57 25.80
N PRO A 12 4.09 -0.85 27.04
CA PRO A 12 3.16 -1.13 28.15
C PRO A 12 2.21 0.02 28.45
N GLN A 13 0.96 -0.33 28.75
CA GLN A 13 -0.07 0.64 29.06
C GLN A 13 0.17 1.26 30.43
N VAL A 14 0.12 2.59 30.49
CA VAL A 14 0.35 3.32 31.73
C VAL A 14 -0.86 4.16 32.11
N LEU A 15 -1.07 4.32 33.42
CA LEU A 15 -2.19 5.11 33.93
C LEU A 15 -2.10 6.55 33.44
N ALA A 16 -0.88 7.07 33.41
CA ALA A 16 -0.65 8.42 32.93
C ALA A 16 -0.50 8.44 31.42
N ARG A 17 -1.50 8.99 30.73
CA ARG A 17 -1.49 9.04 29.28
C ARG A 17 -0.28 9.81 28.76
N VAL A 18 0.04 10.90 29.43
CA VAL A 18 1.18 11.72 29.05
C VAL A 18 2.48 10.92 29.12
N GLY A 19 2.60 10.11 30.16
CA GLY A 19 3.80 9.30 30.34
C GLY A 19 4.96 10.07 30.92
N THR A 20 4.89 11.40 30.87
CA THR A 20 5.95 12.24 31.40
C THR A 20 5.37 13.45 32.11
N SER A 21 6.17 14.07 32.97
CA SER A 21 5.74 15.25 33.71
C SER A 21 6.84 16.30 33.74
N HIS A 22 6.45 17.56 33.90
CA HIS A 22 7.41 18.66 33.93
C HIS A 22 8.22 18.68 32.64
N GLY A 23 7.55 18.42 31.53
CA GLY A 23 8.21 18.40 30.24
C GLY A 23 8.91 19.70 29.90
N ILE A 24 10.19 19.80 30.26
CA ILE A 24 10.99 20.98 29.99
C ILE A 24 11.26 21.11 28.49
N THR A 25 11.52 19.97 27.86
CA THR A 25 11.79 19.93 26.42
C THR A 25 10.60 20.49 25.63
N ASP A 26 9.39 20.13 26.08
CA ASP A 26 8.18 20.59 25.42
C ASP A 26 7.42 21.61 26.28
N LEU A 27 8.09 22.15 27.28
CA LEU A 27 7.48 23.13 28.17
C LEU A 27 7.02 24.36 27.40
N ALA A 28 7.83 24.79 26.44
CA ALA A 28 7.52 25.96 25.63
C ALA A 28 6.11 25.90 25.06
N CYS A 29 5.49 27.08 24.94
CA CYS A 29 4.14 27.19 24.41
C CYS A 29 4.16 27.59 22.94
N LYS A 30 5.36 27.76 22.38
CA LYS A 30 5.53 28.17 21.00
C LYS A 30 4.90 27.14 20.05
N LEU A 31 5.07 25.86 20.38
CA LEU A 31 4.51 24.79 19.56
C LEU A 31 3.25 24.20 20.20
N ARG A 32 2.14 24.32 19.49
CA ARG A 32 0.86 23.80 19.97
C ARG A 32 0.32 22.73 19.02
N PHE A 33 1.18 22.21 18.16
CA PHE A 33 0.80 21.19 17.19
C PHE A 33 1.48 19.87 17.48
N TYR A 34 1.00 18.80 16.85
CA TYR A 34 1.57 17.47 17.04
C TYR A 34 3.04 17.46 16.62
N ASP A 35 3.80 16.51 17.16
CA ASP A 35 5.22 16.41 16.85
C ASP A 35 5.45 16.20 15.36
N ASP A 36 6.45 16.90 14.82
CA ASP A 36 6.79 16.81 13.41
C ASP A 36 8.12 16.10 13.21
N TRP A 37 8.57 15.37 14.24
CA TRP A 37 9.84 14.65 14.16
C TRP A 37 9.67 13.19 14.58
N ALA A 38 8.43 12.71 14.62
CA ALA A 38 8.15 11.34 15.03
C ALA A 38 8.47 10.32 13.92
N PRO A 39 7.60 10.14 12.89
CA PRO A 39 7.86 9.18 11.81
C PRO A 39 8.83 9.71 10.76
N GLU A 40 9.72 8.85 10.27
CA GLU A 40 10.68 9.24 9.25
C GLU A 40 10.33 8.56 7.93
N TYR A 41 9.09 8.08 7.82
CA TYR A 41 8.64 7.42 6.60
C TYR A 41 7.62 8.28 5.85
N ASP A 42 7.54 9.56 6.21
CA ASP A 42 6.60 10.46 5.56
C ASP A 42 6.94 10.65 4.08
N GLN A 43 8.23 10.73 3.77
CA GLN A 43 8.66 10.91 2.38
C GLN A 43 9.60 9.78 1.93
N ASP A 44 9.70 8.72 2.73
CA ASP A 44 10.57 7.61 2.40
C ASP A 44 10.21 6.99 1.05
N VAL A 45 11.24 6.56 0.34
CA VAL A 45 11.09 5.96 -0.98
C VAL A 45 10.21 4.71 -0.92
N ALA A 46 10.37 3.92 0.15
CA ALA A 46 9.59 2.70 0.31
C ALA A 46 8.09 2.98 0.33
N ALA A 47 7.68 3.97 1.10
CA ALA A 47 6.26 4.31 1.18
C ALA A 47 5.72 4.69 -0.19
N LEU A 48 6.52 5.43 -0.95
CA LEU A 48 6.13 5.85 -2.28
C LEU A 48 5.89 4.64 -3.19
N LYS A 49 6.76 3.64 -3.07
CA LYS A 49 6.63 2.43 -3.87
C LYS A 49 5.81 1.37 -3.15
N TYR A 50 5.59 0.24 -3.82
CA TYR A 50 4.78 -0.84 -3.26
C TYR A 50 3.32 -0.44 -3.20
N ARG A 51 2.93 0.49 -4.07
CA ARG A 51 1.56 0.97 -4.09
C ARG A 51 1.00 0.99 -5.51
N ALA A 52 -0.15 0.34 -5.70
CA ALA A 52 -0.82 0.28 -7.00
C ALA A 52 -0.76 1.62 -7.73
N PRO A 53 0.20 1.77 -8.67
CA PRO A 53 0.37 2.98 -9.45
C PRO A 53 -0.53 2.98 -10.68
N ARG A 54 -0.18 3.81 -11.66
CA ARG A 54 -0.96 3.89 -12.89
C ARG A 54 -0.98 2.53 -13.58
N LEU A 55 0.09 1.77 -13.39
CA LEU A 55 0.20 0.44 -13.97
C LEU A 55 -0.93 -0.44 -13.45
N ALA A 56 -1.26 -0.31 -12.16
CA ALA A 56 -2.31 -1.10 -11.55
C ALA A 56 -3.68 -0.79 -12.15
N VAL A 57 -4.11 0.46 -12.04
CA VAL A 57 -5.41 0.87 -12.55
C VAL A 57 -5.61 0.45 -14.00
N ASP A 58 -4.53 0.37 -14.76
CA ASP A 58 -4.63 -0.03 -16.16
C ASP A 58 -5.24 -1.42 -16.25
N CYS A 59 -4.76 -2.32 -15.38
CA CYS A 59 -5.26 -3.68 -15.33
C CYS A 59 -6.74 -3.71 -14.98
N LEU A 60 -7.15 -2.85 -14.04
CA LEU A 60 -8.56 -2.81 -13.63
C LEU A 60 -9.43 -2.52 -14.84
N SER A 61 -9.05 -1.48 -15.57
CA SER A 61 -9.77 -1.07 -16.76
C SER A 61 -9.82 -2.21 -17.79
N ARG A 62 -8.80 -3.06 -17.78
CA ARG A 62 -8.73 -4.17 -18.72
C ARG A 62 -9.92 -5.10 -18.55
N ALA A 63 -10.32 -5.34 -17.31
CA ALA A 63 -11.47 -6.19 -17.04
C ALA A 63 -12.75 -5.36 -16.97
N PHE A 64 -12.63 -4.20 -16.32
CA PHE A 64 -13.77 -3.29 -16.17
C PHE A 64 -14.47 -3.05 -17.49
N ARG A 65 -15.47 -3.87 -17.78
CA ARG A 65 -16.21 -3.75 -19.02
C ARG A 65 -17.01 -2.45 -19.05
N GLY A 66 -17.81 -2.22 -18.02
CA GLY A 66 -18.65 -1.02 -17.97
C GLY A 66 -17.89 0.27 -18.20
N SER A 67 -18.38 1.34 -17.59
CA SER A 67 -17.77 2.66 -17.75
C SER A 67 -17.20 3.19 -16.44
N PRO A 68 -15.88 3.41 -16.38
CA PRO A 68 -15.21 3.95 -15.19
C PRO A 68 -15.56 5.42 -14.97
N HIS A 69 -16.30 6.01 -15.90
CA HIS A 69 -16.72 7.40 -15.78
C HIS A 69 -17.97 7.49 -14.91
N ASP A 70 -18.85 6.52 -15.06
CA ASP A 70 -20.09 6.47 -14.29
C ASP A 70 -19.93 5.60 -13.05
N ALA A 71 -18.82 4.87 -12.97
CA ALA A 71 -18.55 4.01 -11.83
C ALA A 71 -18.00 4.83 -10.67
N LEU A 72 -18.09 4.28 -9.46
CA LEU A 72 -17.59 4.98 -8.28
C LEU A 72 -16.42 4.21 -7.64
N ILE A 73 -15.34 4.92 -7.34
CA ILE A 73 -14.15 4.30 -6.75
C ILE A 73 -13.75 5.00 -5.45
N LEU A 74 -13.21 4.26 -4.47
CA LEU A 74 -12.82 4.87 -3.19
C LEU A 74 -11.40 4.53 -2.73
N ASP A 75 -10.51 5.53 -2.83
CA ASP A 75 -9.13 5.41 -2.36
C ASP A 75 -9.09 5.86 -0.90
N VAL A 76 -8.88 4.94 0.04
CA VAL A 76 -8.92 5.33 1.45
C VAL A 76 -7.55 5.56 2.10
N ALA A 77 -7.46 6.71 2.78
CA ALA A 77 -6.28 7.14 3.53
C ALA A 77 -4.97 6.67 2.91
N CYS A 78 -4.95 6.57 1.59
CA CYS A 78 -3.76 6.13 0.89
C CYS A 78 -3.07 7.27 0.18
N GLY A 79 -3.61 8.50 0.29
CA GLY A 79 -3.01 9.62 -0.41
C GLY A 79 -2.80 9.28 -1.86
N THR A 80 -3.81 9.51 -2.68
CA THR A 80 -3.74 9.18 -4.08
C THR A 80 -4.06 10.38 -4.97
N GLY A 81 -3.57 11.55 -4.59
CA GLY A 81 -3.82 12.73 -5.39
C GLY A 81 -3.39 12.51 -6.82
N LEU A 82 -2.18 12.03 -7.01
CA LEU A 82 -1.67 11.74 -8.34
C LEU A 82 -2.54 10.71 -9.03
N VAL A 83 -2.81 9.62 -8.32
CA VAL A 83 -3.59 8.52 -8.86
C VAL A 83 -4.97 8.99 -9.33
N ALA A 84 -5.62 9.86 -8.57
CA ALA A 84 -6.94 10.35 -8.95
C ALA A 84 -6.88 11.07 -10.29
N VAL A 85 -5.74 11.70 -10.60
CA VAL A 85 -5.60 12.39 -11.87
C VAL A 85 -5.55 11.36 -12.99
N GLU A 86 -4.76 10.31 -12.76
CA GLU A 86 -4.59 9.23 -13.71
C GLU A 86 -5.89 8.45 -13.86
N LEU A 87 -6.57 8.25 -12.73
CA LEU A 87 -7.82 7.50 -12.74
C LEU A 87 -8.77 8.11 -13.76
N GLN A 88 -8.96 9.43 -13.71
CA GLN A 88 -9.83 10.11 -14.66
C GLN A 88 -9.32 9.88 -16.08
N ALA A 89 -8.00 9.92 -16.23
CA ALA A 89 -7.36 9.71 -17.53
C ALA A 89 -7.89 8.43 -18.17
N ARG A 90 -7.73 7.31 -17.46
CA ARG A 90 -8.18 6.01 -17.94
C ARG A 90 -9.72 5.93 -17.97
N GLY A 91 -10.37 7.02 -17.56
CA GLY A 91 -11.82 7.08 -17.56
C GLY A 91 -12.44 6.97 -16.18
N PHE A 92 -11.62 6.71 -15.18
CA PHE A 92 -12.11 6.60 -13.81
C PHE A 92 -12.29 8.01 -13.24
N LEU A 93 -13.33 8.70 -13.71
CA LEU A 93 -13.61 10.05 -13.24
C LEU A 93 -14.17 10.10 -11.83
N GLN A 94 -15.05 9.15 -11.51
CA GLN A 94 -15.66 9.15 -10.20
C GLN A 94 -14.82 8.35 -9.21
N VAL A 95 -14.05 9.08 -8.40
CA VAL A 95 -13.21 8.47 -7.40
C VAL A 95 -13.31 9.24 -6.10
N GLN A 96 -13.50 8.51 -5.01
CA GLN A 96 -13.61 9.12 -3.69
C GLN A 96 -12.43 8.67 -2.84
N GLY A 97 -12.17 9.39 -1.77
CA GLY A 97 -11.06 9.02 -0.92
C GLY A 97 -11.21 9.50 0.51
N VAL A 98 -10.18 9.25 1.30
CA VAL A 98 -10.16 9.67 2.69
C VAL A 98 -8.73 9.84 3.17
N ASP A 99 -8.57 10.46 4.33
CA ASP A 99 -7.25 10.70 4.90
C ASP A 99 -7.33 10.94 6.40
N GLY A 100 -6.18 10.86 7.06
CA GLY A 100 -6.13 11.11 8.49
C GLY A 100 -5.24 12.29 8.85
N SER A 101 -4.86 13.05 7.83
CA SER A 101 -4.00 14.22 8.02
C SER A 101 -4.59 15.44 7.30
N PRO A 102 -5.09 16.44 8.04
CA PRO A 102 -5.69 17.63 7.45
C PRO A 102 -4.80 18.27 6.38
N GLU A 103 -3.50 18.30 6.63
CA GLU A 103 -2.56 18.86 5.67
C GLU A 103 -2.51 18.02 4.40
N MET A 104 -2.51 16.71 4.59
CA MET A 104 -2.49 15.77 3.46
C MET A 104 -3.81 15.80 2.71
N LEU A 105 -4.90 15.89 3.47
CA LEU A 105 -6.23 15.93 2.89
C LEU A 105 -6.40 17.12 1.95
N LYS A 106 -5.88 18.26 2.37
CA LYS A 106 -5.95 19.49 1.57
C LYS A 106 -5.26 19.29 0.23
N GLN A 107 -4.13 18.60 0.26
CA GLN A 107 -3.37 18.35 -0.97
C GLN A 107 -4.22 17.58 -1.97
N ALA A 108 -4.83 16.51 -1.51
CA ALA A 108 -5.70 15.69 -2.36
C ALA A 108 -6.96 16.44 -2.76
N ARG A 109 -7.52 17.18 -1.81
CA ARG A 109 -8.73 17.97 -2.03
C ARG A 109 -8.48 19.16 -2.95
N ALA A 110 -7.26 19.69 -2.89
CA ALA A 110 -6.88 20.85 -3.68
C ALA A 110 -7.01 20.61 -5.19
N ARG A 111 -6.64 19.42 -5.64
CA ARG A 111 -6.70 19.09 -7.06
C ARG A 111 -8.13 18.84 -7.54
N GLY A 112 -9.08 18.74 -6.61
CA GLY A 112 -10.47 18.52 -6.97
C GLY A 112 -10.69 17.22 -7.71
N LEU A 113 -9.73 16.31 -7.59
CA LEU A 113 -9.81 15.01 -8.24
C LEU A 113 -10.83 14.11 -7.58
N TYR A 114 -10.86 14.16 -6.25
CA TYR A 114 -11.77 13.33 -5.45
C TYR A 114 -13.21 13.81 -5.47
N HIS A 115 -14.12 12.86 -5.54
CA HIS A 115 -15.55 13.16 -5.53
C HIS A 115 -16.01 13.47 -4.12
N HIS A 116 -15.42 12.79 -3.14
CA HIS A 116 -15.78 12.99 -1.74
C HIS A 116 -14.64 12.56 -0.83
N LEU A 117 -14.09 13.49 -0.07
CA LEU A 117 -13.01 13.18 0.86
C LEU A 117 -13.44 13.40 2.30
N SER A 118 -12.95 12.56 3.20
CA SER A 118 -13.30 12.66 4.61
C SER A 118 -12.09 12.42 5.51
N LEU A 119 -12.19 12.85 6.76
CA LEU A 119 -11.11 12.69 7.72
C LEU A 119 -11.30 11.40 8.51
N CYS A 120 -10.44 10.43 8.27
CA CYS A 120 -10.52 9.16 8.97
C CYS A 120 -9.15 8.50 9.05
N THR A 121 -9.00 7.63 10.03
CA THR A 121 -7.77 6.89 10.23
C THR A 121 -8.13 5.46 10.59
N LEU A 122 -7.95 4.55 9.64
CA LEU A 122 -8.31 3.15 9.82
C LEU A 122 -8.06 2.65 11.24
N GLY A 123 -9.15 2.25 11.88
CA GLY A 123 -9.10 1.78 13.25
C GLY A 123 -9.64 2.80 14.21
N GLN A 124 -9.56 4.06 13.80
CA GLN A 124 -10.06 5.17 14.60
C GLN A 124 -11.58 5.11 14.68
N GLU A 125 -12.21 5.05 13.51
CA GLU A 125 -13.67 4.98 13.41
C GLU A 125 -14.08 4.18 12.17
N PRO A 126 -15.33 3.69 12.11
CA PRO A 126 -15.82 2.92 10.96
C PRO A 126 -15.88 3.78 9.70
N LEU A 127 -15.70 3.17 8.54
CA LEU A 127 -15.71 3.91 7.28
C LEU A 127 -17.02 4.66 7.09
N PRO A 128 -16.93 5.95 6.69
CA PRO A 128 -18.10 6.80 6.46
C PRO A 128 -18.89 6.39 5.22
N ASP A 129 -18.27 5.61 4.35
CA ASP A 129 -18.93 5.16 3.13
C ASP A 129 -19.84 3.96 3.39
N PRO A 130 -21.10 4.03 2.92
CA PRO A 130 -22.09 2.96 3.11
C PRO A 130 -21.76 1.69 2.30
N GLU A 131 -22.35 0.58 2.72
CA GLU A 131 -22.13 -0.71 2.06
C GLU A 131 -22.60 -0.66 0.60
N GLY A 132 -21.81 -1.22 -0.31
CA GLY A 132 -22.16 -1.22 -1.73
C GLY A 132 -22.29 0.18 -2.31
N THR A 133 -21.67 1.15 -1.64
CA THR A 133 -21.71 2.54 -2.08
C THR A 133 -20.89 2.81 -3.33
N PHE A 134 -19.71 2.19 -3.45
CA PHE A 134 -18.85 2.43 -4.60
C PHE A 134 -18.64 1.18 -5.45
N ASP A 135 -18.59 1.37 -6.76
CA ASP A 135 -18.38 0.25 -7.66
C ASP A 135 -17.05 -0.44 -7.39
N ALA A 136 -15.98 0.34 -7.21
CA ALA A 136 -14.67 -0.25 -6.95
C ALA A 136 -13.87 0.57 -5.94
N VAL A 137 -12.98 -0.09 -5.20
CA VAL A 137 -12.16 0.62 -4.22
C VAL A 137 -10.70 0.24 -4.36
N ILE A 138 -9.81 1.22 -4.29
CA ILE A 138 -8.39 0.95 -4.41
C ILE A 138 -7.61 1.41 -3.19
N ILE A 139 -7.08 0.44 -2.45
CA ILE A 139 -6.28 0.70 -1.26
C ILE A 139 -5.17 -0.33 -1.17
N VAL A 140 -3.94 0.11 -1.40
CA VAL A 140 -2.81 -0.79 -1.39
C VAL A 140 -1.71 -0.34 -0.44
N GLY A 141 -1.09 -1.30 0.23
CA GLY A 141 -0.01 -0.98 1.16
C GLY A 141 -0.51 -0.24 2.37
N ALA A 142 -1.79 -0.36 2.65
CA ALA A 142 -2.38 0.31 3.80
C ALA A 142 -2.97 -0.69 4.79
N LEU A 143 -3.38 -1.86 4.29
CA LEU A 143 -3.96 -2.87 5.16
C LEU A 143 -2.98 -3.32 6.23
N SER A 144 -1.72 -3.46 5.86
CA SER A 144 -0.69 -3.89 6.82
C SER A 144 -0.03 -2.70 7.51
N GLU A 145 0.87 -2.99 8.45
CA GLU A 145 1.57 -1.97 9.22
C GLU A 145 0.61 -1.08 10.00
N GLY A 146 -0.45 -1.70 10.53
CA GLY A 146 -1.43 -0.97 11.32
C GLY A 146 -2.03 0.24 10.61
N GLN A 147 -1.70 0.44 9.33
CA GLN A 147 -2.27 1.56 8.60
C GLN A 147 -3.77 1.36 8.44
N VAL A 148 -4.16 0.11 8.17
CA VAL A 148 -5.57 -0.25 8.03
C VAL A 148 -5.84 -1.56 8.78
N PRO A 149 -6.33 -1.46 10.03
CA PRO A 149 -6.59 -2.65 10.85
C PRO A 149 -7.43 -3.71 10.15
N CYS A 150 -6.92 -4.95 10.21
CA CYS A 150 -7.56 -6.09 9.55
C CYS A 150 -9.08 -6.08 9.76
N SER A 151 -9.52 -5.51 10.88
CA SER A 151 -10.94 -5.44 11.18
C SER A 151 -11.66 -4.47 10.24
N ALA A 152 -10.98 -3.38 9.90
CA ALA A 152 -11.54 -2.36 9.02
C ALA A 152 -11.55 -2.78 7.55
N ILE A 153 -10.63 -3.67 7.17
CA ILE A 153 -10.55 -4.12 5.77
C ILE A 153 -11.91 -4.56 5.24
N PRO A 154 -12.61 -5.45 5.97
CA PRO A 154 -13.93 -5.94 5.56
C PRO A 154 -14.92 -4.80 5.31
N GLU A 155 -14.68 -3.67 5.97
CA GLU A 155 -15.54 -2.50 5.78
C GLU A 155 -15.33 -1.91 4.39
N LEU A 156 -14.07 -1.96 3.93
CA LEU A 156 -13.72 -1.44 2.62
C LEU A 156 -14.39 -2.24 1.51
N LEU A 157 -14.32 -3.57 1.64
CA LEU A 157 -14.93 -4.47 0.68
C LEU A 157 -16.45 -4.40 0.79
N ARG A 158 -16.91 -4.23 2.01
CA ARG A 158 -18.35 -4.15 2.28
C ARG A 158 -18.99 -2.99 1.54
N VAL A 159 -18.31 -1.84 1.52
CA VAL A 159 -18.84 -0.68 0.81
C VAL A 159 -18.80 -0.88 -0.70
N THR A 160 -17.94 -1.79 -1.15
CA THR A 160 -17.82 -2.07 -2.57
C THR A 160 -19.00 -2.88 -3.09
N LYS A 161 -19.72 -2.29 -4.04
CA LYS A 161 -20.91 -2.90 -4.64
C LYS A 161 -20.52 -4.17 -5.42
N PRO A 162 -21.38 -5.21 -5.40
CA PRO A 162 -21.11 -6.46 -6.12
C PRO A 162 -20.68 -6.18 -7.54
N GLY A 163 -19.77 -6.99 -8.07
CA GLY A 163 -19.27 -6.74 -9.40
C GLY A 163 -18.27 -5.60 -9.40
N GLY A 164 -17.93 -5.12 -8.20
CA GLY A 164 -16.99 -4.05 -8.04
C GLY A 164 -15.56 -4.51 -8.05
N LEU A 165 -14.61 -3.59 -8.19
CA LEU A 165 -13.20 -3.94 -8.22
C LEU A 165 -12.43 -3.33 -7.05
N VAL A 166 -11.84 -4.18 -6.21
CA VAL A 166 -11.06 -3.68 -5.09
C VAL A 166 -9.57 -3.93 -5.32
N CYS A 167 -8.85 -2.86 -5.64
CA CYS A 167 -7.41 -2.94 -5.91
C CYS A 167 -6.59 -2.77 -4.64
N LEU A 168 -6.17 -3.88 -4.04
CA LEU A 168 -5.40 -3.83 -2.80
C LEU A 168 -4.11 -4.64 -2.84
N THR A 169 -3.20 -4.28 -1.93
CA THR A 169 -1.92 -4.97 -1.78
C THR A 169 -1.71 -5.31 -0.32
N THR A 170 -0.95 -6.36 -0.06
CA THR A 170 -0.66 -6.78 1.29
C THR A 170 0.67 -7.50 1.36
N ARG A 171 1.24 -7.56 2.54
CA ARG A 171 2.52 -8.24 2.72
C ARG A 171 2.45 -9.67 2.21
N THR A 172 3.36 -10.01 1.32
CA THR A 172 3.41 -11.36 0.74
C THR A 172 4.52 -12.17 1.40
N ASN A 173 4.69 -11.95 2.70
CA ASN A 173 5.71 -12.63 3.50
C ASN A 173 7.03 -11.86 3.51
N PRO A 174 7.01 -10.60 3.95
CA PRO A 174 8.23 -9.79 4.03
C PRO A 174 9.27 -10.44 4.95
N SER A 175 8.78 -11.27 5.86
CA SER A 175 9.66 -11.95 6.81
C SER A 175 9.26 -13.42 7.01
N ASN A 176 7.95 -13.70 6.95
CA ASN A 176 7.45 -15.06 7.16
C ASN A 176 6.88 -15.67 5.88
N LEU A 177 7.59 -16.60 5.28
CA LEU A 177 7.12 -17.28 4.06
C LEU A 177 5.70 -17.81 4.23
N PRO A 178 5.42 -18.55 5.32
CA PRO A 178 4.10 -19.11 5.58
C PRO A 178 3.02 -18.03 5.69
N TYR A 179 3.44 -16.83 6.08
CA TYR A 179 2.50 -15.72 6.22
C TYR A 179 1.81 -15.42 4.90
N LYS A 180 2.58 -15.49 3.80
CA LYS A 180 2.05 -15.21 2.46
C LYS A 180 0.92 -16.18 2.11
N GLU A 181 1.18 -17.47 2.30
CA GLU A 181 0.17 -18.49 2.01
C GLU A 181 -1.08 -18.27 2.87
N THR A 182 -0.86 -17.91 4.13
CA THR A 182 -1.96 -17.65 5.05
C THR A 182 -2.84 -16.51 4.53
N LEU A 183 -2.17 -15.49 3.98
CA LEU A 183 -2.87 -14.35 3.42
C LEU A 183 -3.57 -14.77 2.13
N GLU A 184 -2.78 -15.24 1.17
CA GLU A 184 -3.29 -15.65 -0.13
C GLU A 184 -4.34 -16.75 -0.01
N ALA A 185 -4.21 -17.62 0.98
CA ALA A 185 -5.17 -18.70 1.16
C ALA A 185 -6.53 -18.15 1.59
N THR A 186 -6.52 -17.14 2.45
CA THR A 186 -7.74 -16.53 2.93
C THR A 186 -8.55 -15.94 1.78
N LEU A 187 -7.87 -15.31 0.83
CA LEU A 187 -8.54 -14.72 -0.33
C LEU A 187 -9.21 -15.81 -1.14
N ASP A 188 -8.51 -16.94 -1.28
CA ASP A 188 -9.00 -18.05 -2.07
C ASP A 188 -10.32 -18.59 -1.53
N SER A 189 -10.47 -18.68 -0.21
CA SER A 189 -11.73 -19.17 0.37
C SER A 189 -12.87 -18.21 0.04
N LEU A 190 -12.57 -16.92 0.15
CA LEU A 190 -13.56 -15.88 -0.15
C LEU A 190 -13.98 -15.97 -1.61
N GLU A 191 -13.00 -16.25 -2.47
CA GLU A 191 -13.27 -16.41 -3.88
C GLU A 191 -14.16 -17.63 -4.08
N ARG A 192 -13.78 -18.72 -3.44
CA ARG A 192 -14.54 -19.97 -3.51
C ARG A 192 -15.95 -19.76 -3.00
N ALA A 193 -16.08 -18.98 -1.92
CA ALA A 193 -17.38 -18.69 -1.32
C ALA A 193 -18.25 -17.87 -2.27
N GLY A 194 -17.62 -17.19 -3.23
CA GLY A 194 -18.36 -16.40 -4.19
C GLY A 194 -18.45 -14.93 -3.81
N VAL A 195 -17.81 -14.55 -2.70
CA VAL A 195 -17.85 -13.16 -2.25
C VAL A 195 -17.03 -12.25 -3.18
N TRP A 196 -15.91 -12.75 -3.69
CA TRP A 196 -15.07 -11.97 -4.60
C TRP A 196 -13.98 -12.81 -5.26
N GLU A 197 -13.60 -12.47 -6.49
CA GLU A 197 -12.57 -13.19 -7.23
C GLU A 197 -11.58 -12.23 -7.87
N CYS A 198 -10.39 -12.74 -8.14
CA CYS A 198 -9.37 -11.94 -8.80
C CYS A 198 -9.82 -11.65 -10.22
N LEU A 199 -9.72 -10.39 -10.61
CA LEU A 199 -10.11 -9.98 -11.96
C LEU A 199 -8.88 -9.52 -12.75
N VAL A 200 -7.84 -9.15 -12.00
CA VAL A 200 -6.56 -8.74 -12.57
C VAL A 200 -5.48 -8.87 -11.50
N THR A 201 -4.27 -9.20 -11.90
CA THR A 201 -3.17 -9.34 -10.94
C THR A 201 -1.87 -8.81 -11.53
N GLN A 202 -1.08 -8.16 -10.69
CA GLN A 202 0.20 -7.63 -11.11
C GLN A 202 1.32 -8.23 -10.28
N PRO A 203 2.15 -9.09 -10.89
CA PRO A 203 3.25 -9.75 -10.19
C PRO A 203 4.17 -8.77 -9.48
N VAL A 204 4.48 -9.07 -8.22
CA VAL A 204 5.34 -8.21 -7.41
C VAL A 204 6.62 -7.85 -8.16
N ASP A 205 7.04 -6.60 -8.01
CA ASP A 205 8.24 -6.10 -8.68
C ASP A 205 9.50 -6.76 -8.13
N HIS A 206 9.39 -7.42 -6.97
CA HIS A 206 10.53 -8.08 -6.36
C HIS A 206 11.12 -9.14 -7.28
N TRP A 207 10.23 -9.91 -7.92
CA TRP A 207 10.66 -10.97 -8.82
C TRP A 207 11.71 -11.87 -8.16
N GLU A 208 11.63 -11.99 -6.84
CA GLU A 208 12.57 -12.81 -6.09
C GLU A 208 11.84 -13.76 -5.15
N LEU A 209 12.44 -14.93 -4.91
CA LEU A 209 11.85 -15.92 -4.02
C LEU A 209 12.78 -16.23 -2.85
N ALA A 210 12.21 -16.36 -1.66
CA ALA A 210 12.99 -16.65 -0.46
C ALA A 210 13.22 -18.15 -0.30
N THR A 211 12.52 -18.96 -1.09
CA THR A 211 12.65 -20.41 -1.01
C THR A 211 14.09 -20.82 -1.32
N SER A 212 14.69 -20.16 -2.30
CA SER A 212 16.07 -20.44 -2.68
C SER A 212 16.75 -19.19 -3.23
N GLU A 213 17.40 -18.45 -2.35
CA GLU A 213 18.10 -17.23 -2.75
C GLU A 213 19.43 -17.55 -3.40
N GLN A 214 19.88 -16.67 -4.28
CA GLN A 214 21.16 -16.85 -4.97
C GLN A 214 22.32 -16.68 -4.01
N GLU A 215 23.42 -17.37 -4.27
CA GLU A 215 24.60 -17.30 -3.43
C GLU A 215 25.13 -15.86 -3.37
N THR A 216 25.10 -15.18 -4.51
CA THR A 216 25.56 -13.80 -4.58
C THR A 216 24.39 -12.84 -4.39
N GLY A 217 24.70 -11.60 -3.99
CA GLY A 217 23.65 -10.62 -3.79
C GLY A 217 23.96 -9.31 -4.46
N LEU A 218 22.92 -8.65 -4.98
CA LEU A 218 23.08 -7.37 -5.65
C LEU A 218 22.96 -6.21 -4.66
N GLY A 219 23.78 -5.19 -4.84
CA GLY A 219 23.74 -4.04 -3.95
C GLY A 219 24.19 -4.38 -2.55
N THR A 220 23.56 -3.75 -1.57
CA THR A 220 23.89 -3.98 -0.16
C THR A 220 23.06 -5.11 0.44
N CYS A 221 22.19 -5.70 -0.37
CA CYS A 221 21.33 -6.79 0.10
C CYS A 221 20.45 -6.31 1.25
N ALA A 222 19.95 -5.08 1.13
CA ALA A 222 19.08 -4.49 2.13
C ALA A 222 17.82 -5.32 2.32
N ASN A 223 17.31 -5.88 1.24
CA ASN A 223 16.10 -6.69 1.28
C ASN A 223 16.29 -7.89 2.20
N ASP A 224 15.22 -8.25 2.90
CA ASP A 224 15.24 -9.38 3.81
C ASP A 224 15.35 -10.71 3.06
N GLY A 225 14.99 -10.68 1.78
CA GLY A 225 15.04 -11.89 0.98
C GLY A 225 13.69 -12.56 0.90
N PHE A 226 12.68 -11.92 1.46
CA PHE A 226 11.32 -12.44 1.46
C PHE A 226 10.43 -11.59 0.55
N ILE A 227 9.32 -12.18 0.10
CA ILE A 227 8.40 -11.49 -0.80
C ILE A 227 7.56 -10.45 -0.06
N SER A 228 7.33 -9.31 -0.72
CA SER A 228 6.53 -8.24 -0.13
C SER A 228 5.80 -7.43 -1.19
N GLY A 229 4.81 -6.66 -0.76
CA GLY A 229 4.04 -5.82 -1.66
C GLY A 229 3.56 -6.53 -2.92
N ILE A 230 2.28 -6.91 -2.93
CA ILE A 230 1.66 -7.56 -4.07
C ILE A 230 0.39 -6.81 -4.44
N ILE A 231 0.21 -6.50 -5.72
CA ILE A 231 -0.97 -5.72 -6.12
C ILE A 231 -1.87 -6.46 -7.13
N TYR A 232 -3.07 -6.86 -6.66
CA TYR A 232 -4.04 -7.58 -7.50
C TYR A 232 -5.44 -6.98 -7.31
N LEU A 233 -6.21 -6.87 -8.40
CA LEU A 233 -7.55 -6.24 -8.31
C LEU A 233 -8.72 -7.24 -8.43
N TYR A 234 -9.28 -7.59 -7.27
CA TYR A 234 -10.42 -8.53 -7.20
C TYR A 234 -11.73 -7.84 -7.55
N ARG A 235 -12.83 -8.63 -7.61
CA ARG A 235 -14.16 -8.10 -7.89
C ARG A 235 -15.19 -8.80 -7.01
N LYS A 236 -16.16 -8.05 -6.48
CA LYS A 236 -17.18 -8.62 -5.59
C LYS A 236 -18.21 -9.49 -6.34
N GLN A 237 -18.58 -10.60 -5.70
CA GLN A 237 -19.53 -11.57 -6.26
C GLN A 237 -18.90 -12.39 -7.38
N GLU A 238 -17.77 -12.97 -7.01
CA GLU A 238 -17.02 -13.82 -7.92
C GLU A 238 -16.43 -15.06 -7.25
N THR A 239 -16.39 -16.14 -8.03
CA THR A 239 -15.89 -17.41 -7.56
C THR A 239 -14.65 -17.87 -8.32
N VAL A 240 -13.79 -18.62 -7.63
CA VAL A 240 -12.56 -19.13 -8.23
C VAL A 240 -12.85 -20.24 -9.24
N GLY A 1 19.51 9.75 30.77
CA GLY A 1 18.34 9.67 29.85
C GLY A 1 18.32 8.40 29.03
N ALA A 2 19.23 8.31 28.07
CA ALA A 2 19.33 7.13 27.21
C ALA A 2 19.59 5.88 28.02
N MET A 3 20.46 5.99 29.02
CA MET A 3 20.77 4.86 29.90
C MET A 3 19.62 4.59 30.86
N ALA A 4 18.93 5.66 31.23
CA ALA A 4 17.81 5.57 32.15
C ALA A 4 16.77 4.55 31.67
N GLN A 5 16.15 4.82 30.54
CA GLN A 5 15.15 3.92 29.97
C GLN A 5 15.78 2.63 29.45
N GLU A 6 16.94 2.76 28.80
CA GLU A 6 17.63 1.61 28.24
C GLU A 6 18.14 0.67 29.32
N GLU A 7 18.65 1.26 30.41
CA GLU A 7 19.18 0.49 31.54
C GLU A 7 19.86 -0.80 31.09
N ALA A 8 20.60 -0.73 29.99
CA ALA A 8 21.30 -1.90 29.47
C ALA A 8 22.77 -1.86 29.86
N GLY A 9 23.35 -0.67 29.87
CA GLY A 9 24.74 -0.51 30.21
C GLY A 9 25.66 -0.74 29.04
N ARG A 10 26.91 -0.31 29.17
CA ARG A 10 27.88 -0.49 28.09
C ARG A 10 28.79 -1.68 28.36
N LEU A 11 28.78 -2.62 27.42
CA LEU A 11 29.56 -3.85 27.53
C LEU A 11 29.95 -4.42 26.15
N PRO A 12 29.07 -4.33 25.13
CA PRO A 12 29.37 -4.88 23.80
C PRO A 12 30.62 -4.27 23.16
N GLN A 13 31.27 -5.09 22.33
CA GLN A 13 32.48 -4.68 21.63
C GLN A 13 32.18 -4.46 20.15
N VAL A 14 32.67 -3.37 19.59
CA VAL A 14 32.45 -3.06 18.18
C VAL A 14 33.69 -2.44 17.55
N LEU A 15 34.00 -2.85 16.32
CA LEU A 15 35.16 -2.31 15.62
C LEU A 15 34.83 -0.94 15.03
N ALA A 16 33.83 -0.91 14.15
CA ALA A 16 33.40 0.31 13.46
C ALA A 16 33.50 1.56 14.33
N ARG A 17 34.71 2.12 14.42
CA ARG A 17 34.95 3.33 15.20
C ARG A 17 34.31 4.53 14.51
N VAL A 18 34.42 4.56 13.18
CA VAL A 18 33.85 5.65 12.38
C VAL A 18 32.33 5.66 12.47
N GLY A 19 31.72 4.47 12.45
CA GLY A 19 30.28 4.38 12.50
C GLY A 19 29.67 5.18 13.64
N THR A 20 28.56 5.84 13.35
CA THR A 20 27.87 6.65 14.36
C THR A 20 26.54 6.01 14.75
N SER A 21 26.41 4.72 14.50
CA SER A 21 25.19 3.98 14.82
C SER A 21 25.03 3.82 16.33
N HIS A 22 26.11 4.05 17.08
CA HIS A 22 26.08 3.93 18.52
C HIS A 22 25.07 4.90 19.14
N GLY A 23 25.02 6.11 18.58
CA GLY A 23 24.08 7.11 19.08
C GLY A 23 24.62 8.53 18.97
N ILE A 24 24.71 9.02 17.73
CA ILE A 24 25.20 10.37 17.49
C ILE A 24 24.28 11.13 16.55
N THR A 25 24.32 12.46 16.64
CA THR A 25 23.51 13.31 15.77
C THR A 25 24.37 14.37 15.10
N ASP A 26 24.25 14.51 13.78
CA ASP A 26 25.04 15.48 13.05
C ASP A 26 24.50 16.90 13.23
N LEU A 27 25.32 17.75 13.84
CA LEU A 27 24.95 19.14 14.08
C LEU A 27 24.66 19.87 12.76
N ALA A 28 25.47 19.57 11.74
CA ALA A 28 25.31 20.18 10.44
C ALA A 28 24.08 19.63 9.72
N CYS A 29 23.50 20.45 8.83
CA CYS A 29 22.34 20.05 8.08
C CYS A 29 22.63 18.82 7.23
N LYS A 30 23.82 18.79 6.64
CA LYS A 30 24.24 17.68 5.79
C LYS A 30 23.45 17.65 4.49
N LEU A 31 24.04 18.22 3.44
CA LEU A 31 23.40 18.26 2.13
C LEU A 31 24.02 17.22 1.19
N ARG A 32 23.17 16.57 0.40
CA ARG A 32 23.63 15.55 -0.54
C ARG A 32 23.60 16.09 -1.97
N PHE A 33 24.58 15.66 -2.77
CA PHE A 33 24.67 16.09 -4.16
C PHE A 33 23.50 15.58 -4.98
N TYR A 34 22.99 16.43 -5.86
CA TYR A 34 21.88 16.08 -6.72
C TYR A 34 22.17 16.46 -8.17
N ASP A 35 21.99 15.51 -9.09
CA ASP A 35 22.26 15.76 -10.50
C ASP A 35 21.07 15.32 -11.37
N ASP A 36 20.77 16.13 -12.38
CA ASP A 36 19.68 15.82 -13.31
C ASP A 36 20.19 15.20 -14.60
N TRP A 37 21.51 15.08 -14.72
CA TRP A 37 22.12 14.50 -15.91
C TRP A 37 22.74 13.15 -15.60
N ALA A 38 22.24 12.49 -14.56
CA ALA A 38 22.72 11.19 -14.15
C ALA A 38 21.56 10.25 -13.85
N PRO A 39 20.81 9.84 -14.90
CA PRO A 39 19.65 8.96 -14.73
C PRO A 39 20.03 7.62 -14.09
N GLU A 40 19.21 7.18 -13.15
CA GLU A 40 19.45 5.92 -12.46
C GLU A 40 18.43 4.86 -12.86
N TYR A 41 17.45 5.25 -13.68
CA TYR A 41 16.42 4.33 -14.13
C TYR A 41 16.65 3.87 -15.57
N ASP A 42 17.74 4.31 -16.18
CA ASP A 42 18.04 3.94 -17.56
C ASP A 42 17.94 2.41 -17.72
N GLN A 43 18.85 1.69 -17.06
CA GLN A 43 18.83 0.24 -17.12
C GLN A 43 17.54 -0.31 -16.53
N ASP A 44 17.08 0.31 -15.45
CA ASP A 44 15.86 -0.11 -14.78
C ASP A 44 14.61 0.35 -15.53
N VAL A 45 14.50 -0.06 -16.79
CA VAL A 45 13.35 0.30 -17.61
C VAL A 45 12.06 -0.28 -17.01
N ALA A 46 12.14 -1.51 -16.54
CA ALA A 46 11.00 -2.18 -15.93
C ALA A 46 10.68 -1.56 -14.57
N ALA A 47 11.72 -1.28 -13.80
CA ALA A 47 11.58 -0.73 -12.47
C ALA A 47 10.86 0.62 -12.49
N LEU A 48 11.26 1.50 -13.41
CA LEU A 48 10.63 2.81 -13.52
C LEU A 48 9.14 2.67 -13.84
N LYS A 49 8.83 1.75 -14.75
CA LYS A 49 7.45 1.50 -15.16
C LYS A 49 6.85 0.38 -14.32
N TYR A 50 5.53 0.19 -14.44
CA TYR A 50 4.82 -0.84 -13.68
C TYR A 50 4.55 -0.38 -12.27
N ARG A 51 3.94 0.80 -12.15
CA ARG A 51 3.61 1.37 -10.86
C ARG A 51 2.25 0.86 -10.41
N ALA A 52 2.09 0.63 -9.12
CA ALA A 52 0.83 0.15 -8.57
C ALA A 52 -0.35 0.98 -9.07
N PRO A 53 -0.30 2.32 -8.92
CA PRO A 53 -1.39 3.20 -9.35
C PRO A 53 -1.65 3.15 -10.85
N ARG A 54 -0.58 3.17 -11.64
CA ARG A 54 -0.72 3.12 -13.09
C ARG A 54 -1.19 1.74 -13.54
N LEU A 55 -0.64 0.72 -12.88
CA LEU A 55 -0.97 -0.66 -13.17
C LEU A 55 -2.41 -0.95 -12.78
N ALA A 56 -2.84 -0.41 -11.65
CA ALA A 56 -4.18 -0.61 -11.14
C ALA A 56 -5.22 -0.26 -12.19
N VAL A 57 -5.23 1.01 -12.59
CA VAL A 57 -6.21 1.51 -13.56
C VAL A 57 -6.22 0.70 -14.86
N ASP A 58 -5.06 0.48 -15.45
CA ASP A 58 -5.01 -0.27 -16.70
C ASP A 58 -5.58 -1.67 -16.50
N CYS A 59 -5.06 -2.37 -15.50
CA CYS A 59 -5.51 -3.73 -15.21
C CYS A 59 -6.96 -3.74 -14.74
N LEU A 60 -7.31 -2.77 -13.90
CA LEU A 60 -8.66 -2.65 -13.35
C LEU A 60 -9.68 -2.47 -14.47
N SER A 61 -9.42 -1.54 -15.36
CA SER A 61 -10.33 -1.26 -16.47
C SER A 61 -10.56 -2.50 -17.34
N ARG A 62 -9.49 -3.26 -17.58
CA ARG A 62 -9.60 -4.46 -18.38
C ARG A 62 -10.47 -5.50 -17.67
N ALA A 63 -10.54 -5.40 -16.35
CA ALA A 63 -11.35 -6.31 -15.55
C ALA A 63 -12.63 -5.63 -15.08
N PHE A 64 -12.80 -4.37 -15.47
CA PHE A 64 -13.99 -3.60 -15.09
C PHE A 64 -14.94 -3.47 -16.28
N ARG A 65 -16.09 -4.14 -16.21
CA ARG A 65 -17.07 -4.11 -17.28
C ARG A 65 -18.11 -3.01 -17.05
N GLY A 66 -18.03 -2.35 -15.89
CA GLY A 66 -18.96 -1.30 -15.56
C GLY A 66 -18.60 0.02 -16.22
N SER A 67 -19.31 1.07 -15.83
CA SER A 67 -19.07 2.39 -16.40
C SER A 67 -18.17 3.23 -15.48
N PRO A 68 -16.93 3.51 -15.91
CA PRO A 68 -15.99 4.31 -15.12
C PRO A 68 -16.47 5.75 -14.97
N HIS A 69 -17.47 6.13 -15.76
CA HIS A 69 -18.05 7.47 -15.69
C HIS A 69 -18.90 7.61 -14.44
N ASP A 70 -19.76 6.61 -14.23
CA ASP A 70 -20.65 6.59 -13.07
C ASP A 70 -20.10 5.67 -11.98
N ALA A 71 -18.90 5.13 -12.21
CA ALA A 71 -18.27 4.25 -11.24
C ALA A 71 -17.63 5.06 -10.12
N LEU A 72 -17.75 4.58 -8.89
CA LEU A 72 -17.16 5.25 -7.75
C LEU A 72 -15.94 4.47 -7.25
N ILE A 73 -14.82 5.16 -7.10
CA ILE A 73 -13.58 4.52 -6.65
C ILE A 73 -13.08 5.14 -5.34
N LEU A 74 -12.57 4.30 -4.42
CA LEU A 74 -12.09 4.83 -3.14
C LEU A 74 -10.60 4.62 -2.88
N ASP A 75 -9.84 5.73 -2.96
CA ASP A 75 -8.39 5.71 -2.69
C ASP A 75 -8.12 6.37 -1.33
N VAL A 76 -7.32 5.72 -0.48
CA VAL A 76 -7.06 6.25 0.86
C VAL A 76 -5.57 6.34 1.26
N ALA A 77 -5.32 7.19 2.25
CA ALA A 77 -4.00 7.40 2.85
C ALA A 77 -2.87 7.44 1.82
N CYS A 78 -3.18 7.83 0.61
CA CYS A 78 -2.16 7.92 -0.44
C CYS A 78 -2.14 9.31 -1.07
N GLY A 79 -2.86 10.25 -0.48
CA GLY A 79 -2.90 11.61 -1.02
C GLY A 79 -3.17 11.68 -2.52
N THR A 80 -3.19 10.51 -3.16
CA THR A 80 -3.38 10.32 -4.59
C THR A 80 -4.25 11.36 -5.32
N GLY A 81 -4.13 12.63 -5.00
CA GLY A 81 -4.91 13.62 -5.70
C GLY A 81 -4.57 13.58 -7.17
N LEU A 82 -3.27 13.40 -7.45
CA LEU A 82 -2.80 13.30 -8.83
C LEU A 82 -3.45 12.11 -9.53
N VAL A 83 -3.39 10.95 -8.86
CA VAL A 83 -3.95 9.72 -9.43
C VAL A 83 -5.43 9.88 -9.71
N ALA A 84 -6.14 10.55 -8.80
CA ALA A 84 -7.57 10.79 -9.01
C ALA A 84 -7.74 11.53 -10.33
N VAL A 85 -6.75 12.33 -10.68
CA VAL A 85 -6.76 13.09 -11.93
C VAL A 85 -6.63 12.13 -13.10
N GLU A 86 -5.71 11.17 -12.98
CA GLU A 86 -5.52 10.18 -14.02
C GLU A 86 -6.78 9.33 -14.13
N LEU A 87 -7.35 9.01 -12.98
CA LEU A 87 -8.56 8.19 -12.93
C LEU A 87 -9.62 8.80 -13.85
N GLN A 88 -9.76 10.13 -13.80
CA GLN A 88 -10.70 10.82 -14.66
C GLN A 88 -10.35 10.55 -16.13
N ALA A 89 -9.04 10.56 -16.39
CA ALA A 89 -8.54 10.29 -17.74
C ALA A 89 -9.10 8.98 -18.25
N ARG A 90 -8.88 7.90 -17.50
CA ARG A 90 -9.36 6.57 -17.87
C ARG A 90 -10.90 6.48 -17.76
N GLY A 91 -11.55 7.64 -17.60
CA GLY A 91 -12.99 7.70 -17.50
C GLY A 91 -13.50 7.59 -16.07
N PHE A 92 -12.61 7.25 -15.15
CA PHE A 92 -12.98 7.11 -13.75
C PHE A 92 -13.18 8.50 -13.14
N LEU A 93 -14.31 9.12 -13.45
CA LEU A 93 -14.64 10.45 -12.95
C LEU A 93 -14.94 10.45 -11.46
N GLN A 94 -15.71 9.47 -11.01
CA GLN A 94 -16.11 9.41 -9.62
C GLN A 94 -15.12 8.64 -8.76
N VAL A 95 -14.26 9.37 -8.07
CA VAL A 95 -13.30 8.76 -7.18
C VAL A 95 -13.35 9.41 -5.81
N GLN A 96 -13.66 8.62 -4.80
CA GLN A 96 -13.72 9.12 -3.44
C GLN A 96 -12.49 8.65 -2.69
N GLY A 97 -12.11 9.36 -1.64
CA GLY A 97 -10.92 8.98 -0.92
C GLY A 97 -10.94 9.44 0.51
N VAL A 98 -9.87 9.13 1.23
CA VAL A 98 -9.75 9.54 2.62
C VAL A 98 -8.28 9.76 2.98
N ASP A 99 -8.05 10.56 3.99
CA ASP A 99 -6.69 10.86 4.43
C ASP A 99 -6.59 11.02 5.93
N GLY A 100 -5.39 10.83 6.46
CA GLY A 100 -5.17 10.98 7.89
C GLY A 100 -4.32 12.19 8.21
N SER A 101 -4.10 13.04 7.21
CA SER A 101 -3.31 14.25 7.38
C SER A 101 -4.00 15.46 6.74
N PRO A 102 -4.32 16.50 7.53
CA PRO A 102 -4.99 17.69 7.02
C PRO A 102 -4.30 18.26 5.79
N GLU A 103 -2.97 18.25 5.80
CA GLU A 103 -2.19 18.75 4.67
C GLU A 103 -2.40 17.88 3.44
N MET A 104 -2.46 16.57 3.67
CA MET A 104 -2.67 15.62 2.58
C MET A 104 -4.10 15.72 2.05
N LEU A 105 -5.04 15.90 2.96
CA LEU A 105 -6.45 16.02 2.60
C LEU A 105 -6.66 17.22 1.67
N LYS A 106 -6.04 18.33 2.02
CA LYS A 106 -6.13 19.56 1.22
C LYS A 106 -5.60 19.31 -0.19
N GLN A 107 -4.55 18.51 -0.28
CA GLN A 107 -3.94 18.22 -1.57
C GLN A 107 -4.95 17.55 -2.51
N ALA A 108 -5.62 16.52 -2.03
CA ALA A 108 -6.61 15.82 -2.84
C ALA A 108 -7.83 16.69 -3.12
N ARG A 109 -8.22 17.50 -2.13
CA ARG A 109 -9.37 18.39 -2.30
C ARG A 109 -9.05 19.44 -3.37
N ALA A 110 -7.82 19.93 -3.35
CA ALA A 110 -7.36 20.93 -4.30
C ALA A 110 -7.58 20.42 -5.72
N ARG A 111 -7.34 19.14 -5.90
CA ARG A 111 -7.51 18.48 -7.19
C ARG A 111 -8.93 18.58 -7.71
N GLY A 112 -9.91 18.47 -6.81
CA GLY A 112 -11.30 18.51 -7.24
C GLY A 112 -11.64 17.26 -8.04
N LEU A 113 -10.75 16.27 -7.96
CA LEU A 113 -10.92 15.01 -8.68
C LEU A 113 -11.71 14.02 -7.84
N TYR A 114 -11.47 14.02 -6.54
CA TYR A 114 -12.17 13.11 -5.66
C TYR A 114 -13.59 13.60 -5.40
N HIS A 115 -14.53 12.65 -5.35
CA HIS A 115 -15.92 12.97 -5.10
C HIS A 115 -16.11 13.46 -3.66
N HIS A 116 -15.40 12.82 -2.74
CA HIS A 116 -15.48 13.19 -1.33
C HIS A 116 -14.26 12.70 -0.57
N LEU A 117 -13.89 13.43 0.47
CA LEU A 117 -12.74 13.08 1.29
C LEU A 117 -13.06 13.24 2.77
N SER A 118 -12.41 12.44 3.61
CA SER A 118 -12.63 12.50 5.04
C SER A 118 -11.36 12.18 5.82
N LEU A 119 -11.33 12.58 7.09
CA LEU A 119 -10.19 12.31 7.94
C LEU A 119 -10.38 11.02 8.69
N CYS A 120 -9.59 10.01 8.34
CA CYS A 120 -9.69 8.72 8.99
C CYS A 120 -8.36 7.98 8.97
N THR A 121 -8.18 7.09 9.93
CA THR A 121 -6.99 6.27 10.03
C THR A 121 -7.41 4.86 10.34
N LEU A 122 -7.38 4.01 9.32
CA LEU A 122 -7.81 2.62 9.42
C LEU A 122 -7.57 2.02 10.80
N GLY A 123 -8.67 1.65 11.43
CA GLY A 123 -8.63 1.07 12.76
C GLY A 123 -9.11 2.07 13.80
N GLN A 124 -9.03 3.35 13.46
CA GLN A 124 -9.47 4.43 14.34
C GLN A 124 -10.98 4.41 14.46
N GLU A 125 -11.65 4.51 13.31
CA GLU A 125 -13.11 4.49 13.24
C GLU A 125 -13.58 3.76 12.00
N PRO A 126 -14.84 3.32 11.97
CA PRO A 126 -15.39 2.61 10.80
C PRO A 126 -15.45 3.53 9.59
N LEU A 127 -15.32 2.96 8.39
CA LEU A 127 -15.33 3.76 7.17
C LEU A 127 -16.59 4.61 7.08
N PRO A 128 -16.45 5.90 6.72
CA PRO A 128 -17.57 6.81 6.57
C PRO A 128 -18.37 6.52 5.30
N ASP A 129 -17.79 5.68 4.45
CA ASP A 129 -18.40 5.32 3.18
C ASP A 129 -19.45 4.22 3.36
N PRO A 130 -20.65 4.39 2.77
CA PRO A 130 -21.74 3.41 2.87
C PRO A 130 -21.44 2.16 2.07
N GLU A 131 -22.13 1.06 2.40
CA GLU A 131 -21.93 -0.20 1.71
C GLU A 131 -22.45 -0.12 0.28
N GLY A 132 -21.76 -0.80 -0.64
CA GLY A 132 -22.17 -0.79 -2.04
C GLY A 132 -22.12 0.61 -2.62
N THR A 133 -21.30 1.47 -2.01
CA THR A 133 -21.16 2.84 -2.46
C THR A 133 -20.20 2.96 -3.65
N PHE A 134 -19.02 2.36 -3.54
CA PHE A 134 -18.03 2.46 -4.60
C PHE A 134 -17.95 1.21 -5.47
N ASP A 135 -18.00 1.41 -6.79
CA ASP A 135 -17.91 0.28 -7.71
C ASP A 135 -16.57 -0.41 -7.55
N ALA A 136 -15.51 0.37 -7.45
CA ALA A 136 -14.16 -0.17 -7.30
C ALA A 136 -13.32 0.69 -6.36
N VAL A 137 -12.23 0.12 -5.85
CA VAL A 137 -11.35 0.86 -4.94
C VAL A 137 -9.88 0.55 -5.24
N ILE A 138 -9.03 1.56 -5.18
CA ILE A 138 -7.61 1.37 -5.45
C ILE A 138 -6.70 2.05 -4.44
N ILE A 139 -5.97 1.24 -3.68
CA ILE A 139 -5.04 1.75 -2.67
C ILE A 139 -3.94 0.73 -2.42
N VAL A 140 -2.68 1.13 -2.62
CA VAL A 140 -1.57 0.23 -2.43
C VAL A 140 -0.66 0.65 -1.28
N GLY A 141 -0.32 -0.32 -0.44
CA GLY A 141 0.55 -0.05 0.70
C GLY A 141 -0.22 0.35 1.95
N ALA A 142 -1.52 0.59 1.79
CA ALA A 142 -2.35 0.98 2.91
C ALA A 142 -2.43 -0.10 3.97
N LEU A 143 -2.84 -1.29 3.57
CA LEU A 143 -2.98 -2.40 4.50
C LEU A 143 -1.68 -2.72 5.20
N SER A 144 -1.77 -2.87 6.53
CA SER A 144 -0.61 -3.19 7.35
C SER A 144 -1.07 -3.68 8.73
N GLU A 145 -0.12 -4.08 9.55
CA GLU A 145 -0.44 -4.56 10.89
C GLU A 145 -1.14 -3.48 11.71
N GLY A 146 -0.68 -2.23 11.57
CA GLY A 146 -1.28 -1.14 12.31
C GLY A 146 -1.77 0.01 11.44
N GLN A 147 -1.43 -0.02 10.15
CA GLN A 147 -1.88 1.04 9.24
C GLN A 147 -3.35 0.86 8.91
N VAL A 148 -3.71 -0.39 8.57
CA VAL A 148 -5.09 -0.74 8.23
C VAL A 148 -5.43 -2.11 8.77
N PRO A 149 -5.94 -2.18 10.01
CA PRO A 149 -6.29 -3.44 10.65
C PRO A 149 -7.19 -4.32 9.79
N CYS A 150 -6.75 -5.57 9.60
CA CYS A 150 -7.48 -6.55 8.78
C CYS A 150 -9.00 -6.47 8.99
N SER A 151 -9.42 -5.94 10.14
CA SER A 151 -10.84 -5.81 10.44
C SER A 151 -11.49 -4.74 9.56
N ALA A 152 -10.75 -3.67 9.29
CA ALA A 152 -11.24 -2.56 8.47
C ALA A 152 -11.31 -2.92 6.98
N ILE A 153 -10.39 -3.76 6.51
CA ILE A 153 -10.36 -4.12 5.09
C ILE A 153 -11.75 -4.51 4.58
N PRO A 154 -12.43 -5.43 5.28
CA PRO A 154 -13.78 -5.87 4.90
C PRO A 154 -14.72 -4.69 4.72
N GLU A 155 -14.46 -3.60 5.43
CA GLU A 155 -15.27 -2.39 5.31
C GLU A 155 -15.04 -1.75 3.95
N LEU A 156 -13.81 -1.86 3.46
CA LEU A 156 -13.45 -1.31 2.15
C LEU A 156 -14.13 -2.10 1.03
N LEU A 157 -14.02 -3.42 1.13
CA LEU A 157 -14.63 -4.32 0.15
C LEU A 157 -16.15 -4.33 0.30
N ARG A 158 -16.60 -4.30 1.55
CA ARG A 158 -18.02 -4.32 1.86
C ARG A 158 -18.73 -3.14 1.23
N VAL A 159 -18.10 -1.97 1.31
CA VAL A 159 -18.68 -0.77 0.73
C VAL A 159 -18.61 -0.80 -0.79
N THR A 160 -17.71 -1.63 -1.32
CA THR A 160 -17.56 -1.76 -2.76
C THR A 160 -18.73 -2.54 -3.37
N LYS A 161 -19.33 -1.97 -4.40
CA LYS A 161 -20.47 -2.61 -5.08
C LYS A 161 -20.08 -3.96 -5.69
N PRO A 162 -20.99 -4.96 -5.64
CA PRO A 162 -20.71 -6.28 -6.22
C PRO A 162 -20.30 -6.12 -7.68
N GLY A 163 -19.47 -7.02 -8.19
CA GLY A 163 -19.01 -6.88 -9.56
C GLY A 163 -17.96 -5.78 -9.66
N GLY A 164 -17.65 -5.18 -8.51
CA GLY A 164 -16.67 -4.11 -8.45
C GLY A 164 -15.25 -4.63 -8.47
N LEU A 165 -14.27 -3.72 -8.50
CA LEU A 165 -12.87 -4.13 -8.52
C LEU A 165 -12.07 -3.45 -7.40
N VAL A 166 -11.47 -4.24 -6.53
CA VAL A 166 -10.66 -3.69 -5.44
C VAL A 166 -9.19 -3.99 -5.67
N CYS A 167 -8.39 -2.93 -5.81
CA CYS A 167 -6.95 -3.10 -6.06
C CYS A 167 -6.11 -2.59 -4.89
N LEU A 168 -5.66 -3.52 -4.05
CA LEU A 168 -4.86 -3.18 -2.88
C LEU A 168 -3.70 -4.17 -2.67
N THR A 169 -2.61 -3.72 -2.02
CA THR A 169 -1.44 -4.58 -1.80
C THR A 169 -1.45 -5.24 -0.41
N THR A 170 -1.09 -6.52 -0.38
CA THR A 170 -1.02 -7.28 0.89
C THR A 170 -0.75 -8.75 0.63
N ARG A 171 -0.58 -9.48 1.72
CA ARG A 171 -0.38 -10.92 1.66
C ARG A 171 0.84 -11.28 0.81
N THR A 172 1.89 -10.50 0.96
CA THR A 172 3.13 -10.75 0.22
C THR A 172 4.19 -11.30 1.15
N ASN A 173 3.75 -12.08 2.12
CA ASN A 173 4.63 -12.67 3.12
C ASN A 173 4.99 -11.65 4.20
N PRO A 174 4.02 -10.85 4.68
CA PRO A 174 4.25 -9.86 5.72
C PRO A 174 4.79 -10.49 7.01
N SER A 175 4.39 -11.73 7.25
CA SER A 175 4.83 -12.45 8.44
C SER A 175 4.71 -13.96 8.24
N ASN A 176 5.57 -14.71 8.93
CA ASN A 176 5.56 -16.17 8.84
C ASN A 176 5.44 -16.64 7.39
N LEU A 177 6.58 -16.94 6.77
CA LEU A 177 6.58 -17.41 5.40
C LEU A 177 5.60 -18.56 5.20
N PRO A 178 5.65 -19.60 6.06
CA PRO A 178 4.71 -20.72 5.95
C PRO A 178 3.28 -20.24 6.09
N TYR A 179 3.11 -19.16 6.86
CA TYR A 179 1.79 -18.58 7.08
C TYR A 179 1.19 -18.04 5.77
N LYS A 180 2.03 -17.84 4.76
CA LYS A 180 1.55 -17.33 3.49
C LYS A 180 0.51 -18.27 2.89
N GLU A 181 0.73 -19.58 3.04
CA GLU A 181 -0.24 -20.54 2.52
C GLU A 181 -1.59 -20.30 3.18
N THR A 182 -1.54 -19.82 4.42
CA THR A 182 -2.75 -19.46 5.16
C THR A 182 -3.42 -18.27 4.48
N LEU A 183 -2.58 -17.34 4.04
CA LEU A 183 -3.07 -16.15 3.34
C LEU A 183 -3.73 -16.57 2.04
N GLU A 184 -2.95 -17.25 1.18
CA GLU A 184 -3.45 -17.67 -0.12
C GLU A 184 -4.68 -18.55 0.01
N ALA A 185 -4.70 -19.44 0.99
CA ALA A 185 -5.85 -20.30 1.21
C ALA A 185 -7.10 -19.47 1.51
N THR A 186 -6.93 -18.41 2.29
CA THR A 186 -8.04 -17.54 2.65
C THR A 186 -8.69 -16.92 1.42
N LEU A 187 -7.86 -16.39 0.52
CA LEU A 187 -8.38 -15.79 -0.70
C LEU A 187 -9.15 -16.82 -1.52
N ASP A 188 -8.56 -18.01 -1.62
CA ASP A 188 -9.14 -19.08 -2.40
C ASP A 188 -10.53 -19.44 -1.88
N SER A 189 -10.69 -19.53 -0.56
CA SER A 189 -11.99 -19.85 0.01
C SER A 189 -12.99 -18.76 -0.34
N LEU A 190 -12.53 -17.51 -0.29
CA LEU A 190 -13.37 -16.36 -0.61
C LEU A 190 -13.81 -16.41 -2.06
N GLU A 191 -12.90 -16.81 -2.94
CA GLU A 191 -13.22 -16.91 -4.36
C GLU A 191 -14.21 -18.06 -4.55
N ARG A 192 -13.87 -19.18 -3.94
CA ARG A 192 -14.71 -20.38 -3.99
C ARG A 192 -16.10 -20.09 -3.40
N ALA A 193 -16.12 -19.33 -2.32
CA ALA A 193 -17.36 -18.98 -1.64
C ALA A 193 -18.24 -18.07 -2.51
N GLY A 194 -17.62 -17.44 -3.51
CA GLY A 194 -18.37 -16.58 -4.40
C GLY A 194 -18.34 -15.11 -4.01
N VAL A 195 -17.65 -14.79 -2.92
CA VAL A 195 -17.56 -13.41 -2.44
C VAL A 195 -16.74 -12.51 -3.37
N TRP A 196 -15.64 -13.03 -3.94
CA TRP A 196 -14.79 -12.21 -4.82
C TRP A 196 -13.73 -13.06 -5.54
N GLU A 197 -13.26 -12.59 -6.70
CA GLU A 197 -12.22 -13.31 -7.45
C GLU A 197 -11.13 -12.35 -7.92
N CYS A 198 -9.96 -12.92 -8.21
CA CYS A 198 -8.82 -12.14 -8.67
C CYS A 198 -8.99 -11.72 -10.12
N LEU A 199 -8.48 -10.54 -10.45
CA LEU A 199 -8.55 -10.00 -11.81
C LEU A 199 -7.15 -9.84 -12.40
N VAL A 200 -6.15 -9.81 -11.51
CA VAL A 200 -4.74 -9.67 -11.88
C VAL A 200 -3.91 -9.40 -10.64
N THR A 201 -2.62 -9.64 -10.72
CA THR A 201 -1.74 -9.39 -9.60
C THR A 201 -0.41 -8.81 -10.09
N GLN A 202 -0.16 -7.55 -9.76
CA GLN A 202 1.08 -6.91 -10.18
C GLN A 202 2.19 -7.27 -9.20
N PRO A 203 3.17 -8.09 -9.63
CA PRO A 203 4.27 -8.54 -8.78
C PRO A 203 5.25 -7.44 -8.43
N VAL A 204 5.60 -7.34 -7.16
CA VAL A 204 6.51 -6.32 -6.68
C VAL A 204 7.87 -6.45 -7.36
N ASP A 205 8.36 -5.33 -7.88
CA ASP A 205 9.65 -5.30 -8.57
C ASP A 205 10.80 -5.35 -7.56
N HIS A 206 10.48 -5.11 -6.29
CA HIS A 206 11.49 -5.11 -5.24
C HIS A 206 12.17 -6.47 -5.09
N TRP A 207 11.57 -7.51 -5.66
CA TRP A 207 12.12 -8.85 -5.58
C TRP A 207 11.96 -9.42 -4.17
N GLU A 208 10.78 -9.98 -3.91
CA GLU A 208 10.48 -10.53 -2.60
C GLU A 208 11.45 -11.65 -2.23
N LEU A 209 12.02 -11.56 -1.03
CA LEU A 209 12.96 -12.57 -0.56
C LEU A 209 12.48 -13.16 0.76
N ALA A 210 12.39 -14.49 0.83
CA ALA A 210 11.92 -15.15 2.03
C ALA A 210 13.03 -15.89 2.76
N THR A 211 14.28 -15.58 2.44
CA THR A 211 15.41 -16.23 3.09
C THR A 211 16.40 -15.21 3.62
N SER A 212 16.91 -15.47 4.82
CA SER A 212 17.89 -14.60 5.47
C SER A 212 18.06 -14.99 6.92
N GLU A 213 19.28 -15.37 7.28
CA GLU A 213 19.58 -15.76 8.66
C GLU A 213 20.36 -14.66 9.36
N GLN A 214 20.03 -14.41 10.62
CA GLN A 214 20.69 -13.38 11.39
C GLN A 214 21.74 -13.98 12.32
N GLU A 215 22.88 -13.30 12.42
CA GLU A 215 23.97 -13.75 13.28
C GLU A 215 23.50 -13.84 14.73
N THR A 216 22.71 -12.86 15.13
CA THR A 216 22.18 -12.82 16.49
C THR A 216 20.96 -13.72 16.62
N GLY A 217 20.66 -14.15 17.85
CA GLY A 217 19.53 -15.02 18.08
C GLY A 217 18.21 -14.39 17.65
N LEU A 218 18.05 -13.11 17.95
CA LEU A 218 16.82 -12.39 17.59
C LEU A 218 17.14 -11.06 16.91
N GLY A 219 16.24 -10.63 16.02
CA GLY A 219 16.45 -9.37 15.32
C GLY A 219 15.95 -8.18 16.12
N THR A 220 16.71 -7.09 16.11
CA THR A 220 16.34 -5.90 16.84
C THR A 220 15.04 -5.28 16.32
N CYS A 221 14.88 -5.29 14.99
CA CYS A 221 13.67 -4.73 14.38
C CYS A 221 13.04 -5.73 13.41
N ALA A 222 11.88 -6.25 13.79
CA ALA A 222 11.16 -7.22 12.95
C ALA A 222 12.12 -8.22 12.31
N ASN A 223 11.99 -8.41 10.99
CA ASN A 223 12.86 -9.35 10.28
C ASN A 223 13.09 -8.85 8.85
N ASP A 224 14.16 -9.33 8.23
CA ASP A 224 14.49 -8.93 6.87
C ASP A 224 14.15 -10.01 5.84
N GLY A 225 13.60 -11.13 6.30
CA GLY A 225 13.27 -12.22 5.40
C GLY A 225 11.84 -12.19 4.87
N PHE A 226 11.02 -11.27 5.39
CA PHE A 226 9.63 -11.19 4.94
C PHE A 226 9.35 -9.83 4.31
N ILE A 227 8.44 -9.81 3.33
CA ILE A 227 8.11 -8.59 2.62
C ILE A 227 6.60 -8.34 2.57
N SER A 228 6.21 -7.07 2.41
CA SER A 228 4.80 -6.70 2.34
C SER A 228 4.59 -5.47 1.47
N GLY A 229 3.93 -5.64 0.33
CA GLY A 229 3.68 -4.51 -0.55
C GLY A 229 3.49 -4.92 -2.01
N ILE A 230 2.53 -5.81 -2.29
CA ILE A 230 2.27 -6.26 -3.66
C ILE A 230 0.89 -5.82 -4.11
N ILE A 231 0.85 -5.06 -5.19
CA ILE A 231 -0.41 -4.54 -5.73
C ILE A 231 -1.09 -5.52 -6.65
N TYR A 232 -2.26 -6.03 -6.24
CA TYR A 232 -3.01 -6.98 -7.04
C TYR A 232 -4.49 -6.60 -7.04
N LEU A 233 -5.15 -6.84 -8.16
CA LEU A 233 -6.58 -6.50 -8.30
C LEU A 233 -7.50 -7.62 -7.83
N TYR A 234 -8.79 -7.29 -7.79
CA TYR A 234 -9.84 -8.23 -7.41
C TYR A 234 -11.19 -7.69 -7.84
N ARG A 235 -12.19 -8.57 -7.93
CA ARG A 235 -13.54 -8.15 -8.31
C ARG A 235 -14.55 -8.75 -7.34
N LYS A 236 -15.45 -7.92 -6.80
CA LYS A 236 -16.42 -8.39 -5.83
C LYS A 236 -17.53 -9.26 -6.42
N GLN A 237 -17.85 -10.32 -5.70
CA GLN A 237 -18.90 -11.28 -6.07
C GLN A 237 -18.47 -12.18 -7.21
N GLU A 238 -17.65 -13.15 -6.84
CA GLU A 238 -17.12 -14.12 -7.78
C GLU A 238 -16.95 -15.50 -7.17
N THR A 239 -17.46 -16.51 -7.88
CA THR A 239 -17.38 -17.89 -7.43
C THR A 239 -16.86 -18.80 -8.53
N VAL A 240 -15.63 -19.28 -8.37
CA VAL A 240 -15.03 -20.16 -9.37
C VAL A 240 -15.80 -21.47 -9.48
N GLY A 1 44.58 -5.78 18.76
CA GLY A 1 43.90 -6.41 19.93
C GLY A 1 44.87 -6.72 21.06
N ALA A 2 44.71 -6.03 22.19
CA ALA A 2 45.57 -6.24 23.34
C ALA A 2 44.77 -6.69 24.55
N MET A 3 45.23 -7.76 25.19
CA MET A 3 44.54 -8.31 26.36
C MET A 3 44.38 -7.27 27.45
N ALA A 4 45.22 -6.24 27.45
CA ALA A 4 45.14 -5.20 28.46
C ALA A 4 43.78 -4.53 28.42
N GLN A 5 43.44 -3.94 27.27
CA GLN A 5 42.15 -3.26 27.10
C GLN A 5 40.99 -4.21 27.33
N GLU A 6 41.10 -5.45 26.84
CA GLU A 6 40.05 -6.43 27.02
C GLU A 6 39.87 -6.75 28.50
N GLU A 7 38.62 -6.92 28.93
CA GLU A 7 38.33 -7.20 30.33
C GLU A 7 38.68 -8.65 30.68
N ALA A 8 39.76 -8.82 31.43
CA ALA A 8 40.20 -10.16 31.83
C ALA A 8 39.17 -10.84 32.74
N GLY A 9 38.57 -10.06 33.64
CA GLY A 9 37.58 -10.60 34.54
C GLY A 9 37.09 -9.55 35.52
N ARG A 10 37.96 -9.14 36.44
CA ARG A 10 37.64 -8.12 37.44
C ARG A 10 36.21 -8.28 37.99
N LEU A 11 36.03 -9.32 38.81
CA LEU A 11 34.72 -9.58 39.41
C LEU A 11 34.17 -8.32 40.09
N PRO A 12 34.99 -7.66 40.94
CA PRO A 12 34.60 -6.45 41.65
C PRO A 12 34.57 -5.23 40.75
N GLN A 13 33.91 -4.17 41.22
CA GLN A 13 33.81 -2.94 40.44
C GLN A 13 35.10 -2.12 40.55
N VAL A 14 35.42 -1.39 39.49
CA VAL A 14 36.63 -0.59 39.46
C VAL A 14 36.32 0.89 39.72
N LEU A 15 37.10 1.48 40.60
CA LEU A 15 36.90 2.87 40.99
C LEU A 15 36.94 3.81 39.77
N ALA A 16 37.94 3.63 38.91
CA ALA A 16 38.09 4.48 37.74
C ALA A 16 36.88 4.42 36.80
N ARG A 17 36.44 3.21 36.43
CA ARG A 17 35.31 3.08 35.53
C ARG A 17 34.02 3.59 36.17
N VAL A 18 33.84 3.30 37.45
CA VAL A 18 32.65 3.73 38.18
C VAL A 18 32.61 5.26 38.28
N GLY A 19 33.77 5.86 38.53
CA GLY A 19 33.83 7.31 38.65
C GLY A 19 33.40 8.02 37.38
N THR A 20 32.66 9.11 37.54
CA THR A 20 32.18 9.89 36.40
C THR A 20 33.09 11.08 36.14
N SER A 21 32.99 11.65 34.94
CA SER A 21 33.82 12.80 34.57
C SER A 21 33.02 13.81 33.76
N HIS A 22 33.47 15.07 33.79
CA HIS A 22 32.81 16.14 33.06
C HIS A 22 31.37 16.31 33.53
N GLY A 23 31.15 16.20 34.84
CA GLY A 23 29.81 16.34 35.38
C GLY A 23 29.23 17.72 35.15
N ILE A 24 29.99 18.76 35.50
CA ILE A 24 29.52 20.13 35.32
C ILE A 24 29.47 20.51 33.84
N THR A 25 30.47 20.08 33.09
CA THR A 25 30.52 20.38 31.66
C THR A 25 29.43 19.63 30.92
N ASP A 26 29.34 18.33 31.19
CA ASP A 26 28.34 17.48 30.55
C ASP A 26 26.94 17.77 31.08
N LEU A 27 26.02 18.07 30.16
CA LEU A 27 24.64 18.35 30.53
C LEU A 27 24.02 17.16 31.24
N ALA A 28 24.15 15.98 30.64
CA ALA A 28 23.61 14.76 31.22
C ALA A 28 24.62 14.13 32.17
N CYS A 29 24.26 14.04 33.45
CA CYS A 29 25.12 13.44 34.46
C CYS A 29 24.70 12.00 34.76
N LYS A 30 23.72 11.50 34.02
CA LYS A 30 23.22 10.15 34.22
C LYS A 30 23.81 9.18 33.22
N LEU A 31 24.23 8.01 33.71
CA LEU A 31 24.81 6.98 32.86
C LEU A 31 23.81 6.49 31.83
N ARG A 32 22.56 6.36 32.24
CA ARG A 32 21.50 5.89 31.34
C ARG A 32 20.50 7.01 31.06
N PHE A 33 20.07 7.13 29.81
CA PHE A 33 19.12 8.16 29.42
C PHE A 33 18.26 7.72 28.23
N TYR A 34 17.13 8.39 28.05
CA TYR A 34 16.22 8.07 26.96
C TYR A 34 16.58 8.86 25.70
N ASP A 35 16.30 8.28 24.54
CA ASP A 35 16.61 8.92 23.26
C ASP A 35 15.35 9.44 22.57
N ASP A 36 15.23 10.77 22.50
CA ASP A 36 14.09 11.40 21.84
C ASP A 36 14.45 11.85 20.43
N TRP A 37 15.68 11.56 20.02
CA TRP A 37 16.15 11.93 18.69
C TRP A 37 16.31 10.69 17.80
N ALA A 38 15.72 9.57 18.25
CA ALA A 38 15.79 8.32 17.52
C ALA A 38 14.46 7.97 16.86
N PRO A 39 14.28 8.34 15.59
CA PRO A 39 13.04 8.04 14.86
C PRO A 39 12.91 6.56 14.58
N GLU A 40 11.68 6.07 14.51
CA GLU A 40 11.43 4.66 14.22
C GLU A 40 10.56 4.51 12.97
N TYR A 41 10.32 5.64 12.29
CA TYR A 41 9.52 5.66 11.08
C TYR A 41 10.28 6.34 9.94
N ASP A 42 11.60 6.25 9.99
CA ASP A 42 12.46 6.86 8.97
C ASP A 42 12.17 6.30 7.58
N GLN A 43 11.54 5.14 7.52
CA GLN A 43 11.20 4.53 6.23
C GLN A 43 9.79 4.90 5.81
N ASP A 44 9.29 6.01 6.35
CA ASP A 44 7.94 6.48 6.04
C ASP A 44 7.83 6.95 4.59
N VAL A 45 8.98 7.12 3.92
CA VAL A 45 8.97 7.54 2.53
C VAL A 45 8.21 6.53 1.68
N ALA A 46 8.52 5.26 1.88
CA ALA A 46 7.86 4.18 1.16
C ALA A 46 6.38 4.12 1.53
N ALA A 47 6.10 4.37 2.81
CA ALA A 47 4.73 4.34 3.31
C ALA A 47 3.88 5.37 2.58
N LEU A 48 4.44 6.57 2.40
CA LEU A 48 3.74 7.63 1.70
C LEU A 48 3.40 7.20 0.28
N LYS A 49 4.34 6.50 -0.35
CA LYS A 49 4.17 6.02 -1.72
C LYS A 49 3.21 4.83 -1.75
N TYR A 50 2.60 4.62 -2.90
CA TYR A 50 1.66 3.52 -3.07
C TYR A 50 2.19 2.54 -4.12
N ARG A 51 1.91 1.25 -3.92
CA ARG A 51 2.38 0.23 -4.84
C ARG A 51 1.67 0.31 -6.18
N ALA A 52 0.44 -0.18 -6.28
CA ALA A 52 -0.32 -0.12 -7.54
C ALA A 52 -0.18 1.24 -8.21
N PRO A 53 0.68 1.33 -9.24
CA PRO A 53 0.90 2.55 -9.98
C PRO A 53 0.00 2.64 -11.21
N ARG A 54 0.51 3.23 -12.29
CA ARG A 54 -0.25 3.35 -13.52
C ARG A 54 -0.63 1.97 -14.04
N LEU A 55 0.27 1.02 -13.83
CA LEU A 55 0.06 -0.35 -14.28
C LEU A 55 -1.18 -0.96 -13.64
N ALA A 56 -1.42 -0.69 -12.36
CA ALA A 56 -2.58 -1.24 -11.68
C ALA A 56 -3.88 -0.73 -12.29
N VAL A 57 -4.12 0.58 -12.24
CA VAL A 57 -5.34 1.15 -12.76
C VAL A 57 -5.55 0.83 -14.24
N ASP A 58 -4.47 0.82 -15.01
CA ASP A 58 -4.58 0.50 -16.42
C ASP A 58 -5.15 -0.90 -16.57
N CYS A 59 -4.56 -1.84 -15.84
CA CYS A 59 -5.00 -3.23 -15.87
C CYS A 59 -6.44 -3.35 -15.35
N LEU A 60 -6.74 -2.58 -14.30
CA LEU A 60 -8.08 -2.59 -13.71
C LEU A 60 -9.12 -2.19 -14.74
N SER A 61 -8.85 -1.07 -15.40
CA SER A 61 -9.75 -0.56 -16.42
C SER A 61 -9.85 -1.51 -17.61
N ARG A 62 -8.77 -2.23 -17.90
CA ARG A 62 -8.77 -3.19 -19.01
C ARG A 62 -9.85 -4.26 -18.81
N ALA A 63 -10.04 -4.67 -17.56
CA ALA A 63 -11.04 -5.67 -17.25
C ALA A 63 -12.39 -5.03 -16.97
N PHE A 64 -12.37 -3.91 -16.23
CA PHE A 64 -13.59 -3.19 -15.89
C PHE A 64 -14.52 -3.07 -17.10
N ARG A 65 -15.66 -3.76 -17.06
CA ARG A 65 -16.60 -3.72 -18.16
C ARG A 65 -17.76 -2.77 -17.85
N GLY A 66 -17.75 -2.18 -16.66
CA GLY A 66 -18.80 -1.25 -16.27
C GLY A 66 -18.51 0.14 -16.76
N SER A 67 -19.18 1.13 -16.17
CA SER A 67 -18.97 2.52 -16.57
C SER A 67 -18.10 3.24 -15.55
N PRO A 68 -16.81 3.44 -15.86
CA PRO A 68 -15.88 4.14 -14.97
C PRO A 68 -16.21 5.62 -14.85
N HIS A 69 -17.07 6.11 -15.74
CA HIS A 69 -17.51 7.50 -15.69
C HIS A 69 -18.46 7.69 -14.52
N ASP A 70 -19.38 6.73 -14.40
CA ASP A 70 -20.36 6.74 -13.33
C ASP A 70 -19.95 5.80 -12.20
N ALA A 71 -18.79 5.14 -12.36
CA ALA A 71 -18.29 4.23 -11.34
C ALA A 71 -17.62 5.01 -10.22
N LEU A 72 -17.66 4.46 -9.02
CA LEU A 72 -17.05 5.12 -7.87
C LEU A 72 -15.84 4.33 -7.38
N ILE A 73 -14.72 5.03 -7.18
CA ILE A 73 -13.49 4.40 -6.72
C ILE A 73 -13.02 4.99 -5.39
N LEU A 74 -12.52 4.17 -4.47
CA LEU A 74 -12.10 4.68 -3.16
C LEU A 74 -10.59 4.62 -2.92
N ASP A 75 -9.97 5.81 -2.86
CA ASP A 75 -8.53 5.94 -2.62
C ASP A 75 -8.21 6.17 -1.13
N VAL A 76 -7.13 5.54 -0.68
CA VAL A 76 -6.68 5.59 0.72
C VAL A 76 -6.32 7.00 1.23
N ALA A 77 -5.74 7.01 2.44
CA ALA A 77 -5.30 8.23 3.11
C ALA A 77 -3.82 8.49 2.85
N CYS A 78 -3.27 7.81 1.86
CA CYS A 78 -1.86 7.93 1.53
C CYS A 78 -1.63 8.91 0.39
N GLY A 79 -2.50 9.92 0.31
CA GLY A 79 -2.36 10.92 -0.74
C GLY A 79 -2.36 10.30 -2.13
N THR A 80 -3.52 10.33 -2.76
CA THR A 80 -3.69 9.78 -4.10
C THR A 80 -4.14 10.88 -5.05
N GLY A 81 -3.69 12.11 -4.78
CA GLY A 81 -4.08 13.23 -5.61
C GLY A 81 -3.75 12.97 -7.06
N LEU A 82 -2.54 12.51 -7.31
CA LEU A 82 -2.13 12.20 -8.68
C LEU A 82 -3.04 11.13 -9.27
N VAL A 83 -3.23 10.06 -8.50
CA VAL A 83 -4.04 8.93 -8.95
C VAL A 83 -5.43 9.39 -9.33
N ALA A 84 -6.03 10.28 -8.54
CA ALA A 84 -7.36 10.77 -8.84
C ALA A 84 -7.39 11.47 -10.19
N VAL A 85 -6.26 12.04 -10.60
CA VAL A 85 -6.19 12.74 -11.88
C VAL A 85 -6.17 11.72 -13.02
N GLU A 86 -5.32 10.71 -12.88
CA GLU A 86 -5.21 9.66 -13.89
C GLU A 86 -6.50 8.85 -13.94
N LEU A 87 -7.05 8.59 -12.76
CA LEU A 87 -8.28 7.80 -12.67
C LEU A 87 -9.34 8.40 -13.59
N GLN A 88 -9.50 9.72 -13.53
CA GLN A 88 -10.46 10.40 -14.40
C GLN A 88 -10.08 10.15 -15.86
N ALA A 89 -8.76 10.20 -16.10
CA ALA A 89 -8.23 9.97 -17.44
C ALA A 89 -8.76 8.65 -18.01
N ARG A 90 -8.47 7.55 -17.32
CA ARG A 90 -8.90 6.22 -17.75
C ARG A 90 -10.44 6.05 -17.59
N GLY A 91 -11.14 7.18 -17.48
CA GLY A 91 -12.59 7.15 -17.36
C GLY A 91 -13.08 7.07 -15.93
N PHE A 92 -12.19 6.78 -14.99
CA PHE A 92 -12.56 6.69 -13.58
C PHE A 92 -12.67 8.09 -12.99
N LEU A 93 -13.73 8.79 -13.35
CA LEU A 93 -13.96 10.14 -12.88
C LEU A 93 -14.38 10.22 -11.42
N GLN A 94 -15.24 9.28 -11.01
CA GLN A 94 -15.74 9.30 -9.64
C GLN A 94 -14.85 8.52 -8.69
N VAL A 95 -14.06 9.25 -7.92
CA VAL A 95 -13.18 8.63 -6.96
C VAL A 95 -13.30 9.29 -5.60
N GLN A 96 -13.63 8.52 -4.58
CA GLN A 96 -13.74 9.03 -3.23
C GLN A 96 -12.61 8.46 -2.39
N GLY A 97 -12.15 9.21 -1.40
CA GLY A 97 -11.06 8.72 -0.59
C GLY A 97 -11.23 9.03 0.88
N VAL A 98 -10.29 8.54 1.67
CA VAL A 98 -10.29 8.78 3.09
C VAL A 98 -8.89 9.11 3.55
N ASP A 99 -8.75 10.25 4.19
CA ASP A 99 -7.45 10.72 4.67
C ASP A 99 -7.45 10.92 6.17
N GLY A 100 -6.30 10.74 6.80
CA GLY A 100 -6.18 10.91 8.23
C GLY A 100 -5.21 12.02 8.59
N SER A 101 -4.86 12.84 7.61
CA SER A 101 -3.94 13.95 7.81
C SER A 101 -4.56 15.25 7.29
N PRO A 102 -4.87 16.21 8.17
CA PRO A 102 -5.48 17.47 7.77
C PRO A 102 -4.72 18.13 6.63
N GLU A 103 -3.39 18.07 6.68
CA GLU A 103 -2.55 18.65 5.64
C GLU A 103 -2.68 17.88 4.33
N MET A 104 -2.52 16.55 4.42
CA MET A 104 -2.61 15.68 3.25
C MET A 104 -4.00 15.74 2.63
N LEU A 105 -5.02 15.78 3.48
CA LEU A 105 -6.40 15.82 3.02
C LEU A 105 -6.65 17.05 2.16
N LYS A 106 -6.18 18.19 2.63
CA LYS A 106 -6.33 19.44 1.89
C LYS A 106 -5.67 19.35 0.52
N GLN A 107 -4.50 18.70 0.50
CA GLN A 107 -3.75 18.55 -0.75
C GLN A 107 -4.58 17.79 -1.79
N ALA A 108 -5.19 16.68 -1.39
CA ALA A 108 -6.00 15.90 -2.31
C ALA A 108 -7.30 16.65 -2.63
N ARG A 109 -7.77 17.42 -1.66
CA ARG A 109 -8.97 18.21 -1.84
C ARG A 109 -8.76 19.26 -2.94
N ALA A 110 -7.56 19.82 -2.92
CA ALA A 110 -7.17 20.85 -3.90
C ALA A 110 -7.38 20.35 -5.33
N ARG A 111 -7.17 19.06 -5.51
CA ARG A 111 -7.34 18.42 -6.82
C ARG A 111 -8.75 18.56 -7.36
N GLY A 112 -9.75 18.48 -6.50
CA GLY A 112 -11.13 18.54 -6.97
C GLY A 112 -11.47 17.28 -7.74
N LEU A 113 -10.55 16.32 -7.69
CA LEU A 113 -10.70 15.04 -8.35
C LEU A 113 -11.60 14.11 -7.54
N TYR A 114 -11.47 14.21 -6.22
CA TYR A 114 -12.23 13.38 -5.31
C TYR A 114 -13.68 13.80 -5.22
N HIS A 115 -14.58 12.83 -5.29
CA HIS A 115 -16.00 13.11 -5.16
C HIS A 115 -16.31 13.49 -3.72
N HIS A 116 -15.66 12.79 -2.79
CA HIS A 116 -15.83 13.05 -1.37
C HIS A 116 -14.65 12.51 -0.57
N LEU A 117 -14.23 13.27 0.43
CA LEU A 117 -13.12 12.86 1.29
C LEU A 117 -13.53 12.96 2.74
N SER A 118 -12.95 12.11 3.58
CA SER A 118 -13.28 12.10 5.00
C SER A 118 -12.02 11.88 5.83
N LEU A 119 -12.04 12.40 7.06
CA LEU A 119 -10.91 12.25 7.96
C LEU A 119 -11.01 10.93 8.72
N CYS A 120 -10.17 9.98 8.36
CA CYS A 120 -10.18 8.69 9.01
C CYS A 120 -8.83 7.98 8.90
N THR A 121 -8.60 7.05 9.81
CA THR A 121 -7.38 6.26 9.83
C THR A 121 -7.75 4.81 10.10
N LEU A 122 -7.82 4.05 9.02
CA LEU A 122 -8.23 2.64 9.04
C LEU A 122 -7.83 1.91 10.32
N GLY A 123 -8.86 1.52 11.07
CA GLY A 123 -8.68 0.83 12.33
C GLY A 123 -9.13 1.67 13.50
N GLN A 124 -9.19 2.97 13.29
CA GLN A 124 -9.63 3.91 14.31
C GLN A 124 -11.13 3.73 14.54
N GLU A 125 -11.89 3.88 13.45
CA GLU A 125 -13.34 3.73 13.48
C GLU A 125 -13.80 3.05 12.19
N PRO A 126 -15.06 2.58 12.14
CA PRO A 126 -15.59 1.92 10.93
C PRO A 126 -15.55 2.88 9.76
N LEU A 127 -15.41 2.35 8.55
CA LEU A 127 -15.35 3.21 7.36
C LEU A 127 -16.62 4.03 7.22
N PRO A 128 -16.46 5.34 6.90
CA PRO A 128 -17.60 6.25 6.71
C PRO A 128 -18.41 5.95 5.46
N ASP A 129 -17.83 5.15 4.57
CA ASP A 129 -18.48 4.80 3.32
C ASP A 129 -19.51 3.68 3.50
N PRO A 130 -20.73 3.86 2.97
CA PRO A 130 -21.81 2.86 3.06
C PRO A 130 -21.49 1.61 2.24
N GLU A 131 -22.08 0.48 2.62
CA GLU A 131 -21.86 -0.78 1.90
C GLU A 131 -22.31 -0.66 0.44
N GLY A 132 -21.53 -1.25 -0.48
CA GLY A 132 -21.87 -1.20 -1.89
C GLY A 132 -21.93 0.21 -2.45
N THR A 133 -21.18 1.13 -1.86
CA THR A 133 -21.16 2.51 -2.31
C THR A 133 -20.28 2.72 -3.54
N PHE A 134 -19.05 2.23 -3.48
CA PHE A 134 -18.10 2.43 -4.58
C PHE A 134 -17.97 1.22 -5.47
N ASP A 135 -17.94 1.45 -6.76
CA ASP A 135 -17.79 0.38 -7.73
C ASP A 135 -16.46 -0.33 -7.54
N ALA A 136 -15.40 0.45 -7.36
CA ALA A 136 -14.07 -0.13 -7.18
C ALA A 136 -13.24 0.67 -6.17
N VAL A 137 -12.20 0.05 -5.62
CA VAL A 137 -11.33 0.73 -4.67
C VAL A 137 -9.88 0.35 -4.90
N ILE A 138 -8.99 1.34 -4.79
CA ILE A 138 -7.56 1.10 -4.98
C ILE A 138 -6.75 1.54 -3.76
N ILE A 139 -6.25 0.56 -3.02
CA ILE A 139 -5.50 0.84 -1.80
C ILE A 139 -4.33 -0.13 -1.63
N VAL A 140 -3.11 0.34 -1.87
CA VAL A 140 -1.94 -0.51 -1.76
C VAL A 140 -0.94 0.01 -0.72
N GLY A 141 -0.13 -0.91 -0.19
CA GLY A 141 0.87 -0.54 0.80
C GLY A 141 0.24 -0.28 2.16
N ALA A 142 -1.00 0.17 2.15
CA ALA A 142 -1.73 0.48 3.37
C ALA A 142 -2.09 -0.78 4.16
N LEU A 143 -2.49 -1.84 3.47
CA LEU A 143 -2.87 -3.08 4.14
C LEU A 143 -1.68 -3.70 4.86
N SER A 144 -0.52 -3.65 4.21
CA SER A 144 0.70 -4.20 4.78
C SER A 144 1.15 -3.37 5.97
N GLU A 145 1.06 -2.06 5.80
CA GLU A 145 1.43 -1.12 6.84
C GLU A 145 0.31 -0.99 7.86
N GLY A 146 0.65 -0.50 9.05
CA GLY A 146 -0.35 -0.32 10.09
C GLY A 146 -1.30 0.84 9.78
N GLN A 147 -1.43 1.17 8.50
CA GLN A 147 -2.34 2.23 8.08
C GLN A 147 -3.75 1.68 7.90
N VAL A 148 -3.81 0.47 7.33
CA VAL A 148 -5.08 -0.21 7.09
C VAL A 148 -5.01 -1.65 7.59
N PRO A 149 -5.58 -1.91 8.79
CA PRO A 149 -5.55 -3.24 9.39
C PRO A 149 -6.42 -4.27 8.67
N CYS A 150 -5.94 -5.51 8.68
CA CYS A 150 -6.62 -6.62 8.02
C CYS A 150 -8.10 -6.71 8.38
N SER A 151 -8.44 -6.26 9.59
CA SER A 151 -9.83 -6.29 10.03
C SER A 151 -10.65 -5.25 9.24
N ALA A 152 -10.04 -4.10 9.02
CA ALA A 152 -10.70 -3.01 8.30
C ALA A 152 -10.88 -3.31 6.81
N ILE A 153 -9.96 -4.07 6.22
CA ILE A 153 -10.04 -4.38 4.78
C ILE A 153 -11.44 -4.81 4.37
N PRO A 154 -12.01 -5.81 5.07
CA PRO A 154 -13.36 -6.30 4.78
C PRO A 154 -14.37 -5.15 4.68
N GLU A 155 -14.10 -4.08 5.41
CA GLU A 155 -14.96 -2.90 5.38
C GLU A 155 -14.82 -2.20 4.03
N LEU A 156 -13.61 -2.25 3.47
CA LEU A 156 -13.35 -1.64 2.18
C LEU A 156 -14.05 -2.43 1.07
N LEU A 157 -14.00 -3.75 1.18
CA LEU A 157 -14.65 -4.63 0.22
C LEU A 157 -16.16 -4.55 0.35
N ARG A 158 -16.59 -4.46 1.59
CA ARG A 158 -18.01 -4.40 1.91
C ARG A 158 -18.65 -3.19 1.26
N VAL A 159 -17.95 -2.07 1.26
CA VAL A 159 -18.46 -0.85 0.65
C VAL A 159 -18.42 -0.94 -0.88
N THR A 160 -17.55 -1.80 -1.39
CA THR A 160 -17.45 -1.97 -2.84
C THR A 160 -18.61 -2.81 -3.36
N LYS A 161 -19.29 -2.33 -4.39
CA LYS A 161 -20.45 -3.03 -4.96
C LYS A 161 -20.03 -4.30 -5.69
N PRO A 162 -20.97 -5.24 -5.88
CA PRO A 162 -20.71 -6.50 -6.59
C PRO A 162 -20.28 -6.19 -8.02
N GLY A 163 -19.36 -6.97 -8.57
CA GLY A 163 -18.90 -6.71 -9.92
C GLY A 163 -17.88 -5.58 -9.96
N GLY A 164 -17.51 -5.08 -8.77
CA GLY A 164 -16.55 -4.00 -8.67
C GLY A 164 -15.11 -4.50 -8.70
N LEU A 165 -14.15 -3.58 -8.73
CA LEU A 165 -12.73 -3.98 -8.76
C LEU A 165 -11.94 -3.37 -7.60
N VAL A 166 -11.38 -4.21 -6.75
CA VAL A 166 -10.59 -3.71 -5.62
C VAL A 166 -9.11 -4.01 -5.81
N CYS A 167 -8.32 -2.95 -5.93
CA CYS A 167 -6.87 -3.06 -6.12
C CYS A 167 -6.11 -2.89 -4.81
N LEU A 168 -5.85 -3.98 -4.11
CA LEU A 168 -5.15 -3.90 -2.83
C LEU A 168 -3.93 -4.81 -2.75
N THR A 169 -3.03 -4.49 -1.81
CA THR A 169 -1.82 -5.28 -1.61
C THR A 169 -1.75 -5.81 -0.18
N THR A 170 -1.15 -6.97 -0.02
CA THR A 170 -1.00 -7.60 1.28
C THR A 170 0.36 -7.27 1.90
N ARG A 171 0.55 -7.68 3.15
CA ARG A 171 1.81 -7.45 3.85
C ARG A 171 2.99 -7.91 3.01
N THR A 172 4.14 -7.27 3.20
CA THR A 172 5.34 -7.60 2.44
C THR A 172 6.00 -8.87 2.94
N ASN A 173 5.27 -9.63 3.76
CA ASN A 173 5.79 -10.87 4.32
C ASN A 173 7.14 -10.68 4.99
N PRO A 174 7.34 -9.59 5.77
CA PRO A 174 8.60 -9.34 6.46
C PRO A 174 8.91 -10.45 7.45
N SER A 175 7.86 -10.89 8.15
CA SER A 175 7.97 -11.96 9.14
C SER A 175 6.66 -12.74 9.23
N ASN A 176 5.83 -12.65 8.19
CA ASN A 176 4.54 -13.33 8.17
C ASN A 176 4.45 -14.29 6.97
N LEU A 177 5.57 -14.87 6.59
CA LEU A 177 5.60 -15.80 5.46
C LEU A 177 4.51 -16.87 5.57
N PRO A 178 4.44 -17.56 6.73
CA PRO A 178 3.43 -18.60 6.95
C PRO A 178 2.01 -18.05 6.85
N TYR A 179 1.88 -16.76 7.18
CA TYR A 179 0.59 -16.09 7.17
C TYR A 179 0.06 -15.88 5.75
N LYS A 180 0.94 -15.91 4.76
CA LYS A 180 0.53 -15.70 3.38
C LYS A 180 -0.48 -16.76 2.96
N GLU A 181 -0.22 -18.01 3.33
CA GLU A 181 -1.14 -19.10 3.01
C GLU A 181 -2.48 -18.82 3.67
N THR A 182 -2.41 -18.29 4.89
CA THR A 182 -3.59 -17.92 5.67
C THR A 182 -4.36 -16.83 4.94
N LEU A 183 -3.60 -15.89 4.37
CA LEU A 183 -4.19 -14.80 3.61
C LEU A 183 -4.79 -15.35 2.32
N GLU A 184 -3.96 -15.96 1.49
CA GLU A 184 -4.39 -16.49 0.22
C GLU A 184 -5.49 -17.54 0.40
N ALA A 185 -5.38 -18.37 1.44
CA ALA A 185 -6.38 -19.39 1.69
C ALA A 185 -7.74 -18.73 1.92
N THR A 186 -7.73 -17.62 2.66
CA THR A 186 -8.95 -16.89 2.94
C THR A 186 -9.58 -16.38 1.64
N LEU A 187 -8.76 -15.78 0.78
CA LEU A 187 -9.23 -15.26 -0.49
C LEU A 187 -9.84 -16.38 -1.34
N ASP A 188 -9.09 -17.47 -1.49
CA ASP A 188 -9.55 -18.59 -2.30
C ASP A 188 -10.85 -19.17 -1.75
N SER A 189 -10.95 -19.28 -0.43
CA SER A 189 -12.17 -19.79 0.18
C SER A 189 -13.33 -18.84 -0.10
N LEU A 190 -13.02 -17.55 -0.02
CA LEU A 190 -14.01 -16.50 -0.29
C LEU A 190 -14.38 -16.49 -1.77
N GLU A 191 -13.37 -16.69 -2.62
CA GLU A 191 -13.61 -16.74 -4.06
C GLU A 191 -14.53 -17.91 -4.36
N ARG A 192 -14.16 -19.06 -3.82
CA ARG A 192 -14.93 -20.28 -4.01
C ARG A 192 -16.34 -20.11 -3.45
N ALA A 193 -16.43 -19.43 -2.30
CA ALA A 193 -17.73 -19.17 -1.68
C ALA A 193 -18.59 -18.26 -2.56
N GLY A 194 -17.95 -17.58 -3.51
CA GLY A 194 -18.68 -16.70 -4.42
C GLY A 194 -18.76 -15.26 -3.97
N VAL A 195 -18.13 -14.93 -2.85
CA VAL A 195 -18.18 -13.56 -2.34
C VAL A 195 -17.38 -12.61 -3.23
N TRP A 196 -16.26 -13.08 -3.79
CA TRP A 196 -15.43 -12.25 -4.68
C TRP A 196 -14.36 -13.10 -5.38
N GLU A 197 -13.95 -12.66 -6.57
CA GLU A 197 -12.95 -13.38 -7.36
C GLU A 197 -11.88 -12.43 -7.90
N CYS A 198 -10.70 -12.99 -8.19
CA CYS A 198 -9.61 -12.22 -8.73
C CYS A 198 -9.91 -11.83 -10.18
N LEU A 199 -9.57 -10.60 -10.54
CA LEU A 199 -9.79 -10.11 -11.88
C LEU A 199 -8.47 -9.93 -12.62
N VAL A 200 -7.38 -9.98 -11.85
CA VAL A 200 -6.02 -9.85 -12.35
C VAL A 200 -5.06 -9.62 -11.18
N THR A 201 -3.79 -9.98 -11.36
CA THR A 201 -2.81 -9.80 -10.30
C THR A 201 -1.55 -9.12 -10.84
N GLN A 202 -1.11 -8.08 -10.12
CA GLN A 202 0.09 -7.36 -10.51
C GLN A 202 1.28 -7.82 -9.66
N PRO A 203 2.20 -8.61 -10.24
CA PRO A 203 3.37 -9.12 -9.53
C PRO A 203 4.34 -8.03 -9.11
N VAL A 204 4.73 -8.05 -7.85
CA VAL A 204 5.63 -7.04 -7.31
C VAL A 204 7.06 -7.22 -7.81
N ASP A 205 7.54 -6.20 -8.51
CA ASP A 205 8.89 -6.20 -9.05
C ASP A 205 9.92 -6.05 -7.94
N HIS A 206 9.47 -5.55 -6.79
CA HIS A 206 10.35 -5.35 -5.64
C HIS A 206 10.99 -6.67 -5.22
N TRP A 207 10.19 -7.73 -5.23
CA TRP A 207 10.67 -9.06 -4.88
C TRP A 207 9.94 -10.13 -5.71
N GLU A 208 10.63 -11.24 -5.97
CA GLU A 208 10.05 -12.33 -6.76
C GLU A 208 9.19 -13.24 -5.90
N LEU A 209 8.09 -13.73 -6.48
CA LEU A 209 7.18 -14.61 -5.77
C LEU A 209 7.89 -15.89 -5.32
N ALA A 210 7.58 -16.36 -4.11
CA ALA A 210 8.19 -17.57 -3.60
C ALA A 210 7.86 -18.77 -4.48
N THR A 211 6.62 -18.83 -4.94
CA THR A 211 6.18 -19.92 -5.80
C THR A 211 7.01 -19.95 -7.09
N SER A 212 7.22 -18.78 -7.67
CA SER A 212 7.99 -18.66 -8.91
C SER A 212 9.42 -19.16 -8.70
N GLU A 213 10.00 -18.84 -7.54
CA GLU A 213 11.36 -19.25 -7.22
C GLU A 213 11.62 -19.22 -5.72
N GLN A 214 12.63 -19.94 -5.28
CA GLN A 214 12.98 -19.99 -3.86
C GLN A 214 14.32 -19.31 -3.60
N GLU A 215 14.41 -18.57 -2.51
CA GLU A 215 15.64 -17.88 -2.14
C GLU A 215 16.13 -18.32 -0.76
N THR A 216 17.40 -18.68 -0.67
CA THR A 216 17.98 -19.12 0.59
C THR A 216 17.99 -17.98 1.61
N GLY A 217 18.29 -16.78 1.14
CA GLY A 217 18.33 -15.63 2.03
C GLY A 217 19.72 -15.35 2.56
N LEU A 218 20.04 -14.07 2.75
CA LEU A 218 21.34 -13.67 3.27
C LEU A 218 21.20 -12.89 4.57
N GLY A 219 22.11 -13.16 5.52
CA GLY A 219 22.07 -12.48 6.80
C GLY A 219 20.74 -12.63 7.52
N THR A 220 20.17 -11.50 7.93
CA THR A 220 18.89 -11.50 8.62
C THR A 220 17.82 -10.77 7.82
N CYS A 221 16.56 -10.96 8.21
CA CYS A 221 15.45 -10.34 7.52
C CYS A 221 15.40 -10.79 6.07
N ALA A 222 15.67 -12.08 5.85
CA ALA A 222 15.65 -12.65 4.52
C ALA A 222 14.22 -12.81 4.00
N ASN A 223 13.26 -12.75 4.91
CA ASN A 223 11.85 -12.91 4.53
C ASN A 223 11.66 -14.26 3.88
N ASP A 224 12.41 -15.24 4.39
CA ASP A 224 12.38 -16.63 3.89
C ASP A 224 12.10 -16.74 2.39
N GLY A 225 12.46 -15.70 1.63
CA GLY A 225 12.28 -15.71 0.18
C GLY A 225 10.83 -15.56 -0.29
N PHE A 226 10.00 -14.84 0.45
CA PHE A 226 8.60 -14.65 0.05
C PHE A 226 8.42 -13.38 -0.78
N ILE A 227 7.16 -13.01 -1.01
CA ILE A 227 6.83 -11.83 -1.80
C ILE A 227 6.43 -10.66 -0.90
N SER A 228 6.48 -9.45 -1.46
CA SER A 228 6.14 -8.26 -0.71
C SER A 228 5.19 -7.34 -1.49
N GLY A 229 4.31 -6.66 -0.75
CA GLY A 229 3.39 -5.70 -1.37
C GLY A 229 2.72 -6.19 -2.64
N ILE A 230 2.20 -7.41 -2.63
CA ILE A 230 1.53 -7.94 -3.81
C ILE A 230 0.23 -7.20 -4.09
N ILE A 231 0.15 -6.51 -5.23
CA ILE A 231 -1.05 -5.79 -5.59
C ILE A 231 -1.86 -6.59 -6.60
N TYR A 232 -3.04 -7.05 -6.21
CA TYR A 232 -3.87 -7.85 -7.09
C TYR A 232 -5.32 -7.34 -7.10
N LEU A 233 -5.94 -7.44 -8.26
CA LEU A 233 -7.32 -6.98 -8.44
C LEU A 233 -8.34 -8.01 -7.95
N TYR A 234 -9.59 -7.56 -7.86
CA TYR A 234 -10.68 -8.43 -7.42
C TYR A 234 -12.04 -7.87 -7.83
N ARG A 235 -13.04 -8.75 -7.86
CA ARG A 235 -14.41 -8.36 -8.19
C ARG A 235 -15.38 -8.97 -7.19
N LYS A 236 -16.28 -8.15 -6.63
CA LYS A 236 -17.23 -8.62 -5.65
C LYS A 236 -18.35 -9.48 -6.25
N GLN A 237 -18.63 -10.58 -5.57
CA GLN A 237 -19.66 -11.55 -5.97
C GLN A 237 -19.19 -12.39 -7.14
N GLU A 238 -18.16 -13.17 -6.83
CA GLU A 238 -17.57 -14.06 -7.82
C GLU A 238 -17.11 -15.39 -7.24
N THR A 239 -17.36 -16.44 -8.00
CA THR A 239 -17.00 -17.80 -7.60
C THR A 239 -15.71 -18.26 -8.28
N VAL A 240 -14.87 -18.96 -7.52
CA VAL A 240 -13.60 -19.47 -8.03
C VAL A 240 -12.94 -18.50 -9.01
N GLY A 1 41.75 -15.17 15.60
CA GLY A 1 41.23 -13.85 16.07
C GLY A 1 41.15 -12.83 14.94
N ALA A 2 41.76 -11.67 15.16
CA ALA A 2 41.75 -10.61 14.16
C ALA A 2 40.33 -10.17 13.84
N MET A 3 39.48 -10.12 14.87
CA MET A 3 38.09 -9.71 14.69
C MET A 3 38.00 -8.25 14.23
N ALA A 4 38.84 -7.39 14.79
CA ALA A 4 38.86 -5.98 14.42
C ALA A 4 39.86 -5.72 13.28
N GLN A 5 40.59 -6.75 12.92
CA GLN A 5 41.56 -6.64 11.83
C GLN A 5 40.87 -6.74 10.47
N GLU A 6 40.11 -7.82 10.29
CA GLU A 6 39.38 -8.04 9.05
C GLU A 6 38.22 -7.05 8.91
N GLU A 7 37.54 -6.79 10.02
CA GLU A 7 36.39 -5.89 10.04
C GLU A 7 36.36 -5.08 11.34
N ALA A 8 35.58 -4.00 11.36
CA ALA A 8 35.48 -3.15 12.55
C ALA A 8 34.97 -3.94 13.76
N GLY A 9 34.00 -4.82 13.52
CA GLY A 9 33.45 -5.63 14.61
C GLY A 9 32.27 -4.98 15.32
N ARG A 10 31.95 -3.74 14.95
CA ARG A 10 30.83 -3.04 15.57
C ARG A 10 29.88 -2.47 14.52
N LEU A 11 28.58 -2.52 14.81
CA LEU A 11 27.57 -2.02 13.88
C LEU A 11 26.76 -0.90 14.52
N PRO A 12 27.43 0.15 15.01
CA PRO A 12 26.76 1.29 15.65
C PRO A 12 25.96 2.14 14.66
N GLN A 13 24.77 2.55 15.07
CA GLN A 13 23.91 3.38 14.23
C GLN A 13 23.45 4.62 14.99
N VAL A 14 24.02 5.76 14.66
CA VAL A 14 23.67 7.02 15.31
C VAL A 14 23.35 8.09 14.28
N LEU A 15 22.29 8.85 14.52
CA LEU A 15 21.85 9.89 13.58
C LEU A 15 22.95 10.91 13.33
N ALA A 16 23.69 11.30 14.37
CA ALA A 16 24.76 12.26 14.21
C ALA A 16 25.94 11.63 13.48
N ARG A 17 26.25 12.15 12.29
CA ARG A 17 27.36 11.63 11.51
C ARG A 17 27.96 12.72 10.61
N VAL A 18 29.19 12.49 10.17
CA VAL A 18 29.88 13.44 9.31
C VAL A 18 29.21 13.47 7.93
N GLY A 19 28.81 12.29 7.45
CA GLY A 19 28.16 12.20 6.16
C GLY A 19 29.12 12.41 5.01
N THR A 20 28.72 13.23 4.05
CA THR A 20 29.56 13.51 2.88
C THR A 20 30.62 14.54 3.21
N SER A 21 31.60 14.69 2.33
CA SER A 21 32.69 15.64 2.54
C SER A 21 32.73 16.67 1.42
N HIS A 22 32.98 17.92 1.79
CA HIS A 22 33.06 19.00 0.82
C HIS A 22 34.41 19.04 0.11
N GLY A 23 35.38 18.28 0.65
CA GLY A 23 36.70 18.25 0.05
C GLY A 23 36.73 17.49 -1.25
N ILE A 24 37.86 17.58 -1.96
CA ILE A 24 38.02 16.90 -3.24
C ILE A 24 37.87 15.40 -3.08
N THR A 25 38.49 14.84 -2.02
CA THR A 25 38.41 13.41 -1.76
C THR A 25 38.44 13.13 -0.27
N ASP A 26 37.67 12.12 0.16
CA ASP A 26 37.60 11.75 1.56
C ASP A 26 37.32 10.26 1.72
N LEU A 27 37.61 9.73 2.91
CA LEU A 27 37.38 8.31 3.18
C LEU A 27 35.91 7.96 3.02
N ALA A 28 35.03 8.87 3.42
CA ALA A 28 33.59 8.66 3.32
C ALA A 28 33.10 8.91 1.90
N CYS A 29 33.88 8.46 0.92
CA CYS A 29 33.52 8.62 -0.48
C CYS A 29 33.10 7.27 -1.06
N LYS A 30 31.86 7.20 -1.55
CA LYS A 30 31.34 5.97 -2.13
C LYS A 30 31.48 5.98 -3.64
N LEU A 31 31.98 4.86 -4.18
CA LEU A 31 32.18 4.72 -5.61
C LEU A 31 30.84 4.61 -6.34
N ARG A 32 29.85 4.06 -5.66
CA ARG A 32 28.53 3.89 -6.24
C ARG A 32 27.92 5.23 -6.64
N PHE A 33 28.12 6.26 -5.82
CA PHE A 33 27.59 7.58 -6.12
C PHE A 33 28.68 8.50 -6.65
N TYR A 34 28.53 8.92 -7.91
CA TYR A 34 29.50 9.80 -8.55
C TYR A 34 29.46 11.20 -7.92
N ASP A 35 28.25 11.68 -7.63
CA ASP A 35 28.08 13.00 -7.03
C ASP A 35 27.13 12.94 -5.83
N ASP A 36 27.42 13.73 -4.81
CA ASP A 36 26.60 13.77 -3.61
C ASP A 36 25.38 14.69 -3.80
N TRP A 37 25.36 15.46 -4.88
CA TRP A 37 24.26 16.37 -5.16
C TRP A 37 23.60 16.06 -6.50
N ALA A 38 23.58 14.80 -6.89
CA ALA A 38 22.98 14.41 -8.15
C ALA A 38 21.96 13.29 -7.94
N PRO A 39 20.74 13.65 -7.51
CA PRO A 39 19.67 12.67 -7.26
C PRO A 39 19.29 11.89 -8.51
N GLU A 40 18.84 10.65 -8.32
CA GLU A 40 18.45 9.79 -9.43
C GLU A 40 16.97 9.96 -9.79
N TYR A 41 16.25 10.83 -9.08
CA TYR A 41 14.83 11.05 -9.36
C TYR A 41 14.65 12.14 -10.41
N ASP A 42 15.74 12.48 -11.11
CA ASP A 42 15.68 13.48 -12.17
C ASP A 42 15.12 12.84 -13.44
N GLN A 43 15.61 11.65 -13.74
CA GLN A 43 15.21 10.90 -14.92
C GLN A 43 13.77 10.38 -14.81
N ASP A 44 13.16 10.55 -13.64
CA ASP A 44 11.79 10.10 -13.43
C ASP A 44 11.69 8.58 -13.64
N VAL A 45 12.69 7.87 -13.14
CA VAL A 45 12.73 6.41 -13.26
C VAL A 45 11.51 5.76 -12.62
N ALA A 46 11.10 6.29 -11.46
CA ALA A 46 9.95 5.74 -10.74
C ALA A 46 8.75 5.56 -11.67
N ALA A 47 8.38 6.62 -12.40
CA ALA A 47 7.24 6.56 -13.30
C ALA A 47 7.39 5.44 -14.32
N LEU A 48 8.59 5.25 -14.84
CA LEU A 48 8.86 4.21 -15.83
C LEU A 48 8.74 2.83 -15.20
N LYS A 49 8.96 2.74 -13.90
CA LYS A 49 8.91 1.47 -13.19
C LYS A 49 7.52 0.84 -13.31
N TYR A 50 6.48 1.69 -13.24
CA TYR A 50 5.09 1.22 -13.32
C TYR A 50 4.67 0.61 -11.97
N ARG A 51 4.68 1.46 -10.95
CA ARG A 51 4.34 1.06 -9.60
C ARG A 51 2.89 0.56 -9.51
N ALA A 52 2.63 -0.19 -8.46
CA ALA A 52 1.32 -0.77 -8.21
C ALA A 52 0.17 0.23 -8.40
N PRO A 53 0.28 1.44 -7.83
CA PRO A 53 -0.77 2.47 -7.94
C PRO A 53 -1.16 2.79 -9.38
N ARG A 54 -0.22 3.38 -10.13
CA ARG A 54 -0.48 3.77 -11.52
C ARG A 54 -0.68 2.55 -12.41
N LEU A 55 0.11 1.52 -12.16
CA LEU A 55 0.02 0.29 -12.94
C LEU A 55 -1.35 -0.36 -12.75
N ALA A 56 -1.84 -0.33 -11.52
CA ALA A 56 -3.12 -0.94 -11.18
C ALA A 56 -4.27 -0.38 -12.02
N VAL A 57 -4.51 0.94 -11.98
CA VAL A 57 -5.62 1.52 -12.72
C VAL A 57 -5.61 1.12 -14.18
N ASP A 58 -4.43 1.14 -14.81
CA ASP A 58 -4.34 0.73 -16.20
C ASP A 58 -4.81 -0.71 -16.35
N CYS A 59 -4.28 -1.56 -15.48
CA CYS A 59 -4.62 -2.97 -15.45
C CYS A 59 -6.09 -3.18 -15.07
N LEU A 60 -6.54 -2.38 -14.11
CA LEU A 60 -7.89 -2.46 -13.59
C LEU A 60 -8.95 -2.28 -14.68
N SER A 61 -8.81 -1.21 -15.46
CA SER A 61 -9.78 -0.91 -16.52
C SER A 61 -9.91 -2.05 -17.52
N ARG A 62 -8.80 -2.71 -17.84
CA ARG A 62 -8.83 -3.82 -18.79
C ARG A 62 -9.72 -4.94 -18.28
N ALA A 63 -9.94 -4.97 -16.97
CA ALA A 63 -10.77 -6.00 -16.36
C ALA A 63 -12.06 -5.40 -15.81
N PHE A 64 -12.20 -4.08 -15.93
CA PHE A 64 -13.38 -3.38 -15.45
C PHE A 64 -14.37 -3.23 -16.60
N ARG A 65 -15.45 -4.01 -16.57
CA ARG A 65 -16.47 -3.96 -17.61
C ARG A 65 -17.50 -2.88 -17.32
N GLY A 66 -17.47 -2.35 -16.10
CA GLY A 66 -18.39 -1.31 -15.71
C GLY A 66 -17.95 0.04 -16.21
N SER A 67 -18.73 1.07 -15.90
CA SER A 67 -18.39 2.41 -16.34
C SER A 67 -17.63 3.18 -15.25
N PRO A 68 -16.33 3.44 -15.48
CA PRO A 68 -15.52 4.18 -14.51
C PRO A 68 -15.95 5.63 -14.41
N HIS A 69 -16.77 6.06 -15.37
CA HIS A 69 -17.31 7.42 -15.36
C HIS A 69 -18.41 7.54 -14.32
N ASP A 70 -19.28 6.54 -14.29
CA ASP A 70 -20.38 6.50 -13.35
C ASP A 70 -20.08 5.57 -12.16
N ALA A 71 -18.87 5.00 -12.15
CA ALA A 71 -18.46 4.11 -11.07
C ALA A 71 -17.81 4.92 -9.96
N LEU A 72 -17.81 4.38 -8.75
CA LEU A 72 -17.21 5.08 -7.61
C LEU A 72 -16.01 4.29 -7.07
N ILE A 73 -14.92 5.00 -6.80
CA ILE A 73 -13.71 4.36 -6.29
C ILE A 73 -13.28 4.99 -4.96
N LEU A 74 -12.72 4.19 -4.04
CA LEU A 74 -12.32 4.73 -2.73
C LEU A 74 -10.81 4.66 -2.45
N ASP A 75 -10.17 5.81 -2.47
CA ASP A 75 -8.73 5.91 -2.22
C ASP A 75 -8.40 6.18 -0.74
N VAL A 76 -7.22 5.72 -0.33
CA VAL A 76 -6.74 5.85 1.05
C VAL A 76 -6.38 7.30 1.43
N ALA A 77 -5.73 7.46 2.60
CA ALA A 77 -5.33 8.77 3.12
C ALA A 77 -3.84 9.02 2.92
N CYS A 78 -3.27 8.43 1.88
CA CYS A 78 -1.85 8.57 1.59
C CYS A 78 -1.59 9.60 0.50
N GLY A 79 -2.48 10.56 0.33
CA GLY A 79 -2.31 11.54 -0.72
C GLY A 79 -2.61 10.91 -2.06
N THR A 80 -3.66 10.11 -2.07
CA THR A 80 -4.11 9.42 -3.26
C THR A 80 -4.73 10.37 -4.27
N GLY A 81 -4.52 11.67 -4.06
CA GLY A 81 -5.06 12.67 -4.97
C GLY A 81 -4.56 12.47 -6.37
N LEU A 82 -3.28 12.12 -6.50
CA LEU A 82 -2.69 11.88 -7.81
C LEU A 82 -3.41 10.76 -8.53
N VAL A 83 -3.59 9.63 -7.83
CA VAL A 83 -4.25 8.48 -8.42
C VAL A 83 -5.63 8.85 -8.93
N ALA A 84 -6.37 9.62 -8.15
CA ALA A 84 -7.70 10.04 -8.54
C ALA A 84 -7.63 10.85 -9.85
N VAL A 85 -6.54 11.58 -10.03
CA VAL A 85 -6.34 12.37 -11.24
C VAL A 85 -6.16 11.45 -12.43
N GLU A 86 -5.32 10.44 -12.25
CA GLU A 86 -5.08 9.46 -13.28
C GLU A 86 -6.35 8.64 -13.50
N LEU A 87 -7.01 8.33 -12.38
CA LEU A 87 -8.24 7.55 -12.44
C LEU A 87 -9.23 8.22 -13.41
N GLN A 88 -9.46 9.52 -13.24
CA GLN A 88 -10.35 10.24 -14.14
C GLN A 88 -9.82 10.15 -15.57
N ALA A 89 -8.51 10.26 -15.69
CA ALA A 89 -7.86 10.17 -16.99
C ALA A 89 -8.34 8.90 -17.70
N ARG A 90 -8.20 7.77 -17.03
CA ARG A 90 -8.62 6.48 -17.58
C ARG A 90 -10.16 6.34 -17.57
N GLY A 91 -10.85 7.42 -17.21
CA GLY A 91 -12.31 7.41 -17.19
C GLY A 91 -12.91 7.28 -15.80
N PHE A 92 -12.07 7.00 -14.81
CA PHE A 92 -12.54 6.87 -13.43
C PHE A 92 -12.71 8.25 -12.82
N LEU A 93 -13.76 8.95 -13.26
CA LEU A 93 -14.05 10.30 -12.79
C LEU A 93 -14.54 10.34 -11.35
N GLN A 94 -15.28 9.33 -10.92
CA GLN A 94 -15.82 9.31 -9.56
C GLN A 94 -14.89 8.58 -8.60
N VAL A 95 -14.12 9.33 -7.82
CA VAL A 95 -13.21 8.74 -6.85
C VAL A 95 -13.35 9.41 -5.48
N GLN A 96 -13.51 8.61 -4.44
CA GLN A 96 -13.64 9.11 -3.07
C GLN A 96 -12.53 8.53 -2.20
N GLY A 97 -12.01 9.31 -1.26
CA GLY A 97 -10.93 8.80 -0.41
C GLY A 97 -10.75 9.60 0.86
N VAL A 98 -10.64 8.91 1.99
CA VAL A 98 -10.51 9.59 3.28
C VAL A 98 -9.06 9.84 3.67
N ASP A 99 -8.69 11.12 3.69
CA ASP A 99 -7.35 11.54 4.08
C ASP A 99 -7.22 11.62 5.60
N GLY A 100 -5.99 11.63 6.09
CA GLY A 100 -5.76 11.69 7.53
C GLY A 100 -5.09 12.96 7.98
N SER A 101 -4.87 13.88 7.05
CA SER A 101 -4.25 15.16 7.36
C SER A 101 -4.96 16.30 6.64
N PRO A 102 -5.46 17.30 7.37
CA PRO A 102 -6.16 18.44 6.77
C PRO A 102 -5.36 19.07 5.65
N GLU A 103 -4.05 19.18 5.84
CA GLU A 103 -3.17 19.75 4.83
C GLU A 103 -3.13 18.86 3.60
N MET A 104 -3.10 17.55 3.83
CA MET A 104 -3.08 16.58 2.75
C MET A 104 -4.44 16.57 2.05
N LEU A 105 -5.48 16.68 2.85
CA LEU A 105 -6.85 16.68 2.34
C LEU A 105 -7.07 17.84 1.39
N LYS A 106 -6.59 19.02 1.77
CA LYS A 106 -6.72 20.20 0.94
C LYS A 106 -6.05 19.98 -0.41
N GLN A 107 -4.88 19.34 -0.38
CA GLN A 107 -4.14 19.05 -1.60
C GLN A 107 -5.00 18.21 -2.54
N ALA A 108 -5.47 17.07 -2.04
CA ALA A 108 -6.31 16.18 -2.82
C ALA A 108 -7.61 16.85 -3.24
N ARG A 109 -8.20 17.62 -2.33
CA ARG A 109 -9.44 18.31 -2.63
C ARG A 109 -9.25 19.26 -3.81
N ALA A 110 -8.20 20.09 -3.71
CA ALA A 110 -7.89 21.06 -4.75
C ALA A 110 -7.87 20.41 -6.13
N ARG A 111 -7.61 19.11 -6.14
CA ARG A 111 -7.57 18.34 -7.38
C ARG A 111 -8.91 18.41 -8.11
N GLY A 112 -9.99 18.33 -7.34
CA GLY A 112 -11.31 18.32 -7.95
C GLY A 112 -11.58 16.97 -8.60
N LEU A 113 -10.69 16.02 -8.30
CA LEU A 113 -10.76 14.68 -8.83
C LEU A 113 -11.62 13.77 -7.97
N TYR A 114 -11.64 14.05 -6.68
CA TYR A 114 -12.40 13.23 -5.74
C TYR A 114 -13.83 13.69 -5.59
N HIS A 115 -14.74 12.73 -5.61
CA HIS A 115 -16.16 13.00 -5.43
C HIS A 115 -16.41 13.55 -4.03
N HIS A 116 -15.67 13.01 -3.06
CA HIS A 116 -15.77 13.44 -1.68
C HIS A 116 -14.58 12.95 -0.87
N LEU A 117 -14.09 13.78 0.04
CA LEU A 117 -12.96 13.42 0.88
C LEU A 117 -13.29 13.66 2.34
N SER A 118 -12.71 12.88 3.23
CA SER A 118 -12.96 13.01 4.66
C SER A 118 -11.74 12.59 5.49
N LEU A 119 -11.84 12.76 6.80
CA LEU A 119 -10.74 12.40 7.69
C LEU A 119 -10.92 11.00 8.27
N CYS A 120 -10.04 10.08 7.87
CA CYS A 120 -10.11 8.70 8.35
C CYS A 120 -8.75 8.02 8.30
N THR A 121 -8.60 6.99 9.12
CA THR A 121 -7.37 6.20 9.17
C THR A 121 -7.74 4.73 9.37
N LEU A 122 -7.52 3.93 8.32
CA LEU A 122 -7.87 2.52 8.33
C LEU A 122 -7.56 1.82 9.65
N GLY A 123 -8.63 1.47 10.35
CA GLY A 123 -8.51 0.81 11.63
C GLY A 123 -8.95 1.68 12.78
N GLN A 124 -8.83 2.99 12.61
CA GLN A 124 -9.22 3.93 13.65
C GLN A 124 -10.69 3.78 13.96
N GLU A 125 -11.50 3.77 12.90
CA GLU A 125 -12.95 3.62 13.02
C GLU A 125 -13.50 2.95 11.78
N PRO A 126 -14.74 2.43 11.84
CA PRO A 126 -15.37 1.77 10.68
C PRO A 126 -15.47 2.74 9.51
N LEU A 127 -15.41 2.21 8.29
CA LEU A 127 -15.45 3.06 7.10
C LEU A 127 -16.73 3.91 7.05
N PRO A 128 -16.58 5.21 6.77
CA PRO A 128 -17.71 6.14 6.66
C PRO A 128 -18.56 5.86 5.43
N ASP A 129 -17.99 5.11 4.49
CA ASP A 129 -18.68 4.77 3.24
C ASP A 129 -19.63 3.58 3.46
N PRO A 130 -20.90 3.72 2.99
CA PRO A 130 -21.91 2.67 3.13
C PRO A 130 -21.63 1.44 2.24
N GLU A 131 -22.27 0.32 2.59
CA GLU A 131 -22.10 -0.92 1.83
C GLU A 131 -22.54 -0.75 0.37
N GLY A 132 -21.76 -1.32 -0.54
CA GLY A 132 -22.09 -1.24 -1.96
C GLY A 132 -22.15 0.19 -2.46
N THR A 133 -21.55 1.11 -1.72
CA THR A 133 -21.53 2.52 -2.08
C THR A 133 -20.60 2.81 -3.26
N PHE A 134 -19.40 2.21 -3.25
CA PHE A 134 -18.43 2.47 -4.31
C PHE A 134 -18.21 1.25 -5.18
N ASP A 135 -18.13 1.48 -6.48
CA ASP A 135 -17.92 0.41 -7.42
C ASP A 135 -16.57 -0.28 -7.20
N ALA A 136 -15.53 0.50 -6.95
CA ALA A 136 -14.20 -0.06 -6.74
C ALA A 136 -13.41 0.72 -5.71
N VAL A 137 -12.30 0.13 -5.24
CA VAL A 137 -11.44 0.77 -4.26
C VAL A 137 -9.98 0.49 -4.61
N ILE A 138 -9.15 1.54 -4.65
CA ILE A 138 -7.74 1.36 -4.99
C ILE A 138 -6.83 1.87 -3.89
N ILE A 139 -6.09 0.95 -3.29
CA ILE A 139 -5.14 1.27 -2.23
C ILE A 139 -3.98 0.28 -2.24
N VAL A 140 -2.80 0.72 -2.63
CA VAL A 140 -1.65 -0.17 -2.69
C VAL A 140 -0.52 0.31 -1.78
N GLY A 141 0.03 -0.62 -1.00
CA GLY A 141 1.11 -0.28 -0.09
C GLY A 141 0.62 0.26 1.24
N ALA A 142 -0.57 0.84 1.24
CA ALA A 142 -1.16 1.38 2.46
C ALA A 142 -1.57 0.25 3.40
N LEU A 143 -2.10 -0.81 2.82
CA LEU A 143 -2.53 -1.97 3.62
C LEU A 143 -1.37 -2.57 4.37
N SER A 144 -1.62 -2.91 5.62
CA SER A 144 -0.60 -3.51 6.48
C SER A 144 -1.25 -4.13 7.71
N GLU A 145 -0.44 -4.79 8.52
CA GLU A 145 -0.95 -5.43 9.73
C GLU A 145 -1.58 -4.40 10.66
N GLY A 146 -0.96 -3.24 10.77
CA GLY A 146 -1.49 -2.20 11.64
C GLY A 146 -1.99 -0.97 10.89
N GLN A 147 -1.53 -0.80 9.65
CA GLN A 147 -1.96 0.34 8.84
C GLN A 147 -3.43 0.18 8.43
N VAL A 148 -3.79 -1.04 8.09
CA VAL A 148 -5.15 -1.37 7.66
C VAL A 148 -5.57 -2.72 8.24
N PRO A 149 -6.17 -2.71 9.45
CA PRO A 149 -6.58 -3.94 10.12
C PRO A 149 -7.40 -4.90 9.26
N CYS A 150 -6.95 -6.15 9.23
CA CYS A 150 -7.59 -7.19 8.43
C CYS A 150 -9.09 -7.25 8.66
N SER A 151 -9.53 -6.89 9.87
CA SER A 151 -10.96 -6.87 10.17
C SER A 151 -11.65 -5.75 9.42
N ALA A 152 -10.93 -4.65 9.27
CA ALA A 152 -11.44 -3.47 8.57
C ALA A 152 -11.57 -3.69 7.07
N ILE A 153 -10.62 -4.42 6.47
CA ILE A 153 -10.64 -4.66 5.02
C ILE A 153 -12.03 -5.08 4.54
N PRO A 154 -12.64 -6.10 5.17
CA PRO A 154 -13.98 -6.57 4.79
C PRO A 154 -14.96 -5.41 4.65
N GLU A 155 -14.77 -4.39 5.46
CA GLU A 155 -15.62 -3.21 5.42
C GLU A 155 -15.37 -2.44 4.13
N LEU A 156 -14.13 -2.47 3.65
CA LEU A 156 -13.78 -1.81 2.41
C LEU A 156 -14.40 -2.54 1.22
N LEU A 157 -14.34 -3.87 1.27
CA LEU A 157 -14.93 -4.70 0.23
C LEU A 157 -16.45 -4.63 0.29
N ARG A 158 -16.96 -4.63 1.51
CA ARG A 158 -18.41 -4.59 1.74
C ARG A 158 -19.01 -3.33 1.11
N VAL A 159 -18.34 -2.20 1.28
CA VAL A 159 -18.83 -0.96 0.70
C VAL A 159 -18.73 -1.02 -0.82
N THR A 160 -17.85 -1.89 -1.32
CA THR A 160 -17.68 -2.07 -2.75
C THR A 160 -18.83 -2.91 -3.30
N LYS A 161 -19.52 -2.40 -4.31
CA LYS A 161 -20.65 -3.10 -4.91
C LYS A 161 -20.17 -4.32 -5.70
N PRO A 162 -21.08 -5.29 -5.96
CA PRO A 162 -20.74 -6.49 -6.73
C PRO A 162 -20.21 -6.07 -8.09
N GLY A 163 -19.30 -6.85 -8.66
CA GLY A 163 -18.71 -6.47 -9.92
C GLY A 163 -17.73 -5.34 -9.73
N GLY A 164 -17.49 -4.97 -8.47
CA GLY A 164 -16.56 -3.90 -8.14
C GLY A 164 -15.12 -4.37 -8.17
N LEU A 165 -14.19 -3.45 -8.23
CA LEU A 165 -12.77 -3.80 -8.28
C LEU A 165 -11.98 -3.22 -7.11
N VAL A 166 -11.35 -4.09 -6.33
CA VAL A 166 -10.56 -3.66 -5.18
C VAL A 166 -9.07 -3.87 -5.40
N CYS A 167 -8.33 -2.78 -5.58
CA CYS A 167 -6.89 -2.85 -5.82
C CYS A 167 -6.10 -2.76 -4.52
N LEU A 168 -5.70 -3.91 -3.99
CA LEU A 168 -4.95 -3.92 -2.73
C LEU A 168 -3.66 -4.72 -2.79
N THR A 169 -2.70 -4.29 -1.96
CA THR A 169 -1.41 -4.96 -1.82
C THR A 169 -1.19 -5.29 -0.35
N THR A 170 -0.35 -6.25 -0.06
CA THR A 170 -0.09 -6.62 1.31
C THR A 170 1.20 -7.40 1.45
N ARG A 171 1.68 -7.52 2.68
CA ARG A 171 2.91 -8.26 2.95
C ARG A 171 2.74 -9.68 2.42
N THR A 172 3.72 -10.15 1.66
CA THR A 172 3.66 -11.48 1.07
C THR A 172 4.64 -12.43 1.74
N ASN A 173 4.83 -12.24 3.05
CA ASN A 173 5.72 -13.10 3.87
C ASN A 173 7.16 -12.62 3.92
N PRO A 174 7.41 -11.29 3.97
CA PRO A 174 8.78 -10.79 4.08
C PRO A 174 9.43 -11.29 5.36
N SER A 175 8.59 -11.51 6.37
CA SER A 175 9.04 -12.02 7.65
C SER A 175 7.97 -12.89 8.30
N ASN A 176 7.00 -13.34 7.49
CA ASN A 176 5.90 -14.16 7.99
C ASN A 176 5.48 -15.24 6.99
N LEU A 177 6.17 -16.38 7.04
CA LEU A 177 5.86 -17.49 6.15
C LEU A 177 4.46 -18.06 6.40
N PRO A 178 4.16 -18.43 7.66
CA PRO A 178 2.85 -18.99 8.03
C PRO A 178 1.69 -18.04 7.72
N TYR A 179 1.96 -16.74 7.78
CA TYR A 179 0.94 -15.74 7.51
C TYR A 179 0.44 -15.82 6.07
N LYS A 180 1.23 -16.43 5.20
CA LYS A 180 0.86 -16.55 3.79
C LYS A 180 -0.44 -17.33 3.64
N GLU A 181 -0.51 -18.48 4.29
CA GLU A 181 -1.69 -19.33 4.23
C GLU A 181 -2.93 -18.60 4.73
N THR A 182 -2.77 -17.82 5.80
CA THR A 182 -3.91 -17.09 6.36
C THR A 182 -4.53 -16.13 5.35
N LEU A 183 -3.68 -15.45 4.59
CA LEU A 183 -4.17 -14.54 3.57
C LEU A 183 -4.73 -15.33 2.39
N GLU A 184 -3.89 -16.18 1.81
CA GLU A 184 -4.28 -16.97 0.65
C GLU A 184 -5.49 -17.86 0.93
N ALA A 185 -5.58 -18.44 2.13
CA ALA A 185 -6.73 -19.28 2.45
C ALA A 185 -8.01 -18.45 2.47
N THR A 186 -7.92 -17.25 3.03
CA THR A 186 -9.07 -16.35 3.12
C THR A 186 -9.60 -16.01 1.73
N LEU A 187 -8.68 -15.65 0.83
CA LEU A 187 -9.05 -15.31 -0.54
C LEU A 187 -9.72 -16.50 -1.22
N ASP A 188 -9.12 -17.67 -1.05
CA ASP A 188 -9.62 -18.88 -1.70
C ASP A 188 -11.06 -19.20 -1.27
N SER A 189 -11.37 -19.05 0.00
CA SER A 189 -12.73 -19.31 0.46
C SER A 189 -13.69 -18.24 -0.05
N LEU A 190 -13.22 -17.00 -0.02
CA LEU A 190 -14.02 -15.87 -0.48
C LEU A 190 -14.33 -16.01 -1.96
N GLU A 191 -13.35 -16.47 -2.74
CA GLU A 191 -13.55 -16.66 -4.16
C GLU A 191 -14.56 -17.78 -4.37
N ARG A 192 -14.34 -18.88 -3.68
CA ARG A 192 -15.21 -20.05 -3.76
C ARG A 192 -16.63 -19.69 -3.34
N ALA A 193 -16.74 -18.88 -2.29
CA ALA A 193 -18.04 -18.45 -1.78
C ALA A 193 -18.77 -17.55 -2.77
N GLY A 194 -18.01 -16.87 -3.63
CA GLY A 194 -18.62 -16.00 -4.62
C GLY A 194 -18.58 -14.53 -4.23
N VAL A 195 -18.02 -14.24 -3.06
CA VAL A 195 -17.95 -12.86 -2.58
C VAL A 195 -16.98 -11.99 -3.38
N TRP A 196 -15.89 -12.57 -3.89
CA TRP A 196 -14.91 -11.78 -4.68
C TRP A 196 -13.83 -12.67 -5.29
N GLU A 197 -13.14 -12.18 -6.32
CA GLU A 197 -12.06 -12.94 -6.96
C GLU A 197 -11.06 -12.02 -7.66
N CYS A 198 -9.94 -12.59 -8.06
CA CYS A 198 -8.90 -11.84 -8.76
C CYS A 198 -9.36 -11.45 -10.16
N LEU A 199 -9.27 -10.17 -10.46
CA LEU A 199 -9.68 -9.65 -11.75
C LEU A 199 -8.48 -9.21 -12.59
N VAL A 200 -7.34 -9.03 -11.92
CA VAL A 200 -6.08 -8.66 -12.56
C VAL A 200 -4.97 -8.69 -11.51
N THR A 201 -3.74 -8.92 -11.95
CA THR A 201 -2.62 -8.95 -11.03
C THR A 201 -1.39 -8.27 -11.61
N GLN A 202 -0.60 -7.65 -10.74
CA GLN A 202 0.61 -6.97 -11.15
C GLN A 202 1.84 -7.68 -10.58
N PRO A 203 2.56 -8.45 -11.39
CA PRO A 203 3.75 -9.18 -10.93
C PRO A 203 4.80 -8.26 -10.33
N VAL A 204 5.22 -8.58 -9.10
CA VAL A 204 6.20 -7.79 -8.39
C VAL A 204 7.44 -7.52 -9.23
N ASP A 205 7.67 -6.26 -9.56
CA ASP A 205 8.83 -5.84 -10.33
C ASP A 205 10.12 -5.99 -9.51
N HIS A 206 9.94 -6.14 -8.20
CA HIS A 206 11.08 -6.30 -7.29
C HIS A 206 11.92 -7.52 -7.64
N TRP A 207 11.23 -8.61 -8.01
CA TRP A 207 11.89 -9.89 -8.36
C TRP A 207 11.99 -10.79 -7.15
N GLU A 208 11.03 -11.69 -7.01
CA GLU A 208 10.99 -12.62 -5.90
C GLU A 208 12.24 -13.50 -5.87
N LEU A 209 12.88 -13.57 -4.70
CA LEU A 209 14.07 -14.40 -4.52
C LEU A 209 13.69 -15.75 -3.93
N ALA A 210 12.51 -15.82 -3.34
CA ALA A 210 12.02 -17.05 -2.73
C ALA A 210 11.92 -18.18 -3.74
N THR A 211 11.47 -17.85 -4.95
CA THR A 211 11.33 -18.86 -6.00
C THR A 211 12.68 -19.45 -6.38
N SER A 212 12.76 -20.77 -6.38
CA SER A 212 13.98 -21.47 -6.73
C SER A 212 13.71 -22.56 -7.77
N GLU A 213 12.71 -22.33 -8.60
CA GLU A 213 12.31 -23.29 -9.63
C GLU A 213 13.45 -23.56 -10.61
N GLN A 214 14.18 -22.50 -10.98
CA GLN A 214 15.28 -22.64 -11.92
C GLN A 214 16.55 -23.11 -11.24
N GLU A 215 17.19 -24.11 -11.82
CA GLU A 215 18.42 -24.67 -11.27
C GLU A 215 19.51 -23.60 -11.19
N THR A 216 19.57 -22.77 -12.23
CA THR A 216 20.56 -21.69 -12.29
C THR A 216 20.39 -20.72 -11.11
N GLY A 217 19.14 -20.43 -10.77
CA GLY A 217 18.87 -19.51 -9.67
C GLY A 217 19.26 -20.08 -8.32
N LEU A 218 19.99 -19.29 -7.55
CA LEU A 218 20.43 -19.70 -6.23
C LEU A 218 19.26 -19.74 -5.25
N GLY A 219 19.24 -20.74 -4.38
CA GLY A 219 18.18 -20.86 -3.41
C GLY A 219 18.49 -20.15 -2.10
N THR A 220 17.54 -20.18 -1.17
CA THR A 220 17.73 -19.53 0.13
C THR A 220 17.38 -20.49 1.26
N CYS A 221 18.17 -20.45 2.33
CA CYS A 221 17.94 -21.32 3.47
C CYS A 221 17.19 -20.58 4.58
N ALA A 222 16.80 -19.34 4.33
CA ALA A 222 16.08 -18.56 5.32
C ALA A 222 14.60 -18.94 5.34
N ASN A 223 13.88 -18.58 4.29
CA ASN A 223 12.46 -18.88 4.21
C ASN A 223 12.09 -19.50 2.85
N ASP A 224 11.20 -20.49 2.88
CA ASP A 224 10.75 -21.15 1.66
C ASP A 224 9.67 -20.35 0.94
N GLY A 225 9.16 -19.31 1.61
CA GLY A 225 8.13 -18.48 1.03
C GLY A 225 8.23 -17.04 1.51
N PHE A 226 9.42 -16.46 1.33
CA PHE A 226 9.68 -15.09 1.76
C PHE A 226 9.62 -14.11 0.59
N ILE A 227 8.76 -13.09 0.71
CA ILE A 227 8.61 -12.09 -0.34
C ILE A 227 7.68 -10.95 0.11
N SER A 228 7.79 -9.81 -0.56
CA SER A 228 6.95 -8.64 -0.28
C SER A 228 6.71 -7.83 -1.54
N GLY A 229 5.68 -6.99 -1.53
CA GLY A 229 5.39 -6.14 -2.68
C GLY A 229 4.54 -6.77 -3.78
N ILE A 230 3.40 -7.38 -3.42
CA ILE A 230 2.50 -7.96 -4.42
C ILE A 230 1.21 -7.15 -4.52
N ILE A 231 0.86 -6.75 -5.74
CA ILE A 231 -0.36 -5.95 -5.96
C ILE A 231 -1.31 -6.57 -6.99
N TYR A 232 -2.46 -7.04 -6.52
CA TYR A 232 -3.47 -7.65 -7.38
C TYR A 232 -4.85 -7.01 -7.19
N LEU A 233 -5.54 -6.69 -8.29
CA LEU A 233 -6.86 -6.04 -8.19
C LEU A 233 -8.03 -7.00 -8.33
N TYR A 234 -8.64 -7.33 -7.20
CA TYR A 234 -9.78 -8.24 -7.15
C TYR A 234 -11.09 -7.52 -7.52
N ARG A 235 -12.16 -8.30 -7.69
CA ARG A 235 -13.49 -7.78 -8.01
C ARG A 235 -14.52 -8.36 -7.05
N LYS A 236 -15.48 -7.54 -6.60
CA LYS A 236 -16.51 -8.01 -5.69
C LYS A 236 -17.56 -8.86 -6.39
N GLN A 237 -17.96 -9.94 -5.74
CA GLN A 237 -18.97 -10.87 -6.27
C GLN A 237 -18.41 -11.75 -7.38
N GLU A 238 -17.64 -12.73 -6.94
CA GLU A 238 -17.02 -13.68 -7.86
C GLU A 238 -16.89 -15.09 -7.29
N THR A 239 -17.30 -16.07 -8.10
CA THR A 239 -17.25 -17.48 -7.72
C THR A 239 -16.16 -18.21 -8.52
N VAL A 240 -15.64 -19.30 -7.96
CA VAL A 240 -14.61 -20.07 -8.62
C VAL A 240 -14.86 -21.57 -8.45
N GLY A 1 28.69 -10.53 20.90
CA GLY A 1 28.86 -9.07 21.12
C GLY A 1 28.05 -8.56 22.29
N ALA A 2 27.70 -7.27 22.25
CA ALA A 2 26.92 -6.66 23.32
C ALA A 2 25.46 -6.54 22.91
N MET A 3 24.58 -7.07 23.75
CA MET A 3 23.14 -7.02 23.50
C MET A 3 22.60 -5.60 23.64
N ALA A 4 23.14 -4.87 24.60
CA ALA A 4 22.71 -3.50 24.84
C ALA A 4 23.02 -2.58 23.66
N GLN A 5 24.31 -2.46 23.32
CA GLN A 5 24.71 -1.61 22.21
C GLN A 5 24.07 -2.07 20.91
N GLU A 6 24.18 -3.37 20.63
CA GLU A 6 23.61 -3.93 19.40
C GLU A 6 22.53 -4.94 19.72
N GLU A 7 21.32 -4.70 19.22
CA GLU A 7 20.21 -5.60 19.43
C GLU A 7 20.41 -6.92 18.67
N ALA A 8 20.93 -6.80 17.45
CA ALA A 8 21.20 -7.97 16.62
C ALA A 8 22.35 -8.78 17.18
N GLY A 9 23.48 -8.12 17.42
CA GLY A 9 24.65 -8.79 17.95
C GLY A 9 25.50 -9.44 16.87
N ARG A 10 25.04 -9.40 15.62
CA ARG A 10 25.79 -10.01 14.52
C ARG A 10 26.13 -8.96 13.46
N LEU A 11 27.39 -9.00 13.01
CA LEU A 11 27.90 -8.06 12.00
C LEU A 11 26.82 -7.64 10.99
N PRO A 12 26.11 -6.54 11.28
CA PRO A 12 25.04 -6.03 10.41
C PRO A 12 25.55 -5.67 9.01
N GLN A 13 26.80 -5.21 8.93
CA GLN A 13 27.39 -4.82 7.66
C GLN A 13 28.85 -5.24 7.58
N VAL A 14 29.39 -5.31 6.37
CA VAL A 14 30.78 -5.70 6.17
C VAL A 14 31.50 -4.67 5.30
N LEU A 15 32.83 -4.65 5.39
CA LEU A 15 33.63 -3.71 4.63
C LEU A 15 33.43 -3.86 3.13
N ALA A 16 33.50 -5.10 2.65
CA ALA A 16 33.34 -5.40 1.23
C ALA A 16 32.18 -4.63 0.61
N ARG A 17 31.14 -4.37 1.41
CA ARG A 17 29.97 -3.64 0.93
C ARG A 17 30.06 -2.16 1.30
N VAL A 18 29.77 -1.30 0.33
CA VAL A 18 29.81 0.14 0.55
C VAL A 18 28.68 0.61 1.47
N GLY A 19 27.57 -0.11 1.45
CA GLY A 19 26.45 0.24 2.29
C GLY A 19 25.30 0.87 1.51
N THR A 20 24.26 1.28 2.23
CA THR A 20 23.09 1.89 1.61
C THR A 20 23.41 3.28 1.06
N SER A 21 24.48 3.89 1.56
CA SER A 21 24.88 5.21 1.12
C SER A 21 25.19 5.21 -0.38
N HIS A 22 25.83 4.14 -0.83
CA HIS A 22 26.19 3.99 -2.25
C HIS A 22 26.88 5.24 -2.78
N GLY A 23 27.89 5.72 -2.06
CA GLY A 23 28.61 6.91 -2.49
C GLY A 23 29.92 7.10 -1.74
N ILE A 24 30.74 8.02 -2.24
CA ILE A 24 32.02 8.32 -1.62
C ILE A 24 31.83 9.03 -0.28
N THR A 25 30.87 9.95 -0.23
CA THR A 25 30.60 10.70 0.99
C THR A 25 29.08 10.86 1.18
N ASP A 26 28.65 10.91 2.42
CA ASP A 26 27.23 11.07 2.72
C ASP A 26 26.69 12.37 2.14
N LEU A 27 25.43 12.33 1.70
CA LEU A 27 24.78 13.49 1.12
C LEU A 27 24.72 14.65 2.12
N ALA A 28 24.44 14.33 3.37
CA ALA A 28 24.36 15.35 4.41
C ALA A 28 25.30 15.03 5.57
N CYS A 29 26.49 15.62 5.53
CA CYS A 29 27.48 15.43 6.58
C CYS A 29 28.22 16.73 6.90
N LYS A 30 27.72 17.84 6.35
CA LYS A 30 28.34 19.15 6.58
C LYS A 30 27.31 20.14 7.12
N LEU A 31 27.75 20.96 8.07
CA LEU A 31 26.88 21.96 8.69
C LEU A 31 26.65 23.15 7.76
N ARG A 32 25.68 23.99 8.12
CA ARG A 32 25.33 25.19 7.35
C ARG A 32 24.66 24.85 6.02
N PHE A 33 23.83 23.81 6.02
CA PHE A 33 23.10 23.40 4.82
C PHE A 33 21.67 22.99 5.16
N TYR A 34 20.77 23.96 5.18
CA TYR A 34 19.37 23.70 5.50
C TYR A 34 18.68 22.92 4.38
N ASP A 35 18.99 23.27 3.13
CA ASP A 35 18.39 22.60 1.98
C ASP A 35 19.41 22.42 0.85
N ASP A 36 19.22 21.37 0.05
CA ASP A 36 20.11 21.09 -1.07
C ASP A 36 19.67 21.87 -2.32
N TRP A 37 18.50 22.51 -2.23
CA TRP A 37 17.96 23.27 -3.35
C TRP A 37 17.85 22.40 -4.60
N ALA A 38 17.51 21.14 -4.38
CA ALA A 38 17.35 20.18 -5.46
C ALA A 38 16.29 19.14 -5.10
N PRO A 39 15.72 18.44 -6.10
CA PRO A 39 14.70 17.43 -5.85
C PRO A 39 15.20 16.32 -4.93
N GLU A 40 14.57 16.21 -3.77
CA GLU A 40 14.95 15.20 -2.78
C GLU A 40 14.60 13.78 -3.22
N TYR A 41 13.42 13.61 -3.84
CA TYR A 41 12.98 12.28 -4.26
C TYR A 41 12.48 12.27 -5.70
N ASP A 42 12.87 13.25 -6.51
CA ASP A 42 12.39 13.31 -7.89
C ASP A 42 12.79 12.05 -8.65
N GLN A 43 14.07 11.67 -8.60
CA GLN A 43 14.55 10.50 -9.30
C GLN A 43 14.79 9.34 -8.34
N ASP A 44 13.94 9.23 -7.32
CA ASP A 44 14.06 8.15 -6.34
C ASP A 44 13.67 6.82 -6.98
N VAL A 45 14.52 5.82 -6.81
CA VAL A 45 14.26 4.50 -7.38
C VAL A 45 12.96 3.91 -6.84
N ALA A 46 12.73 4.10 -5.54
CA ALA A 46 11.51 3.59 -4.92
C ALA A 46 10.27 4.11 -5.62
N ALA A 47 10.17 5.43 -5.74
CA ALA A 47 9.02 6.07 -6.38
C ALA A 47 8.87 5.62 -7.84
N LEU A 48 9.99 5.27 -8.47
CA LEU A 48 9.95 4.85 -9.88
C LEU A 48 9.08 3.62 -10.03
N LYS A 49 9.17 2.70 -9.07
CA LYS A 49 8.38 1.48 -9.09
C LYS A 49 6.89 1.83 -8.98
N TYR A 50 6.06 1.12 -9.74
CA TYR A 50 4.64 1.38 -9.71
C TYR A 50 3.99 0.77 -8.47
N ARG A 51 3.52 1.64 -7.60
CA ARG A 51 2.88 1.22 -6.35
C ARG A 51 1.52 0.58 -6.61
N ALA A 52 0.76 1.14 -7.56
CA ALA A 52 -0.56 0.62 -7.92
C ALA A 52 -1.31 1.53 -8.88
N PRO A 53 -1.55 2.78 -8.46
CA PRO A 53 -2.30 3.76 -9.24
C PRO A 53 -2.24 3.57 -10.75
N ARG A 54 -1.06 3.73 -11.35
CA ARG A 54 -0.92 3.60 -12.80
C ARG A 54 -1.15 2.18 -13.31
N LEU A 55 -0.54 1.19 -12.68
CA LEU A 55 -0.69 -0.21 -13.12
C LEU A 55 -2.09 -0.74 -12.84
N ALA A 56 -2.61 -0.38 -11.68
CA ALA A 56 -3.92 -0.83 -11.26
C ALA A 56 -5.03 -0.32 -12.17
N VAL A 57 -5.08 0.99 -12.37
CA VAL A 57 -6.14 1.59 -13.18
C VAL A 57 -6.19 1.01 -14.59
N ASP A 58 -5.05 0.75 -15.21
CA ASP A 58 -5.06 0.17 -16.55
C ASP A 58 -5.68 -1.22 -16.50
N CYS A 59 -5.16 -2.03 -15.58
CA CYS A 59 -5.63 -3.40 -15.40
C CYS A 59 -7.07 -3.43 -14.89
N LEU A 60 -7.39 -2.52 -13.99
CA LEU A 60 -8.74 -2.45 -13.40
C LEU A 60 -9.78 -2.20 -14.48
N SER A 61 -9.54 -1.21 -15.33
CA SER A 61 -10.47 -0.87 -16.40
C SER A 61 -10.67 -2.05 -17.34
N ARG A 62 -9.60 -2.78 -17.61
CA ARG A 62 -9.68 -3.93 -18.51
C ARG A 62 -10.66 -4.97 -17.95
N ALA A 63 -10.76 -5.04 -16.64
CA ALA A 63 -11.68 -5.98 -15.99
C ALA A 63 -12.96 -5.25 -15.56
N PHE A 64 -13.07 -3.99 -15.97
CA PHE A 64 -14.22 -3.17 -15.63
C PHE A 64 -15.11 -3.00 -16.86
N ARG A 65 -16.27 -3.64 -16.86
CA ARG A 65 -17.19 -3.53 -17.98
C ARG A 65 -18.31 -2.54 -17.69
N GLY A 66 -18.31 -2.00 -16.47
CA GLY A 66 -19.33 -1.04 -16.09
C GLY A 66 -19.04 0.34 -16.61
N SER A 67 -19.74 1.34 -16.07
CA SER A 67 -19.54 2.72 -16.49
C SER A 67 -18.61 3.45 -15.52
N PRO A 68 -17.38 3.78 -15.97
CA PRO A 68 -16.41 4.49 -15.12
C PRO A 68 -16.83 5.93 -14.87
N HIS A 69 -17.83 6.40 -15.61
CA HIS A 69 -18.34 7.75 -15.43
C HIS A 69 -19.23 7.80 -14.20
N ASP A 70 -20.16 6.84 -14.13
CA ASP A 70 -21.10 6.73 -13.02
C ASP A 70 -20.55 5.83 -11.92
N ALA A 71 -19.34 5.32 -12.11
CA ALA A 71 -18.71 4.44 -11.13
C ALA A 71 -17.91 5.25 -10.13
N LEU A 72 -17.84 4.74 -8.90
CA LEU A 72 -17.10 5.42 -7.84
C LEU A 72 -15.89 4.58 -7.39
N ILE A 73 -14.74 5.23 -7.22
CA ILE A 73 -13.52 4.54 -6.81
C ILE A 73 -12.98 5.14 -5.51
N LEU A 74 -12.47 4.30 -4.59
CA LEU A 74 -11.97 4.79 -3.31
C LEU A 74 -10.47 4.56 -3.05
N ASP A 75 -9.74 5.67 -2.96
CA ASP A 75 -8.31 5.64 -2.66
C ASP A 75 -8.04 6.31 -1.31
N VAL A 76 -7.27 5.65 -0.44
CA VAL A 76 -7.02 6.19 0.90
C VAL A 76 -5.53 6.23 1.30
N ALA A 77 -5.24 7.10 2.29
CA ALA A 77 -3.90 7.30 2.84
C ALA A 77 -2.80 7.34 1.79
N CYS A 78 -3.14 7.68 0.56
CA CYS A 78 -2.15 7.76 -0.50
C CYS A 78 -2.11 9.15 -1.14
N GLY A 79 -2.84 10.11 -0.56
CA GLY A 79 -2.86 11.47 -1.09
C GLY A 79 -3.11 11.54 -2.59
N THR A 80 -3.21 10.38 -3.23
CA THR A 80 -3.39 10.21 -4.69
C THR A 80 -4.22 11.27 -5.42
N GLY A 81 -4.06 12.55 -5.09
CA GLY A 81 -4.80 13.56 -5.80
C GLY A 81 -4.47 13.48 -7.28
N LEU A 82 -3.19 13.25 -7.56
CA LEU A 82 -2.72 13.09 -8.92
C LEU A 82 -3.43 11.92 -9.60
N VAL A 83 -3.40 10.76 -8.94
CA VAL A 83 -4.01 9.55 -9.47
C VAL A 83 -5.48 9.78 -9.77
N ALA A 84 -6.15 10.51 -8.90
CA ALA A 84 -7.55 10.83 -9.09
C ALA A 84 -7.71 11.57 -10.42
N VAL A 85 -6.69 12.36 -10.77
CA VAL A 85 -6.68 13.10 -12.01
C VAL A 85 -6.60 12.13 -13.19
N GLU A 86 -5.72 11.14 -13.09
CA GLU A 86 -5.56 10.15 -14.13
C GLU A 86 -6.84 9.33 -14.23
N LEU A 87 -7.38 8.96 -13.07
CA LEU A 87 -8.59 8.15 -13.02
C LEU A 87 -9.66 8.79 -13.91
N GLN A 88 -9.79 10.11 -13.85
CA GLN A 88 -10.75 10.81 -14.68
C GLN A 88 -10.43 10.54 -16.14
N ALA A 89 -9.13 10.54 -16.42
CA ALA A 89 -8.63 10.29 -17.78
C ALA A 89 -9.20 8.95 -18.27
N ARG A 90 -8.93 7.88 -17.51
CA ARG A 90 -9.39 6.53 -17.86
C ARG A 90 -10.93 6.42 -17.72
N GLY A 91 -11.60 7.57 -17.63
CA GLY A 91 -13.05 7.60 -17.53
C GLY A 91 -13.54 7.57 -16.09
N PHE A 92 -12.66 7.26 -15.17
CA PHE A 92 -13.02 7.19 -13.76
C PHE A 92 -13.18 8.60 -13.22
N LEU A 93 -14.32 9.22 -13.53
CA LEU A 93 -14.62 10.57 -13.09
C LEU A 93 -14.88 10.65 -11.59
N GLN A 94 -15.60 9.67 -11.06
CA GLN A 94 -15.96 9.68 -9.65
C GLN A 94 -14.99 8.87 -8.80
N VAL A 95 -14.11 9.55 -8.10
CA VAL A 95 -13.16 8.89 -7.22
C VAL A 95 -13.20 9.51 -5.82
N GLN A 96 -13.52 8.70 -4.82
CA GLN A 96 -13.58 9.18 -3.44
C GLN A 96 -12.43 8.59 -2.66
N GLY A 97 -11.99 9.29 -1.63
CA GLY A 97 -10.88 8.80 -0.84
C GLY A 97 -10.88 9.33 0.56
N VAL A 98 -9.83 9.02 1.30
CA VAL A 98 -9.70 9.48 2.66
C VAL A 98 -8.24 9.66 3.04
N ASP A 99 -7.99 10.57 3.96
CA ASP A 99 -6.63 10.87 4.41
C ASP A 99 -6.57 11.11 5.91
N GLY A 100 -5.39 10.92 6.48
CA GLY A 100 -5.20 11.15 7.90
C GLY A 100 -4.31 12.33 8.17
N SER A 101 -4.09 13.15 7.15
CA SER A 101 -3.25 14.34 7.27
C SER A 101 -3.92 15.55 6.64
N PRO A 102 -4.26 16.58 7.44
CA PRO A 102 -4.92 17.78 6.94
C PRO A 102 -4.20 18.37 5.73
N GLU A 103 -2.87 18.35 5.76
CA GLU A 103 -2.07 18.88 4.66
C GLU A 103 -2.32 18.06 3.39
N MET A 104 -2.35 16.74 3.54
CA MET A 104 -2.59 15.85 2.41
C MET A 104 -4.03 15.96 1.92
N LEU A 105 -4.96 16.07 2.87
CA LEU A 105 -6.36 16.18 2.55
C LEU A 105 -6.63 17.42 1.69
N LYS A 106 -6.08 18.55 2.12
CA LYS A 106 -6.24 19.80 1.38
C LYS A 106 -5.68 19.68 -0.03
N GLN A 107 -4.54 19.00 -0.15
CA GLN A 107 -3.91 18.81 -1.45
C GLN A 107 -4.87 18.08 -2.39
N ALA A 108 -5.40 16.96 -1.92
CA ALA A 108 -6.34 16.18 -2.73
C ALA A 108 -7.65 16.92 -2.91
N ARG A 109 -8.12 17.58 -1.85
CA ARG A 109 -9.37 18.34 -1.94
C ARG A 109 -9.24 19.41 -3.02
N ALA A 110 -8.17 20.19 -2.92
CA ALA A 110 -7.90 21.26 -3.87
C ALA A 110 -7.85 20.72 -5.29
N ARG A 111 -7.49 19.45 -5.40
CA ARG A 111 -7.40 18.80 -6.70
C ARG A 111 -8.76 18.83 -7.40
N GLY A 112 -9.82 18.62 -6.62
CA GLY A 112 -11.16 18.64 -7.18
C GLY A 112 -11.48 17.39 -7.98
N LEU A 113 -10.59 16.41 -7.93
CA LEU A 113 -10.77 15.17 -8.65
C LEU A 113 -11.58 14.17 -7.84
N TYR A 114 -11.32 14.12 -6.54
CA TYR A 114 -12.04 13.21 -5.66
C TYR A 114 -13.45 13.71 -5.40
N HIS A 115 -14.41 12.80 -5.41
CA HIS A 115 -15.80 13.17 -5.15
C HIS A 115 -15.95 13.65 -3.72
N HIS A 116 -15.26 12.97 -2.79
CA HIS A 116 -15.31 13.34 -1.39
C HIS A 116 -14.11 12.78 -0.63
N LEU A 117 -13.70 13.51 0.42
CA LEU A 117 -12.58 13.08 1.24
C LEU A 117 -12.91 13.28 2.71
N SER A 118 -12.29 12.47 3.58
CA SER A 118 -12.55 12.57 5.01
C SER A 118 -11.31 12.18 5.82
N LEU A 119 -11.29 12.62 7.07
CA LEU A 119 -10.17 12.30 7.95
C LEU A 119 -10.41 10.98 8.66
N CYS A 120 -9.66 9.97 8.26
CA CYS A 120 -9.80 8.65 8.84
C CYS A 120 -8.47 7.92 8.89
N THR A 121 -8.34 7.05 9.88
CA THR A 121 -7.14 6.25 10.04
C THR A 121 -7.57 4.81 10.30
N LEU A 122 -7.41 3.96 9.28
CA LEU A 122 -7.83 2.57 9.37
C LEU A 122 -7.67 1.99 10.76
N GLY A 123 -8.80 1.55 11.31
CA GLY A 123 -8.83 0.99 12.64
C GLY A 123 -9.34 1.97 13.67
N GLN A 124 -9.26 3.26 13.33
CA GLN A 124 -9.74 4.31 14.21
C GLN A 124 -11.26 4.26 14.32
N GLU A 125 -11.91 4.31 13.16
CA GLU A 125 -13.36 4.25 13.08
C GLU A 125 -13.77 3.58 11.76
N PRO A 126 -15.05 3.16 11.64
CA PRO A 126 -15.52 2.53 10.41
C PRO A 126 -15.43 3.48 9.23
N LEU A 127 -15.23 2.93 8.02
CA LEU A 127 -15.10 3.76 6.83
C LEU A 127 -16.30 4.68 6.65
N PRO A 128 -16.05 5.93 6.23
CA PRO A 128 -17.12 6.91 5.98
C PRO A 128 -17.94 6.58 4.74
N ASP A 129 -17.44 5.63 3.96
CA ASP A 129 -18.11 5.21 2.73
C ASP A 129 -19.15 4.11 2.98
N PRO A 130 -20.39 4.31 2.50
CA PRO A 130 -21.49 3.35 2.66
C PRO A 130 -21.28 2.07 1.84
N GLU A 131 -21.97 1.00 2.24
CA GLU A 131 -21.89 -0.29 1.55
C GLU A 131 -22.33 -0.14 0.09
N GLY A 132 -21.63 -0.82 -0.81
CA GLY A 132 -21.98 -0.77 -2.23
C GLY A 132 -21.99 0.64 -2.78
N THR A 133 -21.22 1.52 -2.16
CA THR A 133 -21.13 2.92 -2.59
C THR A 133 -20.23 3.06 -3.81
N PHE A 134 -19.05 2.44 -3.77
CA PHE A 134 -18.09 2.55 -4.86
C PHE A 134 -18.01 1.30 -5.71
N ASP A 135 -18.05 1.48 -7.02
CA ASP A 135 -17.94 0.36 -7.94
C ASP A 135 -16.60 -0.33 -7.77
N ALA A 136 -15.54 0.46 -7.62
CA ALA A 136 -14.19 -0.07 -7.46
C ALA A 136 -13.35 0.78 -6.53
N VAL A 137 -12.23 0.23 -6.06
CA VAL A 137 -11.33 0.95 -5.17
C VAL A 137 -9.88 0.60 -5.51
N ILE A 138 -8.98 1.57 -5.41
CA ILE A 138 -7.57 1.31 -5.71
C ILE A 138 -6.62 2.00 -4.73
N ILE A 139 -5.84 1.20 -4.00
CA ILE A 139 -4.90 1.75 -3.04
C ILE A 139 -3.78 0.77 -2.69
N VAL A 140 -2.54 1.22 -2.77
CA VAL A 140 -1.39 0.39 -2.47
C VAL A 140 -0.81 0.72 -1.10
N GLY A 141 -0.40 -0.33 -0.40
CA GLY A 141 0.17 -0.17 0.92
C GLY A 141 -0.90 -0.11 1.99
N ALA A 142 -2.16 -0.22 1.59
CA ALA A 142 -3.27 -0.18 2.52
C ALA A 142 -3.20 -1.28 3.56
N LEU A 143 -3.01 -2.52 3.12
CA LEU A 143 -2.94 -3.62 4.05
C LEU A 143 -1.54 -3.79 4.64
N SER A 144 -1.44 -3.54 5.94
CA SER A 144 -0.18 -3.66 6.66
C SER A 144 -0.45 -3.83 8.15
N GLU A 145 0.58 -4.15 8.92
CA GLU A 145 0.42 -4.36 10.36
C GLU A 145 0.25 -3.04 11.10
N GLY A 146 -0.83 -2.95 11.87
CA GLY A 146 -1.10 -1.75 12.66
C GLY A 146 -1.73 -0.62 11.87
N GLN A 147 -1.62 -0.65 10.55
CA GLN A 147 -2.20 0.39 9.71
C GLN A 147 -3.69 0.16 9.50
N VAL A 148 -4.01 -0.87 8.74
CA VAL A 148 -5.40 -1.21 8.45
C VAL A 148 -5.77 -2.56 9.05
N PRO A 149 -6.58 -2.56 10.12
CA PRO A 149 -6.97 -3.80 10.80
C PRO A 149 -7.88 -4.69 9.97
N CYS A 150 -7.50 -5.96 9.89
CA CYS A 150 -8.23 -6.94 9.10
C CYS A 150 -9.75 -6.75 9.22
N SER A 151 -10.19 -6.29 10.39
CA SER A 151 -11.61 -6.05 10.63
C SER A 151 -12.19 -5.02 9.67
N ALA A 152 -11.41 -3.96 9.39
CA ALA A 152 -11.85 -2.88 8.51
C ALA A 152 -11.82 -3.26 7.03
N ILE A 153 -10.93 -4.18 6.64
CA ILE A 153 -10.80 -4.58 5.24
C ILE A 153 -12.16 -4.92 4.62
N PRO A 154 -12.97 -5.76 5.28
CA PRO A 154 -14.28 -6.16 4.75
C PRO A 154 -15.21 -4.97 4.54
N GLU A 155 -14.94 -3.87 5.24
CA GLU A 155 -15.71 -2.66 5.08
C GLU A 155 -15.40 -2.05 3.71
N LEU A 156 -14.12 -2.11 3.35
CA LEU A 156 -13.66 -1.60 2.06
C LEU A 156 -14.35 -2.36 0.93
N LEU A 157 -14.35 -3.68 1.03
CA LEU A 157 -15.00 -4.53 0.05
C LEU A 157 -16.52 -4.39 0.16
N ARG A 158 -16.97 -4.21 1.40
CA ARG A 158 -18.39 -4.06 1.69
C ARG A 158 -18.96 -2.84 0.95
N VAL A 159 -18.22 -1.74 0.97
CA VAL A 159 -18.66 -0.53 0.28
C VAL A 159 -18.55 -0.69 -1.23
N THR A 160 -17.72 -1.63 -1.66
CA THR A 160 -17.54 -1.88 -3.08
C THR A 160 -18.71 -2.72 -3.62
N LYS A 161 -19.31 -2.24 -4.72
CA LYS A 161 -20.46 -2.92 -5.31
C LYS A 161 -20.08 -4.27 -5.92
N PRO A 162 -21.06 -5.17 -6.09
CA PRO A 162 -20.82 -6.49 -6.69
C PRO A 162 -20.31 -6.32 -8.11
N GLY A 163 -19.49 -7.25 -8.59
CA GLY A 163 -18.94 -7.10 -9.92
C GLY A 163 -17.92 -5.97 -9.97
N GLY A 164 -17.79 -5.26 -8.86
CA GLY A 164 -16.84 -4.16 -8.78
C GLY A 164 -15.43 -4.67 -8.74
N LEU A 165 -14.46 -3.76 -8.70
CA LEU A 165 -13.07 -4.17 -8.64
C LEU A 165 -12.32 -3.48 -7.51
N VAL A 166 -11.75 -4.26 -6.61
CA VAL A 166 -10.99 -3.70 -5.51
C VAL A 166 -9.51 -3.99 -5.69
N CYS A 167 -8.72 -2.93 -5.78
CA CYS A 167 -7.27 -3.08 -5.97
C CYS A 167 -6.50 -2.64 -4.73
N LEU A 168 -6.18 -3.61 -3.89
CA LEU A 168 -5.44 -3.32 -2.68
C LEU A 168 -4.14 -4.11 -2.65
N THR A 169 -3.22 -3.69 -1.80
CA THR A 169 -1.94 -4.36 -1.69
C THR A 169 -1.66 -4.75 -0.23
N THR A 170 -0.93 -5.84 -0.04
CA THR A 170 -0.64 -6.31 1.31
C THR A 170 0.87 -6.38 1.56
N ARG A 171 1.25 -6.24 2.83
CA ARG A 171 2.64 -6.32 3.22
C ARG A 171 3.19 -7.68 2.83
N THR A 172 4.48 -7.73 2.52
CA THR A 172 5.09 -8.98 2.11
C THR A 172 5.20 -9.97 3.27
N ASN A 173 4.93 -9.48 4.49
CA ASN A 173 4.99 -10.34 5.67
C ASN A 173 6.31 -11.11 5.70
N PRO A 174 7.45 -10.40 5.75
CA PRO A 174 8.76 -11.05 5.78
C PRO A 174 8.88 -11.94 7.01
N SER A 175 9.53 -13.08 6.85
CA SER A 175 9.70 -14.03 7.95
C SER A 175 8.35 -14.62 8.36
N ASN A 176 7.37 -14.54 7.46
CA ASN A 176 6.03 -15.07 7.72
C ASN A 176 5.69 -16.14 6.68
N LEU A 177 6.71 -16.83 6.19
CA LEU A 177 6.55 -17.88 5.18
C LEU A 177 5.30 -18.73 5.43
N PRO A 178 5.19 -19.31 6.64
CA PRO A 178 4.04 -20.15 6.99
C PRO A 178 2.74 -19.37 6.90
N TYR A 179 2.84 -18.06 7.11
CA TYR A 179 1.69 -17.18 7.04
C TYR A 179 1.19 -17.05 5.59
N LYS A 180 2.04 -17.41 4.64
CA LYS A 180 1.67 -17.34 3.23
C LYS A 180 0.46 -18.21 2.93
N GLU A 181 0.50 -19.45 3.38
CA GLU A 181 -0.61 -20.38 3.18
C GLU A 181 -1.88 -19.83 3.83
N THR A 182 -1.70 -19.24 5.01
CA THR A 182 -2.81 -18.65 5.76
C THR A 182 -3.44 -17.50 4.96
N LEU A 183 -2.59 -16.72 4.30
CA LEU A 183 -3.05 -15.61 3.49
C LEU A 183 -3.74 -16.16 2.24
N GLU A 184 -3.01 -16.94 1.46
CA GLU A 184 -3.53 -17.51 0.23
C GLU A 184 -4.75 -18.38 0.48
N ALA A 185 -4.75 -19.11 1.59
CA ALA A 185 -5.88 -19.97 1.93
C ALA A 185 -7.16 -19.15 2.06
N THR A 186 -7.07 -18.00 2.71
CA THR A 186 -8.23 -17.13 2.91
C THR A 186 -8.81 -16.67 1.57
N LEU A 187 -7.93 -16.26 0.65
CA LEU A 187 -8.37 -15.82 -0.66
C LEU A 187 -9.11 -16.93 -1.39
N ASP A 188 -8.52 -18.12 -1.37
CA ASP A 188 -9.09 -19.27 -2.05
C ASP A 188 -10.49 -19.59 -1.52
N SER A 189 -10.67 -19.49 -0.21
CA SER A 189 -11.98 -19.76 0.38
C SER A 189 -12.97 -18.71 -0.07
N LEU A 190 -12.52 -17.45 -0.14
CA LEU A 190 -13.36 -16.35 -0.57
C LEU A 190 -13.71 -16.48 -2.04
N GLU A 191 -12.75 -16.94 -2.84
CA GLU A 191 -12.99 -17.14 -4.26
C GLU A 191 -13.99 -18.27 -4.42
N ARG A 192 -13.71 -19.38 -3.74
CA ARG A 192 -14.55 -20.56 -3.80
C ARG A 192 -15.96 -20.25 -3.29
N ALA A 193 -16.04 -19.44 -2.25
CA ALA A 193 -17.33 -19.05 -1.67
C ALA A 193 -18.14 -18.18 -2.63
N GLY A 194 -17.48 -17.67 -3.66
CA GLY A 194 -18.18 -16.83 -4.63
C GLY A 194 -18.21 -15.37 -4.24
N VAL A 195 -17.58 -15.04 -3.11
CA VAL A 195 -17.57 -13.68 -2.62
C VAL A 195 -16.73 -12.73 -3.49
N TRP A 196 -15.60 -13.21 -4.04
CA TRP A 196 -14.75 -12.36 -4.89
C TRP A 196 -13.65 -13.16 -5.60
N GLU A 197 -13.11 -12.60 -6.69
CA GLU A 197 -12.03 -13.27 -7.43
C GLU A 197 -11.04 -12.25 -8.00
N CYS A 198 -9.85 -12.73 -8.31
CA CYS A 198 -8.79 -11.88 -8.85
C CYS A 198 -9.09 -11.45 -10.28
N LEU A 199 -8.67 -10.22 -10.61
CA LEU A 199 -8.84 -9.64 -11.94
C LEU A 199 -7.48 -9.40 -12.58
N VAL A 200 -6.50 -9.22 -11.70
CA VAL A 200 -5.11 -8.97 -12.09
C VAL A 200 -4.22 -8.96 -10.85
N THR A 201 -2.92 -9.14 -11.04
CA THR A 201 -2.00 -9.12 -9.92
C THR A 201 -0.65 -8.56 -10.35
N GLN A 202 -0.06 -7.74 -9.49
CA GLN A 202 1.24 -7.13 -9.77
C GLN A 202 2.25 -7.55 -8.72
N PRO A 203 3.01 -8.63 -8.99
CA PRO A 203 4.01 -9.16 -8.05
C PRO A 203 5.10 -8.17 -7.70
N VAL A 204 5.49 -8.15 -6.42
CA VAL A 204 6.51 -7.20 -5.95
C VAL A 204 7.75 -7.27 -6.83
N ASP A 205 8.08 -6.14 -7.44
CA ASP A 205 9.25 -6.05 -8.30
C ASP A 205 10.52 -5.89 -7.47
N HIS A 206 10.36 -5.58 -6.20
CA HIS A 206 11.51 -5.36 -5.31
C HIS A 206 12.38 -6.62 -5.22
N TRP A 207 11.76 -7.78 -5.03
CA TRP A 207 12.50 -9.04 -4.96
C TRP A 207 11.61 -10.22 -5.32
N GLU A 208 12.25 -11.31 -5.75
CA GLU A 208 11.53 -12.52 -6.11
C GLU A 208 12.01 -13.68 -5.22
N LEU A 209 11.07 -14.27 -4.49
CA LEU A 209 11.41 -15.36 -3.59
C LEU A 209 10.34 -16.45 -3.61
N ALA A 210 10.75 -17.68 -3.29
CA ALA A 210 9.83 -18.81 -3.25
C ALA A 210 8.96 -18.86 -4.51
N THR A 211 9.61 -18.89 -5.67
CA THR A 211 8.90 -18.95 -6.94
C THR A 211 9.27 -20.21 -7.72
N SER A 212 8.25 -20.92 -8.18
CA SER A 212 8.45 -22.15 -8.92
C SER A 212 9.22 -21.90 -10.22
N GLU A 213 8.93 -20.77 -10.86
CA GLU A 213 9.59 -20.42 -12.12
C GLU A 213 11.11 -20.32 -11.96
N GLN A 214 11.55 -19.57 -10.96
CA GLN A 214 12.98 -19.41 -10.71
C GLN A 214 13.38 -19.90 -9.33
N GLU A 215 14.53 -20.56 -9.24
CA GLU A 215 15.02 -21.07 -7.96
C GLU A 215 16.50 -20.76 -7.82
N THR A 216 16.91 -20.38 -6.61
CA THR A 216 18.31 -20.05 -6.35
C THR A 216 19.18 -21.30 -6.44
N GLY A 217 18.67 -22.41 -5.92
CA GLY A 217 19.41 -23.67 -5.94
C GLY A 217 20.51 -23.73 -4.91
N LEU A 218 20.95 -22.56 -4.42
CA LEU A 218 21.99 -22.49 -3.42
C LEU A 218 21.60 -23.23 -2.15
N GLY A 219 20.33 -23.09 -1.77
CA GLY A 219 19.85 -23.74 -0.57
C GLY A 219 18.80 -22.92 0.17
N THR A 220 19.14 -21.68 0.49
CA THR A 220 18.23 -20.79 1.18
C THR A 220 17.64 -21.46 2.43
N CYS A 221 18.50 -22.04 3.25
CA CYS A 221 18.07 -22.72 4.46
C CYS A 221 17.33 -21.77 5.39
N ALA A 222 17.84 -20.53 5.48
CA ALA A 222 17.21 -19.52 6.33
C ALA A 222 16.25 -18.68 5.50
N ASN A 223 15.10 -18.36 6.10
CA ASN A 223 14.08 -17.58 5.42
C ASN A 223 14.50 -16.12 5.21
N ASP A 224 14.02 -15.53 4.12
CA ASP A 224 14.30 -14.14 3.79
C ASP A 224 13.09 -13.47 3.13
N GLY A 225 12.04 -14.25 2.84
CA GLY A 225 10.86 -13.70 2.21
C GLY A 225 10.20 -14.68 1.26
N PHE A 226 9.56 -15.70 1.81
CA PHE A 226 8.88 -16.71 0.99
C PHE A 226 7.64 -16.13 0.31
N ILE A 227 6.98 -15.19 0.99
CA ILE A 227 5.76 -14.60 0.44
C ILE A 227 5.78 -13.08 0.47
N SER A 228 4.96 -12.49 -0.38
CA SER A 228 4.82 -11.05 -0.47
C SER A 228 3.42 -10.70 -0.96
N GLY A 229 2.82 -9.66 -0.40
CA GLY A 229 1.48 -9.27 -0.80
C GLY A 229 1.44 -8.47 -2.08
N ILE A 230 2.11 -7.33 -2.08
CA ILE A 230 2.16 -6.45 -3.24
C ILE A 230 0.77 -5.98 -3.66
N ILE A 231 0.69 -5.35 -4.82
CA ILE A 231 -0.56 -4.84 -5.34
C ILE A 231 -1.22 -5.84 -6.28
N TYR A 232 -2.43 -6.26 -5.94
CA TYR A 232 -3.17 -7.21 -6.76
C TYR A 232 -4.64 -6.78 -6.85
N LEU A 233 -5.23 -6.98 -8.03
CA LEU A 233 -6.62 -6.59 -8.25
C LEU A 233 -7.61 -7.68 -7.79
N TYR A 234 -8.89 -7.30 -7.75
CA TYR A 234 -9.96 -8.22 -7.35
C TYR A 234 -11.32 -7.69 -7.81
N ARG A 235 -12.31 -8.57 -7.89
CA ARG A 235 -13.67 -8.19 -8.29
C ARG A 235 -14.68 -8.80 -7.34
N LYS A 236 -15.60 -7.98 -6.82
CA LYS A 236 -16.59 -8.45 -5.86
C LYS A 236 -17.65 -9.38 -6.47
N GLN A 237 -17.91 -10.47 -5.75
CA GLN A 237 -18.90 -11.47 -6.16
C GLN A 237 -18.40 -12.36 -7.29
N GLU A 238 -17.46 -13.22 -6.91
CA GLU A 238 -16.86 -14.15 -7.85
C GLU A 238 -16.60 -15.52 -7.24
N THR A 239 -17.04 -16.55 -7.97
CA THR A 239 -16.87 -17.93 -7.53
C THR A 239 -15.75 -18.62 -8.29
N VAL A 240 -15.12 -19.59 -7.63
CA VAL A 240 -14.02 -20.35 -8.22
C VAL A 240 -14.50 -21.15 -9.44
N GLY A 1 39.33 8.36 -23.78
CA GLY A 1 38.31 7.28 -23.70
C GLY A 1 38.60 6.14 -24.66
N ALA A 2 39.22 5.08 -24.16
CA ALA A 2 39.54 3.92 -24.98
C ALA A 2 38.69 2.71 -24.60
N MET A 3 38.26 1.96 -25.61
CA MET A 3 37.43 0.78 -25.38
C MET A 3 38.16 -0.23 -24.51
N ALA A 4 39.46 -0.40 -24.76
CA ALA A 4 40.26 -1.35 -23.99
C ALA A 4 40.11 -1.10 -22.50
N GLN A 5 40.32 0.14 -22.08
CA GLN A 5 40.18 0.52 -20.68
C GLN A 5 38.73 0.33 -20.24
N GLU A 6 37.81 0.70 -21.14
CA GLU A 6 36.37 0.61 -20.90
C GLU A 6 36.01 1.26 -19.56
N GLU A 7 35.09 0.66 -18.80
CA GLU A 7 34.69 1.23 -17.52
C GLU A 7 35.48 0.64 -16.35
N ALA A 8 36.49 1.37 -15.90
CA ALA A 8 37.31 0.93 -14.78
C ALA A 8 36.83 1.57 -13.47
N GLY A 9 35.89 2.51 -13.60
CA GLY A 9 35.36 3.19 -12.43
C GLY A 9 36.14 4.45 -12.09
N ARG A 10 35.79 5.09 -10.98
CA ARG A 10 36.47 6.31 -10.57
C ARG A 10 37.21 6.14 -9.25
N LEU A 11 38.49 6.50 -9.26
CA LEU A 11 39.35 6.40 -8.09
C LEU A 11 38.69 7.06 -6.86
N PRO A 12 38.20 8.30 -7.01
CA PRO A 12 37.55 9.03 -5.89
C PRO A 12 36.25 8.36 -5.44
N GLN A 13 35.88 8.60 -4.19
CA GLN A 13 34.66 8.04 -3.61
C GLN A 13 33.51 9.04 -3.77
N VAL A 14 32.28 8.58 -3.48
CA VAL A 14 31.11 9.43 -3.59
C VAL A 14 30.50 9.65 -2.20
N LEU A 15 29.95 10.84 -1.97
CA LEU A 15 29.36 11.16 -0.67
C LEU A 15 28.20 10.22 -0.33
N ALA A 16 27.39 9.89 -1.34
CA ALA A 16 26.26 9.00 -1.13
C ALA A 16 26.10 8.04 -2.30
N ARG A 17 25.98 6.75 -2.01
CA ARG A 17 25.82 5.75 -3.06
C ARG A 17 24.57 6.02 -3.89
N VAL A 18 23.48 6.37 -3.20
CA VAL A 18 22.21 6.67 -3.86
C VAL A 18 22.37 7.86 -4.81
N GLY A 19 23.13 8.86 -4.40
CA GLY A 19 23.34 10.04 -5.22
C GLY A 19 24.72 10.07 -5.83
N THR A 20 24.83 9.60 -7.08
CA THR A 20 26.11 9.59 -7.77
C THR A 20 25.94 9.97 -9.23
N SER A 21 26.99 10.53 -9.82
CA SER A 21 26.95 10.94 -11.22
C SER A 21 28.11 10.34 -12.00
N HIS A 22 27.82 9.86 -13.20
CA HIS A 22 28.84 9.27 -14.05
C HIS A 22 29.94 10.27 -14.36
N GLY A 23 29.53 11.51 -14.60
CA GLY A 23 30.47 12.57 -14.92
C GLY A 23 30.22 13.17 -16.28
N ILE A 24 29.02 13.73 -16.45
CA ILE A 24 28.64 14.36 -17.71
C ILE A 24 29.42 15.65 -17.93
N THR A 25 29.60 16.40 -16.84
CA THR A 25 30.32 17.68 -16.92
C THR A 25 31.80 17.44 -17.19
N ASP A 26 32.32 18.15 -18.18
CA ASP A 26 33.72 18.01 -18.58
C ASP A 26 34.20 19.26 -19.33
N LEU A 27 35.51 19.33 -19.55
CA LEU A 27 36.09 20.45 -20.27
C LEU A 27 35.50 20.55 -21.67
N ALA A 28 35.30 19.41 -22.30
CA ALA A 28 34.73 19.36 -23.64
C ALA A 28 33.24 19.66 -23.60
N CYS A 29 32.71 20.19 -24.71
CA CYS A 29 31.29 20.51 -24.80
C CYS A 29 30.46 19.26 -25.10
N LYS A 30 29.25 19.21 -24.56
CA LYS A 30 28.36 18.08 -24.78
C LYS A 30 28.06 17.92 -26.27
N LEU A 31 28.02 16.68 -26.74
CA LEU A 31 27.75 16.42 -28.15
C LEU A 31 26.26 16.58 -28.47
N ARG A 32 25.96 17.42 -29.45
CA ARG A 32 24.59 17.67 -29.87
C ARG A 32 24.32 17.10 -31.26
N PHE A 33 25.23 16.26 -31.75
CA PHE A 33 25.11 15.67 -33.07
C PHE A 33 23.83 14.84 -33.20
N TYR A 34 23.48 14.10 -32.15
CA TYR A 34 22.29 13.26 -32.17
C TYR A 34 21.35 13.60 -31.02
N ASP A 35 20.06 13.58 -31.31
CA ASP A 35 19.05 13.88 -30.31
C ASP A 35 18.26 12.64 -29.93
N ASP A 36 18.84 11.47 -30.20
CA ASP A 36 18.20 10.19 -29.88
C ASP A 36 18.59 9.73 -28.48
N TRP A 37 19.24 10.60 -27.72
CA TRP A 37 19.66 10.29 -26.37
C TRP A 37 19.28 11.42 -25.42
N ALA A 38 18.19 12.11 -25.72
CA ALA A 38 17.71 13.21 -24.90
C ALA A 38 17.04 12.71 -23.62
N PRO A 39 16.11 11.74 -23.73
CA PRO A 39 15.39 11.21 -22.56
C PRO A 39 16.32 10.44 -21.62
N GLU A 40 17.32 11.13 -21.10
CA GLU A 40 18.29 10.55 -20.19
C GLU A 40 17.65 10.22 -18.84
N TYR A 41 16.79 11.11 -18.36
CA TYR A 41 16.14 10.93 -17.06
C TYR A 41 14.91 10.05 -17.12
N ASP A 42 14.67 9.39 -18.26
CA ASP A 42 13.49 8.52 -18.38
C ASP A 42 13.82 7.11 -17.87
N GLN A 43 14.98 6.97 -17.25
CA GLN A 43 15.41 5.69 -16.70
C GLN A 43 14.41 5.20 -15.65
N ASP A 44 13.91 6.13 -14.84
CA ASP A 44 12.91 5.83 -13.81
C ASP A 44 13.33 4.68 -12.90
N VAL A 45 14.55 4.74 -12.38
CA VAL A 45 15.03 3.71 -11.47
C VAL A 45 14.17 3.66 -10.23
N ALA A 46 13.77 4.82 -9.73
CA ALA A 46 12.94 4.92 -8.54
C ALA A 46 11.56 4.31 -8.77
N ALA A 47 11.00 4.54 -9.96
CA ALA A 47 9.67 4.01 -10.29
C ALA A 47 9.66 2.49 -10.29
N LEU A 48 10.83 1.88 -10.49
CA LEU A 48 10.93 0.43 -10.52
C LEU A 48 10.47 -0.17 -9.19
N LYS A 49 10.83 0.48 -8.10
CA LYS A 49 10.44 0.02 -6.78
C LYS A 49 9.19 0.74 -6.31
N TYR A 50 8.28 0.00 -5.67
CA TYR A 50 7.04 0.57 -5.18
C TYR A 50 6.10 0.91 -6.32
N ARG A 51 5.28 -0.05 -6.72
CA ARG A 51 4.33 0.16 -7.81
C ARG A 51 2.96 -0.40 -7.49
N ALA A 52 1.96 0.18 -8.15
CA ALA A 52 0.57 -0.26 -7.95
C ALA A 52 -0.46 0.63 -8.62
N PRO A 53 -0.61 1.88 -8.18
CA PRO A 53 -1.63 2.79 -8.73
C PRO A 53 -1.59 2.88 -10.25
N ARG A 54 -0.39 2.89 -10.82
CA ARG A 54 -0.25 2.99 -12.27
C ARG A 54 -0.70 1.73 -13.00
N LEU A 55 -0.06 0.61 -12.67
CA LEU A 55 -0.39 -0.66 -13.31
C LEU A 55 -1.76 -1.18 -12.91
N ALA A 56 -2.10 -1.03 -11.63
CA ALA A 56 -3.40 -1.50 -11.14
C ALA A 56 -4.57 -0.88 -11.89
N VAL A 57 -4.66 0.45 -11.89
CA VAL A 57 -5.77 1.13 -12.54
C VAL A 57 -5.87 0.77 -14.01
N ASP A 58 -4.74 0.66 -14.71
CA ASP A 58 -4.76 0.30 -16.12
C ASP A 58 -5.43 -1.07 -16.28
N CYS A 59 -4.97 -2.03 -15.48
CA CYS A 59 -5.50 -3.39 -15.52
C CYS A 59 -6.93 -3.45 -14.98
N LEU A 60 -7.19 -2.65 -13.95
CA LEU A 60 -8.52 -2.64 -13.33
C LEU A 60 -9.57 -2.23 -14.34
N SER A 61 -9.30 -1.14 -15.03
CA SER A 61 -10.21 -0.66 -16.05
C SER A 61 -10.28 -1.65 -17.20
N ARG A 62 -9.16 -2.33 -17.47
CA ARG A 62 -9.10 -3.33 -18.52
C ARG A 62 -10.08 -4.45 -18.26
N ALA A 63 -10.21 -4.83 -16.99
CA ALA A 63 -11.15 -5.87 -16.59
C ALA A 63 -12.54 -5.28 -16.42
N PHE A 64 -12.58 -4.06 -15.88
CA PHE A 64 -13.83 -3.36 -15.64
C PHE A 64 -14.60 -3.14 -16.95
N ARG A 65 -15.78 -3.72 -17.04
CA ARG A 65 -16.62 -3.59 -18.23
C ARG A 65 -17.80 -2.65 -17.97
N GLY A 66 -17.88 -2.14 -16.74
CA GLY A 66 -18.96 -1.24 -16.38
C GLY A 66 -18.65 0.19 -16.77
N SER A 67 -19.34 1.13 -16.15
CA SER A 67 -19.11 2.54 -16.45
C SER A 67 -18.28 3.21 -15.37
N PRO A 68 -16.99 3.47 -15.64
CA PRO A 68 -16.11 4.13 -14.69
C PRO A 68 -16.46 5.60 -14.51
N HIS A 69 -17.36 6.10 -15.35
CA HIS A 69 -17.81 7.48 -15.25
C HIS A 69 -18.82 7.60 -14.12
N ASP A 70 -19.79 6.70 -14.13
CA ASP A 70 -20.83 6.67 -13.10
C ASP A 70 -20.42 5.74 -11.97
N ALA A 71 -19.25 5.13 -12.08
CA ALA A 71 -18.74 4.25 -11.05
C ALA A 71 -17.96 5.06 -10.02
N LEU A 72 -17.97 4.63 -8.78
CA LEU A 72 -17.27 5.32 -7.72
C LEU A 72 -16.06 4.52 -7.26
N ILE A 73 -14.92 5.19 -7.10
CA ILE A 73 -13.68 4.52 -6.69
C ILE A 73 -13.20 5.09 -5.35
N LEU A 74 -12.74 4.23 -4.45
CA LEU A 74 -12.32 4.69 -3.12
C LEU A 74 -10.81 4.52 -2.84
N ASP A 75 -10.12 5.66 -2.73
CA ASP A 75 -8.68 5.71 -2.43
C ASP A 75 -8.45 6.32 -1.05
N VAL A 76 -7.74 5.61 -0.16
CA VAL A 76 -7.51 6.12 1.19
C VAL A 76 -6.04 6.07 1.64
N ALA A 77 -5.75 6.90 2.65
CA ALA A 77 -4.42 7.02 3.26
C ALA A 77 -3.28 7.00 2.25
N CYS A 78 -3.57 7.35 1.01
CA CYS A 78 -2.53 7.38 -0.02
C CYS A 78 -2.44 8.76 -0.66
N GLY A 79 -3.19 9.73 -0.14
CA GLY A 79 -3.16 11.08 -0.70
C GLY A 79 -3.39 11.12 -2.20
N THR A 80 -3.48 9.93 -2.82
CA THR A 80 -3.65 9.72 -4.26
C THR A 80 -4.42 10.79 -5.03
N GLY A 81 -4.22 12.08 -4.74
CA GLY A 81 -4.89 13.11 -5.49
C GLY A 81 -4.53 13.02 -6.95
N LEU A 82 -3.26 12.70 -7.19
CA LEU A 82 -2.76 12.53 -8.55
C LEU A 82 -3.53 11.42 -9.26
N VAL A 83 -3.62 10.26 -8.60
CA VAL A 83 -4.29 9.10 -9.18
C VAL A 83 -5.72 9.48 -9.55
N ALA A 84 -6.38 10.25 -8.70
CA ALA A 84 -7.73 10.68 -8.98
C ALA A 84 -7.77 11.40 -10.32
N VAL A 85 -6.66 12.09 -10.63
CA VAL A 85 -6.54 12.80 -11.90
C VAL A 85 -6.48 11.82 -13.06
N GLU A 86 -5.65 10.79 -12.93
CA GLU A 86 -5.54 9.77 -13.96
C GLU A 86 -6.85 9.01 -14.06
N LEU A 87 -7.43 8.75 -12.89
CA LEU A 87 -8.69 8.02 -12.82
C LEU A 87 -9.70 8.61 -13.82
N GLN A 88 -9.79 9.94 -13.89
CA GLN A 88 -10.70 10.59 -14.83
C GLN A 88 -10.33 10.17 -16.25
N ALA A 89 -9.03 10.10 -16.48
CA ALA A 89 -8.50 9.71 -17.78
C ALA A 89 -9.09 8.36 -18.17
N ARG A 90 -8.84 7.35 -17.34
CA ARG A 90 -9.36 6.00 -17.58
C ARG A 90 -10.90 5.96 -17.47
N GLY A 91 -11.51 7.14 -17.33
CA GLY A 91 -12.96 7.23 -17.24
C GLY A 91 -13.48 7.15 -15.81
N PHE A 92 -12.61 6.79 -14.88
CA PHE A 92 -13.00 6.69 -13.49
C PHE A 92 -13.11 8.08 -12.89
N LEU A 93 -14.18 8.80 -13.26
CA LEU A 93 -14.38 10.15 -12.76
C LEU A 93 -14.81 10.18 -11.31
N GLN A 94 -15.68 9.26 -10.91
CA GLN A 94 -16.16 9.25 -9.54
C GLN A 94 -15.20 8.51 -8.62
N VAL A 95 -14.38 9.26 -7.92
CA VAL A 95 -13.45 8.66 -6.98
C VAL A 95 -13.47 9.39 -5.65
N GLN A 96 -13.73 8.64 -4.59
CA GLN A 96 -13.78 9.17 -3.25
C GLN A 96 -12.61 8.59 -2.45
N GLY A 97 -12.21 9.27 -1.38
CA GLY A 97 -11.11 8.79 -0.59
C GLY A 97 -11.15 9.29 0.82
N VAL A 98 -10.17 8.90 1.61
CA VAL A 98 -10.10 9.35 2.99
C VAL A 98 -8.64 9.50 3.42
N ASP A 99 -8.39 10.59 4.12
CA ASP A 99 -7.05 10.90 4.60
C ASP A 99 -7.05 11.20 6.09
N GLY A 100 -5.92 10.97 6.75
CA GLY A 100 -5.83 11.24 8.17
C GLY A 100 -4.87 12.38 8.47
N SER A 101 -4.57 13.17 7.44
CA SER A 101 -3.67 14.30 7.58
C SER A 101 -4.31 15.55 6.98
N PRO A 102 -4.64 16.55 7.80
CA PRO A 102 -5.27 17.78 7.31
C PRO A 102 -4.52 18.38 6.14
N GLU A 103 -3.19 18.34 6.21
CA GLU A 103 -2.36 18.88 5.14
C GLU A 103 -2.49 18.03 3.88
N MET A 104 -2.52 16.72 4.05
CA MET A 104 -2.66 15.82 2.91
C MET A 104 -4.05 15.92 2.30
N LEU A 105 -5.05 16.03 3.18
CA LEU A 105 -6.45 16.13 2.75
C LEU A 105 -6.63 17.36 1.88
N LYS A 106 -6.08 18.48 2.34
CA LYS A 106 -6.16 19.74 1.61
C LYS A 106 -5.52 19.58 0.24
N GLN A 107 -4.42 18.82 0.20
CA GLN A 107 -3.70 18.60 -1.05
C GLN A 107 -4.62 17.93 -2.06
N ALA A 108 -5.28 16.85 -1.66
CA ALA A 108 -6.19 16.14 -2.56
C ALA A 108 -7.43 16.97 -2.83
N ARG A 109 -7.88 17.73 -1.84
CA ARG A 109 -9.04 18.59 -2.00
C ARG A 109 -8.81 19.59 -3.12
N ALA A 110 -7.66 20.26 -3.05
CA ALA A 110 -7.27 21.26 -4.03
C ALA A 110 -7.26 20.66 -5.43
N ARG A 111 -6.98 19.36 -5.49
CA ARG A 111 -6.93 18.66 -6.76
C ARG A 111 -8.29 18.73 -7.47
N GLY A 112 -9.36 18.61 -6.68
CA GLY A 112 -10.70 18.68 -7.24
C GLY A 112 -11.06 17.43 -8.03
N LEU A 113 -10.22 16.41 -7.91
CA LEU A 113 -10.45 15.16 -8.61
C LEU A 113 -11.32 14.21 -7.81
N TYR A 114 -11.13 14.20 -6.50
CA TYR A 114 -11.92 13.33 -5.63
C TYR A 114 -13.31 13.90 -5.42
N HIS A 115 -14.32 13.04 -5.45
CA HIS A 115 -15.69 13.47 -5.25
C HIS A 115 -15.90 13.93 -3.81
N HIS A 116 -15.30 13.21 -2.88
CA HIS A 116 -15.41 13.56 -1.47
C HIS A 116 -14.28 12.91 -0.66
N LEU A 117 -13.84 13.63 0.36
CA LEU A 117 -12.78 13.13 1.23
C LEU A 117 -13.16 13.34 2.69
N SER A 118 -12.67 12.46 3.57
CA SER A 118 -12.99 12.57 4.99
C SER A 118 -11.80 12.17 5.85
N LEU A 119 -11.80 12.60 7.11
CA LEU A 119 -10.72 12.27 8.03
C LEU A 119 -11.02 10.98 8.78
N CYS A 120 -10.25 9.96 8.50
CA CYS A 120 -10.42 8.67 9.14
C CYS A 120 -9.10 7.95 9.28
N THR A 121 -8.99 7.12 10.31
CA THR A 121 -7.79 6.34 10.54
C THR A 121 -8.20 4.90 10.76
N LEU A 122 -8.13 4.12 9.68
CA LEU A 122 -8.51 2.70 9.68
C LEU A 122 -8.44 2.08 11.08
N GLY A 123 -9.61 1.69 11.57
CA GLY A 123 -9.72 1.10 12.89
C GLY A 123 -10.37 2.03 13.88
N GLN A 124 -10.37 3.32 13.56
CA GLN A 124 -10.97 4.33 14.41
C GLN A 124 -12.48 4.13 14.51
N GLU A 125 -13.10 3.98 13.35
CA GLU A 125 -14.54 3.77 13.25
C GLU A 125 -14.88 3.06 11.94
N PRO A 126 -16.11 2.54 11.81
CA PRO A 126 -16.52 1.86 10.58
C PRO A 126 -16.46 2.81 9.39
N LEU A 127 -16.20 2.28 8.20
CA LEU A 127 -16.11 3.10 7.00
C LEU A 127 -17.24 4.12 6.93
N PRO A 128 -16.90 5.40 6.72
CA PRO A 128 -17.90 6.47 6.60
C PRO A 128 -18.75 6.28 5.35
N ASP A 129 -18.27 5.42 4.46
CA ASP A 129 -18.95 5.14 3.20
C ASP A 129 -19.95 3.99 3.34
N PRO A 130 -21.19 4.19 2.83
CA PRO A 130 -22.25 3.16 2.88
C PRO A 130 -21.95 1.96 1.99
N GLU A 131 -22.61 0.84 2.27
CA GLU A 131 -22.43 -0.37 1.48
C GLU A 131 -22.83 -0.13 0.03
N GLY A 132 -22.11 -0.73 -0.90
CA GLY A 132 -22.42 -0.59 -2.31
C GLY A 132 -22.35 0.85 -2.80
N THR A 133 -21.54 1.67 -2.14
CA THR A 133 -21.40 3.07 -2.55
C THR A 133 -20.50 3.20 -3.77
N PHE A 134 -19.32 2.58 -3.70
CA PHE A 134 -18.35 2.67 -4.79
C PHE A 134 -18.33 1.43 -5.66
N ASP A 135 -18.36 1.64 -6.97
CA ASP A 135 -18.30 0.52 -7.90
C ASP A 135 -17.00 -0.24 -7.69
N ALA A 136 -15.92 0.50 -7.48
CA ALA A 136 -14.60 -0.10 -7.27
C ALA A 136 -13.76 0.73 -6.31
N VAL A 137 -12.71 0.12 -5.77
CA VAL A 137 -11.82 0.81 -4.85
C VAL A 137 -10.37 0.42 -5.11
N ILE A 138 -9.45 1.37 -5.00
CA ILE A 138 -8.04 1.09 -5.24
C ILE A 138 -7.14 1.80 -4.23
N ILE A 139 -6.39 1.02 -3.47
CA ILE A 139 -5.48 1.58 -2.46
C ILE A 139 -4.34 0.63 -2.19
N VAL A 140 -3.11 1.06 -2.45
CA VAL A 140 -1.95 0.20 -2.26
C VAL A 140 -0.92 0.77 -1.28
N GLY A 141 -0.36 -0.13 -0.47
CA GLY A 141 0.66 0.27 0.49
C GLY A 141 0.09 0.68 1.83
N ALA A 142 -1.22 0.95 1.87
CA ALA A 142 -1.87 1.36 3.10
C ALA A 142 -1.94 0.23 4.11
N LEU A 143 -2.32 -0.96 3.65
CA LEU A 143 -2.43 -2.11 4.53
C LEU A 143 -1.05 -2.49 5.04
N SER A 144 -0.05 -2.43 4.15
CA SER A 144 1.32 -2.75 4.52
C SER A 144 1.92 -1.62 5.36
N GLU A 145 1.60 -0.39 4.99
CA GLU A 145 2.09 0.79 5.71
C GLU A 145 0.95 1.74 6.03
N GLY A 146 0.90 2.21 7.27
CA GLY A 146 -0.16 3.11 7.68
C GLY A 146 -0.96 2.56 8.84
N GLN A 147 -1.01 1.23 8.94
CA GLN A 147 -1.74 0.55 10.01
C GLN A 147 -3.25 0.45 9.73
N VAL A 148 -3.60 -0.21 8.63
CA VAL A 148 -5.00 -0.40 8.29
C VAL A 148 -5.48 -1.74 8.85
N PRO A 149 -6.34 -1.72 9.88
CA PRO A 149 -6.83 -2.94 10.54
C PRO A 149 -7.68 -3.83 9.63
N CYS A 150 -7.27 -5.10 9.57
CA CYS A 150 -7.93 -6.08 8.73
C CYS A 150 -9.45 -6.04 8.88
N SER A 151 -9.93 -5.65 10.05
CA SER A 151 -11.36 -5.56 10.30
C SER A 151 -12.03 -4.57 9.34
N ALA A 152 -11.35 -3.46 9.08
CA ALA A 152 -11.88 -2.42 8.20
C ALA A 152 -11.84 -2.81 6.72
N ILE A 153 -10.89 -3.65 6.31
CA ILE A 153 -10.77 -4.03 4.91
C ILE A 153 -12.10 -4.48 4.32
N PRO A 154 -12.83 -5.39 5.00
CA PRO A 154 -14.12 -5.90 4.51
C PRO A 154 -15.13 -4.77 4.34
N GLU A 155 -14.94 -3.70 5.11
CA GLU A 155 -15.80 -2.53 5.01
C GLU A 155 -15.54 -1.83 3.69
N LEU A 156 -14.31 -1.98 3.20
CA LEU A 156 -13.91 -1.38 1.94
C LEU A 156 -14.57 -2.11 0.77
N LEU A 157 -14.50 -3.44 0.81
CA LEU A 157 -15.12 -4.28 -0.22
C LEU A 157 -16.63 -4.22 -0.10
N ARG A 158 -17.10 -4.21 1.14
CA ARG A 158 -18.53 -4.18 1.43
C ARG A 158 -19.17 -2.94 0.82
N VAL A 159 -18.52 -1.80 0.98
CA VAL A 159 -19.03 -0.56 0.42
C VAL A 159 -18.93 -0.58 -1.09
N THR A 160 -18.07 -1.45 -1.61
CA THR A 160 -17.91 -1.60 -3.05
C THR A 160 -19.08 -2.38 -3.63
N LYS A 161 -19.67 -1.86 -4.70
CA LYS A 161 -20.82 -2.52 -5.32
C LYS A 161 -20.44 -3.86 -5.93
N PRO A 162 -21.42 -4.76 -6.11
CA PRO A 162 -21.15 -6.08 -6.70
C PRO A 162 -20.58 -5.92 -8.09
N GLY A 163 -19.75 -6.86 -8.53
CA GLY A 163 -19.14 -6.72 -9.83
C GLY A 163 -18.08 -5.61 -9.83
N GLY A 164 -17.92 -4.99 -8.66
CA GLY A 164 -16.94 -3.93 -8.51
C GLY A 164 -15.53 -4.46 -8.50
N LEU A 165 -14.56 -3.56 -8.48
CA LEU A 165 -13.16 -3.98 -8.48
C LEU A 165 -12.36 -3.32 -7.35
N VAL A 166 -11.79 -4.15 -6.47
CA VAL A 166 -10.99 -3.63 -5.37
C VAL A 166 -9.53 -4.07 -5.51
N CYS A 167 -8.63 -3.10 -5.60
CA CYS A 167 -7.21 -3.40 -5.76
C CYS A 167 -6.39 -2.90 -4.56
N LEU A 168 -5.97 -3.82 -3.70
CA LEU A 168 -5.21 -3.46 -2.50
C LEU A 168 -3.93 -4.28 -2.33
N THR A 169 -3.02 -3.75 -1.51
CA THR A 169 -1.77 -4.41 -1.20
C THR A 169 -1.57 -4.47 0.30
N THR A 170 -0.79 -5.42 0.77
CA THR A 170 -0.54 -5.54 2.21
C THR A 170 0.78 -6.23 2.49
N ARG A 171 1.31 -6.00 3.68
CA ARG A 171 2.53 -6.65 4.11
C ARG A 171 2.21 -8.11 4.40
N THR A 172 2.92 -9.01 3.77
CA THR A 172 2.67 -10.43 3.98
C THR A 172 3.75 -11.08 4.83
N ASN A 173 4.36 -10.29 5.71
CA ASN A 173 5.40 -10.77 6.62
C ASN A 173 6.35 -11.74 5.91
N PRO A 174 7.35 -11.19 5.21
CA PRO A 174 8.34 -11.99 4.47
C PRO A 174 9.10 -12.94 5.40
N SER A 175 9.18 -12.57 6.67
CA SER A 175 9.90 -13.38 7.66
C SER A 175 9.31 -14.78 7.77
N ASN A 176 7.99 -14.88 7.72
CA ASN A 176 7.33 -16.18 7.82
C ASN A 176 7.00 -16.73 6.43
N LEU A 177 7.99 -17.33 5.79
CA LEU A 177 7.81 -17.89 4.45
C LEU A 177 6.59 -18.81 4.37
N PRO A 178 6.45 -19.77 5.28
CA PRO A 178 5.31 -20.70 5.30
C PRO A 178 3.97 -19.98 5.47
N TYR A 179 3.99 -18.85 6.17
CA TYR A 179 2.77 -18.08 6.42
C TYR A 179 2.12 -17.61 5.12
N LYS A 180 2.91 -17.50 4.06
CA LYS A 180 2.39 -17.04 2.76
C LYS A 180 1.16 -17.85 2.33
N GLU A 181 1.19 -19.16 2.57
CA GLU A 181 0.07 -20.01 2.22
C GLU A 181 -1.19 -19.57 2.94
N THR A 182 -1.03 -19.17 4.20
CA THR A 182 -2.14 -18.70 5.03
C THR A 182 -2.81 -17.48 4.39
N LEU A 183 -1.99 -16.63 3.79
CA LEU A 183 -2.50 -15.45 3.10
C LEU A 183 -3.23 -15.88 1.84
N GLU A 184 -2.51 -16.62 1.00
CA GLU A 184 -3.02 -17.09 -0.28
C GLU A 184 -4.25 -17.98 -0.10
N ALA A 185 -4.28 -18.77 0.96
CA ALA A 185 -5.42 -19.65 1.22
C ALA A 185 -6.67 -18.85 1.54
N THR A 186 -6.52 -17.77 2.30
CA THR A 186 -7.65 -16.92 2.70
C THR A 186 -8.32 -16.31 1.47
N LEU A 187 -7.53 -15.88 0.49
CA LEU A 187 -8.08 -15.28 -0.71
C LEU A 187 -8.80 -16.32 -1.55
N ASP A 188 -8.22 -17.52 -1.62
CA ASP A 188 -8.79 -18.61 -2.41
C ASP A 188 -10.20 -18.97 -1.91
N SER A 189 -10.38 -18.98 -0.59
CA SER A 189 -11.69 -19.31 -0.03
C SER A 189 -12.73 -18.26 -0.42
N LEU A 190 -12.30 -17.00 -0.39
CA LEU A 190 -13.18 -15.90 -0.73
C LEU A 190 -13.60 -15.98 -2.18
N GLU A 191 -12.70 -16.49 -3.03
CA GLU A 191 -13.05 -16.65 -4.43
C GLU A 191 -14.07 -17.77 -4.56
N ARG A 192 -13.80 -18.86 -3.86
CA ARG A 192 -14.70 -20.02 -3.86
C ARG A 192 -16.07 -19.67 -3.31
N ALA A 193 -16.09 -18.85 -2.26
CA ALA A 193 -17.34 -18.44 -1.63
C ALA A 193 -18.17 -17.55 -2.54
N GLY A 194 -17.56 -17.02 -3.59
CA GLY A 194 -18.27 -16.16 -4.51
C GLY A 194 -18.33 -14.71 -4.05
N VAL A 195 -17.65 -14.41 -2.95
CA VAL A 195 -17.64 -13.05 -2.42
C VAL A 195 -16.84 -12.09 -3.34
N TRP A 196 -15.78 -12.61 -3.95
CA TRP A 196 -14.96 -11.79 -4.85
C TRP A 196 -14.00 -12.65 -5.68
N GLU A 197 -13.63 -12.16 -6.86
CA GLU A 197 -12.72 -12.90 -7.74
C GLU A 197 -11.59 -12.00 -8.21
N CYS A 198 -10.44 -12.61 -8.49
CA CYS A 198 -9.28 -11.88 -8.95
C CYS A 198 -9.46 -11.41 -10.38
N LEU A 199 -8.98 -10.20 -10.67
CA LEU A 199 -9.04 -9.62 -12.01
C LEU A 199 -7.64 -9.48 -12.58
N VAL A 200 -6.67 -9.49 -11.68
CA VAL A 200 -5.25 -9.36 -11.99
C VAL A 200 -4.48 -9.22 -10.69
N THR A 201 -3.21 -9.57 -10.71
CA THR A 201 -2.38 -9.45 -9.52
C THR A 201 -0.96 -9.09 -9.91
N GLN A 202 -0.61 -7.83 -9.75
CA GLN A 202 0.73 -7.37 -10.08
C GLN A 202 1.76 -8.23 -9.35
N PRO A 203 2.39 -9.18 -10.08
CA PRO A 203 3.37 -10.08 -9.48
C PRO A 203 4.62 -9.35 -9.00
N VAL A 204 5.07 -9.71 -7.82
CA VAL A 204 6.26 -9.10 -7.23
C VAL A 204 7.32 -10.16 -6.99
N ASP A 205 8.58 -9.78 -7.09
CA ASP A 205 9.70 -10.70 -6.89
C ASP A 205 9.75 -11.22 -5.45
N HIS A 206 8.60 -11.31 -4.79
CA HIS A 206 8.55 -11.80 -3.42
C HIS A 206 8.56 -13.33 -3.43
N TRP A 207 8.04 -13.91 -4.50
CA TRP A 207 8.00 -15.37 -4.64
C TRP A 207 9.42 -15.93 -4.61
N GLU A 208 10.37 -15.19 -5.16
CA GLU A 208 11.76 -15.61 -5.16
C GLU A 208 12.32 -15.53 -3.76
N LEU A 209 13.17 -16.49 -3.40
CA LEU A 209 13.75 -16.51 -2.06
C LEU A 209 14.56 -15.24 -1.81
N ALA A 210 14.30 -14.60 -0.67
CA ALA A 210 15.00 -13.37 -0.30
C ALA A 210 16.24 -13.66 0.54
N THR A 211 16.51 -14.94 0.76
CA THR A 211 17.68 -15.37 1.54
C THR A 211 18.96 -14.90 0.88
N SER A 212 19.00 -14.96 -0.45
CA SER A 212 20.19 -14.54 -1.19
C SER A 212 20.64 -13.16 -0.75
N GLU A 213 19.68 -12.33 -0.32
CA GLU A 213 20.00 -10.99 0.16
C GLU A 213 20.65 -11.06 1.54
N GLN A 214 21.65 -10.21 1.77
CA GLN A 214 22.36 -10.21 3.05
C GLN A 214 22.01 -8.97 3.87
N GLU A 215 21.78 -9.17 5.16
CA GLU A 215 21.44 -8.08 6.06
C GLU A 215 22.56 -7.02 6.09
N THR A 216 23.81 -7.49 6.09
CA THR A 216 24.95 -6.58 6.12
C THR A 216 25.29 -6.09 4.72
N GLY A 217 26.18 -5.10 4.66
CA GLY A 217 26.58 -4.55 3.38
C GLY A 217 25.44 -3.84 2.68
N LEU A 218 25.06 -4.34 1.51
CA LEU A 218 23.97 -3.75 0.74
C LEU A 218 22.65 -4.45 1.04
N GLY A 219 21.67 -3.68 1.51
CA GLY A 219 20.37 -4.24 1.83
C GLY A 219 19.46 -3.25 2.54
N THR A 220 18.34 -3.73 3.05
CA THR A 220 17.38 -2.88 3.75
C THR A 220 16.88 -3.54 5.03
N CYS A 221 16.39 -2.74 5.96
CA CYS A 221 15.88 -3.25 7.24
C CYS A 221 14.73 -4.23 7.00
N ALA A 222 13.85 -3.90 6.05
CA ALA A 222 12.72 -4.75 5.72
C ALA A 222 13.03 -5.57 4.48
N ASN A 223 12.84 -6.88 4.58
CA ASN A 223 13.12 -7.76 3.45
C ASN A 223 12.28 -7.39 2.24
N ASP A 224 10.96 -7.32 2.42
CA ASP A 224 10.06 -6.99 1.32
C ASP A 224 10.36 -7.86 0.11
N GLY A 225 10.78 -9.09 0.37
CA GLY A 225 11.12 -10.00 -0.70
C GLY A 225 10.68 -11.42 -0.46
N PHE A 226 10.76 -11.89 0.77
CA PHE A 226 10.36 -13.26 1.07
C PHE A 226 8.88 -13.49 0.75
N ILE A 227 8.04 -12.50 1.05
CA ILE A 227 6.60 -12.62 0.79
C ILE A 227 5.91 -11.26 0.57
N SER A 228 6.45 -10.21 1.17
CA SER A 228 5.86 -8.87 1.07
C SER A 228 5.98 -8.24 -0.30
N GLY A 229 5.19 -7.19 -0.51
CA GLY A 229 5.18 -6.48 -1.77
C GLY A 229 4.18 -7.03 -2.77
N ILE A 230 2.94 -7.22 -2.34
CA ILE A 230 1.93 -7.77 -3.25
C ILE A 230 0.79 -6.78 -3.51
N ILE A 231 0.62 -6.43 -4.78
CA ILE A 231 -0.46 -5.54 -5.20
C ILE A 231 -1.34 -6.23 -6.22
N TYR A 232 -2.59 -6.49 -5.88
CA TYR A 232 -3.47 -7.20 -6.81
C TYR A 232 -4.89 -6.67 -6.82
N LEU A 233 -5.51 -6.80 -7.99
CA LEU A 233 -6.89 -6.35 -8.19
C LEU A 233 -7.88 -7.44 -7.81
N TYR A 234 -9.15 -7.07 -7.79
CA TYR A 234 -10.23 -8.00 -7.46
C TYR A 234 -11.58 -7.46 -7.91
N ARG A 235 -12.57 -8.33 -8.03
CA ARG A 235 -13.91 -7.93 -8.43
C ARG A 235 -14.93 -8.51 -7.46
N LYS A 236 -15.83 -7.68 -6.92
CA LYS A 236 -16.82 -8.14 -5.95
C LYS A 236 -17.89 -9.05 -6.52
N GLN A 237 -18.16 -10.11 -5.75
CA GLN A 237 -19.16 -11.13 -6.09
C GLN A 237 -18.74 -11.99 -7.27
N GLU A 238 -17.84 -12.89 -6.97
CA GLU A 238 -17.33 -13.82 -7.97
C GLU A 238 -16.72 -15.08 -7.37
N THR A 239 -16.88 -16.18 -8.11
CA THR A 239 -16.37 -17.48 -7.70
C THR A 239 -15.20 -17.91 -8.57
N VAL A 240 -14.38 -18.82 -8.04
CA VAL A 240 -13.22 -19.32 -8.76
C VAL A 240 -13.53 -20.68 -9.40
N GLY A 1 44.14 6.35 33.87
CA GLY A 1 44.37 7.67 33.22
C GLY A 1 43.92 7.68 31.77
N ALA A 2 42.77 8.30 31.52
CA ALA A 2 42.24 8.38 30.16
C ALA A 2 43.07 9.30 29.28
N MET A 3 43.26 8.91 28.03
CA MET A 3 44.03 9.71 27.08
C MET A 3 43.36 11.07 26.87
N ALA A 4 42.03 11.06 26.80
CA ALA A 4 41.27 12.28 26.59
C ALA A 4 41.79 13.42 27.48
N GLN A 5 41.84 13.17 28.79
CA GLN A 5 42.34 14.17 29.72
C GLN A 5 43.77 14.55 29.39
N GLU A 6 44.57 13.55 29.03
CA GLU A 6 45.96 13.76 28.68
C GLU A 6 46.08 14.71 27.49
N GLU A 7 45.19 14.55 26.53
CA GLU A 7 45.16 15.41 25.35
C GLU A 7 43.74 15.59 24.84
N ALA A 8 43.24 16.81 24.91
CA ALA A 8 41.89 17.12 24.47
C ALA A 8 41.82 17.25 22.94
N GLY A 9 42.43 18.32 22.43
CA GLY A 9 42.42 18.55 21.00
C GLY A 9 41.16 19.29 20.56
N ARG A 10 40.16 18.53 20.12
CA ARG A 10 38.90 19.12 19.67
C ARG A 10 37.76 18.70 20.60
N LEU A 11 36.94 19.67 20.99
CA LEU A 11 35.83 19.41 21.90
C LEU A 11 34.50 19.84 21.29
N PRO A 12 34.20 19.42 20.05
CA PRO A 12 32.94 19.77 19.38
C PRO A 12 31.75 19.07 20.03
N GLN A 13 30.58 19.71 19.97
CA GLN A 13 29.37 19.14 20.53
C GLN A 13 28.34 18.90 19.44
N VAL A 14 27.80 17.68 19.39
CA VAL A 14 26.82 17.33 18.37
C VAL A 14 25.60 16.63 18.96
N LEU A 15 24.42 17.04 18.50
CA LEU A 15 23.17 16.45 18.95
C LEU A 15 22.84 15.19 18.13
N ALA A 16 22.53 15.39 16.86
CA ALA A 16 22.21 14.29 15.95
C ALA A 16 22.59 14.64 14.52
N ARG A 17 23.18 13.68 13.81
CA ARG A 17 23.60 13.90 12.43
C ARG A 17 22.80 13.01 11.46
N VAL A 18 22.55 13.53 10.26
CA VAL A 18 21.82 12.80 9.25
C VAL A 18 22.54 11.50 8.89
N GLY A 19 23.86 11.57 8.79
CA GLY A 19 24.64 10.39 8.46
C GLY A 19 25.46 10.57 7.20
N THR A 20 24.78 10.83 6.08
CA THR A 20 25.46 11.03 4.81
C THR A 20 26.27 12.32 4.81
N SER A 21 25.72 13.35 5.43
CA SER A 21 26.38 14.65 5.51
C SER A 21 27.72 14.53 6.23
N HIS A 22 27.74 13.73 7.29
CA HIS A 22 28.97 13.54 8.08
C HIS A 22 29.76 12.34 7.59
N GLY A 23 30.99 12.60 7.14
CA GLY A 23 31.86 11.54 6.66
C GLY A 23 33.33 11.93 6.77
N ILE A 24 34.22 10.95 6.63
CA ILE A 24 35.65 11.23 6.73
C ILE A 24 36.12 12.09 5.56
N THR A 25 35.93 11.62 4.34
CA THR A 25 36.33 12.36 3.16
C THR A 25 35.42 13.56 2.95
N ASP A 26 34.12 13.33 3.18
CA ASP A 26 33.11 14.38 3.03
C ASP A 26 33.18 15.05 1.66
N LEU A 27 33.32 14.26 0.60
CA LEU A 27 33.41 14.80 -0.76
C LEU A 27 32.13 15.58 -1.08
N ALA A 28 31.00 14.96 -0.79
CA ALA A 28 29.71 15.57 -1.08
C ALA A 28 28.85 15.76 0.17
N CYS A 29 28.32 16.97 0.31
CA CYS A 29 27.47 17.31 1.44
C CYS A 29 26.77 18.64 1.18
N LYS A 30 27.42 19.74 1.56
CA LYS A 30 26.87 21.07 1.35
C LYS A 30 26.85 21.45 -0.13
N LEU A 31 27.87 20.98 -0.87
CA LEU A 31 27.99 21.28 -2.29
C LEU A 31 26.79 20.80 -3.10
N ARG A 32 26.27 19.62 -2.77
CA ARG A 32 25.13 19.08 -3.51
C ARG A 32 23.93 18.88 -2.57
N PHE A 33 22.74 19.21 -3.07
CA PHE A 33 21.51 19.08 -2.29
C PHE A 33 20.40 18.43 -3.12
N TYR A 34 19.49 17.73 -2.46
CA TYR A 34 18.39 17.06 -3.16
C TYR A 34 17.07 17.17 -2.41
N ASP A 35 15.97 16.98 -3.12
CA ASP A 35 14.63 17.06 -2.53
C ASP A 35 13.93 15.71 -2.54
N ASP A 36 12.96 15.56 -1.62
CA ASP A 36 12.18 14.32 -1.51
C ASP A 36 11.16 14.19 -2.63
N TRP A 37 10.86 15.30 -3.30
CA TRP A 37 9.89 15.31 -4.39
C TRP A 37 10.59 15.37 -5.75
N ALA A 38 11.87 15.03 -5.76
CA ALA A 38 12.66 15.04 -6.96
C ALA A 38 13.39 13.72 -7.16
N PRO A 39 12.67 12.66 -7.54
CA PRO A 39 13.27 11.35 -7.76
C PRO A 39 14.19 11.36 -8.97
N GLU A 40 15.38 10.82 -8.79
CA GLU A 40 16.38 10.78 -9.84
C GLU A 40 15.89 10.01 -11.07
N TYR A 41 15.18 8.90 -10.83
CA TYR A 41 14.69 8.07 -11.93
C TYR A 41 13.17 8.17 -12.11
N ASP A 42 12.57 9.27 -11.69
CA ASP A 42 11.12 9.44 -11.84
C ASP A 42 10.75 9.56 -13.32
N GLN A 43 11.40 10.50 -14.00
CA GLN A 43 11.13 10.76 -15.40
C GLN A 43 11.43 9.54 -16.28
N ASP A 44 12.52 8.84 -15.98
CA ASP A 44 12.93 7.67 -16.78
C ASP A 44 12.39 6.34 -16.24
N VAL A 45 12.94 5.88 -15.12
CA VAL A 45 12.56 4.59 -14.54
C VAL A 45 11.08 4.49 -14.18
N ALA A 46 10.49 5.53 -13.59
CA ALA A 46 9.09 5.45 -13.21
C ALA A 46 8.23 4.96 -14.36
N ALA A 47 8.24 5.69 -15.47
CA ALA A 47 7.45 5.31 -16.64
C ALA A 47 7.74 3.86 -17.03
N LEU A 48 9.02 3.53 -17.20
CA LEU A 48 9.40 2.17 -17.55
C LEU A 48 8.97 1.19 -16.47
N LYS A 49 9.12 1.61 -15.21
CA LYS A 49 8.76 0.79 -14.07
C LYS A 49 7.25 0.76 -13.86
N TYR A 50 6.78 -0.34 -13.30
CA TYR A 50 5.36 -0.51 -13.02
C TYR A 50 5.14 -0.62 -11.51
N ARG A 51 4.02 -0.08 -11.04
CA ARG A 51 3.72 -0.11 -9.61
C ARG A 51 2.31 -0.63 -9.35
N ALA A 52 2.11 -1.12 -8.14
CA ALA A 52 0.83 -1.70 -7.73
C ALA A 52 -0.38 -0.85 -8.14
N PRO A 53 -0.46 0.42 -7.73
CA PRO A 53 -1.60 1.28 -8.09
C PRO A 53 -1.73 1.52 -9.58
N ARG A 54 -0.61 1.85 -10.21
CA ARG A 54 -0.58 2.11 -11.65
C ARG A 54 -1.02 0.90 -12.45
N LEU A 55 -0.44 -0.25 -12.14
CA LEU A 55 -0.78 -1.49 -12.82
C LEU A 55 -2.24 -1.84 -12.60
N ALA A 56 -2.72 -1.62 -11.39
CA ALA A 56 -4.10 -1.93 -11.04
C ALA A 56 -5.10 -1.18 -11.92
N VAL A 57 -5.04 0.15 -11.89
CA VAL A 57 -5.99 0.95 -12.65
C VAL A 57 -6.01 0.59 -14.14
N ASP A 58 -4.84 0.39 -14.74
CA ASP A 58 -4.81 0.03 -16.15
C ASP A 58 -5.52 -1.31 -16.38
N CYS A 59 -5.08 -2.32 -15.64
CA CYS A 59 -5.65 -3.66 -15.73
C CYS A 59 -7.11 -3.70 -15.26
N LEU A 60 -7.39 -2.96 -14.20
CA LEU A 60 -8.73 -2.92 -13.62
C LEU A 60 -9.71 -2.42 -14.66
N SER A 61 -9.38 -1.29 -15.27
CA SER A 61 -10.22 -0.69 -16.30
C SER A 61 -10.31 -1.61 -17.53
N ARG A 62 -9.22 -2.32 -17.80
CA ARG A 62 -9.18 -3.23 -18.95
C ARG A 62 -10.25 -4.31 -18.82
N ALA A 63 -10.45 -4.79 -17.60
CA ALA A 63 -11.48 -5.79 -17.35
C ALA A 63 -12.83 -5.10 -17.19
N PHE A 64 -12.80 -3.96 -16.49
CA PHE A 64 -14.00 -3.16 -16.24
C PHE A 64 -14.72 -2.85 -17.55
N ARG A 65 -15.93 -3.39 -17.68
CA ARG A 65 -16.74 -3.18 -18.87
C ARG A 65 -17.98 -2.34 -18.57
N GLY A 66 -18.12 -1.91 -17.33
CA GLY A 66 -19.25 -1.09 -16.94
C GLY A 66 -19.03 0.36 -17.31
N SER A 67 -19.74 1.26 -16.63
CA SER A 67 -19.61 2.68 -16.90
C SER A 67 -18.54 3.29 -16.01
N PRO A 68 -17.35 3.58 -16.56
CA PRO A 68 -16.25 4.19 -15.81
C PRO A 68 -16.66 5.55 -15.24
N HIS A 69 -17.58 6.22 -15.93
CA HIS A 69 -18.08 7.52 -15.49
C HIS A 69 -18.94 7.37 -14.25
N ASP A 70 -19.74 6.32 -14.23
CA ASP A 70 -20.62 6.04 -13.10
C ASP A 70 -19.92 5.16 -12.07
N ALA A 71 -18.65 4.84 -12.33
CA ALA A 71 -17.87 4.01 -11.42
C ALA A 71 -17.31 4.84 -10.28
N LEU A 72 -17.51 4.36 -9.06
CA LEU A 72 -17.02 5.03 -7.87
C LEU A 72 -15.81 4.29 -7.30
N ILE A 73 -14.70 5.01 -7.08
CA ILE A 73 -13.47 4.40 -6.56
C ILE A 73 -13.03 5.06 -5.26
N LEU A 74 -12.47 4.28 -4.33
CA LEU A 74 -12.05 4.85 -3.03
C LEU A 74 -10.54 4.72 -2.73
N ASP A 75 -9.87 5.86 -2.68
CA ASP A 75 -8.45 5.93 -2.34
C ASP A 75 -8.29 6.54 -0.94
N VAL A 76 -7.56 5.86 -0.04
CA VAL A 76 -7.41 6.37 1.32
C VAL A 76 -5.95 6.42 1.81
N ALA A 77 -5.74 7.28 2.81
CA ALA A 77 -4.44 7.47 3.45
C ALA A 77 -3.28 7.45 2.46
N CYS A 78 -3.55 7.82 1.22
CA CYS A 78 -2.50 7.85 0.21
C CYS A 78 -2.46 9.20 -0.51
N GLY A 79 -3.28 10.15 -0.05
CA GLY A 79 -3.33 11.48 -0.64
C GLY A 79 -3.48 11.48 -2.17
N THR A 80 -3.42 10.30 -2.77
CA THR A 80 -3.50 10.09 -4.23
C THR A 80 -4.34 11.10 -5.02
N GLY A 81 -4.22 12.40 -4.75
CA GLY A 81 -4.98 13.36 -5.52
C GLY A 81 -4.63 13.24 -6.98
N LEU A 82 -3.34 13.03 -7.24
CA LEU A 82 -2.85 12.84 -8.60
C LEU A 82 -3.52 11.63 -9.23
N VAL A 83 -3.49 10.50 -8.51
CA VAL A 83 -4.08 9.26 -9.01
C VAL A 83 -5.54 9.48 -9.35
N ALA A 84 -6.23 10.25 -8.52
CA ALA A 84 -7.63 10.54 -8.77
C ALA A 84 -7.76 11.22 -10.13
N VAL A 85 -6.72 11.98 -10.49
CA VAL A 85 -6.67 12.68 -11.77
C VAL A 85 -6.58 11.68 -12.91
N GLU A 86 -5.71 10.68 -12.75
CA GLU A 86 -5.55 9.64 -13.76
C GLU A 86 -6.86 8.89 -13.89
N LEU A 87 -7.48 8.61 -12.74
CA LEU A 87 -8.74 7.89 -12.71
C LEU A 87 -9.72 8.56 -13.67
N GLN A 88 -9.81 9.88 -13.60
CA GLN A 88 -10.67 10.65 -14.50
C GLN A 88 -10.27 10.37 -15.94
N ALA A 89 -8.95 10.28 -16.14
CA ALA A 89 -8.41 9.99 -17.46
C ALA A 89 -8.95 8.65 -17.96
N ARG A 90 -8.69 7.60 -17.19
CA ARG A 90 -9.14 6.24 -17.53
C ARG A 90 -10.68 6.12 -17.48
N GLY A 91 -11.36 7.26 -17.38
CA GLY A 91 -12.82 7.28 -17.35
C GLY A 91 -13.38 7.18 -15.94
N PHE A 92 -12.55 6.83 -14.99
CA PHE A 92 -12.98 6.70 -13.60
C PHE A 92 -13.14 8.09 -12.99
N LEU A 93 -14.24 8.76 -13.34
CA LEU A 93 -14.52 10.10 -12.84
C LEU A 93 -14.88 10.12 -11.36
N GLN A 94 -15.66 9.14 -10.92
CA GLN A 94 -16.11 9.14 -9.54
C GLN A 94 -15.16 8.41 -8.61
N VAL A 95 -14.39 9.18 -7.86
CA VAL A 95 -13.46 8.61 -6.90
C VAL A 95 -13.52 9.35 -5.58
N GLN A 96 -13.72 8.61 -4.51
CA GLN A 96 -13.77 9.18 -3.16
C GLN A 96 -12.62 8.66 -2.33
N GLY A 97 -12.21 9.40 -1.32
CA GLY A 97 -11.10 8.96 -0.51
C GLY A 97 -11.16 9.50 0.90
N VAL A 98 -10.16 9.17 1.69
CA VAL A 98 -10.09 9.65 3.05
C VAL A 98 -8.64 9.86 3.47
N ASP A 99 -8.44 10.91 4.26
CA ASP A 99 -7.11 11.26 4.74
C ASP A 99 -7.12 11.53 6.23
N GLY A 100 -5.96 11.38 6.85
CA GLY A 100 -5.84 11.63 8.28
C GLY A 100 -5.01 12.85 8.59
N SER A 101 -4.82 13.70 7.59
CA SER A 101 -4.04 14.92 7.75
C SER A 101 -4.65 16.07 6.93
N PRO A 102 -5.02 17.17 7.60
CA PRO A 102 -5.62 18.32 6.93
C PRO A 102 -4.81 18.77 5.70
N GLU A 103 -3.49 18.73 5.82
CA GLU A 103 -2.63 19.12 4.71
C GLU A 103 -2.87 18.24 3.50
N MET A 104 -2.89 16.92 3.72
CA MET A 104 -3.10 15.98 2.63
C MET A 104 -4.53 16.06 2.12
N LEU A 105 -5.48 16.23 3.03
CA LEU A 105 -6.88 16.35 2.68
C LEU A 105 -7.09 17.55 1.76
N LYS A 106 -6.51 18.68 2.17
CA LYS A 106 -6.58 19.91 1.40
C LYS A 106 -5.98 19.73 0.02
N GLN A 107 -4.88 18.96 -0.04
CA GLN A 107 -4.21 18.72 -1.30
C GLN A 107 -5.14 18.04 -2.29
N ALA A 108 -5.78 16.96 -1.85
CA ALA A 108 -6.71 16.23 -2.71
C ALA A 108 -7.98 17.04 -2.96
N ARG A 109 -8.44 17.76 -1.95
CA ARG A 109 -9.64 18.59 -2.10
C ARG A 109 -9.41 19.63 -3.20
N ALA A 110 -8.29 20.33 -3.09
CA ALA A 110 -7.93 21.36 -4.05
C ALA A 110 -7.84 20.77 -5.45
N ARG A 111 -7.46 19.51 -5.52
CA ARG A 111 -7.34 18.80 -6.79
C ARG A 111 -8.69 18.78 -7.50
N GLY A 112 -9.76 18.58 -6.74
CA GLY A 112 -11.10 18.55 -7.30
C GLY A 112 -11.41 17.25 -8.02
N LEU A 113 -10.53 16.27 -7.88
CA LEU A 113 -10.72 14.98 -8.51
C LEU A 113 -11.57 14.04 -7.67
N TYR A 114 -11.41 14.12 -6.35
CA TYR A 114 -12.18 13.27 -5.45
C TYR A 114 -13.61 13.77 -5.31
N HIS A 115 -14.56 12.84 -5.38
CA HIS A 115 -15.96 13.19 -5.23
C HIS A 115 -16.24 13.68 -3.81
N HIS A 116 -15.62 13.01 -2.85
CA HIS A 116 -15.78 13.37 -1.45
C HIS A 116 -14.62 12.85 -0.62
N LEU A 117 -14.23 13.62 0.39
CA LEU A 117 -13.13 13.24 1.26
C LEU A 117 -13.50 13.47 2.72
N SER A 118 -12.94 12.67 3.60
CA SER A 118 -13.22 12.80 5.03
C SER A 118 -11.99 12.53 5.87
N LEU A 119 -11.99 13.05 7.10
CA LEU A 119 -10.86 12.85 7.99
C LEU A 119 -11.03 11.58 8.81
N CYS A 120 -10.15 10.62 8.57
CA CYS A 120 -10.21 9.36 9.28
C CYS A 120 -8.83 8.72 9.35
N THR A 121 -8.65 7.87 10.35
CA THR A 121 -7.40 7.16 10.52
C THR A 121 -7.73 5.69 10.74
N LEU A 122 -7.63 4.92 9.66
CA LEU A 122 -7.97 3.50 9.66
C LEU A 122 -7.80 2.86 11.03
N GLY A 123 -8.87 2.23 11.49
CA GLY A 123 -8.86 1.58 12.79
C GLY A 123 -9.49 2.44 13.86
N GLN A 124 -9.59 3.74 13.60
CA GLN A 124 -10.19 4.67 14.53
C GLN A 124 -11.69 4.44 14.65
N GLU A 125 -12.34 4.45 13.50
CA GLU A 125 -13.78 4.26 13.41
C GLU A 125 -14.14 3.62 12.06
N PRO A 126 -15.37 3.09 11.92
CA PRO A 126 -15.80 2.48 10.66
C PRO A 126 -15.73 3.49 9.52
N LEU A 127 -15.49 3.00 8.31
CA LEU A 127 -15.34 3.87 7.15
C LEU A 127 -16.57 4.75 6.92
N PRO A 128 -16.33 6.01 6.49
CA PRO A 128 -17.41 6.96 6.21
C PRO A 128 -18.19 6.60 4.96
N ASP A 129 -17.66 5.67 4.18
CA ASP A 129 -18.33 5.24 2.95
C ASP A 129 -19.30 4.08 3.22
N PRO A 130 -20.56 4.22 2.75
CA PRO A 130 -21.60 3.20 2.95
C PRO A 130 -21.36 1.93 2.13
N GLU A 131 -22.00 0.84 2.54
CA GLU A 131 -21.88 -0.43 1.84
C GLU A 131 -22.36 -0.30 0.40
N GLY A 132 -21.66 -0.94 -0.54
CA GLY A 132 -22.07 -0.89 -1.93
C GLY A 132 -22.10 0.53 -2.47
N THR A 133 -21.36 1.43 -1.84
CA THR A 133 -21.31 2.82 -2.27
C THR A 133 -20.41 3.00 -3.48
N PHE A 134 -19.21 2.42 -3.43
CA PHE A 134 -18.25 2.58 -4.51
C PHE A 134 -18.07 1.32 -5.34
N ASP A 135 -18.04 1.49 -6.66
CA ASP A 135 -17.86 0.35 -7.55
C ASP A 135 -16.49 -0.29 -7.34
N ALA A 136 -15.45 0.51 -7.15
CA ALA A 136 -14.11 -0.03 -6.97
C ALA A 136 -13.31 0.70 -5.90
N VAL A 137 -12.21 0.08 -5.46
CA VAL A 137 -11.34 0.68 -4.45
C VAL A 137 -9.87 0.40 -4.78
N ILE A 138 -9.02 1.42 -4.71
CA ILE A 138 -7.61 1.23 -5.02
C ILE A 138 -6.68 1.93 -4.03
N ILE A 139 -5.88 1.14 -3.32
CA ILE A 139 -4.93 1.69 -2.34
C ILE A 139 -3.77 0.75 -2.09
N VAL A 140 -2.55 1.21 -2.34
CA VAL A 140 -1.35 0.40 -2.17
C VAL A 140 -0.40 0.97 -1.12
N GLY A 141 0.11 0.08 -0.26
CA GLY A 141 1.04 0.50 0.78
C GLY A 141 0.38 0.71 2.11
N ALA A 142 -0.79 1.34 2.09
CA ALA A 142 -1.53 1.60 3.32
C ALA A 142 -1.86 0.31 4.04
N LEU A 143 -2.38 -0.65 3.30
CA LEU A 143 -2.74 -1.96 3.85
C LEU A 143 -1.48 -2.74 4.22
N SER A 144 -0.45 -2.62 3.40
CA SER A 144 0.81 -3.30 3.64
C SER A 144 1.39 -2.87 4.97
N GLU A 145 1.27 -1.59 5.26
CA GLU A 145 1.77 -1.02 6.52
C GLU A 145 0.63 -0.92 7.53
N GLY A 146 0.96 -0.70 8.79
CA GLY A 146 -0.07 -0.59 9.81
C GLY A 146 -0.90 0.68 9.66
N GLN A 147 -0.95 1.21 8.44
CA GLN A 147 -1.74 2.39 8.15
C GLN A 147 -3.22 2.04 8.10
N VAL A 148 -3.52 0.89 7.51
CA VAL A 148 -4.90 0.41 7.38
C VAL A 148 -5.06 -0.97 8.02
N PRO A 149 -5.75 -1.07 9.17
CA PRO A 149 -5.95 -2.35 9.86
C PRO A 149 -6.75 -3.35 9.02
N CYS A 150 -6.28 -4.58 9.00
CA CYS A 150 -6.91 -5.63 8.22
C CYS A 150 -8.42 -5.71 8.48
N SER A 151 -8.82 -5.34 9.68
CA SER A 151 -10.25 -5.36 10.03
C SER A 151 -11.02 -4.36 9.17
N ALA A 152 -10.41 -3.19 8.94
CA ALA A 152 -11.02 -2.14 8.15
C ALA A 152 -11.11 -2.49 6.65
N ILE A 153 -10.16 -3.29 6.16
CA ILE A 153 -10.15 -3.65 4.74
C ILE A 153 -11.52 -4.15 4.28
N PRO A 154 -12.11 -5.14 4.98
CA PRO A 154 -13.43 -5.68 4.63
C PRO A 154 -14.46 -4.58 4.49
N GLU A 155 -14.26 -3.50 5.24
CA GLU A 155 -15.16 -2.36 5.20
C GLU A 155 -15.00 -1.63 3.86
N LEU A 156 -13.81 -1.75 3.25
CA LEU A 156 -13.57 -1.17 1.92
C LEU A 156 -14.28 -2.00 0.87
N LEU A 157 -14.17 -3.31 1.03
CA LEU A 157 -14.78 -4.28 0.12
C LEU A 157 -16.29 -4.27 0.29
N ARG A 158 -16.74 -4.17 1.53
CA ARG A 158 -18.17 -4.14 1.82
C ARG A 158 -18.82 -2.96 1.11
N VAL A 159 -18.16 -1.81 1.17
CA VAL A 159 -18.68 -0.62 0.51
C VAL A 159 -18.59 -0.74 -1.00
N THR A 160 -17.73 -1.65 -1.47
CA THR A 160 -17.56 -1.86 -2.90
C THR A 160 -18.72 -2.67 -3.48
N LYS A 161 -19.34 -2.16 -4.53
CA LYS A 161 -20.48 -2.83 -5.16
C LYS A 161 -20.06 -4.10 -5.89
N PRO A 162 -21.02 -5.01 -6.14
CA PRO A 162 -20.75 -6.26 -6.86
C PRO A 162 -20.22 -5.93 -8.24
N GLY A 163 -19.38 -6.78 -8.80
CA GLY A 163 -18.81 -6.47 -10.10
C GLY A 163 -17.80 -5.35 -9.99
N GLY A 164 -17.55 -4.91 -8.76
CA GLY A 164 -16.60 -3.84 -8.52
C GLY A 164 -15.19 -4.35 -8.51
N LEU A 165 -14.21 -3.46 -8.52
CA LEU A 165 -12.82 -3.88 -8.53
C LEU A 165 -12.02 -3.24 -7.40
N VAL A 166 -11.42 -4.06 -6.54
CA VAL A 166 -10.63 -3.53 -5.43
C VAL A 166 -9.16 -3.94 -5.52
N CYS A 167 -8.29 -2.94 -5.58
CA CYS A 167 -6.85 -3.18 -5.66
C CYS A 167 -6.17 -2.87 -4.32
N LEU A 168 -5.89 -3.91 -3.54
CA LEU A 168 -5.27 -3.71 -2.23
C LEU A 168 -3.96 -4.49 -2.09
N THR A 169 -3.09 -3.98 -1.22
CA THR A 169 -1.79 -4.62 -0.94
C THR A 169 -1.82 -5.23 0.45
N THR A 170 -1.30 -6.44 0.59
CA THR A 170 -1.31 -7.12 1.88
C THR A 170 -0.12 -6.77 2.78
N ARG A 171 -0.32 -7.05 4.06
CA ARG A 171 0.69 -6.88 5.10
C ARG A 171 0.91 -8.25 5.72
N THR A 172 1.41 -9.14 4.89
CA THR A 172 1.61 -10.53 5.29
C THR A 172 2.88 -10.75 6.13
N ASN A 173 3.48 -9.67 6.62
CA ASN A 173 4.68 -9.78 7.46
C ASN A 173 5.62 -10.89 6.97
N PRO A 174 6.63 -10.54 6.15
CA PRO A 174 7.58 -11.53 5.62
C PRO A 174 8.33 -12.25 6.73
N SER A 175 8.46 -13.58 6.60
CA SER A 175 9.17 -14.37 7.60
C SER A 175 9.02 -15.88 7.34
N ASN A 176 7.79 -16.38 7.46
CA ASN A 176 7.51 -17.80 7.27
C ASN A 176 6.91 -18.06 5.88
N LEU A 177 7.67 -18.77 5.04
CA LEU A 177 7.22 -19.07 3.69
C LEU A 177 5.88 -19.81 3.69
N PRO A 178 5.75 -20.89 4.47
CA PRO A 178 4.49 -21.65 4.54
C PRO A 178 3.34 -20.77 5.03
N TYR A 179 3.66 -19.76 5.81
CA TYR A 179 2.66 -18.84 6.34
C TYR A 179 1.89 -18.13 5.22
N LYS A 180 2.59 -17.76 4.15
CA LYS A 180 1.97 -17.03 3.03
C LYS A 180 0.84 -17.83 2.39
N GLU A 181 1.01 -19.16 2.31
CA GLU A 181 -0.02 -20.00 1.69
C GLU A 181 -1.33 -19.85 2.47
N THR A 182 -1.21 -19.63 3.78
CA THR A 182 -2.36 -19.43 4.64
C THR A 182 -3.13 -18.20 4.17
N LEU A 183 -2.39 -17.22 3.67
CA LEU A 183 -2.97 -15.99 3.13
C LEU A 183 -3.68 -16.32 1.83
N GLU A 184 -2.93 -16.90 0.90
CA GLU A 184 -3.44 -17.24 -0.42
C GLU A 184 -4.61 -18.21 -0.34
N ALA A 185 -4.58 -19.13 0.62
CA ALA A 185 -5.66 -20.09 0.77
C ALA A 185 -6.96 -19.38 1.15
N THR A 186 -6.86 -18.38 2.01
CA THR A 186 -8.02 -17.61 2.45
C THR A 186 -8.71 -16.92 1.28
N LEU A 187 -7.90 -16.37 0.38
CA LEU A 187 -8.44 -15.68 -0.80
C LEU A 187 -9.21 -16.67 -1.67
N ASP A 188 -8.64 -17.85 -1.83
CA ASP A 188 -9.24 -18.88 -2.66
C ASP A 188 -10.64 -19.27 -2.17
N SER A 189 -10.81 -19.36 -0.85
CA SER A 189 -12.13 -19.70 -0.29
C SER A 189 -13.15 -18.63 -0.61
N LEU A 190 -12.73 -17.37 -0.48
CA LEU A 190 -13.61 -16.24 -0.78
C LEU A 190 -14.02 -16.26 -2.25
N GLU A 191 -13.08 -16.64 -3.11
CA GLU A 191 -13.37 -16.74 -4.52
C GLU A 191 -14.34 -17.89 -4.77
N ARG A 192 -14.01 -19.03 -4.16
CA ARG A 192 -14.83 -20.22 -4.29
C ARG A 192 -16.23 -19.96 -3.77
N ALA A 193 -16.32 -19.22 -2.67
CA ALA A 193 -17.61 -18.87 -2.08
C ALA A 193 -18.41 -17.97 -3.01
N GLY A 194 -17.74 -17.38 -3.99
CA GLY A 194 -18.41 -16.50 -4.94
C GLY A 194 -18.49 -15.06 -4.47
N VAL A 195 -17.87 -14.76 -3.33
CA VAL A 195 -17.89 -13.41 -2.80
C VAL A 195 -17.06 -12.45 -3.65
N TRP A 196 -15.96 -12.95 -4.24
CA TRP A 196 -15.12 -12.11 -5.07
C TRP A 196 -14.07 -12.93 -5.83
N GLU A 197 -13.63 -12.41 -6.98
CA GLU A 197 -12.63 -13.09 -7.80
C GLU A 197 -11.51 -12.15 -8.18
N CYS A 198 -10.33 -12.73 -8.36
CA CYS A 198 -9.17 -11.96 -8.75
C CYS A 198 -9.36 -11.41 -10.17
N LEU A 199 -8.92 -10.18 -10.38
CA LEU A 199 -9.00 -9.55 -11.69
C LEU A 199 -7.60 -9.34 -12.23
N VAL A 200 -6.64 -9.36 -11.32
CA VAL A 200 -5.25 -9.17 -11.66
C VAL A 200 -4.40 -9.33 -10.41
N THR A 201 -3.14 -9.66 -10.61
CA THR A 201 -2.22 -9.81 -9.49
C THR A 201 -0.86 -9.25 -9.89
N GLN A 202 -0.52 -8.12 -9.29
CA GLN A 202 0.73 -7.45 -9.57
C GLN A 202 1.85 -8.07 -8.75
N PRO A 203 2.74 -8.85 -9.40
CA PRO A 203 3.84 -9.52 -8.71
C PRO A 203 4.84 -8.54 -8.12
N VAL A 204 5.17 -8.72 -6.85
CA VAL A 204 6.09 -7.83 -6.16
C VAL A 204 7.27 -7.48 -7.06
N ASP A 205 7.65 -6.21 -7.06
CA ASP A 205 8.75 -5.72 -7.89
C ASP A 205 10.09 -6.22 -7.39
N HIS A 206 10.11 -6.78 -6.17
CA HIS A 206 11.35 -7.29 -5.59
C HIS A 206 11.94 -8.39 -6.47
N TRP A 207 11.08 -9.25 -7.01
CA TRP A 207 11.52 -10.33 -7.88
C TRP A 207 12.60 -11.19 -7.22
N GLU A 208 12.61 -11.19 -5.89
CA GLU A 208 13.60 -11.96 -5.15
C GLU A 208 12.93 -12.99 -4.25
N LEU A 209 13.51 -14.18 -4.18
CA LEU A 209 12.96 -15.24 -3.34
C LEU A 209 13.25 -14.97 -1.87
N ALA A 210 12.40 -15.49 -1.01
CA ALA A 210 12.57 -15.30 0.43
C ALA A 210 13.89 -15.86 0.92
N THR A 211 14.23 -17.05 0.47
CA THR A 211 15.47 -17.70 0.88
C THR A 211 16.64 -17.37 -0.04
N SER A 212 16.38 -16.64 -1.12
CA SER A 212 17.45 -16.27 -2.06
C SER A 212 18.40 -15.25 -1.43
N GLU A 213 17.86 -14.41 -0.55
CA GLU A 213 18.68 -13.39 0.10
C GLU A 213 19.80 -14.03 0.90
N GLN A 214 20.98 -13.41 0.84
CA GLN A 214 22.15 -13.91 1.56
C GLN A 214 21.94 -13.81 3.06
N GLU A 215 22.42 -14.83 3.77
CA GLU A 215 22.30 -14.87 5.22
C GLU A 215 23.00 -13.66 5.86
N THR A 216 24.15 -13.31 5.32
CA THR A 216 24.92 -12.18 5.85
C THR A 216 25.32 -11.23 4.71
N GLY A 217 25.39 -9.93 5.03
CA GLY A 217 25.76 -8.95 4.02
C GLY A 217 26.14 -7.62 4.64
N LEU A 218 26.65 -6.71 3.80
CA LEU A 218 27.07 -5.39 4.26
C LEU A 218 25.85 -4.50 4.54
N GLY A 219 26.00 -3.58 5.48
CA GLY A 219 24.91 -2.69 5.82
C GLY A 219 23.81 -3.36 6.61
N THR A 220 22.65 -2.71 6.70
CA THR A 220 21.52 -3.25 7.43
C THR A 220 20.78 -4.29 6.58
N CYS A 221 20.53 -5.46 7.17
CA CYS A 221 19.82 -6.53 6.48
C CYS A 221 18.35 -6.17 6.28
N ALA A 222 17.87 -6.30 5.05
CA ALA A 222 16.49 -5.99 4.74
C ALA A 222 15.82 -7.13 3.98
N ASN A 223 14.52 -7.29 4.16
CA ASN A 223 13.79 -8.35 3.48
C ASN A 223 13.63 -8.06 2.00
N ASP A 224 13.44 -9.11 1.22
CA ASP A 224 13.26 -8.97 -0.23
C ASP A 224 11.83 -9.31 -0.62
N GLY A 225 11.01 -9.68 0.37
CA GLY A 225 9.64 -10.04 0.11
C GLY A 225 9.35 -11.49 0.43
N PHE A 226 9.58 -11.87 1.67
CA PHE A 226 9.33 -13.26 2.09
C PHE A 226 7.86 -13.59 1.95
N ILE A 227 7.00 -12.64 2.30
CA ILE A 227 5.57 -12.84 2.24
C ILE A 227 4.81 -11.57 1.84
N SER A 228 5.32 -10.42 2.27
CA SER A 228 4.67 -9.13 1.98
C SER A 228 5.11 -8.56 0.63
N GLY A 229 4.50 -7.43 0.28
CA GLY A 229 4.80 -6.78 -0.99
C GLY A 229 3.92 -7.29 -2.10
N ILE A 230 2.80 -7.93 -1.72
CA ILE A 230 1.87 -8.48 -2.70
C ILE A 230 0.63 -7.60 -2.87
N ILE A 231 0.43 -7.14 -4.09
CA ILE A 231 -0.74 -6.34 -4.42
C ILE A 231 -1.53 -6.99 -5.55
N TYR A 232 -2.78 -7.32 -5.29
CA TYR A 232 -3.60 -8.00 -6.28
C TYR A 232 -5.00 -7.39 -6.41
N LEU A 233 -5.53 -7.40 -7.63
CA LEU A 233 -6.85 -6.86 -7.92
C LEU A 233 -7.94 -7.86 -7.53
N TYR A 234 -9.19 -7.40 -7.52
CA TYR A 234 -10.32 -8.26 -7.19
C TYR A 234 -11.64 -7.64 -7.65
N ARG A 235 -12.67 -8.48 -7.78
CA ARG A 235 -14.00 -8.01 -8.18
C ARG A 235 -15.06 -8.67 -7.31
N LYS A 236 -15.98 -7.87 -6.77
CA LYS A 236 -17.01 -8.39 -5.87
C LYS A 236 -18.08 -9.24 -6.57
N GLN A 237 -18.39 -10.37 -5.93
CA GLN A 237 -19.37 -11.34 -6.42
C GLN A 237 -18.84 -12.15 -7.59
N GLU A 238 -17.83 -12.93 -7.27
CA GLU A 238 -17.21 -13.81 -8.25
C GLU A 238 -16.65 -15.11 -7.68
N THR A 239 -16.71 -16.13 -8.53
CA THR A 239 -16.23 -17.47 -8.21
C THR A 239 -14.95 -17.80 -8.97
N VAL A 240 -14.06 -18.54 -8.31
CA VAL A 240 -12.80 -18.95 -8.94
C VAL A 240 -12.46 -20.39 -8.58
N GLY A 1 32.22 -10.97 25.03
CA GLY A 1 31.81 -10.81 23.60
C GLY A 1 31.16 -9.47 23.33
N ALA A 2 30.26 -9.06 24.21
CA ALA A 2 29.56 -7.79 24.06
C ALA A 2 30.54 -6.62 24.07
N MET A 3 31.55 -6.69 24.92
CA MET A 3 32.56 -5.65 25.00
C MET A 3 33.45 -5.65 23.76
N ALA A 4 33.79 -6.85 23.30
CA ALA A 4 34.62 -7.03 22.12
C ALA A 4 33.86 -6.71 20.84
N GLN A 5 32.59 -7.10 20.83
CA GLN A 5 31.73 -6.87 19.66
C GLN A 5 31.62 -5.38 19.34
N GLU A 6 31.32 -4.58 20.37
CA GLU A 6 31.15 -3.14 20.20
C GLU A 6 32.42 -2.49 19.65
N GLU A 7 33.58 -2.93 20.14
CA GLU A 7 34.85 -2.38 19.66
C GLU A 7 34.86 -0.86 19.81
N ALA A 8 34.67 -0.38 21.04
CA ALA A 8 34.65 1.05 21.32
C ALA A 8 36.00 1.70 20.99
N GLY A 9 37.06 0.91 21.00
CA GLY A 9 38.39 1.43 20.70
C GLY A 9 38.49 2.05 19.33
N ARG A 10 37.87 1.42 18.34
CA ARG A 10 37.92 1.91 16.97
C ARG A 10 37.18 3.24 16.83
N LEU A 11 37.57 4.01 15.81
CA LEU A 11 36.96 5.31 15.55
C LEU A 11 35.98 5.21 14.38
N PRO A 12 34.71 4.85 14.66
CA PRO A 12 33.67 4.73 13.63
C PRO A 12 33.54 5.96 12.75
N GLN A 13 32.74 5.85 11.70
CA GLN A 13 32.52 6.95 10.78
C GLN A 13 31.95 8.16 11.49
N VAL A 14 32.15 9.34 10.90
CA VAL A 14 31.64 10.58 11.47
C VAL A 14 30.94 11.44 10.43
N LEU A 15 29.76 11.94 10.78
CA LEU A 15 28.99 12.77 9.86
C LEU A 15 29.77 14.03 9.46
N ALA A 16 30.46 14.63 10.41
CA ALA A 16 31.23 15.84 10.14
C ALA A 16 32.73 15.58 10.20
N ARG A 17 33.52 16.55 9.74
CA ARG A 17 34.96 16.42 9.75
C ARG A 17 35.51 16.73 11.14
N VAL A 18 36.73 16.27 11.42
CA VAL A 18 37.36 16.52 12.71
C VAL A 18 37.51 18.02 12.95
N GLY A 19 37.87 18.75 11.90
CA GLY A 19 38.04 20.18 12.02
C GLY A 19 36.71 20.92 11.99
N THR A 20 36.70 22.13 12.54
CA THR A 20 35.48 22.93 12.57
C THR A 20 35.75 24.36 12.12
N SER A 21 34.68 25.09 11.82
CA SER A 21 34.80 26.47 11.38
C SER A 21 33.71 27.33 12.01
N HIS A 22 33.95 28.64 12.06
CA HIS A 22 33.00 29.57 12.65
C HIS A 22 32.10 30.18 11.58
N GLY A 23 30.83 30.37 11.92
CA GLY A 23 29.89 30.96 10.98
C GLY A 23 28.73 30.04 10.66
N ILE A 24 27.58 30.65 10.37
CA ILE A 24 26.37 29.91 10.05
C ILE A 24 25.76 30.46 8.76
N THR A 25 24.90 29.67 8.11
CA THR A 25 24.25 30.10 6.88
C THR A 25 22.75 29.90 6.96
N ASP A 26 22.00 30.99 6.83
CA ASP A 26 20.55 30.93 6.90
C ASP A 26 19.94 30.91 5.49
N LEU A 27 18.80 30.25 5.35
CA LEU A 27 18.12 30.14 4.07
C LEU A 27 17.75 31.53 3.55
N ALA A 28 17.30 32.41 4.45
CA ALA A 28 16.92 33.75 4.06
C ALA A 28 18.13 34.56 3.59
N CYS A 29 18.20 34.80 2.29
CA CYS A 29 19.30 35.55 1.69
C CYS A 29 18.84 36.28 0.44
N LYS A 30 19.69 37.16 -0.08
CA LYS A 30 19.36 37.92 -1.28
C LYS A 30 19.14 36.98 -2.46
N LEU A 31 18.14 37.30 -3.28
CA LEU A 31 17.82 36.49 -4.45
C LEU A 31 18.97 36.46 -5.46
N ARG A 32 19.14 35.32 -6.11
CA ARG A 32 20.19 35.15 -7.10
C ARG A 32 19.63 34.60 -8.41
N PHE A 33 20.30 34.89 -9.51
CA PHE A 33 19.87 34.43 -10.83
C PHE A 33 19.82 32.91 -10.88
N TYR A 34 20.81 32.26 -10.27
CA TYR A 34 20.88 30.80 -10.28
C TYR A 34 20.10 30.21 -9.09
N ASP A 35 19.28 29.18 -9.37
CA ASP A 35 18.47 28.54 -8.34
C ASP A 35 19.32 27.73 -7.36
N ASP A 36 19.05 27.92 -6.07
CA ASP A 36 19.78 27.21 -5.01
C ASP A 36 19.52 25.71 -5.02
N TRP A 37 18.27 25.31 -5.24
CA TRP A 37 17.92 23.90 -5.23
C TRP A 37 17.72 23.33 -6.64
N ALA A 38 18.22 24.05 -7.66
CA ALA A 38 18.13 23.60 -9.06
C ALA A 38 16.88 22.74 -9.29
N PRO A 39 15.78 23.36 -9.77
CA PRO A 39 14.53 22.62 -10.02
C PRO A 39 14.74 21.36 -10.85
N GLU A 40 14.30 20.23 -10.31
CA GLU A 40 14.41 18.95 -10.98
C GLU A 40 13.39 17.97 -10.42
N TYR A 41 12.50 17.48 -11.27
CA TYR A 41 11.49 16.52 -10.86
C TYR A 41 11.91 15.11 -11.27
N ASP A 42 13.21 14.97 -11.56
CA ASP A 42 13.78 13.69 -11.96
C ASP A 42 13.67 12.69 -10.80
N GLN A 43 14.33 13.03 -9.69
CA GLN A 43 14.34 12.14 -8.53
C GLN A 43 12.93 11.80 -8.06
N ASP A 44 12.03 12.77 -8.08
CA ASP A 44 10.65 12.51 -7.64
C ASP A 44 9.91 11.59 -8.61
N VAL A 45 10.44 11.47 -9.83
CA VAL A 45 9.83 10.61 -10.84
C VAL A 45 9.55 9.23 -10.28
N ALA A 46 10.31 8.82 -9.27
CA ALA A 46 10.11 7.52 -8.64
C ALA A 46 8.74 7.47 -7.99
N ALA A 47 8.38 8.56 -7.29
CA ALA A 47 7.10 8.65 -6.61
C ALA A 47 5.96 8.77 -7.62
N LEU A 48 6.19 9.53 -8.68
CA LEU A 48 5.19 9.73 -9.72
C LEU A 48 4.83 8.40 -10.38
N LYS A 49 5.84 7.56 -10.60
CA LYS A 49 5.62 6.27 -11.22
C LYS A 49 5.65 5.15 -10.17
N TYR A 50 4.54 4.45 -10.05
CA TYR A 50 4.43 3.36 -9.09
C TYR A 50 3.64 2.22 -9.74
N ARG A 51 4.08 0.99 -9.51
CA ARG A 51 3.44 -0.17 -10.11
C ARG A 51 1.98 -0.29 -9.67
N ALA A 52 1.75 -0.14 -8.38
CA ALA A 52 0.40 -0.27 -7.84
C ALA A 52 -0.62 0.59 -8.59
N PRO A 53 -0.54 1.93 -8.52
CA PRO A 53 -1.50 2.81 -9.22
C PRO A 53 -1.51 2.61 -10.73
N ARG A 54 -0.35 2.64 -11.35
CA ARG A 54 -0.25 2.48 -12.79
C ARG A 54 -0.82 1.15 -13.27
N LEU A 55 -0.39 0.08 -12.63
CA LEU A 55 -0.86 -1.25 -12.98
C LEU A 55 -2.32 -1.46 -12.59
N ALA A 56 -2.69 -0.96 -11.42
CA ALA A 56 -4.07 -1.12 -10.93
C ALA A 56 -5.07 -0.51 -11.90
N VAL A 57 -4.97 0.78 -12.13
CA VAL A 57 -5.91 1.48 -12.99
C VAL A 57 -6.02 0.82 -14.37
N ASP A 58 -4.89 0.51 -15.00
CA ASP A 58 -4.92 -0.12 -16.31
C ASP A 58 -5.56 -1.50 -16.22
N CYS A 59 -5.03 -2.32 -15.33
CA CYS A 59 -5.54 -3.68 -15.11
C CYS A 59 -6.99 -3.64 -14.62
N LEU A 60 -7.28 -2.66 -13.79
CA LEU A 60 -8.62 -2.51 -13.23
C LEU A 60 -9.61 -2.33 -14.36
N SER A 61 -9.32 -1.41 -15.27
CA SER A 61 -10.19 -1.17 -16.42
C SER A 61 -10.29 -2.42 -17.29
N ARG A 62 -9.17 -3.14 -17.39
CA ARG A 62 -9.12 -4.37 -18.18
C ARG A 62 -10.13 -5.37 -17.63
N ALA A 63 -10.22 -5.41 -16.31
CA ALA A 63 -11.16 -6.30 -15.64
C ALA A 63 -12.44 -5.54 -15.30
N PHE A 64 -12.58 -4.35 -15.87
CA PHE A 64 -13.73 -3.49 -15.63
C PHE A 64 -14.57 -3.35 -16.91
N ARG A 65 -15.77 -3.91 -16.91
CA ARG A 65 -16.66 -3.84 -18.06
C ARG A 65 -17.62 -2.66 -17.97
N GLY A 66 -17.50 -1.88 -16.91
CA GLY A 66 -18.35 -0.73 -16.72
C GLY A 66 -17.69 0.55 -17.18
N SER A 67 -18.17 1.67 -16.66
CA SER A 67 -17.61 2.98 -16.98
C SER A 67 -17.13 3.63 -15.69
N PRO A 68 -15.82 3.93 -15.57
CA PRO A 68 -15.29 4.54 -14.35
C PRO A 68 -16.13 5.73 -13.92
N HIS A 69 -16.52 6.59 -14.86
CA HIS A 69 -17.33 7.75 -14.54
C HIS A 69 -18.64 7.33 -13.89
N ASP A 70 -19.24 6.27 -14.43
CA ASP A 70 -20.48 5.73 -13.88
C ASP A 70 -20.22 5.06 -12.54
N ALA A 71 -19.06 4.42 -12.43
CA ALA A 71 -18.66 3.69 -11.22
C ALA A 71 -17.97 4.59 -10.20
N LEU A 72 -18.08 4.21 -8.93
CA LEU A 72 -17.48 4.96 -7.83
C LEU A 72 -16.24 4.22 -7.29
N ILE A 73 -15.10 4.92 -7.18
CA ILE A 73 -13.85 4.30 -6.70
C ILE A 73 -13.31 4.97 -5.43
N LEU A 74 -12.77 4.19 -4.50
CA LEU A 74 -12.25 4.75 -3.24
C LEU A 74 -10.74 4.58 -3.04
N ASP A 75 -10.04 5.72 -2.99
CA ASP A 75 -8.57 5.74 -2.79
C ASP A 75 -8.23 6.39 -1.44
N VAL A 76 -7.40 5.73 -0.64
CA VAL A 76 -7.05 6.26 0.69
C VAL A 76 -5.55 6.30 0.98
N ALA A 77 -5.20 7.15 1.96
CA ALA A 77 -3.82 7.32 2.44
C ALA A 77 -2.78 7.31 1.34
N CYS A 78 -3.16 7.70 0.14
CA CYS A 78 -2.22 7.72 -0.97
C CYS A 78 -2.07 9.12 -1.56
N GLY A 79 -2.67 10.12 -0.90
CA GLY A 79 -2.58 11.50 -1.37
C GLY A 79 -2.77 11.66 -2.87
N THR A 80 -2.97 10.55 -3.57
CA THR A 80 -3.11 10.47 -5.04
C THR A 80 -3.94 11.58 -5.71
N GLY A 81 -3.74 12.84 -5.33
CA GLY A 81 -4.47 13.89 -6.00
C GLY A 81 -4.15 13.88 -7.47
N LEU A 82 -2.87 13.64 -7.78
CA LEU A 82 -2.41 13.54 -9.15
C LEU A 82 -3.06 12.35 -9.85
N VAL A 83 -2.93 11.17 -9.24
CA VAL A 83 -3.49 9.95 -9.81
C VAL A 83 -4.98 10.10 -10.03
N ALA A 84 -5.65 10.75 -9.08
CA ALA A 84 -7.07 10.99 -9.21
C ALA A 84 -7.33 11.70 -10.54
N VAL A 85 -6.38 12.56 -10.92
CA VAL A 85 -6.45 13.28 -12.18
C VAL A 85 -6.33 12.31 -13.35
N GLU A 86 -5.30 11.45 -13.28
CA GLU A 86 -5.09 10.44 -14.30
C GLU A 86 -6.33 9.55 -14.37
N LEU A 87 -6.77 9.13 -13.19
CA LEU A 87 -7.93 8.26 -13.08
C LEU A 87 -9.08 8.82 -13.92
N GLN A 88 -9.31 10.13 -13.84
CA GLN A 88 -10.35 10.75 -14.64
C GLN A 88 -10.04 10.51 -16.11
N ALA A 89 -8.75 10.63 -16.44
CA ALA A 89 -8.29 10.39 -17.80
C ALA A 89 -8.85 9.06 -18.28
N ARG A 90 -8.55 8.01 -17.54
CA ARG A 90 -9.05 6.66 -17.83
C ARG A 90 -10.58 6.61 -17.61
N GLY A 91 -11.16 7.79 -17.40
CA GLY A 91 -12.59 7.93 -17.18
C GLY A 91 -13.00 7.84 -15.72
N PHE A 92 -12.07 7.44 -14.85
CA PHE A 92 -12.38 7.32 -13.42
C PHE A 92 -12.66 8.68 -12.81
N LEU A 93 -13.93 9.05 -12.77
CA LEU A 93 -14.35 10.33 -12.21
C LEU A 93 -14.84 10.17 -10.79
N GLN A 94 -15.88 9.36 -10.64
CA GLN A 94 -16.47 9.13 -9.33
C GLN A 94 -15.49 8.39 -8.43
N VAL A 95 -14.62 9.14 -7.78
CA VAL A 95 -13.66 8.53 -6.88
C VAL A 95 -13.61 9.28 -5.54
N GLN A 96 -13.86 8.54 -4.46
CA GLN A 96 -13.81 9.11 -3.11
C GLN A 96 -12.57 8.61 -2.41
N GLY A 97 -12.07 9.36 -1.45
CA GLY A 97 -10.88 8.93 -0.76
C GLY A 97 -10.79 9.48 0.64
N VAL A 98 -9.71 9.14 1.33
CA VAL A 98 -9.48 9.61 2.68
C VAL A 98 -7.99 9.81 2.96
N ASP A 99 -7.70 10.79 3.79
CA ASP A 99 -6.32 11.11 4.15
C ASP A 99 -6.20 11.34 5.65
N GLY A 100 -5.00 11.09 6.19
CA GLY A 100 -4.78 11.28 7.61
C GLY A 100 -4.00 12.56 7.90
N SER A 101 -3.93 13.46 6.93
CA SER A 101 -3.23 14.72 7.09
C SER A 101 -3.95 15.84 6.37
N PRO A 102 -4.29 16.93 7.08
CA PRO A 102 -4.99 18.07 6.47
C PRO A 102 -4.18 18.69 5.34
N GLU A 103 -2.86 18.67 5.47
CA GLU A 103 -1.99 19.23 4.44
C GLU A 103 -2.22 18.51 3.12
N MET A 104 -2.19 17.18 3.17
CA MET A 104 -2.41 16.36 2.00
C MET A 104 -3.87 16.42 1.54
N LEU A 105 -4.79 16.49 2.52
CA LEU A 105 -6.22 16.54 2.22
C LEU A 105 -6.56 17.78 1.39
N LYS A 106 -6.09 18.95 1.82
CA LYS A 106 -6.35 20.19 1.09
C LYS A 106 -5.76 20.11 -0.31
N GLN A 107 -4.58 19.51 -0.40
CA GLN A 107 -3.92 19.38 -1.68
C GLN A 107 -4.79 18.58 -2.64
N ALA A 108 -5.27 17.42 -2.18
CA ALA A 108 -6.13 16.58 -3.00
C ALA A 108 -7.51 17.23 -3.19
N ARG A 109 -8.00 17.87 -2.13
CA ARG A 109 -9.32 18.53 -2.21
C ARG A 109 -9.30 19.59 -3.30
N ALA A 110 -8.31 20.48 -3.22
CA ALA A 110 -8.18 21.56 -4.19
C ALA A 110 -8.10 21.01 -5.61
N ARG A 111 -7.64 19.78 -5.73
CA ARG A 111 -7.53 19.11 -7.01
C ARG A 111 -8.90 19.01 -7.67
N GLY A 112 -9.91 18.73 -6.85
CA GLY A 112 -11.27 18.62 -7.36
C GLY A 112 -11.53 17.32 -8.09
N LEU A 113 -10.55 16.43 -8.08
CA LEU A 113 -10.69 15.13 -8.73
C LEU A 113 -11.50 14.18 -7.88
N TYR A 114 -11.22 14.18 -6.58
CA TYR A 114 -11.94 13.31 -5.65
C TYR A 114 -13.34 13.84 -5.37
N HIS A 115 -14.31 12.94 -5.35
CA HIS A 115 -15.69 13.32 -5.08
C HIS A 115 -15.85 13.75 -3.63
N HIS A 116 -15.20 13.01 -2.74
CA HIS A 116 -15.27 13.32 -1.31
C HIS A 116 -14.05 12.81 -0.57
N LEU A 117 -13.55 13.63 0.36
CA LEU A 117 -12.38 13.26 1.16
C LEU A 117 -12.65 13.51 2.64
N SER A 118 -12.03 12.71 3.50
CA SER A 118 -12.21 12.85 4.94
C SER A 118 -10.95 12.49 5.71
N LEU A 119 -10.85 12.96 6.95
CA LEU A 119 -9.69 12.67 7.78
C LEU A 119 -9.91 11.39 8.57
N CYS A 120 -9.14 10.36 8.22
CA CYS A 120 -9.26 9.08 8.90
C CYS A 120 -7.96 8.29 8.80
N THR A 121 -7.78 7.37 9.73
CA THR A 121 -6.60 6.51 9.74
C THR A 121 -7.06 5.08 9.98
N LEU A 122 -7.18 4.33 8.87
CA LEU A 122 -7.65 2.95 8.88
C LEU A 122 -7.46 2.25 10.23
N GLY A 123 -8.59 1.97 10.87
CA GLY A 123 -8.60 1.31 12.17
C GLY A 123 -9.04 2.24 13.28
N GLN A 124 -9.01 3.54 13.01
CA GLN A 124 -9.42 4.53 14.00
C GLN A 124 -10.93 4.44 14.23
N GLU A 125 -11.67 4.49 13.13
CA GLU A 125 -13.12 4.41 13.16
C GLU A 125 -13.63 3.68 11.92
N PRO A 126 -14.88 3.22 11.90
CA PRO A 126 -15.44 2.54 10.74
C PRO A 126 -15.43 3.46 9.53
N LEU A 127 -15.31 2.89 8.34
CA LEU A 127 -15.25 3.69 7.13
C LEU A 127 -16.51 4.56 6.98
N PRO A 128 -16.33 5.82 6.54
CA PRO A 128 -17.43 6.75 6.37
C PRO A 128 -18.25 6.46 5.11
N ASP A 129 -17.77 5.52 4.31
CA ASP A 129 -18.42 5.13 3.07
C ASP A 129 -19.59 4.16 3.31
N PRO A 130 -20.77 4.44 2.72
CA PRO A 130 -21.95 3.58 2.85
C PRO A 130 -21.78 2.27 2.09
N GLU A 131 -22.54 1.25 2.48
CA GLU A 131 -22.47 -0.06 1.83
C GLU A 131 -22.84 0.05 0.35
N GLY A 132 -22.10 -0.69 -0.50
CA GLY A 132 -22.37 -0.67 -1.93
C GLY A 132 -22.24 0.71 -2.53
N THR A 133 -21.37 1.54 -1.96
CA THR A 133 -21.15 2.89 -2.45
C THR A 133 -20.21 2.92 -3.66
N PHE A 134 -19.03 2.31 -3.51
CA PHE A 134 -18.03 2.32 -4.58
C PHE A 134 -17.99 1.02 -5.36
N ASP A 135 -18.07 1.12 -6.68
CA ASP A 135 -17.99 -0.07 -7.50
C ASP A 135 -16.62 -0.71 -7.31
N ALA A 136 -15.59 0.13 -7.25
CA ALA A 136 -14.22 -0.35 -7.07
C ALA A 136 -13.43 0.49 -6.07
N VAL A 137 -12.38 -0.11 -5.51
CA VAL A 137 -11.52 0.57 -4.55
C VAL A 137 -10.07 0.18 -4.77
N ILE A 138 -9.15 1.13 -4.65
CA ILE A 138 -7.74 0.84 -4.83
C ILE A 138 -6.89 1.53 -3.76
N ILE A 139 -6.28 0.76 -2.88
CA ILE A 139 -5.45 1.31 -1.81
C ILE A 139 -4.30 0.38 -1.45
N VAL A 140 -3.07 0.80 -1.72
CA VAL A 140 -1.89 0.00 -1.45
C VAL A 140 -1.51 0.00 0.03
N GLY A 141 -1.24 -1.19 0.56
CA GLY A 141 -0.81 -1.34 1.94
C GLY A 141 -1.94 -1.27 2.94
N ALA A 142 -3.15 -1.65 2.55
CA ALA A 142 -4.28 -1.61 3.47
C ALA A 142 -4.89 -3.00 3.68
N LEU A 143 -4.70 -3.54 4.88
CA LEU A 143 -5.24 -4.85 5.22
C LEU A 143 -5.08 -5.14 6.72
N SER A 144 -5.41 -6.37 7.10
CA SER A 144 -5.36 -6.80 8.49
C SER A 144 -3.93 -6.85 9.04
N GLU A 145 -2.93 -6.63 8.20
CA GLU A 145 -1.55 -6.67 8.65
C GLU A 145 -1.31 -5.61 9.73
N GLY A 146 -1.90 -4.44 9.55
CA GLY A 146 -1.75 -3.39 10.52
C GLY A 146 -2.32 -2.06 10.05
N GLN A 147 -2.16 -1.78 8.76
CA GLN A 147 -2.68 -0.54 8.19
C GLN A 147 -4.21 -0.48 8.32
N VAL A 148 -4.86 -1.58 7.96
CA VAL A 148 -6.32 -1.66 8.03
C VAL A 148 -6.76 -2.85 8.87
N PRO A 149 -7.16 -2.63 10.12
CA PRO A 149 -7.57 -3.72 11.01
C PRO A 149 -8.61 -4.63 10.38
N CYS A 150 -8.34 -5.93 10.46
CA CYS A 150 -9.20 -6.97 9.87
C CYS A 150 -10.69 -6.65 10.00
N SER A 151 -11.05 -5.87 11.02
CA SER A 151 -12.44 -5.50 11.24
C SER A 151 -12.94 -4.52 10.17
N ALA A 152 -12.06 -3.63 9.73
CA ALA A 152 -12.41 -2.63 8.73
C ALA A 152 -12.32 -3.15 7.29
N ILE A 153 -11.44 -4.12 7.04
CA ILE A 153 -11.28 -4.65 5.68
C ILE A 153 -12.62 -5.00 5.06
N PRO A 154 -13.46 -5.76 5.76
CA PRO A 154 -14.78 -6.15 5.25
C PRO A 154 -15.64 -4.94 4.94
N GLU A 155 -15.29 -3.79 5.54
CA GLU A 155 -16.01 -2.56 5.28
C GLU A 155 -15.65 -2.03 3.89
N LEU A 156 -14.36 -2.14 3.56
CA LEU A 156 -13.87 -1.69 2.25
C LEU A 156 -14.57 -2.44 1.13
N LEU A 157 -14.60 -3.77 1.24
CA LEU A 157 -15.27 -4.61 0.27
C LEU A 157 -16.79 -4.50 0.40
N ARG A 158 -17.24 -4.39 1.64
CA ARG A 158 -18.67 -4.30 1.94
C ARG A 158 -19.28 -3.08 1.27
N VAL A 159 -18.55 -1.97 1.29
CA VAL A 159 -19.02 -0.75 0.66
C VAL A 159 -18.86 -0.85 -0.85
N THR A 160 -17.99 -1.75 -1.30
CA THR A 160 -17.76 -1.94 -2.72
C THR A 160 -18.92 -2.68 -3.38
N LYS A 161 -19.42 -2.12 -4.48
CA LYS A 161 -20.54 -2.71 -5.21
C LYS A 161 -20.15 -4.03 -5.88
N PRO A 162 -21.06 -5.02 -5.91
CA PRO A 162 -20.79 -6.31 -6.56
C PRO A 162 -20.36 -6.08 -8.00
N GLY A 163 -19.56 -6.98 -8.56
CA GLY A 163 -19.09 -6.79 -9.92
C GLY A 163 -18.02 -5.72 -9.99
N GLY A 164 -17.71 -5.14 -8.82
CA GLY A 164 -16.71 -4.10 -8.74
C GLY A 164 -15.30 -4.66 -8.65
N LEU A 165 -14.31 -3.78 -8.58
CA LEU A 165 -12.91 -4.22 -8.50
C LEU A 165 -12.17 -3.61 -7.31
N VAL A 166 -11.74 -4.45 -6.37
CA VAL A 166 -10.99 -3.98 -5.20
C VAL A 166 -9.51 -4.33 -5.36
N CYS A 167 -8.66 -3.30 -5.37
CA CYS A 167 -7.24 -3.50 -5.57
C CYS A 167 -6.36 -2.95 -4.43
N LEU A 168 -5.92 -3.83 -3.53
CA LEU A 168 -5.10 -3.42 -2.39
C LEU A 168 -3.87 -4.33 -2.23
N THR A 169 -2.86 -3.84 -1.51
CA THR A 169 -1.63 -4.61 -1.28
C THR A 169 -1.38 -4.76 0.21
N THR A 170 -0.68 -5.84 0.60
CA THR A 170 -0.37 -6.09 2.00
C THR A 170 0.61 -7.24 2.15
N ARG A 171 1.13 -7.40 3.37
CA ARG A 171 2.05 -8.48 3.69
C ARG A 171 3.44 -8.24 3.12
N THR A 172 4.29 -7.62 3.93
CA THR A 172 5.65 -7.33 3.51
C THR A 172 6.57 -8.50 3.86
N ASN A 173 5.97 -9.63 4.28
CA ASN A 173 6.72 -10.82 4.65
C ASN A 173 8.02 -10.48 5.37
N PRO A 174 7.95 -9.59 6.38
CA PRO A 174 9.13 -9.19 7.14
C PRO A 174 9.78 -10.38 7.83
N SER A 175 8.95 -11.37 8.17
CA SER A 175 9.43 -12.58 8.82
C SER A 175 8.53 -13.77 8.52
N ASN A 176 7.64 -13.62 7.55
CA ASN A 176 6.72 -14.71 7.20
C ASN A 176 6.93 -15.20 5.77
N LEU A 177 7.32 -16.46 5.64
CA LEU A 177 7.52 -17.08 4.34
C LEU A 177 6.38 -18.03 4.01
N PRO A 178 6.25 -19.14 4.77
CA PRO A 178 5.18 -20.12 4.56
C PRO A 178 3.80 -19.49 4.72
N TYR A 179 3.71 -18.46 5.55
CA TYR A 179 2.45 -17.77 5.81
C TYR A 179 1.83 -17.28 4.49
N LYS A 180 2.64 -17.16 3.45
CA LYS A 180 2.16 -16.70 2.15
C LYS A 180 1.08 -17.63 1.61
N GLU A 181 1.25 -18.93 1.81
CA GLU A 181 0.26 -19.91 1.34
C GLU A 181 -1.04 -19.75 2.11
N THR A 182 -0.93 -19.40 3.39
CA THR A 182 -2.10 -19.18 4.22
C THR A 182 -2.82 -17.91 3.79
N LEU A 183 -2.08 -17.03 3.13
CA LEU A 183 -2.64 -15.79 2.60
C LEU A 183 -3.44 -16.13 1.35
N GLU A 184 -2.76 -16.77 0.40
CA GLU A 184 -3.36 -17.15 -0.87
C GLU A 184 -4.55 -18.09 -0.68
N ALA A 185 -4.50 -18.95 0.33
CA ALA A 185 -5.59 -19.89 0.58
C ALA A 185 -6.84 -19.16 1.08
N THR A 186 -6.63 -18.16 1.95
CA THR A 186 -7.74 -17.38 2.50
C THR A 186 -8.51 -16.68 1.39
N LEU A 187 -7.78 -16.18 0.41
CA LEU A 187 -8.39 -15.49 -0.71
C LEU A 187 -9.18 -16.48 -1.57
N ASP A 188 -8.63 -17.67 -1.75
CA ASP A 188 -9.26 -18.70 -2.56
C ASP A 188 -10.63 -19.09 -2.00
N SER A 189 -10.75 -19.20 -0.69
CA SER A 189 -12.02 -19.56 -0.08
C SER A 189 -13.04 -18.45 -0.30
N LEU A 190 -12.58 -17.21 -0.17
CA LEU A 190 -13.43 -16.05 -0.38
C LEU A 190 -13.93 -16.03 -1.82
N GLU A 191 -13.09 -16.46 -2.74
CA GLU A 191 -13.48 -16.51 -4.13
C GLU A 191 -14.51 -17.62 -4.32
N ARG A 192 -14.22 -18.77 -3.75
CA ARG A 192 -15.11 -19.92 -3.83
C ARG A 192 -16.46 -19.60 -3.22
N ALA A 193 -16.43 -18.87 -2.10
CA ALA A 193 -17.66 -18.47 -1.43
C ALA A 193 -18.49 -17.53 -2.31
N GLY A 194 -17.84 -16.98 -3.34
CA GLY A 194 -18.53 -16.08 -4.24
C GLY A 194 -18.49 -14.63 -3.79
N VAL A 195 -17.78 -14.35 -2.70
CA VAL A 195 -17.69 -12.98 -2.20
C VAL A 195 -16.88 -12.08 -3.13
N TRP A 196 -15.81 -12.61 -3.71
CA TRP A 196 -14.97 -11.83 -4.62
C TRP A 196 -14.02 -12.73 -5.42
N GLU A 197 -13.63 -12.28 -6.61
CA GLU A 197 -12.73 -13.06 -7.47
C GLU A 197 -11.56 -12.22 -7.95
N CYS A 198 -10.43 -12.89 -8.19
CA CYS A 198 -9.24 -12.23 -8.67
C CYS A 198 -9.42 -11.78 -10.12
N LEU A 199 -8.88 -10.61 -10.45
CA LEU A 199 -8.96 -10.08 -11.82
C LEU A 199 -7.56 -9.96 -12.40
N VAL A 200 -6.59 -9.86 -11.51
CA VAL A 200 -5.18 -9.71 -11.86
C VAL A 200 -4.36 -9.45 -10.62
N THR A 201 -3.16 -9.99 -10.57
CA THR A 201 -2.28 -9.77 -9.45
C THR A 201 -0.97 -9.19 -9.95
N GLN A 202 -0.60 -8.04 -9.42
CA GLN A 202 0.64 -7.39 -9.83
C GLN A 202 1.77 -7.77 -8.86
N PRO A 203 2.72 -8.59 -9.32
CA PRO A 203 3.83 -9.03 -8.47
C PRO A 203 4.79 -7.90 -8.13
N VAL A 204 5.08 -7.77 -6.84
CA VAL A 204 5.97 -6.73 -6.34
C VAL A 204 7.11 -6.45 -7.31
N ASP A 205 7.39 -5.18 -7.56
CA ASP A 205 8.45 -4.79 -8.49
C ASP A 205 9.83 -5.10 -7.91
N HIS A 206 9.88 -5.36 -6.61
CA HIS A 206 11.16 -5.65 -5.96
C HIS A 206 11.76 -6.90 -6.59
N TRP A 207 10.91 -7.88 -6.88
CA TRP A 207 11.38 -9.13 -7.50
C TRP A 207 12.42 -9.82 -6.63
N GLU A 208 12.44 -9.45 -5.36
CA GLU A 208 13.40 -10.04 -4.42
C GLU A 208 13.01 -11.48 -4.08
N LEU A 209 14.02 -12.33 -3.99
CA LEU A 209 13.80 -13.74 -3.69
C LEU A 209 14.35 -14.12 -2.32
N ALA A 210 13.72 -15.09 -1.68
CA ALA A 210 14.15 -15.56 -0.37
C ALA A 210 15.53 -16.22 -0.45
N THR A 211 15.99 -16.49 -1.66
CA THR A 211 17.29 -17.12 -1.88
C THR A 211 17.27 -18.59 -1.46
N SER A 212 16.15 -19.06 -0.93
CA SER A 212 16.02 -20.45 -0.52
C SER A 212 16.11 -21.37 -1.74
N GLU A 213 15.48 -20.94 -2.83
CA GLU A 213 15.46 -21.70 -4.07
C GLU A 213 16.84 -21.73 -4.75
N GLN A 214 17.54 -20.60 -4.73
CA GLN A 214 18.86 -20.52 -5.36
C GLN A 214 19.97 -20.30 -4.35
N GLU A 215 21.09 -20.98 -4.56
CA GLU A 215 22.24 -20.86 -3.67
C GLU A 215 22.76 -19.43 -3.62
N THR A 216 22.78 -18.76 -4.77
CA THR A 216 23.25 -17.39 -4.85
C THR A 216 22.09 -16.40 -4.90
N GLY A 217 22.27 -15.25 -4.25
CA GLY A 217 21.23 -14.24 -4.22
C GLY A 217 21.53 -13.07 -5.16
N LEU A 218 20.52 -12.24 -5.38
CA LEU A 218 20.66 -11.07 -6.24
C LEU A 218 21.75 -10.13 -5.72
N GLY A 219 21.78 -9.96 -4.40
CA GLY A 219 22.76 -9.09 -3.78
C GLY A 219 22.15 -7.77 -3.30
N THR A 220 20.84 -7.63 -3.48
CA THR A 220 20.13 -6.42 -3.07
C THR A 220 20.27 -6.20 -1.56
N CYS A 221 20.20 -7.29 -0.80
CA CYS A 221 20.30 -7.21 0.65
C CYS A 221 19.20 -6.33 1.24
N ALA A 222 17.99 -6.45 0.69
CA ALA A 222 16.85 -5.67 1.16
C ALA A 222 15.63 -6.56 1.39
N ASN A 223 14.84 -6.23 2.41
CA ASN A 223 13.65 -7.00 2.74
C ASN A 223 14.00 -8.46 2.99
N ASP A 224 15.19 -8.68 3.55
CA ASP A 224 15.68 -10.02 3.87
C ASP A 224 15.31 -11.06 2.79
N GLY A 225 15.13 -10.59 1.54
CA GLY A 225 14.78 -11.49 0.47
C GLY A 225 13.37 -12.04 0.60
N PHE A 226 12.51 -11.33 1.32
CA PHE A 226 11.14 -11.75 1.52
C PHE A 226 10.15 -10.87 0.76
N ILE A 227 9.04 -11.46 0.35
CA ILE A 227 8.00 -10.76 -0.41
C ILE A 227 7.54 -9.52 0.35
N SER A 228 7.07 -8.50 -0.38
CA SER A 228 6.60 -7.29 0.27
C SER A 228 5.59 -6.52 -0.59
N GLY A 229 4.59 -5.95 0.08
CA GLY A 229 3.57 -5.16 -0.61
C GLY A 229 3.05 -5.80 -1.89
N ILE A 230 2.26 -6.85 -1.75
CA ILE A 230 1.69 -7.53 -2.92
C ILE A 230 0.42 -6.81 -3.37
N ILE A 231 0.47 -6.18 -4.54
CA ILE A 231 -0.67 -5.44 -5.08
C ILE A 231 -1.49 -6.30 -6.04
N TYR A 232 -2.75 -6.59 -5.69
CA TYR A 232 -3.57 -7.43 -6.54
C TYR A 232 -5.01 -6.90 -6.68
N LEU A 233 -5.61 -7.16 -7.83
CA LEU A 233 -6.98 -6.73 -8.12
C LEU A 233 -8.00 -7.78 -7.67
N TYR A 234 -9.28 -7.42 -7.67
CA TYR A 234 -10.36 -8.34 -7.28
C TYR A 234 -11.72 -7.86 -7.79
N ARG A 235 -12.67 -8.79 -7.85
CA ARG A 235 -14.04 -8.48 -8.30
C ARG A 235 -15.05 -8.99 -7.28
N LYS A 236 -15.90 -8.12 -6.75
CA LYS A 236 -16.90 -8.52 -5.76
C LYS A 236 -18.02 -9.38 -6.35
N GLN A 237 -18.32 -10.47 -5.64
CA GLN A 237 -19.37 -11.41 -6.03
C GLN A 237 -18.94 -12.30 -7.20
N GLU A 238 -17.95 -13.13 -6.90
CA GLU A 238 -17.43 -14.06 -7.88
C GLU A 238 -16.87 -15.35 -7.29
N THR A 239 -17.07 -16.43 -8.05
CA THR A 239 -16.62 -17.77 -7.69
C THR A 239 -15.34 -18.15 -8.43
N VAL A 240 -14.44 -18.84 -7.73
CA VAL A 240 -13.18 -19.27 -8.32
C VAL A 240 -12.75 -20.62 -7.77
N GLY A 1 33.27 -20.55 8.74
CA GLY A 1 32.48 -19.43 9.31
C GLY A 1 32.55 -19.39 10.83
N ALA A 2 33.70 -18.98 11.36
CA ALA A 2 33.88 -18.89 12.80
C ALA A 2 33.03 -17.79 13.40
N MET A 3 32.43 -18.07 14.56
CA MET A 3 31.58 -17.10 15.25
C MET A 3 32.39 -16.23 16.22
N ALA A 4 32.69 -16.79 17.38
CA ALA A 4 33.43 -16.07 18.42
C ALA A 4 34.76 -15.53 17.91
N GLN A 5 35.29 -16.11 16.85
CA GLN A 5 36.56 -15.64 16.30
C GLN A 5 36.44 -14.19 15.85
N GLU A 6 35.61 -13.95 14.83
CA GLU A 6 35.43 -12.61 14.31
C GLU A 6 34.55 -11.78 15.24
N GLU A 7 35.12 -10.67 15.74
CA GLU A 7 34.42 -9.78 16.66
C GLU A 7 33.18 -9.17 16.02
N ALA A 8 33.28 -8.81 14.74
CA ALA A 8 32.18 -8.18 14.02
C ALA A 8 30.87 -8.96 14.19
N GLY A 9 30.89 -10.24 13.88
CA GLY A 9 29.68 -11.04 13.99
C GLY A 9 29.31 -11.35 15.43
N ARG A 10 28.05 -11.70 15.65
CA ARG A 10 27.57 -12.03 17.00
C ARG A 10 27.27 -13.52 17.10
N LEU A 11 27.74 -14.15 18.18
CA LEU A 11 27.53 -15.57 18.38
C LEU A 11 26.06 -15.96 18.27
N PRO A 12 25.19 -15.42 19.15
CA PRO A 12 23.76 -15.74 19.12
C PRO A 12 22.99 -15.02 18.03
N GLN A 13 22.20 -15.79 17.28
CA GLN A 13 21.37 -15.25 16.22
C GLN A 13 19.97 -15.85 16.28
N VAL A 14 18.95 -15.01 16.18
CA VAL A 14 17.57 -15.48 16.26
C VAL A 14 16.87 -15.38 14.91
N LEU A 15 16.10 -16.42 14.58
CA LEU A 15 15.38 -16.48 13.32
C LEU A 15 14.41 -15.31 13.17
N ALA A 16 13.73 -14.94 14.25
CA ALA A 16 12.79 -13.83 14.22
C ALA A 16 13.25 -12.70 15.14
N ARG A 17 13.27 -11.47 14.62
CA ARG A 17 13.68 -10.32 15.41
C ARG A 17 12.53 -9.34 15.63
N VAL A 18 12.11 -9.21 16.89
CA VAL A 18 11.03 -8.29 17.24
C VAL A 18 11.49 -6.84 17.08
N GLY A 19 12.73 -6.57 17.48
CA GLY A 19 13.27 -5.23 17.38
C GLY A 19 13.90 -4.78 18.69
N THR A 20 15.01 -5.42 19.05
CA THR A 20 15.70 -5.10 20.29
C THR A 20 16.17 -3.64 20.32
N SER A 21 16.64 -3.14 19.19
CA SER A 21 17.13 -1.77 19.10
C SER A 21 16.65 -1.09 17.82
N HIS A 22 16.47 0.22 17.90
CA HIS A 22 16.02 1.01 16.76
C HIS A 22 16.62 2.42 16.81
N GLY A 23 16.92 2.96 15.64
CA GLY A 23 17.49 4.29 15.57
C GLY A 23 19.00 4.29 15.65
N ILE A 24 19.54 4.75 16.77
CA ILE A 24 20.99 4.81 16.96
C ILE A 24 21.39 4.17 18.29
N THR A 25 22.66 3.78 18.41
CA THR A 25 23.16 3.19 19.65
C THR A 25 24.51 3.78 20.01
N ASP A 26 24.59 4.39 21.18
CA ASP A 26 25.81 5.01 21.67
C ASP A 26 26.11 4.58 23.11
N LEU A 27 27.37 4.71 23.51
CA LEU A 27 27.81 4.36 24.86
C LEU A 27 27.12 5.24 25.89
N ALA A 28 26.97 6.51 25.54
CA ALA A 28 26.31 7.48 26.41
C ALA A 28 25.45 8.44 25.60
N CYS A 29 24.18 8.58 25.98
CA CYS A 29 23.26 9.45 25.25
C CYS A 29 23.06 8.90 23.84
N LYS A 30 22.38 7.77 23.75
CA LYS A 30 22.14 7.12 22.47
C LYS A 30 21.36 8.03 21.53
N LEU A 31 20.38 8.74 22.05
CA LEU A 31 19.59 9.66 21.24
C LEU A 31 19.48 11.02 21.91
N ARG A 32 20.42 11.90 21.57
CA ARG A 32 20.43 13.26 22.13
C ARG A 32 19.14 13.99 21.79
N PHE A 33 18.67 13.79 20.56
CA PHE A 33 17.45 14.42 20.08
C PHE A 33 16.87 13.64 18.91
N TYR A 34 15.59 13.82 18.63
CA TYR A 34 14.95 13.12 17.54
C TYR A 34 15.60 13.46 16.20
N ASP A 35 15.94 12.43 15.43
CA ASP A 35 16.57 12.62 14.13
C ASP A 35 15.85 11.81 13.04
N ASP A 36 14.60 11.43 13.30
CA ASP A 36 13.83 10.67 12.33
C ASP A 36 13.13 11.57 11.34
N TRP A 37 13.24 12.88 11.53
CA TRP A 37 12.60 13.85 10.65
C TRP A 37 13.62 14.56 9.76
N ALA A 38 14.83 13.99 9.67
CA ALA A 38 15.89 14.55 8.86
C ALA A 38 15.94 13.94 7.44
N PRO A 39 15.69 12.62 7.33
CA PRO A 39 15.73 11.92 6.03
C PRO A 39 14.75 12.47 5.02
N GLU A 40 15.10 12.37 3.75
CA GLU A 40 14.25 12.84 2.66
C GLU A 40 13.87 11.69 1.72
N TYR A 41 14.02 10.46 2.19
CA TYR A 41 13.69 9.29 1.40
C TYR A 41 12.32 8.73 1.77
N ASP A 42 11.53 9.53 2.47
CA ASP A 42 10.20 9.11 2.89
C ASP A 42 9.35 8.78 1.66
N GLN A 43 9.21 9.75 0.77
CA GLN A 43 8.44 9.56 -0.45
C GLN A 43 9.17 8.60 -1.39
N ASP A 44 10.48 8.75 -1.45
CA ASP A 44 11.32 7.91 -2.30
C ASP A 44 11.17 6.44 -1.90
N VAL A 45 11.20 6.18 -0.60
CA VAL A 45 11.04 4.82 -0.09
C VAL A 45 9.58 4.40 -0.12
N ALA A 46 8.70 5.37 0.03
CA ALA A 46 7.26 5.10 0.03
C ALA A 46 6.85 4.47 -1.30
N ALA A 47 7.14 5.18 -2.38
CA ALA A 47 6.80 4.72 -3.72
C ALA A 47 7.46 3.38 -4.05
N LEU A 48 8.77 3.29 -3.82
CA LEU A 48 9.51 2.06 -4.12
C LEU A 48 9.07 0.88 -3.26
N LYS A 49 8.82 1.12 -1.98
CA LYS A 49 8.41 0.05 -1.07
C LYS A 49 7.10 -0.61 -1.49
N TYR A 50 6.15 0.20 -1.96
CA TYR A 50 4.86 -0.33 -2.38
C TYR A 50 4.52 0.09 -3.81
N ARG A 51 4.01 -0.84 -4.60
CA ARG A 51 3.65 -0.55 -5.99
C ARG A 51 2.25 -1.06 -6.36
N ALA A 52 1.46 -0.19 -6.98
CA ALA A 52 0.12 -0.52 -7.46
C ALA A 52 -0.74 0.68 -7.88
N PRO A 53 -0.18 1.87 -8.20
CA PRO A 53 -1.00 3.01 -8.61
C PRO A 53 -1.41 2.92 -10.08
N ARG A 54 -0.47 3.19 -10.97
CA ARG A 54 -0.71 3.14 -12.41
C ARG A 54 -0.92 1.71 -12.91
N LEU A 55 -0.13 0.78 -12.38
CA LEU A 55 -0.22 -0.61 -12.82
C LEU A 55 -1.60 -1.21 -12.51
N ALA A 56 -2.16 -0.88 -11.36
CA ALA A 56 -3.46 -1.41 -10.97
C ALA A 56 -4.59 -0.84 -11.81
N VAL A 57 -4.79 0.47 -11.76
CA VAL A 57 -5.88 1.10 -12.49
C VAL A 57 -5.86 0.73 -13.97
N ASP A 58 -4.68 0.64 -14.56
CA ASP A 58 -4.57 0.26 -15.96
C ASP A 58 -5.17 -1.13 -16.13
N CYS A 59 -4.72 -2.04 -15.27
CA CYS A 59 -5.19 -3.43 -15.29
C CYS A 59 -6.66 -3.52 -14.90
N LEU A 60 -7.09 -2.74 -13.93
CA LEU A 60 -8.48 -2.77 -13.49
C LEU A 60 -9.38 -2.43 -14.68
N SER A 61 -9.05 -1.34 -15.34
CA SER A 61 -9.78 -0.89 -16.52
C SER A 61 -9.81 -1.99 -17.58
N ARG A 62 -8.76 -2.81 -17.60
CA ARG A 62 -8.66 -3.90 -18.56
C ARG A 62 -9.83 -4.87 -18.42
N ALA A 63 -10.25 -5.12 -17.18
CA ALA A 63 -11.37 -6.01 -16.94
C ALA A 63 -12.66 -5.21 -16.85
N PHE A 64 -12.60 -4.10 -16.11
CA PHE A 64 -13.74 -3.21 -15.92
C PHE A 64 -14.54 -3.02 -17.20
N ARG A 65 -15.63 -3.77 -17.34
CA ARG A 65 -16.47 -3.68 -18.51
C ARG A 65 -17.57 -2.63 -18.30
N GLY A 66 -17.59 -2.04 -17.12
CA GLY A 66 -18.58 -1.04 -16.80
C GLY A 66 -18.10 0.34 -17.16
N SER A 67 -18.81 1.36 -16.69
CA SER A 67 -18.43 2.74 -16.99
C SER A 67 -17.69 3.36 -15.81
N PRO A 68 -16.37 3.57 -15.93
CA PRO A 68 -15.58 4.19 -14.87
C PRO A 68 -15.93 5.66 -14.70
N HIS A 69 -16.68 6.19 -15.66
CA HIS A 69 -17.13 7.58 -15.60
C HIS A 69 -18.28 7.69 -14.61
N ASP A 70 -19.19 6.72 -14.67
CA ASP A 70 -20.35 6.69 -13.79
C ASP A 70 -20.11 5.75 -12.61
N ALA A 71 -18.94 5.13 -12.56
CA ALA A 71 -18.59 4.23 -11.47
C ALA A 71 -18.04 5.02 -10.30
N LEU A 72 -18.06 4.42 -9.11
CA LEU A 72 -17.53 5.10 -7.92
C LEU A 72 -16.36 4.31 -7.34
N ILE A 73 -15.30 5.03 -6.94
CA ILE A 73 -14.11 4.38 -6.40
C ILE A 73 -13.74 4.97 -5.03
N LEU A 74 -13.15 4.15 -4.14
CA LEU A 74 -12.80 4.65 -2.80
C LEU A 74 -11.35 4.38 -2.38
N ASP A 75 -10.56 5.45 -2.31
CA ASP A 75 -9.16 5.38 -1.90
C ASP A 75 -9.00 5.65 -0.40
N VAL A 76 -7.92 5.14 0.17
CA VAL A 76 -7.65 5.31 1.61
C VAL A 76 -7.06 6.71 1.91
N ALA A 77 -6.27 6.83 2.96
CA ALA A 77 -5.65 8.10 3.36
C ALA A 77 -4.18 8.07 3.00
N CYS A 78 -3.88 7.34 1.94
CA CYS A 78 -2.51 7.18 1.48
C CYS A 78 -2.14 8.28 0.48
N GLY A 79 -2.97 9.29 0.36
CA GLY A 79 -2.69 10.36 -0.58
C GLY A 79 -2.61 9.84 -2.00
N THR A 80 -3.75 9.78 -2.66
CA THR A 80 -3.84 9.30 -4.03
C THR A 80 -4.23 10.42 -4.97
N GLY A 81 -3.84 11.64 -4.62
CA GLY A 81 -4.16 12.79 -5.46
C GLY A 81 -3.71 12.57 -6.89
N LEU A 82 -2.47 12.12 -7.04
CA LEU A 82 -1.94 11.82 -8.36
C LEU A 82 -2.81 10.75 -9.01
N VAL A 83 -3.04 9.68 -8.26
CA VAL A 83 -3.83 8.56 -8.74
C VAL A 83 -5.20 9.04 -9.22
N ALA A 84 -5.86 9.88 -8.44
CA ALA A 84 -7.17 10.39 -8.82
C ALA A 84 -7.09 11.14 -10.15
N VAL A 85 -5.97 11.83 -10.38
CA VAL A 85 -5.80 12.55 -11.63
C VAL A 85 -5.71 11.58 -12.77
N GLU A 86 -4.93 10.52 -12.57
CA GLU A 86 -4.77 9.48 -13.56
C GLU A 86 -6.06 8.69 -13.70
N LEU A 87 -6.72 8.44 -12.57
CA LEU A 87 -7.97 7.70 -12.56
C LEU A 87 -8.95 8.33 -13.55
N GLN A 88 -9.15 9.64 -13.44
CA GLN A 88 -10.05 10.35 -14.33
C GLN A 88 -9.55 10.19 -15.77
N ALA A 89 -8.24 10.26 -15.92
CA ALA A 89 -7.60 10.10 -17.22
C ALA A 89 -8.07 8.80 -17.87
N ARG A 90 -7.88 7.70 -17.15
CA ARG A 90 -8.27 6.37 -17.63
C ARG A 90 -9.80 6.21 -17.66
N GLY A 91 -10.51 7.26 -17.28
CA GLY A 91 -11.97 7.22 -17.28
C GLY A 91 -12.59 7.11 -15.90
N PHE A 92 -11.76 6.89 -14.90
CA PHE A 92 -12.23 6.77 -13.53
C PHE A 92 -12.42 8.17 -12.95
N LEU A 93 -13.45 8.86 -13.44
CA LEU A 93 -13.77 10.21 -13.00
C LEU A 93 -14.28 10.27 -11.56
N GLN A 94 -15.04 9.25 -11.15
CA GLN A 94 -15.60 9.25 -9.78
C GLN A 94 -14.75 8.46 -8.81
N VAL A 95 -14.05 9.18 -7.93
CA VAL A 95 -13.22 8.56 -6.92
C VAL A 95 -13.34 9.30 -5.59
N GLN A 96 -13.38 8.54 -4.50
CA GLN A 96 -13.48 9.12 -3.17
C GLN A 96 -12.44 8.50 -2.26
N GLY A 97 -12.03 9.21 -1.21
CA GLY A 97 -11.05 8.65 -0.30
C GLY A 97 -10.90 9.47 0.97
N VAL A 98 -10.77 8.81 2.10
CA VAL A 98 -10.66 9.51 3.38
C VAL A 98 -9.24 9.62 3.92
N ASP A 99 -8.72 10.85 3.88
CA ASP A 99 -7.39 11.14 4.38
C ASP A 99 -7.42 11.28 5.91
N GLY A 100 -6.26 11.23 6.54
CA GLY A 100 -6.20 11.35 7.99
C GLY A 100 -5.38 12.54 8.44
N SER A 101 -5.06 13.44 7.52
CA SER A 101 -4.29 14.63 7.85
C SER A 101 -4.80 15.83 7.06
N PRO A 102 -5.07 16.96 7.74
CA PRO A 102 -5.57 18.16 7.07
C PRO A 102 -4.59 18.67 6.03
N GLU A 103 -3.31 18.42 6.25
CA GLU A 103 -2.27 18.86 5.32
C GLU A 103 -2.35 18.04 4.03
N MET A 104 -2.37 16.72 4.15
CA MET A 104 -2.44 15.85 2.99
C MET A 104 -3.82 15.95 2.34
N LEU A 105 -4.86 16.01 3.16
CA LEU A 105 -6.23 16.12 2.68
C LEU A 105 -6.39 17.39 1.85
N LYS A 106 -5.85 18.48 2.35
CA LYS A 106 -5.93 19.76 1.66
C LYS A 106 -5.25 19.66 0.30
N GLN A 107 -4.13 18.95 0.27
CA GLN A 107 -3.40 18.75 -0.99
C GLN A 107 -4.29 18.04 -2.00
N ALA A 108 -4.86 16.91 -1.58
CA ALA A 108 -5.72 16.13 -2.45
C ALA A 108 -6.99 16.90 -2.78
N ARG A 109 -7.55 17.60 -1.79
CA ARG A 109 -8.75 18.38 -1.99
C ARG A 109 -8.48 19.46 -3.05
N ALA A 110 -7.39 20.19 -2.86
CA ALA A 110 -7.00 21.24 -3.79
C ALA A 110 -6.85 20.68 -5.20
N ARG A 111 -6.53 19.38 -5.27
CA ARG A 111 -6.37 18.70 -6.55
C ARG A 111 -7.68 18.77 -7.34
N GLY A 112 -8.80 18.61 -6.63
CA GLY A 112 -10.11 18.66 -7.26
C GLY A 112 -10.42 17.39 -8.03
N LEU A 113 -9.58 16.38 -7.87
CA LEU A 113 -9.77 15.11 -8.56
C LEU A 113 -10.67 14.16 -7.77
N TYR A 114 -10.71 14.33 -6.45
CA TYR A 114 -11.54 13.48 -5.62
C TYR A 114 -12.99 13.94 -5.65
N HIS A 115 -13.90 13.00 -5.89
CA HIS A 115 -15.32 13.32 -5.91
C HIS A 115 -15.75 13.82 -4.53
N HIS A 116 -15.23 13.18 -3.50
CA HIS A 116 -15.54 13.55 -2.12
C HIS A 116 -14.46 13.05 -1.18
N LEU A 117 -14.07 13.89 -0.23
CA LEU A 117 -13.04 13.51 0.74
C LEU A 117 -13.51 13.81 2.15
N SER A 118 -13.03 13.01 3.09
CA SER A 118 -13.37 13.18 4.50
C SER A 118 -12.18 12.83 5.37
N LEU A 119 -12.31 13.08 6.66
CA LEU A 119 -11.22 12.80 7.59
C LEU A 119 -11.47 11.49 8.32
N CYS A 120 -10.56 10.54 8.13
CA CYS A 120 -10.68 9.24 8.77
C CYS A 120 -9.31 8.59 8.96
N THR A 121 -9.22 7.69 9.92
CA THR A 121 -8.00 6.96 10.19
C THR A 121 -8.35 5.48 10.34
N LEU A 122 -8.25 4.78 9.22
CA LEU A 122 -8.59 3.37 9.11
C LEU A 122 -8.33 2.58 10.39
N GLY A 123 -9.42 2.08 10.97
CA GLY A 123 -9.34 1.30 12.19
C GLY A 123 -9.96 2.04 13.36
N GLN A 124 -10.09 3.35 13.23
CA GLN A 124 -10.68 4.18 14.26
C GLN A 124 -12.18 3.92 14.35
N GLU A 125 -12.84 4.06 13.20
CA GLU A 125 -14.28 3.85 13.11
C GLU A 125 -14.62 3.13 11.81
N PRO A 126 -15.82 2.53 11.70
CA PRO A 126 -16.23 1.82 10.49
C PRO A 126 -16.32 2.78 9.32
N LEU A 127 -16.09 2.29 8.11
CA LEU A 127 -16.13 3.13 6.92
C LEU A 127 -17.39 3.99 6.88
N PRO A 128 -17.22 5.31 6.72
CA PRO A 128 -18.35 6.25 6.63
C PRO A 128 -19.20 5.97 5.41
N ASP A 129 -18.61 5.29 4.43
CA ASP A 129 -19.30 4.96 3.19
C ASP A 129 -20.20 3.74 3.36
N PRO A 130 -21.49 3.86 2.97
CA PRO A 130 -22.46 2.76 3.08
C PRO A 130 -22.11 1.57 2.20
N GLU A 131 -22.66 0.40 2.55
CA GLU A 131 -22.41 -0.82 1.78
C GLU A 131 -22.88 -0.66 0.33
N GLY A 132 -22.10 -1.19 -0.61
CA GLY A 132 -22.45 -1.13 -2.01
C GLY A 132 -22.56 0.30 -2.53
N THR A 133 -21.95 1.25 -1.83
CA THR A 133 -21.99 2.65 -2.25
C THR A 133 -21.06 2.91 -3.43
N PHE A 134 -19.81 2.48 -3.30
CA PHE A 134 -18.83 2.71 -4.34
C PHE A 134 -18.51 1.45 -5.14
N ASP A 135 -18.45 1.61 -6.45
CA ASP A 135 -18.17 0.50 -7.34
C ASP A 135 -16.83 -0.17 -7.07
N ALA A 136 -15.80 0.62 -6.76
CA ALA A 136 -14.47 0.04 -6.54
C ALA A 136 -13.65 0.81 -5.50
N VAL A 137 -12.57 0.18 -5.03
CA VAL A 137 -11.66 0.77 -4.05
C VAL A 137 -10.21 0.41 -4.42
N ILE A 138 -9.30 1.39 -4.34
CA ILE A 138 -7.91 1.13 -4.69
C ILE A 138 -6.91 1.67 -3.66
N ILE A 139 -6.04 0.78 -3.15
CA ILE A 139 -5.04 1.18 -2.16
C ILE A 139 -3.88 0.19 -2.07
N VAL A 140 -2.65 0.69 -2.20
CA VAL A 140 -1.47 -0.16 -2.12
C VAL A 140 -0.61 0.25 -0.93
N GLY A 141 -0.16 -0.74 -0.17
CA GLY A 141 0.64 -0.45 1.01
C GLY A 141 -0.18 0.16 2.11
N ALA A 142 0.49 0.66 3.14
CA ALA A 142 -0.21 1.26 4.27
C ALA A 142 -1.12 0.22 4.92
N LEU A 143 -0.82 -1.05 4.68
CA LEU A 143 -1.61 -2.16 5.21
C LEU A 143 -0.88 -2.82 6.38
N SER A 144 -1.59 -3.00 7.48
CA SER A 144 -1.03 -3.61 8.69
C SER A 144 0.02 -2.69 9.32
N GLU A 145 0.11 -1.47 8.80
CA GLU A 145 1.06 -0.48 9.32
C GLU A 145 0.35 0.55 10.19
N GLY A 146 -0.95 0.33 10.41
CA GLY A 146 -1.72 1.26 11.23
C GLY A 146 -2.45 2.29 10.38
N GLN A 147 -2.25 2.25 9.06
CA GLN A 147 -2.91 3.17 8.15
C GLN A 147 -4.13 2.51 7.51
N VAL A 148 -4.04 1.20 7.30
CA VAL A 148 -5.15 0.44 6.70
C VAL A 148 -5.27 -0.93 7.37
N PRO A 149 -5.89 -1.00 8.55
CA PRO A 149 -6.05 -2.26 9.29
C PRO A 149 -6.95 -3.28 8.60
N CYS A 150 -6.58 -4.55 8.77
CA CYS A 150 -7.28 -5.67 8.16
C CYS A 150 -8.79 -5.62 8.40
N SER A 151 -9.21 -5.04 9.53
CA SER A 151 -10.62 -4.94 9.84
C SER A 151 -11.33 -3.95 8.92
N ALA A 152 -10.64 -2.85 8.63
CA ALA A 152 -11.18 -1.79 7.77
C ALA A 152 -11.28 -2.22 6.31
N ILE A 153 -10.32 -3.02 5.87
CA ILE A 153 -10.29 -3.48 4.47
C ILE A 153 -11.62 -4.06 4.01
N PRO A 154 -12.21 -5.01 4.76
CA PRO A 154 -13.49 -5.62 4.38
C PRO A 154 -14.58 -4.57 4.29
N GLU A 155 -14.45 -3.53 5.10
CA GLU A 155 -15.40 -2.43 5.10
C GLU A 155 -15.37 -1.72 3.76
N LEU A 156 -14.21 -1.76 3.10
CA LEU A 156 -14.08 -1.17 1.77
C LEU A 156 -14.76 -2.07 0.75
N LEU A 157 -14.58 -3.37 0.93
CA LEU A 157 -15.18 -4.37 0.04
C LEU A 157 -16.70 -4.34 0.18
N ARG A 158 -17.17 -4.27 1.41
CA ARG A 158 -18.61 -4.25 1.67
C ARG A 158 -19.26 -3.03 1.01
N VAL A 159 -18.63 -1.87 1.14
CA VAL A 159 -19.16 -0.66 0.53
C VAL A 159 -19.13 -0.78 -0.98
N THR A 160 -18.31 -1.69 -1.48
CA THR A 160 -18.19 -1.90 -2.90
C THR A 160 -19.32 -2.78 -3.43
N LYS A 161 -20.05 -2.25 -4.41
CA LYS A 161 -21.17 -2.97 -5.02
C LYS A 161 -20.68 -4.26 -5.69
N PRO A 162 -21.55 -5.30 -5.80
CA PRO A 162 -21.15 -6.55 -6.46
C PRO A 162 -20.52 -6.24 -7.81
N GLY A 163 -19.57 -7.05 -8.24
CA GLY A 163 -18.91 -6.75 -9.50
C GLY A 163 -17.96 -5.58 -9.37
N GLY A 164 -17.87 -5.03 -8.16
CA GLY A 164 -16.99 -3.89 -7.91
C GLY A 164 -15.54 -4.30 -7.96
N LEU A 165 -14.63 -3.33 -7.99
CA LEU A 165 -13.21 -3.64 -8.06
C LEU A 165 -12.46 -3.14 -6.82
N VAL A 166 -11.85 -4.06 -6.09
CA VAL A 166 -11.07 -3.69 -4.92
C VAL A 166 -9.60 -4.03 -5.13
N CYS A 167 -8.79 -2.99 -5.26
CA CYS A 167 -7.36 -3.19 -5.47
C CYS A 167 -6.62 -3.30 -4.15
N LEU A 168 -6.33 -4.54 -3.76
CA LEU A 168 -5.59 -4.77 -2.53
C LEU A 168 -4.19 -5.24 -2.88
N THR A 169 -3.21 -4.67 -2.21
CA THR A 169 -1.82 -5.01 -2.48
C THR A 169 -1.18 -5.67 -1.26
N THR A 170 -0.32 -6.64 -1.54
CA THR A 170 0.35 -7.43 -0.51
C THR A 170 0.57 -6.71 0.82
N ARG A 171 -0.03 -7.29 1.84
CA ARG A 171 0.07 -6.85 3.23
C ARG A 171 0.55 -8.07 4.01
N THR A 172 1.19 -8.95 3.27
CA THR A 172 1.68 -10.23 3.76
C THR A 172 2.86 -10.10 4.74
N ASN A 173 3.45 -8.90 4.81
CA ASN A 173 4.60 -8.68 5.71
C ASN A 173 5.59 -9.84 5.64
N PRO A 174 6.52 -9.80 4.66
CA PRO A 174 7.50 -10.87 4.47
C PRO A 174 8.26 -11.24 5.74
N SER A 175 8.39 -12.54 5.98
CA SER A 175 9.10 -13.05 7.16
C SER A 175 9.23 -14.57 7.10
N ASN A 176 8.10 -15.27 7.17
CA ASN A 176 8.09 -16.73 7.13
C ASN A 176 7.19 -17.27 6.01
N LEU A 177 7.73 -18.20 5.24
CA LEU A 177 7.00 -18.82 4.13
C LEU A 177 5.66 -19.45 4.55
N PRO A 178 5.63 -20.20 5.66
CA PRO A 178 4.40 -20.85 6.11
C PRO A 178 3.28 -19.87 6.41
N TYR A 179 3.63 -18.67 6.83
CA TYR A 179 2.64 -17.65 7.11
C TYR A 179 1.99 -17.13 5.82
N LYS A 180 2.78 -17.10 4.74
CA LYS A 180 2.30 -16.63 3.44
C LYS A 180 1.12 -17.48 2.96
N GLU A 181 1.30 -18.80 3.04
CA GLU A 181 0.26 -19.73 2.60
C GLU A 181 -1.03 -19.53 3.40
N THR A 182 -0.87 -19.21 4.68
CA THR A 182 -2.01 -18.98 5.56
C THR A 182 -2.88 -17.83 5.04
N LEU A 183 -2.22 -16.79 4.56
CA LEU A 183 -2.93 -15.64 4.02
C LEU A 183 -3.55 -16.02 2.67
N GLU A 184 -2.70 -16.47 1.76
CA GLU A 184 -3.12 -16.85 0.42
C GLU A 184 -4.24 -17.89 0.47
N ALA A 185 -4.20 -18.76 1.47
CA ALA A 185 -5.23 -19.77 1.62
C ALA A 185 -6.59 -19.14 1.94
N THR A 186 -6.56 -18.10 2.79
CA THR A 186 -7.78 -17.41 3.18
C THR A 186 -8.49 -16.80 1.98
N LEU A 187 -7.74 -16.16 1.10
CA LEU A 187 -8.30 -15.56 -0.10
C LEU A 187 -8.94 -16.64 -0.98
N ASP A 188 -8.25 -17.77 -1.06
CA ASP A 188 -8.71 -18.87 -1.90
C ASP A 188 -10.10 -19.36 -1.46
N SER A 189 -10.34 -19.44 -0.15
CA SER A 189 -11.64 -19.87 0.34
C SER A 189 -12.71 -18.85 -0.03
N LEU A 190 -12.35 -17.58 0.08
CA LEU A 190 -13.25 -16.48 -0.25
C LEU A 190 -13.66 -16.56 -1.72
N GLU A 191 -12.71 -16.89 -2.58
CA GLU A 191 -13.00 -17.02 -4.00
C GLU A 191 -13.88 -18.24 -4.24
N ARG A 192 -13.52 -19.34 -3.57
CA ARG A 192 -14.28 -20.58 -3.71
C ARG A 192 -15.72 -20.37 -3.25
N ALA A 193 -15.89 -19.61 -2.18
CA ALA A 193 -17.21 -19.32 -1.64
C ALA A 193 -18.02 -18.46 -2.60
N GLY A 194 -17.33 -17.75 -3.48
CA GLY A 194 -18.00 -16.90 -4.44
C GLY A 194 -18.17 -15.48 -3.95
N VAL A 195 -17.62 -15.17 -2.78
CA VAL A 195 -17.73 -13.84 -2.21
C VAL A 195 -16.95 -12.81 -3.04
N TRP A 196 -15.82 -13.24 -3.63
CA TRP A 196 -15.02 -12.32 -4.45
C TRP A 196 -13.95 -13.07 -5.25
N GLU A 197 -13.54 -12.49 -6.37
CA GLU A 197 -12.52 -13.11 -7.23
C GLU A 197 -11.55 -12.07 -7.78
N CYS A 198 -10.36 -12.52 -8.14
CA CYS A 198 -9.37 -11.64 -8.72
C CYS A 198 -9.84 -11.19 -10.10
N LEU A 199 -9.80 -9.88 -10.33
CA LEU A 199 -10.24 -9.30 -11.60
C LEU A 199 -9.07 -8.85 -12.45
N VAL A 200 -7.92 -8.63 -11.80
CA VAL A 200 -6.70 -8.23 -12.49
C VAL A 200 -5.51 -8.37 -11.55
N THR A 201 -4.32 -8.57 -12.12
CA THR A 201 -3.12 -8.71 -11.32
C THR A 201 -1.96 -7.93 -11.94
N GLN A 202 -1.16 -7.30 -11.09
CA GLN A 202 0.00 -6.54 -11.54
C GLN A 202 1.28 -7.13 -10.97
N PRO A 203 2.12 -7.76 -11.81
CA PRO A 203 3.37 -8.37 -11.37
C PRO A 203 4.30 -7.37 -10.70
N VAL A 204 4.65 -7.64 -9.45
CA VAL A 204 5.51 -6.74 -8.69
C VAL A 204 6.86 -6.54 -9.37
N ASP A 205 7.35 -5.30 -9.33
CA ASP A 205 8.62 -4.95 -9.95
C ASP A 205 9.79 -5.45 -9.08
N HIS A 206 9.48 -5.91 -7.88
CA HIS A 206 10.50 -6.41 -6.97
C HIS A 206 11.23 -7.60 -7.58
N TRP A 207 10.48 -8.46 -8.26
CA TRP A 207 11.05 -9.64 -8.90
C TRP A 207 11.85 -10.46 -7.91
N GLU A 208 11.35 -10.53 -6.67
CA GLU A 208 12.03 -11.28 -5.62
C GLU A 208 11.23 -12.53 -5.28
N LEU A 209 11.89 -13.67 -5.26
CA LEU A 209 11.25 -14.93 -4.95
C LEU A 209 11.86 -15.59 -3.72
N ALA A 210 11.00 -16.07 -2.82
CA ALA A 210 11.46 -16.71 -1.60
C ALA A 210 12.00 -18.12 -1.88
N THR A 211 11.12 -19.13 -1.84
CA THR A 211 11.53 -20.50 -2.11
C THR A 211 11.01 -20.95 -3.47
N SER A 212 10.20 -20.10 -4.09
CA SER A 212 9.63 -20.42 -5.41
C SER A 212 10.71 -20.39 -6.48
N GLU A 213 11.77 -19.62 -6.22
CA GLU A 213 12.86 -19.51 -7.18
C GLU A 213 14.03 -20.40 -6.74
N GLN A 214 14.52 -21.19 -7.67
CA GLN A 214 15.62 -22.10 -7.39
C GLN A 214 16.90 -21.55 -8.00
N GLU A 215 18.02 -21.79 -7.32
CA GLU A 215 19.33 -21.32 -7.80
C GLU A 215 19.37 -19.80 -7.89
N THR A 216 18.77 -19.12 -6.90
CA THR A 216 18.76 -17.67 -6.88
C THR A 216 20.18 -17.12 -6.84
N GLY A 217 21.03 -17.77 -6.07
CA GLY A 217 22.41 -17.34 -5.95
C GLY A 217 23.27 -18.38 -5.26
N LEU A 218 24.57 -18.34 -5.51
CA LEU A 218 25.49 -19.30 -4.91
C LEU A 218 25.51 -19.14 -3.39
N GLY A 219 25.47 -17.89 -2.93
CA GLY A 219 25.48 -17.62 -1.50
C GLY A 219 24.08 -17.55 -0.91
N THR A 220 24.01 -17.31 0.39
CA THR A 220 22.72 -17.21 1.08
C THR A 220 22.57 -15.84 1.73
N CYS A 221 21.44 -15.19 1.49
CA CYS A 221 21.18 -13.88 2.07
C CYS A 221 19.72 -13.72 2.47
N ALA A 222 19.47 -12.92 3.49
CA ALA A 222 18.11 -12.68 3.97
C ALA A 222 17.32 -11.84 2.97
N ASN A 223 16.03 -12.11 2.89
CA ASN A 223 15.15 -11.39 1.97
C ASN A 223 14.02 -10.71 2.74
N ASP A 224 13.52 -9.61 2.17
CA ASP A 224 12.43 -8.87 2.78
C ASP A 224 11.15 -9.05 1.98
N GLY A 225 11.10 -10.10 1.17
CA GLY A 225 9.93 -10.37 0.36
C GLY A 225 9.62 -11.86 0.25
N PHE A 226 9.75 -12.58 1.36
CA PHE A 226 9.45 -14.00 1.38
C PHE A 226 7.95 -14.24 1.23
N ILE A 227 7.16 -13.40 1.89
CA ILE A 227 5.72 -13.54 1.87
C ILE A 227 5.05 -12.58 0.88
N SER A 228 5.55 -11.34 0.83
CA SER A 228 4.99 -10.32 -0.06
C SER A 228 5.57 -10.40 -1.46
N GLY A 229 4.94 -9.68 -2.40
CA GLY A 229 5.42 -9.66 -3.76
C GLY A 229 4.34 -9.91 -4.80
N ILE A 230 3.16 -9.32 -4.60
CA ILE A 230 2.06 -9.49 -5.55
C ILE A 230 0.90 -8.53 -5.29
N ILE A 231 0.47 -7.82 -6.32
CA ILE A 231 -0.65 -6.91 -6.20
C ILE A 231 -1.76 -7.30 -7.18
N TYR A 232 -2.94 -7.63 -6.64
CA TYR A 232 -4.06 -8.11 -7.46
C TYR A 232 -5.42 -7.49 -7.06
N LEU A 233 -6.21 -7.10 -8.07
CA LEU A 233 -7.51 -6.45 -7.84
C LEU A 233 -8.71 -7.40 -7.87
N TYR A 234 -9.44 -7.41 -6.75
CA TYR A 234 -10.62 -8.28 -6.58
C TYR A 234 -11.94 -7.61 -7.01
N ARG A 235 -12.95 -8.46 -7.19
CA ARG A 235 -14.32 -8.05 -7.56
C ARG A 235 -15.32 -8.68 -6.60
N LYS A 236 -16.30 -7.91 -6.10
CA LYS A 236 -17.28 -8.47 -5.17
C LYS A 236 -18.25 -9.44 -5.84
N GLN A 237 -18.47 -10.56 -5.16
CA GLN A 237 -19.35 -11.62 -5.64
C GLN A 237 -18.75 -12.36 -6.83
N GLU A 238 -17.75 -13.15 -6.49
CA GLU A 238 -17.06 -13.96 -7.50
C GLU A 238 -16.41 -15.22 -6.96
N THR A 239 -16.31 -16.20 -7.87
CA THR A 239 -15.73 -17.50 -7.58
C THR A 239 -14.34 -17.65 -8.21
N VAL A 240 -13.43 -18.29 -7.48
CA VAL A 240 -12.06 -18.52 -7.97
C VAL A 240 -11.44 -17.22 -8.48
N GLY A 1 35.77 23.54 -8.33
CA GLY A 1 35.44 22.27 -7.63
C GLY A 1 35.91 21.06 -8.41
N ALA A 2 36.18 19.97 -7.69
CA ALA A 2 36.64 18.74 -8.32
C ALA A 2 35.64 17.62 -8.08
N MET A 3 35.21 16.97 -9.17
CA MET A 3 34.26 15.87 -9.08
C MET A 3 34.81 14.74 -8.21
N ALA A 4 36.10 14.45 -8.41
CA ALA A 4 36.76 13.38 -7.66
C ALA A 4 36.45 13.46 -6.16
N GLN A 5 36.57 14.65 -5.59
CA GLN A 5 36.28 14.84 -4.17
C GLN A 5 34.83 14.48 -3.88
N GLU A 6 33.94 14.86 -4.78
CA GLU A 6 32.51 14.59 -4.63
C GLU A 6 31.94 15.31 -3.41
N GLU A 7 32.38 16.55 -3.20
CA GLU A 7 31.90 17.36 -2.09
C GLU A 7 31.22 18.61 -2.60
N ALA A 8 30.15 19.04 -1.93
CA ALA A 8 29.40 20.21 -2.35
C ALA A 8 30.35 21.39 -2.59
N GLY A 9 31.08 21.80 -1.56
CA GLY A 9 32.02 22.89 -1.68
C GLY A 9 33.11 22.78 -0.64
N ARG A 10 34.20 23.52 -0.81
CA ARG A 10 35.29 23.44 0.16
C ARG A 10 35.24 24.61 1.13
N LEU A 11 34.85 24.32 2.38
CA LEU A 11 34.78 25.33 3.43
C LEU A 11 36.09 26.09 3.57
N PRO A 12 37.23 25.36 3.63
CA PRO A 12 38.55 25.97 3.78
C PRO A 12 38.74 27.19 2.88
N GLN A 13 39.60 28.11 3.30
CA GLN A 13 39.88 29.32 2.55
C GLN A 13 41.36 29.65 2.62
N VAL A 14 41.91 30.17 1.52
CA VAL A 14 43.33 30.53 1.49
C VAL A 14 43.53 32.02 1.69
N LEU A 15 44.49 32.37 2.53
CA LEU A 15 44.78 33.76 2.83
C LEU A 15 45.17 34.53 1.58
N ALA A 16 46.10 33.96 0.81
CA ALA A 16 46.57 34.63 -0.41
C ALA A 16 45.48 34.74 -1.47
N ARG A 17 44.95 33.61 -1.92
CA ARG A 17 43.91 33.61 -2.94
C ARG A 17 42.99 32.40 -2.78
N VAL A 18 41.68 32.64 -2.85
CA VAL A 18 40.71 31.55 -2.71
C VAL A 18 40.91 30.48 -3.79
N GLY A 19 41.16 30.94 -5.02
CA GLY A 19 41.37 30.02 -6.13
C GLY A 19 40.20 29.08 -6.33
N THR A 20 40.14 28.46 -7.52
CA THR A 20 39.07 27.52 -7.84
C THR A 20 39.57 26.45 -8.80
N SER A 21 39.14 25.22 -8.58
CA SER A 21 39.53 24.09 -9.42
C SER A 21 38.87 24.18 -10.80
N HIS A 22 37.61 24.59 -10.82
CA HIS A 22 36.85 24.70 -12.07
C HIS A 22 36.69 26.15 -12.50
N GLY A 23 37.05 26.44 -13.76
CA GLY A 23 36.93 27.80 -14.26
C GLY A 23 36.81 27.86 -15.78
N ILE A 24 35.72 27.35 -16.31
CA ILE A 24 35.48 27.35 -17.76
C ILE A 24 35.45 28.78 -18.31
N THR A 25 34.75 29.65 -17.61
CA THR A 25 34.60 31.05 -18.02
C THR A 25 33.93 31.13 -19.40
N ASP A 26 32.94 30.27 -19.61
CA ASP A 26 32.19 30.22 -20.86
C ASP A 26 30.70 30.30 -20.57
N LEU A 27 29.88 30.49 -21.60
CA LEU A 27 28.44 30.59 -21.40
C LEU A 27 27.89 29.32 -20.76
N ALA A 28 28.24 28.17 -21.34
CA ALA A 28 27.77 26.88 -20.83
C ALA A 28 28.71 26.33 -19.76
N CYS A 29 28.55 25.04 -19.44
CA CYS A 29 29.39 24.38 -18.44
C CYS A 29 29.68 22.95 -18.88
N LYS A 30 30.76 22.37 -18.35
CA LYS A 30 31.13 21.00 -18.69
C LYS A 30 30.03 20.04 -18.27
N LEU A 31 29.44 20.29 -17.11
CA LEU A 31 28.36 19.47 -16.60
C LEU A 31 27.20 20.33 -16.14
N ARG A 32 25.98 19.82 -16.27
CA ARG A 32 24.79 20.55 -15.87
C ARG A 32 24.48 20.32 -14.39
N PHE A 33 23.91 21.33 -13.74
CA PHE A 33 23.57 21.23 -12.33
C PHE A 33 22.07 21.42 -12.12
N TYR A 34 21.51 20.63 -11.22
CA TYR A 34 20.08 20.69 -10.92
C TYR A 34 19.87 21.02 -9.45
N ASP A 35 18.88 21.86 -9.15
CA ASP A 35 18.61 22.23 -7.77
C ASP A 35 18.26 21.00 -6.95
N ASP A 36 17.49 20.09 -7.54
CA ASP A 36 17.11 18.86 -6.88
C ASP A 36 18.17 17.79 -7.07
N TRP A 37 19.04 18.00 -8.06
CA TRP A 37 20.11 17.05 -8.37
C TRP A 37 19.55 15.64 -8.50
N ALA A 38 18.28 15.55 -8.90
CA ALA A 38 17.63 14.28 -9.08
C ALA A 38 16.92 14.20 -10.44
N PRO A 39 17.69 14.13 -11.54
CA PRO A 39 17.15 14.07 -12.89
C PRO A 39 16.79 12.65 -13.33
N GLU A 40 15.62 12.52 -13.95
CA GLU A 40 15.15 11.22 -14.45
C GLU A 40 15.28 10.13 -13.40
N TYR A 41 14.50 10.23 -12.32
CA TYR A 41 14.53 9.22 -11.27
C TYR A 41 13.30 8.31 -11.32
N ASP A 42 12.48 8.45 -12.37
CA ASP A 42 11.31 7.60 -12.52
C ASP A 42 11.74 6.18 -12.84
N GLN A 43 12.97 6.06 -13.32
CA GLN A 43 13.55 4.76 -13.65
C GLN A 43 13.59 3.89 -12.41
N ASP A 44 13.99 4.48 -11.29
CA ASP A 44 14.09 3.76 -10.02
C ASP A 44 12.83 3.95 -9.16
N VAL A 45 12.03 4.96 -9.47
CA VAL A 45 10.82 5.22 -8.69
C VAL A 45 9.86 4.02 -8.73
N ALA A 46 9.70 3.44 -9.92
CA ALA A 46 8.83 2.28 -10.07
C ALA A 46 9.31 1.12 -9.20
N ALA A 47 10.57 0.75 -9.39
CA ALA A 47 11.17 -0.34 -8.63
C ALA A 47 11.30 0.00 -7.15
N LEU A 48 11.66 1.24 -6.86
CA LEU A 48 11.83 1.69 -5.49
C LEU A 48 10.54 1.55 -4.68
N LYS A 49 9.43 2.06 -5.23
CA LYS A 49 8.16 1.98 -4.53
C LYS A 49 7.01 1.67 -5.48
N TYR A 50 5.98 1.01 -4.95
CA TYR A 50 4.80 0.64 -5.73
C TYR A 50 3.55 1.22 -5.09
N ARG A 51 2.87 2.11 -5.80
CA ARG A 51 1.64 2.72 -5.28
C ARG A 51 0.42 2.31 -6.10
N ALA A 52 0.56 1.27 -6.93
CA ALA A 52 -0.54 0.81 -7.75
C ALA A 52 -1.19 1.97 -8.51
N PRO A 53 -0.41 2.71 -9.31
CA PRO A 53 -0.91 3.85 -10.05
C PRO A 53 -1.48 3.46 -11.43
N ARG A 54 -0.65 3.49 -12.46
CA ARG A 54 -1.09 3.17 -13.81
C ARG A 54 -1.41 1.68 -13.98
N LEU A 55 -0.57 0.83 -13.40
CA LEU A 55 -0.75 -0.62 -13.52
C LEU A 55 -2.09 -1.09 -12.97
N ALA A 56 -2.51 -0.51 -11.85
CA ALA A 56 -3.76 -0.90 -11.23
C ALA A 56 -4.97 -0.45 -12.03
N VAL A 57 -5.11 0.86 -12.25
CA VAL A 57 -6.25 1.40 -12.95
C VAL A 57 -6.38 0.87 -14.37
N ASP A 58 -5.27 0.73 -15.09
CA ASP A 58 -5.34 0.21 -16.45
C ASP A 58 -5.94 -1.20 -16.44
N CYS A 59 -5.39 -2.04 -15.59
CA CYS A 59 -5.86 -3.42 -15.45
C CYS A 59 -7.25 -3.45 -14.84
N LEU A 60 -7.51 -2.56 -13.89
CA LEU A 60 -8.80 -2.51 -13.22
C LEU A 60 -9.90 -2.25 -14.23
N SER A 61 -9.70 -1.24 -15.06
CA SER A 61 -10.67 -0.90 -16.08
C SER A 61 -10.86 -2.06 -17.05
N ARG A 62 -9.78 -2.82 -17.29
CA ARG A 62 -9.82 -3.96 -18.19
C ARG A 62 -10.83 -4.99 -17.70
N ALA A 63 -10.94 -5.12 -16.38
CA ALA A 63 -11.87 -6.06 -15.79
C ALA A 63 -13.16 -5.36 -15.36
N PHE A 64 -13.25 -4.08 -15.67
CA PHE A 64 -14.41 -3.27 -15.33
C PHE A 64 -15.22 -2.94 -16.57
N ARG A 65 -16.40 -3.54 -16.71
CA ARG A 65 -17.25 -3.29 -17.86
C ARG A 65 -18.36 -2.29 -17.54
N GLY A 66 -18.38 -1.83 -16.29
CA GLY A 66 -19.39 -0.88 -15.87
C GLY A 66 -19.05 0.51 -16.31
N SER A 67 -19.77 1.49 -15.79
CA SER A 67 -19.52 2.88 -16.15
C SER A 67 -18.58 3.54 -15.15
N PRO A 68 -17.32 3.77 -15.54
CA PRO A 68 -16.33 4.41 -14.66
C PRO A 68 -16.65 5.88 -14.44
N HIS A 69 -17.60 6.41 -15.21
CA HIS A 69 -18.03 7.78 -15.07
C HIS A 69 -18.98 7.90 -13.88
N ASP A 70 -19.96 7.01 -13.86
CA ASP A 70 -20.95 6.96 -12.79
C ASP A 70 -20.51 5.99 -11.69
N ALA A 71 -19.29 5.46 -11.82
CA ALA A 71 -18.75 4.54 -10.83
C ALA A 71 -17.94 5.29 -9.79
N LEU A 72 -17.91 4.76 -8.57
CA LEU A 72 -17.18 5.41 -7.48
C LEU A 72 -15.93 4.61 -7.09
N ILE A 73 -14.82 5.31 -6.88
CA ILE A 73 -13.56 4.67 -6.51
C ILE A 73 -13.04 5.22 -5.18
N LEU A 74 -12.48 4.37 -4.33
CA LEU A 74 -11.99 4.82 -3.02
C LEU A 74 -10.46 4.71 -2.87
N ASP A 75 -9.85 5.86 -2.53
CA ASP A 75 -8.40 5.94 -2.32
C ASP A 75 -8.05 6.33 -0.88
N VAL A 76 -7.06 5.64 -0.33
CA VAL A 76 -6.60 5.84 1.05
C VAL A 76 -6.04 7.26 1.32
N ALA A 77 -5.29 7.37 2.42
CA ALA A 77 -4.69 8.62 2.86
C ALA A 77 -3.23 8.72 2.43
N CYS A 78 -2.90 8.09 1.31
CA CYS A 78 -1.53 8.09 0.81
C CYS A 78 -1.29 9.16 -0.24
N GLY A 79 -2.11 10.22 -0.24
CA GLY A 79 -1.93 11.26 -1.24
C GLY A 79 -2.22 10.75 -2.63
N THR A 80 -3.00 9.68 -2.68
CA THR A 80 -3.36 9.02 -3.93
C THR A 80 -4.13 9.97 -4.87
N GLY A 81 -3.89 11.27 -4.75
CA GLY A 81 -4.53 12.24 -5.61
C GLY A 81 -4.21 12.01 -7.06
N LEU A 82 -2.97 11.58 -7.32
CA LEU A 82 -2.55 11.31 -8.69
C LEU A 82 -3.44 10.24 -9.28
N VAL A 83 -3.59 9.13 -8.56
CA VAL A 83 -4.42 8.03 -9.03
C VAL A 83 -5.81 8.58 -9.36
N ALA A 84 -6.32 9.45 -8.51
CA ALA A 84 -7.61 10.05 -8.73
C ALA A 84 -7.60 10.83 -10.05
N VAL A 85 -6.48 11.50 -10.33
CA VAL A 85 -6.33 12.26 -11.56
C VAL A 85 -6.41 11.35 -12.77
N GLU A 86 -5.67 10.25 -12.72
CA GLU A 86 -5.66 9.28 -13.80
C GLU A 86 -7.01 8.58 -13.88
N LEU A 87 -7.56 8.26 -12.71
CA LEU A 87 -8.84 7.57 -12.65
C LEU A 87 -9.86 8.29 -13.55
N GLN A 88 -9.93 9.61 -13.45
CA GLN A 88 -10.86 10.38 -14.30
C GLN A 88 -10.51 10.14 -15.76
N ALA A 89 -9.21 10.10 -16.04
CA ALA A 89 -8.71 9.87 -17.39
C ALA A 89 -9.35 8.61 -17.96
N ARG A 90 -9.13 7.48 -17.30
CA ARG A 90 -9.67 6.19 -17.72
C ARG A 90 -11.21 6.17 -17.58
N GLY A 91 -11.79 7.33 -17.27
CA GLY A 91 -13.23 7.45 -17.12
C GLY A 91 -13.69 7.35 -15.69
N PHE A 92 -12.80 6.90 -14.81
CA PHE A 92 -13.13 6.80 -13.39
C PHE A 92 -13.13 8.18 -12.77
N LEU A 93 -14.14 8.96 -13.11
CA LEU A 93 -14.28 10.33 -12.64
C LEU A 93 -14.62 10.41 -11.16
N GLN A 94 -15.49 9.53 -10.68
CA GLN A 94 -15.91 9.56 -9.29
C GLN A 94 -14.96 8.79 -8.38
N VAL A 95 -14.20 9.51 -7.56
CA VAL A 95 -13.27 8.90 -6.64
C VAL A 95 -13.36 9.54 -5.25
N GLN A 96 -13.65 8.73 -4.24
CA GLN A 96 -13.73 9.20 -2.87
C GLN A 96 -12.62 8.55 -2.06
N GLY A 97 -12.19 9.19 -0.97
CA GLY A 97 -11.14 8.60 -0.17
C GLY A 97 -11.04 9.26 1.18
N VAL A 98 -10.04 8.90 1.97
CA VAL A 98 -9.86 9.49 3.28
C VAL A 98 -8.39 9.67 3.59
N ASP A 99 -8.02 10.87 3.99
CA ASP A 99 -6.64 11.18 4.32
C ASP A 99 -6.49 11.41 5.83
N GLY A 100 -5.27 11.23 6.33
CA GLY A 100 -5.01 11.43 7.74
C GLY A 100 -3.90 12.44 7.97
N SER A 101 -3.53 13.12 6.90
CA SER A 101 -2.49 14.14 6.95
C SER A 101 -3.01 15.43 6.33
N PRO A 102 -3.18 16.49 7.13
CA PRO A 102 -3.70 17.76 6.61
C PRO A 102 -2.94 18.21 5.37
N GLU A 103 -1.63 18.01 5.37
CA GLU A 103 -0.81 18.37 4.23
C GLU A 103 -1.20 17.57 2.99
N MET A 104 -1.29 16.24 3.16
CA MET A 104 -1.65 15.36 2.06
C MET A 104 -3.11 15.53 1.66
N LEU A 105 -3.98 15.67 2.65
CA LEU A 105 -5.41 15.84 2.41
C LEU A 105 -5.67 17.09 1.58
N LYS A 106 -5.05 18.19 2.00
CA LYS A 106 -5.18 19.46 1.30
C LYS A 106 -4.71 19.34 -0.14
N GLN A 107 -3.62 18.58 -0.31
CA GLN A 107 -3.07 18.36 -1.65
C GLN A 107 -4.13 17.70 -2.52
N ALA A 108 -4.64 16.56 -2.07
CA ALA A 108 -5.66 15.83 -2.81
C ALA A 108 -6.93 16.66 -2.96
N ARG A 109 -7.33 17.36 -1.91
CA ARG A 109 -8.52 18.21 -1.97
C ARG A 109 -8.31 19.30 -3.02
N ALA A 110 -7.18 19.98 -2.90
CA ALA A 110 -6.82 21.05 -3.83
C ALA A 110 -6.78 20.53 -5.25
N ARG A 111 -6.46 19.24 -5.38
CA ARG A 111 -6.40 18.60 -6.68
C ARG A 111 -7.77 18.68 -7.35
N GLY A 112 -8.82 18.50 -6.56
CA GLY A 112 -10.18 18.56 -7.07
C GLY A 112 -10.58 17.27 -7.76
N LEU A 113 -9.76 16.24 -7.61
CA LEU A 113 -10.01 14.95 -8.22
C LEU A 113 -10.95 14.10 -7.37
N TYR A 114 -10.80 14.19 -6.06
CA TYR A 114 -11.63 13.40 -5.15
C TYR A 114 -13.00 14.02 -4.94
N HIS A 115 -14.04 13.21 -5.10
CA HIS A 115 -15.40 13.68 -4.90
C HIS A 115 -15.63 14.01 -3.44
N HIS A 116 -15.11 13.18 -2.54
CA HIS A 116 -15.28 13.40 -1.11
C HIS A 116 -14.11 12.84 -0.31
N LEU A 117 -13.42 13.70 0.42
CA LEU A 117 -12.29 13.29 1.25
C LEU A 117 -12.57 13.61 2.72
N SER A 118 -12.09 12.75 3.61
CA SER A 118 -12.31 12.96 5.05
C SER A 118 -11.15 12.41 5.87
N LEU A 119 -11.11 12.78 7.16
CA LEU A 119 -10.06 12.33 8.06
C LEU A 119 -10.48 11.05 8.78
N CYS A 120 -9.75 9.98 8.53
CA CYS A 120 -10.03 8.70 9.15
C CYS A 120 -8.77 7.89 9.32
N THR A 121 -8.77 7.02 10.33
CA THR A 121 -7.66 6.13 10.57
C THR A 121 -8.22 4.73 10.71
N LEU A 122 -8.13 3.97 9.62
CA LEU A 122 -8.67 2.63 9.55
C LEU A 122 -8.52 1.89 10.88
N GLY A 123 -9.66 1.36 11.34
CA GLY A 123 -9.71 0.64 12.60
C GLY A 123 -10.31 1.47 13.71
N GLN A 124 -10.27 2.79 13.54
CA GLN A 124 -10.84 3.70 14.53
C GLN A 124 -12.35 3.52 14.56
N GLU A 125 -12.93 3.58 13.36
CA GLU A 125 -14.36 3.41 13.18
C GLU A 125 -14.63 2.88 11.77
N PRO A 126 -15.86 2.45 11.48
CA PRO A 126 -16.19 1.93 10.14
C PRO A 126 -15.96 3.00 9.08
N LEU A 127 -15.62 2.56 7.87
CA LEU A 127 -15.35 3.50 6.78
C LEU A 127 -16.56 4.38 6.47
N PRO A 128 -16.30 5.56 5.88
CA PRO A 128 -17.35 6.52 5.51
C PRO A 128 -18.12 6.09 4.27
N ASP A 129 -17.69 4.99 3.65
CA ASP A 129 -18.35 4.49 2.45
C ASP A 129 -19.25 3.30 2.77
N PRO A 130 -20.55 3.40 2.43
CA PRO A 130 -21.52 2.32 2.67
C PRO A 130 -21.28 1.11 1.76
N GLU A 131 -21.95 0.00 2.06
CA GLU A 131 -21.82 -1.21 1.27
C GLU A 131 -22.23 -0.98 -0.19
N GLY A 132 -21.59 -1.70 -1.11
CA GLY A 132 -21.90 -1.56 -2.53
C GLY A 132 -22.03 -0.10 -2.97
N THR A 133 -21.36 0.79 -2.25
CA THR A 133 -21.40 2.21 -2.58
C THR A 133 -20.51 2.54 -3.78
N PHE A 134 -19.28 2.04 -3.74
CA PHE A 134 -18.32 2.31 -4.81
C PHE A 134 -18.11 1.10 -5.71
N ASP A 135 -18.09 1.34 -7.02
CA ASP A 135 -17.89 0.27 -7.99
C ASP A 135 -16.50 -0.34 -7.86
N ALA A 136 -15.50 0.51 -7.65
CA ALA A 136 -14.12 0.04 -7.52
C ALA A 136 -13.34 0.88 -6.51
N VAL A 137 -12.25 0.34 -5.99
CA VAL A 137 -11.43 1.05 -5.03
C VAL A 137 -9.95 0.72 -5.24
N ILE A 138 -9.06 1.64 -4.87
CA ILE A 138 -7.63 1.42 -5.02
C ILE A 138 -6.86 1.95 -3.82
N ILE A 139 -6.28 1.04 -3.05
CA ILE A 139 -5.53 1.40 -1.85
C ILE A 139 -4.39 0.42 -1.58
N VAL A 140 -3.14 0.87 -1.76
CA VAL A 140 -2.00 0.00 -1.55
C VAL A 140 -1.09 0.48 -0.43
N GLY A 141 -0.46 -0.48 0.25
CA GLY A 141 0.43 -0.18 1.35
C GLY A 141 -0.30 -0.09 2.68
N ALA A 142 -1.62 0.04 2.60
CA ALA A 142 -2.45 0.13 3.79
C ALA A 142 -2.54 -1.21 4.52
N LEU A 143 -2.93 -2.26 3.80
CA LEU A 143 -3.06 -3.58 4.40
C LEU A 143 -1.69 -4.15 4.77
N SER A 144 -0.71 -3.92 3.90
CA SER A 144 0.65 -4.41 4.13
C SER A 144 1.18 -3.89 5.47
N GLU A 145 0.73 -2.70 5.84
CA GLU A 145 1.15 -2.09 7.10
C GLU A 145 -0.03 -2.05 8.07
N GLY A 146 0.24 -1.73 9.32
CA GLY A 146 -0.80 -1.67 10.33
C GLY A 146 -1.74 -0.49 10.11
N GLN A 147 -1.96 -0.12 8.84
CA GLN A 147 -2.86 0.98 8.51
C GLN A 147 -4.31 0.52 8.56
N VAL A 148 -4.68 -0.37 7.62
CA VAL A 148 -6.04 -0.88 7.55
C VAL A 148 -6.15 -2.23 8.26
N PRO A 149 -6.84 -2.27 9.42
CA PRO A 149 -7.02 -3.51 10.19
C PRO A 149 -7.88 -4.53 9.46
N CYS A 150 -7.49 -5.79 9.55
CA CYS A 150 -8.21 -6.88 8.88
C CYS A 150 -9.73 -6.75 9.03
N SER A 151 -10.17 -6.12 10.11
CA SER A 151 -11.60 -5.94 10.35
C SER A 151 -12.22 -4.95 9.35
N ALA A 152 -11.47 -3.89 9.04
CA ALA A 152 -11.95 -2.87 8.11
C ALA A 152 -11.95 -3.35 6.65
N ILE A 153 -11.01 -4.24 6.32
CA ILE A 153 -10.89 -4.74 4.95
C ILE A 153 -12.23 -5.23 4.37
N PRO A 154 -12.96 -6.08 5.11
CA PRO A 154 -14.25 -6.63 4.64
C PRO A 154 -15.27 -5.55 4.30
N GLU A 155 -15.08 -4.36 4.88
CA GLU A 155 -15.96 -3.24 4.57
C GLU A 155 -15.64 -2.69 3.19
N LEU A 156 -14.34 -2.55 2.94
CA LEU A 156 -13.84 -2.01 1.69
C LEU A 156 -14.40 -2.81 0.51
N LEU A 157 -14.29 -4.13 0.59
CA LEU A 157 -14.83 -5.01 -0.45
C LEU A 157 -16.36 -4.93 -0.42
N ARG A 158 -16.86 -4.88 0.80
CA ARG A 158 -18.30 -4.82 1.04
C ARG A 158 -18.89 -3.59 0.36
N VAL A 159 -18.18 -2.47 0.43
CA VAL A 159 -18.64 -1.24 -0.21
C VAL A 159 -18.51 -1.33 -1.74
N THR A 160 -17.66 -2.26 -2.20
CA THR A 160 -17.46 -2.44 -3.63
C THR A 160 -18.63 -3.17 -4.28
N LYS A 161 -19.16 -2.58 -5.35
CA LYS A 161 -20.31 -3.15 -6.06
C LYS A 161 -19.99 -4.51 -6.69
N PRO A 162 -21.04 -5.32 -6.98
CA PRO A 162 -20.87 -6.65 -7.57
C PRO A 162 -20.16 -6.61 -8.92
N GLY A 163 -19.07 -7.37 -9.00
CA GLY A 163 -18.28 -7.41 -10.20
C GLY A 163 -17.31 -6.25 -10.28
N GLY A 164 -17.41 -5.36 -9.29
CA GLY A 164 -16.54 -4.20 -9.23
C GLY A 164 -15.09 -4.60 -9.24
N LEU A 165 -14.19 -3.65 -9.05
CA LEU A 165 -12.76 -3.97 -9.04
C LEU A 165 -12.03 -3.25 -7.91
N VAL A 166 -11.38 -4.03 -7.05
CA VAL A 166 -10.64 -3.47 -5.93
C VAL A 166 -9.14 -3.69 -6.11
N CYS A 167 -8.36 -2.61 -5.95
CA CYS A 167 -6.91 -2.69 -6.10
C CYS A 167 -6.18 -2.37 -4.81
N LEU A 168 -5.88 -3.40 -4.01
CA LEU A 168 -5.18 -3.18 -2.75
C LEU A 168 -4.01 -4.16 -2.56
N THR A 169 -3.03 -3.75 -1.74
CA THR A 169 -1.89 -4.60 -1.46
C THR A 169 -2.01 -5.19 -0.08
N THR A 170 -1.60 -6.44 0.06
CA THR A 170 -1.67 -7.12 1.34
C THR A 170 -0.31 -7.66 1.73
N ARG A 171 -0.18 -8.11 2.97
CA ARG A 171 1.09 -8.65 3.45
C ARG A 171 1.35 -9.99 2.78
N THR A 172 2.32 -9.98 1.89
CA THR A 172 2.70 -11.19 1.14
C THR A 172 3.90 -11.85 1.80
N ASN A 173 3.91 -11.84 3.13
CA ASN A 173 4.99 -12.43 3.93
C ASN A 173 6.12 -11.41 4.16
N PRO A 174 5.78 -10.17 4.60
CA PRO A 174 6.78 -9.13 4.87
C PRO A 174 7.89 -9.62 5.78
N SER A 175 7.51 -10.40 6.79
CA SER A 175 8.48 -10.93 7.75
C SER A 175 8.31 -12.43 7.98
N ASN A 176 7.12 -12.95 7.70
CA ASN A 176 6.85 -14.38 7.90
C ASN A 176 6.45 -15.08 6.62
N LEU A 177 7.29 -16.01 6.16
CA LEU A 177 7.00 -16.77 4.95
C LEU A 177 5.68 -17.55 5.09
N PRO A 178 5.52 -18.31 6.20
CA PRO A 178 4.30 -19.09 6.45
C PRO A 178 3.05 -18.21 6.52
N TYR A 179 3.24 -16.97 6.94
CA TYR A 179 2.14 -16.02 7.04
C TYR A 179 1.49 -15.83 5.67
N LYS A 180 2.34 -15.81 4.63
CA LYS A 180 1.89 -15.62 3.25
C LYS A 180 0.92 -16.70 2.78
N GLU A 181 1.16 -17.95 3.16
CA GLU A 181 0.29 -19.04 2.76
C GLU A 181 -1.09 -18.85 3.38
N THR A 182 -1.10 -18.34 4.60
CA THR A 182 -2.36 -18.08 5.30
C THR A 182 -3.16 -17.07 4.50
N LEU A 183 -2.57 -15.90 4.27
CA LEU A 183 -3.22 -14.83 3.51
C LEU A 183 -3.79 -15.36 2.20
N GLU A 184 -2.99 -16.09 1.45
CA GLU A 184 -3.42 -16.64 0.17
C GLU A 184 -4.62 -17.58 0.34
N ALA A 185 -4.60 -18.38 1.39
CA ALA A 185 -5.70 -19.30 1.66
C ALA A 185 -6.98 -18.53 1.95
N THR A 186 -6.84 -17.44 2.71
CA THR A 186 -7.97 -16.60 3.06
C THR A 186 -8.65 -16.04 1.82
N LEU A 187 -7.86 -15.65 0.83
CA LEU A 187 -8.39 -15.12 -0.41
C LEU A 187 -9.10 -16.22 -1.19
N ASP A 188 -8.51 -17.40 -1.21
CA ASP A 188 -9.07 -18.54 -1.92
C ASP A 188 -10.45 -18.90 -1.38
N SER A 189 -10.60 -18.88 -0.05
CA SER A 189 -11.88 -19.20 0.56
C SER A 189 -12.94 -18.19 0.14
N LEU A 190 -12.56 -16.92 0.11
CA LEU A 190 -13.45 -15.86 -0.29
C LEU A 190 -13.74 -15.94 -1.79
N GLU A 191 -12.78 -16.44 -2.54
CA GLU A 191 -12.98 -16.61 -3.97
C GLU A 191 -13.99 -17.74 -4.19
N ARG A 192 -13.72 -18.87 -3.55
CA ARG A 192 -14.58 -20.04 -3.65
C ARG A 192 -16.00 -19.73 -3.17
N ALA A 193 -16.09 -18.95 -2.09
CA ALA A 193 -17.38 -18.58 -1.52
C ALA A 193 -18.16 -17.67 -2.46
N GLY A 194 -17.49 -17.17 -3.50
CA GLY A 194 -18.16 -16.31 -4.47
C GLY A 194 -18.29 -14.88 -3.99
N VAL A 195 -17.62 -14.55 -2.89
CA VAL A 195 -17.69 -13.20 -2.34
C VAL A 195 -16.85 -12.21 -3.15
N TRP A 196 -15.77 -12.70 -3.76
CA TRP A 196 -14.88 -11.85 -4.56
C TRP A 196 -13.86 -12.69 -5.32
N GLU A 197 -13.28 -12.13 -6.37
CA GLU A 197 -12.28 -12.85 -7.17
C GLU A 197 -11.07 -11.96 -7.44
N CYS A 198 -9.91 -12.58 -7.64
CA CYS A 198 -8.67 -11.85 -7.93
C CYS A 198 -8.24 -12.12 -9.37
N LEU A 199 -8.74 -11.32 -10.31
CA LEU A 199 -8.39 -11.51 -11.71
C LEU A 199 -6.89 -11.31 -11.92
N VAL A 200 -6.40 -10.13 -11.57
CA VAL A 200 -4.99 -9.81 -11.75
C VAL A 200 -4.34 -9.29 -10.48
N THR A 201 -3.02 -9.40 -10.47
CA THR A 201 -2.21 -8.96 -9.33
C THR A 201 -0.85 -8.49 -9.80
N GLN A 202 -0.49 -7.23 -9.53
CA GLN A 202 0.81 -6.73 -9.93
C GLN A 202 1.86 -7.28 -8.98
N PRO A 203 2.94 -7.88 -9.52
CA PRO A 203 3.99 -8.47 -8.69
C PRO A 203 4.86 -7.41 -8.01
N VAL A 204 4.95 -7.50 -6.69
CA VAL A 204 5.75 -6.55 -5.94
C VAL A 204 7.19 -6.57 -6.41
N ASP A 205 7.80 -5.39 -6.53
CA ASP A 205 9.17 -5.27 -7.00
C ASP A 205 10.16 -5.82 -5.97
N HIS A 206 9.73 -5.87 -4.72
CA HIS A 206 10.57 -6.37 -3.65
C HIS A 206 10.97 -7.83 -3.91
N TRP A 207 10.02 -8.61 -4.41
CA TRP A 207 10.26 -10.02 -4.70
C TRP A 207 10.65 -10.77 -3.42
N GLU A 208 11.08 -12.03 -3.58
CA GLU A 208 11.47 -12.83 -2.43
C GLU A 208 12.94 -13.25 -2.49
N LEU A 209 13.70 -12.84 -1.49
CA LEU A 209 15.12 -13.19 -1.41
C LEU A 209 15.34 -14.22 -0.30
N ALA A 210 14.23 -14.70 0.29
CA ALA A 210 14.28 -15.68 1.35
C ALA A 210 14.96 -16.97 0.91
N THR A 211 14.69 -17.38 -0.32
CA THR A 211 15.28 -18.61 -0.86
C THR A 211 16.80 -18.53 -0.87
N SER A 212 17.33 -17.36 -1.22
CA SER A 212 18.78 -17.17 -1.27
C SER A 212 19.41 -17.42 0.09
N GLU A 213 18.74 -16.96 1.14
CA GLU A 213 19.22 -17.14 2.51
C GLU A 213 20.67 -16.66 2.66
N GLN A 214 21.00 -15.54 2.01
CA GLN A 214 22.35 -14.99 2.08
C GLN A 214 22.34 -13.55 2.59
N GLU A 215 23.28 -13.25 3.48
CA GLU A 215 23.40 -11.90 4.03
C GLU A 215 24.84 -11.43 3.98
N THR A 216 25.06 -10.23 3.48
CA THR A 216 26.42 -9.67 3.38
C THR A 216 27.04 -9.51 4.77
N GLY A 217 26.23 -9.08 5.72
CA GLY A 217 26.72 -8.89 7.09
C GLY A 217 27.39 -7.55 7.30
N LEU A 218 27.80 -6.91 6.19
CA LEU A 218 28.46 -5.61 6.27
C LEU A 218 27.76 -4.61 5.35
N GLY A 219 27.94 -3.33 5.64
CA GLY A 219 27.32 -2.29 4.82
C GLY A 219 25.90 -1.97 5.26
N THR A 220 25.07 -1.57 4.30
CA THR A 220 23.69 -1.22 4.59
C THR A 220 22.88 -2.46 4.96
N CYS A 221 21.78 -2.25 5.66
CA CYS A 221 20.92 -3.35 6.07
C CYS A 221 20.38 -4.11 4.87
N ALA A 222 20.02 -3.39 3.81
CA ALA A 222 19.49 -4.00 2.61
C ALA A 222 18.04 -4.44 2.85
N ASN A 223 17.63 -5.55 2.23
CA ASN A 223 16.27 -6.05 2.41
C ASN A 223 16.28 -7.42 3.07
N ASP A 224 15.25 -7.71 3.86
CA ASP A 224 15.17 -8.97 4.57
C ASP A 224 14.90 -10.13 3.60
N GLY A 225 14.40 -9.79 2.40
CA GLY A 225 14.13 -10.81 1.40
C GLY A 225 12.76 -11.43 1.54
N PHE A 226 11.88 -10.76 2.25
CA PHE A 226 10.52 -11.24 2.45
C PHE A 226 9.53 -10.41 1.61
N ILE A 227 8.68 -11.10 0.86
CA ILE A 227 7.69 -10.44 0.01
C ILE A 227 6.74 -9.59 0.85
N SER A 228 6.36 -8.42 0.33
CA SER A 228 5.45 -7.54 1.06
C SER A 228 4.57 -6.72 0.12
N GLY A 229 3.43 -6.27 0.66
CA GLY A 229 2.50 -5.44 -0.09
C GLY A 229 2.37 -5.78 -1.57
N ILE A 230 1.31 -6.50 -1.93
CA ILE A 230 1.08 -6.85 -3.32
C ILE A 230 -0.28 -6.31 -3.78
N ILE A 231 -0.27 -5.43 -4.78
CA ILE A 231 -1.52 -4.86 -5.27
C ILE A 231 -2.13 -5.75 -6.32
N TYR A 232 -3.44 -5.98 -6.22
CA TYR A 232 -4.14 -6.84 -7.16
C TYR A 232 -5.59 -6.41 -7.34
N LEU A 233 -6.15 -6.82 -8.46
CA LEU A 233 -7.54 -6.49 -8.78
C LEU A 233 -8.49 -7.53 -8.23
N TYR A 234 -9.72 -7.11 -7.96
CA TYR A 234 -10.74 -8.02 -7.45
C TYR A 234 -12.13 -7.67 -7.96
N ARG A 235 -12.85 -8.68 -8.42
CA ARG A 235 -14.23 -8.50 -8.87
C ARG A 235 -15.17 -9.03 -7.81
N LYS A 236 -15.94 -8.15 -7.17
CA LYS A 236 -16.86 -8.56 -6.12
C LYS A 236 -17.91 -9.55 -6.63
N GLN A 237 -18.07 -10.63 -5.88
CA GLN A 237 -19.03 -11.68 -6.22
C GLN A 237 -18.52 -12.55 -7.36
N GLU A 238 -17.56 -13.39 -7.02
CA GLU A 238 -16.99 -14.32 -7.98
C GLU A 238 -16.42 -15.56 -7.31
N THR A 239 -16.71 -16.71 -7.92
CA THR A 239 -16.26 -17.99 -7.39
C THR A 239 -14.97 -18.44 -8.06
N VAL A 240 -14.25 -19.34 -7.40
CA VAL A 240 -13.00 -19.85 -7.92
C VAL A 240 -12.73 -21.25 -7.40
N GLY A 1 23.94 -25.00 28.30
CA GLY A 1 25.05 -24.67 27.36
C GLY A 1 24.60 -23.95 26.09
N ALA A 2 23.39 -23.39 26.12
CA ALA A 2 22.86 -22.68 24.96
C ALA A 2 23.76 -21.49 24.59
N MET A 3 24.17 -20.73 25.60
CA MET A 3 25.04 -19.58 25.38
C MET A 3 26.35 -20.01 24.74
N ALA A 4 26.90 -21.12 25.24
CA ALA A 4 28.17 -21.64 24.74
C ALA A 4 28.18 -21.80 23.22
N GLN A 5 26.99 -21.89 22.62
CA GLN A 5 26.91 -22.02 21.17
C GLN A 5 27.53 -20.79 20.52
N GLU A 6 27.11 -19.63 20.99
CA GLU A 6 27.61 -18.36 20.49
C GLU A 6 28.38 -17.62 21.59
N GLU A 7 29.67 -17.41 21.37
CA GLU A 7 30.51 -16.72 22.34
C GLU A 7 30.69 -15.25 21.97
N ALA A 8 30.13 -14.84 20.84
CA ALA A 8 30.21 -13.47 20.39
C ALA A 8 29.39 -12.55 21.29
N GLY A 9 28.22 -13.04 21.68
CA GLY A 9 27.34 -12.25 22.53
C GLY A 9 26.73 -11.09 21.77
N ARG A 10 25.46 -10.82 22.03
CA ARG A 10 24.78 -9.72 21.35
C ARG A 10 24.45 -8.59 22.32
N LEU A 11 25.01 -7.40 22.07
CA LEU A 11 24.77 -6.24 22.91
C LEU A 11 24.37 -5.04 22.05
N PRO A 12 23.23 -5.13 21.33
CA PRO A 12 22.77 -4.03 20.47
C PRO A 12 22.28 -2.83 21.27
N GLN A 13 22.59 -1.63 20.80
CA GLN A 13 22.15 -0.42 21.48
C GLN A 13 20.64 -0.26 21.32
N VAL A 14 19.99 0.17 22.39
CA VAL A 14 18.54 0.35 22.36
C VAL A 14 18.18 1.79 22.00
N LEU A 15 17.20 1.92 21.11
CA LEU A 15 16.75 3.23 20.65
C LEU A 15 16.23 4.08 21.80
N ALA A 16 15.41 3.49 22.68
CA ALA A 16 14.84 4.23 23.79
C ALA A 16 15.33 3.71 25.15
N ARG A 17 16.55 3.20 25.20
CA ARG A 17 17.11 2.70 26.45
C ARG A 17 17.16 3.82 27.49
N VAL A 18 17.72 4.95 27.08
CA VAL A 18 17.86 6.11 27.94
C VAL A 18 16.50 6.75 28.23
N GLY A 19 15.66 6.81 27.20
CA GLY A 19 14.33 7.40 27.36
C GLY A 19 13.86 8.14 26.12
N THR A 20 14.77 8.39 25.18
CA THR A 20 14.42 9.09 23.95
C THR A 20 13.65 10.37 24.21
N SER A 21 14.17 11.21 25.11
CA SER A 21 13.51 12.46 25.43
C SER A 21 14.18 13.62 24.69
N HIS A 22 13.41 14.28 23.83
CA HIS A 22 13.92 15.40 23.05
C HIS A 22 14.20 16.60 23.94
N GLY A 23 13.30 16.84 24.89
CA GLY A 23 13.45 17.97 25.79
C GLY A 23 12.30 18.08 26.77
N ILE A 24 11.85 19.30 27.03
CA ILE A 24 10.77 19.54 27.97
C ILE A 24 9.70 20.45 27.33
N THR A 25 8.49 20.42 27.88
CA THR A 25 7.41 21.25 27.36
C THR A 25 7.13 22.45 28.27
N ASP A 26 6.60 22.17 29.46
CA ASP A 26 6.26 23.21 30.43
C ASP A 26 7.48 24.03 30.83
N LEU A 27 8.62 23.36 31.01
CA LEU A 27 9.85 24.03 31.41
C LEU A 27 10.24 25.08 30.38
N ALA A 28 10.19 24.71 29.10
CA ALA A 28 10.53 25.64 28.04
C ALA A 28 9.26 26.23 27.41
N CYS A 29 8.96 27.49 27.74
CA CYS A 29 7.79 28.16 27.21
C CYS A 29 7.84 28.21 25.69
N LYS A 30 9.03 28.48 25.16
CA LYS A 30 9.23 28.55 23.73
C LYS A 30 9.44 27.16 23.14
N LEU A 31 9.04 26.98 21.89
CA LEU A 31 9.18 25.69 21.23
C LEU A 31 10.18 25.78 20.08
N ARG A 32 11.01 24.75 19.95
CA ARG A 32 12.00 24.69 18.89
C ARG A 32 11.34 24.49 17.53
N PHE A 33 11.95 25.06 16.48
CA PHE A 33 11.41 24.95 15.14
C PHE A 33 11.37 23.48 14.69
N TYR A 34 10.26 23.08 14.08
CA TYR A 34 10.11 21.71 13.61
C TYR A 34 9.88 21.67 12.09
N ASP A 35 10.51 20.70 11.43
CA ASP A 35 10.35 20.54 9.99
C ASP A 35 9.41 19.39 9.67
N ASP A 36 8.97 19.30 8.42
CA ASP A 36 8.07 18.23 8.00
C ASP A 36 8.83 17.04 7.44
N TRP A 37 10.15 17.14 7.41
CA TRP A 37 11.01 16.07 6.90
C TRP A 37 11.79 15.41 8.03
N ALA A 38 11.31 15.58 9.26
CA ALA A 38 11.98 15.01 10.42
C ALA A 38 12.27 13.52 10.23
N PRO A 39 11.26 12.72 9.81
CA PRO A 39 11.44 11.28 9.62
C PRO A 39 12.54 10.95 8.60
N GLU A 40 13.45 10.07 8.99
CA GLU A 40 14.55 9.66 8.14
C GLU A 40 14.08 9.02 6.83
N TYR A 41 13.03 8.20 6.93
CA TYR A 41 12.49 7.50 5.77
C TYR A 41 11.54 8.37 4.95
N ASP A 42 11.51 9.66 5.22
CA ASP A 42 10.64 10.59 4.48
C ASP A 42 10.83 10.47 2.98
N GLN A 43 12.04 10.11 2.56
CA GLN A 43 12.34 9.98 1.13
C GLN A 43 11.41 8.92 0.52
N ASP A 44 11.22 7.83 1.26
CA ASP A 44 10.31 6.76 0.84
C ASP A 44 10.55 6.27 -0.59
N VAL A 45 11.81 6.09 -0.99
CA VAL A 45 12.08 5.59 -2.34
C VAL A 45 11.43 4.22 -2.52
N ALA A 46 11.69 3.34 -1.56
CA ALA A 46 11.15 1.99 -1.59
C ALA A 46 9.62 2.00 -1.59
N ALA A 47 9.04 3.07 -1.05
CA ALA A 47 7.60 3.20 -1.00
C ALA A 47 7.02 3.17 -2.41
N LEU A 48 7.66 3.90 -3.32
CA LEU A 48 7.22 3.93 -4.72
C LEU A 48 7.77 2.73 -5.48
N LYS A 49 8.76 2.05 -4.90
CA LYS A 49 9.35 0.88 -5.53
C LYS A 49 8.30 -0.19 -5.76
N TYR A 50 7.42 -0.35 -4.78
CA TYR A 50 6.36 -1.34 -4.87
C TYR A 50 5.40 -0.96 -5.99
N ARG A 51 4.95 -1.96 -6.74
CA ARG A 51 4.03 -1.73 -7.84
C ARG A 51 2.60 -2.00 -7.40
N ALA A 52 1.69 -1.10 -7.75
CA ALA A 52 0.30 -1.27 -7.35
C ALA A 52 -0.63 -0.20 -7.92
N PRO A 53 -0.43 1.08 -7.55
CA PRO A 53 -1.29 2.18 -8.00
C PRO A 53 -1.38 2.29 -9.51
N ARG A 54 -0.23 2.30 -10.17
CA ARG A 54 -0.20 2.41 -11.63
C ARG A 54 -0.74 1.15 -12.30
N LEU A 55 -0.39 -0.01 -11.75
CA LEU A 55 -0.83 -1.27 -12.29
C LEU A 55 -2.32 -1.50 -12.07
N ALA A 56 -2.81 -1.11 -10.91
CA ALA A 56 -4.23 -1.31 -10.61
C ALA A 56 -5.11 -0.58 -11.61
N VAL A 57 -5.02 0.74 -11.67
CA VAL A 57 -5.87 1.51 -12.57
C VAL A 57 -5.82 0.99 -14.01
N ASP A 58 -4.63 0.80 -14.56
CA ASP A 58 -4.51 0.30 -15.93
C ASP A 58 -5.14 -1.09 -16.05
N CYS A 59 -4.70 -1.99 -15.19
CA CYS A 59 -5.20 -3.36 -15.18
C CYS A 59 -6.67 -3.43 -14.79
N LEU A 60 -7.07 -2.58 -13.86
CA LEU A 60 -8.44 -2.57 -13.36
C LEU A 60 -9.41 -2.30 -14.52
N SER A 61 -9.12 -1.24 -15.27
CA SER A 61 -9.96 -0.86 -16.41
C SER A 61 -10.02 -1.99 -17.43
N ARG A 62 -8.91 -2.71 -17.56
CA ARG A 62 -8.83 -3.82 -18.51
C ARG A 62 -9.88 -4.88 -18.21
N ALA A 63 -10.19 -5.06 -16.93
CA ALA A 63 -11.19 -6.04 -16.52
C ALA A 63 -12.39 -5.36 -15.85
N PHE A 64 -12.48 -4.03 -15.98
CA PHE A 64 -13.57 -3.27 -15.38
C PHE A 64 -14.80 -3.32 -16.28
N ARG A 65 -15.76 -4.18 -15.94
CA ARG A 65 -16.97 -4.33 -16.73
C ARG A 65 -17.89 -3.10 -16.63
N GLY A 66 -17.75 -2.35 -15.55
CA GLY A 66 -18.60 -1.18 -15.36
C GLY A 66 -18.04 0.07 -16.02
N SER A 67 -18.78 1.16 -15.92
CA SER A 67 -18.36 2.42 -16.50
C SER A 67 -17.56 3.24 -15.51
N PRO A 68 -16.23 3.39 -15.75
CA PRO A 68 -15.35 4.16 -14.86
C PRO A 68 -15.73 5.63 -14.78
N HIS A 69 -16.54 6.09 -15.73
CA HIS A 69 -17.00 7.47 -15.73
C HIS A 69 -18.08 7.66 -14.69
N ASP A 70 -18.99 6.70 -14.63
CA ASP A 70 -20.10 6.75 -13.67
C ASP A 70 -19.85 5.84 -12.48
N ALA A 71 -18.68 5.20 -12.43
CA ALA A 71 -18.33 4.32 -11.32
C ALA A 71 -17.73 5.11 -10.18
N LEU A 72 -17.75 4.53 -8.98
CA LEU A 72 -17.19 5.20 -7.80
C LEU A 72 -16.02 4.41 -7.24
N ILE A 73 -14.94 5.11 -6.90
CA ILE A 73 -13.75 4.47 -6.34
C ILE A 73 -13.37 5.11 -5.00
N LEU A 74 -12.82 4.33 -4.06
CA LEU A 74 -12.47 4.88 -2.74
C LEU A 74 -10.98 4.76 -2.39
N ASP A 75 -10.28 5.90 -2.39
CA ASP A 75 -8.86 5.94 -2.08
C ASP A 75 -8.60 6.23 -0.59
N VAL A 76 -7.48 5.69 -0.09
CA VAL A 76 -7.05 5.85 1.30
C VAL A 76 -6.69 7.30 1.65
N ALA A 77 -5.97 7.49 2.75
CA ALA A 77 -5.53 8.80 3.22
C ALA A 77 -4.04 9.00 2.96
N CYS A 78 -3.56 8.37 1.90
CA CYS A 78 -2.16 8.44 1.53
C CYS A 78 -1.91 9.44 0.40
N GLY A 79 -2.83 10.37 0.23
CA GLY A 79 -2.69 11.34 -0.84
C GLY A 79 -2.58 10.66 -2.17
N THR A 80 -3.71 10.57 -2.86
CA THR A 80 -3.76 9.94 -4.17
C THR A 80 -4.18 10.96 -5.21
N GLY A 81 -3.73 12.21 -5.01
CA GLY A 81 -4.05 13.27 -5.93
C GLY A 81 -3.58 12.96 -7.33
N LEU A 82 -2.33 12.51 -7.47
CA LEU A 82 -1.82 12.16 -8.78
C LEU A 82 -2.66 11.06 -9.39
N VAL A 83 -2.88 10.01 -8.61
CA VAL A 83 -3.63 8.86 -9.07
C VAL A 83 -5.02 9.30 -9.55
N ALA A 84 -5.68 10.14 -8.77
CA ALA A 84 -7.01 10.61 -9.13
C ALA A 84 -6.99 11.34 -10.47
N VAL A 85 -5.92 12.07 -10.77
CA VAL A 85 -5.82 12.79 -12.05
C VAL A 85 -5.75 11.79 -13.18
N GLU A 86 -4.92 10.77 -12.98
CA GLU A 86 -4.73 9.71 -13.96
C GLU A 86 -6.01 8.90 -14.06
N LEU A 87 -6.63 8.65 -12.90
CA LEU A 87 -7.86 7.88 -12.85
C LEU A 87 -8.87 8.46 -13.83
N GLN A 88 -9.09 9.77 -13.77
CA GLN A 88 -10.03 10.43 -14.68
C GLN A 88 -9.59 10.20 -16.13
N ALA A 89 -8.28 10.29 -16.33
CA ALA A 89 -7.69 10.08 -17.64
C ALA A 89 -8.17 8.75 -18.21
N ARG A 90 -7.93 7.68 -17.45
CA ARG A 90 -8.33 6.32 -17.83
C ARG A 90 -9.86 6.16 -17.80
N GLY A 91 -10.55 7.23 -17.43
CA GLY A 91 -12.01 7.21 -17.36
C GLY A 91 -12.55 7.12 -15.95
N PHE A 92 -11.66 6.90 -14.99
CA PHE A 92 -12.05 6.81 -13.59
C PHE A 92 -12.23 8.21 -13.04
N LEU A 93 -13.28 8.89 -13.51
CA LEU A 93 -13.60 10.25 -13.08
C LEU A 93 -14.07 10.34 -11.63
N GLN A 94 -14.85 9.37 -11.19
CA GLN A 94 -15.40 9.41 -9.85
C GLN A 94 -14.54 8.65 -8.85
N VAL A 95 -13.89 9.39 -7.96
CA VAL A 95 -13.05 8.79 -6.95
C VAL A 95 -13.22 9.50 -5.61
N GLN A 96 -13.39 8.73 -4.55
CA GLN A 96 -13.56 9.28 -3.21
C GLN A 96 -12.51 8.67 -2.29
N GLY A 97 -12.08 9.41 -1.27
CA GLY A 97 -11.08 8.86 -0.36
C GLY A 97 -10.90 9.68 0.89
N VAL A 98 -10.76 9.02 2.03
CA VAL A 98 -10.62 9.72 3.29
C VAL A 98 -9.18 9.97 3.70
N ASP A 99 -8.79 11.24 3.67
CA ASP A 99 -7.45 11.66 4.07
C ASP A 99 -7.40 11.89 5.57
N GLY A 100 -6.20 11.89 6.14
CA GLY A 100 -6.06 12.11 7.57
C GLY A 100 -5.22 13.34 7.89
N SER A 101 -4.93 14.12 6.85
CA SER A 101 -4.14 15.33 7.00
C SER A 101 -4.87 16.50 6.35
N PRO A 102 -5.29 17.50 7.14
CA PRO A 102 -6.01 18.67 6.61
C PRO A 102 -5.29 19.28 5.43
N GLU A 103 -3.96 19.34 5.51
CA GLU A 103 -3.16 19.90 4.43
C GLU A 103 -3.20 18.99 3.20
N MET A 104 -3.11 17.68 3.42
CA MET A 104 -3.16 16.72 2.32
C MET A 104 -4.55 16.68 1.71
N LEU A 105 -5.56 16.74 2.57
CA LEU A 105 -6.95 16.69 2.15
C LEU A 105 -7.25 17.86 1.22
N LYS A 106 -6.89 19.05 1.66
CA LYS A 106 -7.09 20.26 0.88
C LYS A 106 -6.36 20.19 -0.46
N GLN A 107 -5.15 19.63 -0.44
CA GLN A 107 -4.37 19.52 -1.66
C GLN A 107 -5.11 18.69 -2.70
N ALA A 108 -5.57 17.51 -2.30
CA ALA A 108 -6.30 16.64 -3.22
C ALA A 108 -7.68 17.21 -3.54
N ARG A 109 -8.33 17.76 -2.54
CA ARG A 109 -9.66 18.35 -2.73
C ARG A 109 -9.59 19.49 -3.74
N ALA A 110 -8.64 20.40 -3.54
CA ALA A 110 -8.47 21.56 -4.41
C ALA A 110 -8.32 21.13 -5.87
N ARG A 111 -7.81 19.92 -6.08
CA ARG A 111 -7.63 19.40 -7.43
C ARG A 111 -8.99 19.09 -8.06
N GLY A 112 -9.96 18.73 -7.22
CA GLY A 112 -11.31 18.44 -7.71
C GLY A 112 -11.46 17.05 -8.30
N LEU A 113 -10.50 16.18 -8.03
CA LEU A 113 -10.53 14.81 -8.55
C LEU A 113 -11.43 13.92 -7.70
N TYR A 114 -11.45 14.19 -6.40
CA TYR A 114 -12.23 13.39 -5.48
C TYR A 114 -13.68 13.85 -5.41
N HIS A 115 -14.59 12.90 -5.54
CA HIS A 115 -16.02 13.19 -5.47
C HIS A 115 -16.38 13.67 -4.08
N HIS A 116 -15.76 13.06 -3.09
CA HIS A 116 -15.99 13.41 -1.70
C HIS A 116 -14.81 12.98 -0.85
N LEU A 117 -14.30 13.88 -0.03
CA LEU A 117 -13.17 13.57 0.84
C LEU A 117 -13.55 13.84 2.30
N SER A 118 -12.97 13.05 3.19
CA SER A 118 -13.24 13.20 4.62
C SER A 118 -12.01 12.82 5.43
N LEU A 119 -12.06 13.07 6.74
CA LEU A 119 -10.95 12.74 7.60
C LEU A 119 -11.15 11.39 8.28
N CYS A 120 -10.28 10.44 7.93
CA CYS A 120 -10.37 9.10 8.49
C CYS A 120 -9.03 8.38 8.47
N THR A 121 -8.90 7.39 9.33
CA THR A 121 -7.69 6.58 9.41
C THR A 121 -8.11 5.12 9.57
N LEU A 122 -8.05 4.39 8.46
CA LEU A 122 -8.46 2.99 8.41
C LEU A 122 -8.04 2.22 9.65
N GLY A 123 -9.03 1.84 10.44
CA GLY A 123 -8.79 1.11 11.67
C GLY A 123 -9.16 1.94 12.88
N GLN A 124 -9.03 3.25 12.76
CA GLN A 124 -9.36 4.17 13.85
C GLN A 124 -10.85 4.04 14.18
N GLU A 125 -11.66 4.08 13.14
CA GLU A 125 -13.11 3.98 13.27
C GLU A 125 -13.69 3.21 12.08
N PRO A 126 -14.92 2.69 12.20
CA PRO A 126 -15.55 1.96 11.10
C PRO A 126 -15.74 2.86 9.89
N LEU A 127 -15.63 2.30 8.69
CA LEU A 127 -15.75 3.10 7.48
C LEU A 127 -17.08 3.84 7.42
N PRO A 128 -17.06 5.15 7.08
CA PRO A 128 -18.25 5.98 6.99
C PRO A 128 -19.05 5.71 5.72
N ASP A 129 -18.44 5.01 4.76
CA ASP A 129 -19.09 4.71 3.50
C ASP A 129 -20.04 3.51 3.63
N PRO A 130 -21.29 3.63 3.16
CA PRO A 130 -22.29 2.56 3.23
C PRO A 130 -21.92 1.37 2.35
N GLU A 131 -22.50 0.20 2.67
CA GLU A 131 -22.23 -1.00 1.89
C GLU A 131 -22.68 -0.82 0.44
N GLY A 132 -21.88 -1.32 -0.50
CA GLY A 132 -22.22 -1.19 -1.91
C GLY A 132 -22.30 0.26 -2.36
N THR A 133 -21.57 1.12 -1.67
CA THR A 133 -21.57 2.55 -2.00
C THR A 133 -20.70 2.87 -3.21
N PHE A 134 -19.46 2.36 -3.25
CA PHE A 134 -18.56 2.66 -4.37
C PHE A 134 -18.23 1.41 -5.18
N ASP A 135 -18.17 1.58 -6.49
CA ASP A 135 -17.88 0.46 -7.38
C ASP A 135 -16.51 -0.15 -7.08
N ALA A 136 -15.50 0.67 -6.83
CA ALA A 136 -14.17 0.15 -6.58
C ALA A 136 -13.41 0.94 -5.52
N VAL A 137 -12.32 0.36 -5.03
CA VAL A 137 -11.48 1.00 -4.02
C VAL A 137 -10.01 0.65 -4.25
N ILE A 138 -9.13 1.63 -4.09
CA ILE A 138 -7.70 1.40 -4.29
C ILE A 138 -6.86 1.90 -3.12
N ILE A 139 -6.20 0.97 -2.45
CA ILE A 139 -5.34 1.29 -1.31
C ILE A 139 -4.21 0.29 -1.19
N VAL A 140 -2.98 0.75 -1.44
CA VAL A 140 -1.81 -0.13 -1.39
C VAL A 140 -0.81 0.31 -0.34
N GLY A 141 -0.39 -0.64 0.48
CA GLY A 141 0.59 -0.37 1.51
C GLY A 141 0.02 -0.56 2.91
N ALA A 142 -0.69 0.45 3.39
CA ALA A 142 -1.28 0.41 4.71
C ALA A 142 -2.62 -0.32 4.68
N LEU A 143 -2.56 -1.66 4.63
CA LEU A 143 -3.77 -2.48 4.58
C LEU A 143 -3.92 -3.35 5.82
N SER A 144 -3.09 -3.12 6.84
CA SER A 144 -3.16 -3.91 8.06
C SER A 144 -2.10 -3.48 9.07
N GLU A 145 -0.83 -3.55 8.66
CA GLU A 145 0.27 -3.17 9.54
C GLU A 145 0.16 -1.72 9.97
N GLY A 146 -0.23 -0.86 9.04
CA GLY A 146 -0.38 0.55 9.34
C GLY A 146 -1.82 0.99 9.37
N GLN A 147 -2.51 0.83 8.24
CA GLN A 147 -3.90 1.21 8.14
C GLN A 147 -4.74 0.10 7.53
N VAL A 148 -6.04 0.14 7.78
CA VAL A 148 -6.96 -0.86 7.24
C VAL A 148 -6.74 -2.21 7.90
N PRO A 149 -7.10 -2.34 9.19
CA PRO A 149 -6.92 -3.60 9.92
C PRO A 149 -7.69 -4.76 9.27
N CYS A 150 -7.16 -5.97 9.41
CA CYS A 150 -7.77 -7.16 8.82
C CYS A 150 -9.29 -7.16 9.01
N SER A 151 -9.74 -6.70 10.18
CA SER A 151 -11.16 -6.64 10.48
C SER A 151 -11.85 -5.57 9.62
N ALA A 152 -11.14 -4.46 9.44
CA ALA A 152 -11.65 -3.33 8.66
C ALA A 152 -11.68 -3.61 7.16
N ILE A 153 -10.72 -4.41 6.66
CA ILE A 153 -10.65 -4.70 5.23
C ILE A 153 -12.02 -5.11 4.67
N PRO A 154 -12.69 -6.08 5.32
CA PRO A 154 -14.02 -6.54 4.89
C PRO A 154 -15.00 -5.38 4.75
N GLU A 155 -14.78 -4.33 5.54
CA GLU A 155 -15.62 -3.14 5.49
C GLU A 155 -15.40 -2.38 4.19
N LEU A 156 -14.16 -2.39 3.71
CA LEU A 156 -13.81 -1.70 2.46
C LEU A 156 -14.44 -2.41 1.27
N LEU A 157 -14.38 -3.74 1.30
CA LEU A 157 -14.95 -4.57 0.26
C LEU A 157 -16.47 -4.55 0.34
N ARG A 158 -16.96 -4.52 1.57
CA ARG A 158 -18.40 -4.51 1.82
C ARG A 158 -19.03 -3.28 1.19
N VAL A 159 -18.38 -2.14 1.33
CA VAL A 159 -18.90 -0.90 0.73
C VAL A 159 -18.75 -0.94 -0.78
N THR A 160 -17.82 -1.75 -1.27
CA THR A 160 -17.61 -1.88 -2.70
C THR A 160 -18.70 -2.72 -3.32
N LYS A 161 -19.35 -2.20 -4.36
CA LYS A 161 -20.45 -2.90 -5.03
C LYS A 161 -19.95 -4.11 -5.81
N PRO A 162 -20.85 -5.05 -6.13
CA PRO A 162 -20.51 -6.24 -6.90
C PRO A 162 -19.99 -5.83 -8.26
N GLY A 163 -19.10 -6.62 -8.85
CA GLY A 163 -18.54 -6.24 -10.13
C GLY A 163 -17.56 -5.08 -9.97
N GLY A 164 -17.34 -4.66 -8.73
CA GLY A 164 -16.44 -3.55 -8.44
C GLY A 164 -15.00 -4.01 -8.38
N LEU A 165 -14.07 -3.07 -8.20
CA LEU A 165 -12.64 -3.42 -8.18
C LEU A 165 -11.93 -2.93 -6.93
N VAL A 166 -11.36 -3.85 -6.15
CA VAL A 166 -10.62 -3.46 -4.96
C VAL A 166 -9.15 -3.86 -5.07
N CYS A 167 -8.28 -2.85 -5.13
CA CYS A 167 -6.85 -3.07 -5.24
C CYS A 167 -6.19 -2.99 -3.87
N LEU A 168 -5.95 -4.15 -3.27
CA LEU A 168 -5.35 -4.20 -1.94
C LEU A 168 -4.03 -4.95 -1.92
N THR A 169 -3.12 -4.47 -1.06
CA THR A 169 -1.82 -5.08 -0.89
C THR A 169 -1.59 -5.30 0.60
N THR A 170 -0.74 -6.26 0.94
CA THR A 170 -0.46 -6.53 2.35
C THR A 170 0.66 -7.53 2.52
N ARG A 171 1.27 -7.49 3.70
CA ARG A 171 2.32 -8.43 4.04
C ARG A 171 3.52 -8.33 3.11
N THR A 172 4.61 -7.76 3.61
CA THR A 172 5.83 -7.65 2.83
C THR A 172 6.62 -8.94 2.96
N ASN A 173 5.93 -10.01 3.37
CA ASN A 173 6.53 -11.33 3.55
C ASN A 173 7.92 -11.23 4.18
N PRO A 174 8.07 -10.44 5.26
CA PRO A 174 9.35 -10.32 5.95
C PRO A 174 9.69 -11.60 6.68
N SER A 175 10.59 -12.39 6.12
CA SER A 175 10.96 -13.67 6.71
C SER A 175 9.71 -14.50 6.97
N ASN A 176 8.68 -14.25 6.16
CA ASN A 176 7.41 -14.96 6.29
C ASN A 176 6.92 -15.50 4.94
N LEU A 177 7.86 -15.98 4.12
CA LEU A 177 7.51 -16.51 2.80
C LEU A 177 6.37 -17.53 2.89
N PRO A 178 6.47 -18.52 3.80
CA PRO A 178 5.44 -19.55 3.97
C PRO A 178 4.09 -18.97 4.35
N TYR A 179 4.10 -17.85 5.05
CA TYR A 179 2.87 -17.20 5.50
C TYR A 179 2.03 -16.70 4.32
N LYS A 180 2.66 -16.54 3.16
CA LYS A 180 1.94 -16.07 1.98
C LYS A 180 0.79 -17.00 1.61
N GLU A 181 0.99 -18.30 1.79
CA GLU A 181 -0.03 -19.28 1.46
C GLU A 181 -1.31 -19.06 2.26
N THR A 182 -1.18 -18.71 3.53
CA THR A 182 -2.34 -18.47 4.38
C THR A 182 -3.14 -17.29 3.86
N LEU A 183 -2.45 -16.30 3.32
CA LEU A 183 -3.11 -15.13 2.76
C LEU A 183 -3.84 -15.53 1.47
N GLU A 184 -3.09 -16.08 0.54
CA GLU A 184 -3.60 -16.47 -0.76
C GLU A 184 -4.72 -17.50 -0.66
N ALA A 185 -4.65 -18.39 0.32
CA ALA A 185 -5.68 -19.41 0.49
C ALA A 185 -7.00 -18.79 0.97
N THR A 186 -6.91 -17.83 1.88
CA THR A 186 -8.09 -17.17 2.43
C THR A 186 -8.88 -16.45 1.33
N LEU A 187 -8.18 -15.74 0.45
CA LEU A 187 -8.83 -15.03 -0.63
C LEU A 187 -9.47 -16.02 -1.60
N ASP A 188 -8.77 -17.11 -1.85
CA ASP A 188 -9.24 -18.13 -2.79
C ASP A 188 -10.59 -18.71 -2.34
N SER A 189 -10.76 -18.94 -1.03
CA SER A 189 -12.02 -19.46 -0.54
C SER A 189 -13.13 -18.44 -0.74
N LEU A 190 -12.80 -17.18 -0.45
CA LEU A 190 -13.75 -16.09 -0.61
C LEU A 190 -14.21 -15.98 -2.06
N GLU A 191 -13.28 -16.16 -2.98
CA GLU A 191 -13.61 -16.11 -4.39
C GLU A 191 -14.49 -17.30 -4.72
N ARG A 192 -14.10 -18.46 -4.22
CA ARG A 192 -14.86 -19.69 -4.43
C ARG A 192 -16.27 -19.54 -3.86
N ALA A 193 -16.36 -18.90 -2.70
CA ALA A 193 -17.64 -18.68 -2.05
C ALA A 193 -18.54 -17.75 -2.86
N GLY A 194 -17.93 -16.99 -3.78
CA GLY A 194 -18.71 -16.08 -4.60
C GLY A 194 -18.72 -14.65 -4.10
N VAL A 195 -18.04 -14.40 -2.99
CA VAL A 195 -18.00 -13.06 -2.41
C VAL A 195 -17.18 -12.08 -3.27
N TRP A 196 -16.08 -12.54 -3.87
CA TRP A 196 -15.25 -11.67 -4.70
C TRP A 196 -14.19 -12.46 -5.47
N GLU A 197 -13.81 -11.99 -6.66
CA GLU A 197 -12.81 -12.65 -7.49
C GLU A 197 -11.71 -11.69 -7.91
N CYS A 198 -10.55 -12.25 -8.23
CA CYS A 198 -9.42 -11.45 -8.65
C CYS A 198 -9.72 -10.74 -9.97
N LEU A 199 -9.46 -9.44 -9.99
CA LEU A 199 -9.68 -8.61 -11.17
C LEU A 199 -8.45 -8.59 -12.07
N VAL A 200 -7.31 -8.83 -11.43
CA VAL A 200 -5.99 -8.89 -12.09
C VAL A 200 -4.94 -9.22 -11.05
N THR A 201 -3.77 -9.66 -11.48
CA THR A 201 -2.70 -9.97 -10.55
C THR A 201 -1.37 -9.48 -11.08
N GLN A 202 -0.50 -9.04 -10.18
CA GLN A 202 0.81 -8.56 -10.55
C GLN A 202 1.91 -9.37 -9.87
N PRO A 203 2.83 -9.95 -10.66
CA PRO A 203 3.91 -10.78 -10.11
C PRO A 203 4.74 -10.05 -9.06
N VAL A 204 4.84 -10.68 -7.90
CA VAL A 204 5.57 -10.11 -6.78
C VAL A 204 7.07 -10.43 -6.85
N ASP A 205 7.85 -9.67 -6.10
CA ASP A 205 9.30 -9.85 -6.07
C ASP A 205 9.72 -11.23 -5.54
N HIS A 206 8.75 -12.13 -5.38
CA HIS A 206 9.02 -13.48 -4.89
C HIS A 206 10.01 -14.21 -5.78
N TRP A 207 10.11 -13.76 -7.04
CA TRP A 207 11.00 -14.39 -7.99
C TRP A 207 12.45 -14.36 -7.52
N GLU A 208 12.86 -13.24 -6.93
CA GLU A 208 14.22 -13.10 -6.43
C GLU A 208 14.48 -14.14 -5.34
N LEU A 209 15.68 -14.72 -5.35
CA LEU A 209 16.05 -15.73 -4.36
C LEU A 209 16.12 -15.13 -2.95
N ALA A 210 15.66 -15.91 -1.97
CA ALA A 210 15.67 -15.47 -0.58
C ALA A 210 16.41 -16.46 0.31
N THR A 211 17.65 -16.78 -0.07
CA THR A 211 18.46 -17.72 0.70
C THR A 211 19.08 -17.04 1.91
N SER A 212 19.49 -17.86 2.89
CA SER A 212 20.10 -17.35 4.11
C SER A 212 21.50 -16.80 3.83
N GLU A 213 22.10 -17.25 2.72
CA GLU A 213 23.43 -16.81 2.34
C GLU A 213 23.48 -15.30 2.12
N GLN A 214 24.58 -14.70 2.56
CA GLN A 214 24.77 -13.26 2.43
C GLN A 214 24.73 -12.82 0.96
N GLU A 215 24.09 -11.68 0.71
CA GLU A 215 23.97 -11.16 -0.65
C GLU A 215 24.98 -10.04 -0.88
N THR A 216 25.29 -9.79 -2.15
CA THR A 216 26.23 -8.75 -2.52
C THR A 216 25.76 -7.38 -2.03
N GLY A 217 24.46 -7.13 -2.15
CA GLY A 217 23.91 -5.86 -1.72
C GLY A 217 23.88 -5.74 -0.21
N LEU A 218 23.88 -4.51 0.29
CA LEU A 218 23.85 -4.27 1.73
C LEU A 218 22.61 -4.87 2.36
N GLY A 219 21.48 -4.71 1.67
CA GLY A 219 20.22 -5.24 2.18
C GLY A 219 19.61 -4.37 3.26
N THR A 220 20.15 -3.17 3.44
CA THR A 220 19.64 -2.25 4.45
C THR A 220 18.27 -1.71 4.06
N CYS A 221 17.94 -1.79 2.78
CA CYS A 221 16.65 -1.30 2.29
C CYS A 221 15.74 -2.47 1.93
N ALA A 222 14.51 -2.43 2.44
CA ALA A 222 13.54 -3.48 2.17
C ALA A 222 14.05 -4.83 2.67
N ASN A 223 13.41 -5.90 2.23
CA ASN A 223 13.80 -7.25 2.64
C ASN A 223 15.04 -7.73 1.88
N ASP A 224 15.76 -8.66 2.48
CA ASP A 224 16.98 -9.20 1.87
C ASP A 224 16.66 -9.88 0.54
N GLY A 225 15.41 -10.27 0.36
CA GLY A 225 14.99 -10.92 -0.87
C GLY A 225 13.74 -11.74 -0.68
N PHE A 226 12.80 -11.23 0.12
CA PHE A 226 11.55 -11.91 0.36
C PHE A 226 10.39 -11.16 -0.29
N ILE A 227 9.30 -11.86 -0.56
CA ILE A 227 8.13 -11.26 -1.19
C ILE A 227 7.70 -10.02 -0.42
N SER A 228 7.17 -9.01 -1.11
CA SER A 228 6.71 -7.81 -0.43
C SER A 228 5.88 -6.92 -1.35
N GLY A 229 4.89 -6.25 -0.76
CA GLY A 229 4.03 -5.36 -1.53
C GLY A 229 3.19 -6.07 -2.57
N ILE A 230 2.70 -7.25 -2.21
CA ILE A 230 1.87 -8.02 -3.13
C ILE A 230 0.61 -7.23 -3.48
N ILE A 231 0.39 -6.96 -4.76
CA ILE A 231 -0.79 -6.20 -5.18
C ILE A 231 -1.67 -6.95 -6.16
N TYR A 232 -2.77 -7.51 -5.66
CA TYR A 232 -3.71 -8.23 -6.50
C TYR A 232 -5.09 -7.58 -6.42
N LEU A 233 -5.67 -7.31 -7.59
CA LEU A 233 -6.98 -6.67 -7.64
C LEU A 233 -8.10 -7.66 -7.33
N TYR A 234 -9.32 -7.14 -7.25
CA TYR A 234 -10.48 -7.97 -6.97
C TYR A 234 -11.80 -7.29 -7.37
N ARG A 235 -12.83 -8.11 -7.52
CA ARG A 235 -14.17 -7.63 -7.86
C ARG A 235 -15.18 -8.18 -6.87
N LYS A 236 -16.14 -7.37 -6.43
CA LYS A 236 -17.14 -7.82 -5.47
C LYS A 236 -18.19 -8.75 -6.09
N GLN A 237 -18.47 -9.83 -5.38
CA GLN A 237 -19.45 -10.84 -5.80
C GLN A 237 -18.94 -11.64 -6.99
N GLU A 238 -18.04 -12.55 -6.67
CA GLU A 238 -17.46 -13.42 -7.69
C GLU A 238 -17.00 -14.78 -7.20
N THR A 239 -17.06 -15.73 -8.13
CA THR A 239 -16.68 -17.12 -7.88
C THR A 239 -15.45 -17.50 -8.70
N VAL A 240 -14.58 -18.33 -8.13
CA VAL A 240 -13.37 -18.77 -8.82
C VAL A 240 -13.73 -19.48 -10.13
N GLY A 1 11.35 -6.60 21.25
CA GLY A 1 12.03 -6.56 19.92
C GLY A 1 11.65 -5.34 19.11
N ALA A 2 10.75 -5.53 18.15
CA ALA A 2 10.29 -4.43 17.30
C ALA A 2 11.46 -3.78 16.58
N MET A 3 12.41 -4.60 16.12
CA MET A 3 13.56 -4.09 15.41
C MET A 3 13.14 -3.33 14.16
N ALA A 4 12.15 -3.88 13.46
CA ALA A 4 11.66 -3.27 12.22
C ALA A 4 11.32 -1.80 12.43
N GLN A 5 10.68 -1.48 13.56
CA GLN A 5 10.32 -0.09 13.86
C GLN A 5 11.57 0.77 13.92
N GLU A 6 12.62 0.24 14.54
CA GLU A 6 13.89 0.93 14.68
C GLU A 6 13.73 2.26 15.43
N GLU A 7 12.90 2.25 16.48
CA GLU A 7 12.68 3.46 17.27
C GLU A 7 13.52 3.43 18.54
N ALA A 8 14.49 4.34 18.63
CA ALA A 8 15.36 4.44 19.80
C ALA A 8 14.60 4.95 21.01
N GLY A 9 13.72 5.92 20.78
CA GLY A 9 12.94 6.50 21.86
C GLY A 9 12.14 7.70 21.41
N ARG A 10 12.68 8.45 20.45
CA ARG A 10 12.01 9.62 19.92
C ARG A 10 12.32 9.82 18.44
N LEU A 11 11.42 10.47 17.73
CA LEU A 11 11.60 10.73 16.31
C LEU A 11 12.43 12.00 16.07
N PRO A 12 11.98 13.15 16.60
CA PRO A 12 12.68 14.42 16.41
C PRO A 12 13.99 14.48 17.18
N GLN A 13 14.94 15.24 16.64
CA GLN A 13 16.24 15.40 17.28
C GLN A 13 16.61 16.87 17.37
N VAL A 14 16.90 17.32 18.59
CA VAL A 14 17.26 18.73 18.83
C VAL A 14 18.31 18.80 19.93
N LEU A 15 19.18 19.80 19.88
CA LEU A 15 20.20 19.97 20.89
C LEU A 15 19.57 20.14 22.27
N ALA A 16 18.48 20.90 22.34
CA ALA A 16 17.77 21.13 23.58
C ALA A 16 16.72 20.05 23.80
N ARG A 17 16.51 19.67 25.06
CA ARG A 17 15.52 18.64 25.38
C ARG A 17 14.17 19.26 25.76
N VAL A 18 14.12 20.58 25.86
CA VAL A 18 12.90 21.28 26.23
C VAL A 18 11.80 21.00 25.21
N GLY A 19 12.13 21.13 23.92
CA GLY A 19 11.16 20.87 22.88
C GLY A 19 10.37 22.11 22.49
N THR A 20 10.51 23.18 23.26
CA THR A 20 9.79 24.42 22.98
C THR A 20 10.76 25.53 22.58
N SER A 21 10.69 25.95 21.32
CA SER A 21 11.55 27.00 20.80
C SER A 21 11.39 28.32 21.56
N HIS A 22 10.14 28.65 21.89
CA HIS A 22 9.84 29.90 22.60
C HIS A 22 9.33 29.62 24.01
N GLY A 23 9.49 30.62 24.89
CA GLY A 23 9.02 30.47 26.26
C GLY A 23 7.53 30.23 26.35
N ILE A 24 6.76 30.93 25.53
CA ILE A 24 5.31 30.78 25.52
C ILE A 24 4.81 30.35 24.15
N THR A 25 3.77 29.53 24.14
CA THR A 25 3.20 29.03 22.89
C THR A 25 1.75 29.48 22.70
N ASP A 26 1.41 29.84 21.47
CA ASP A 26 0.07 30.31 21.14
C ASP A 26 -0.32 31.55 21.93
N LEU A 27 0.62 32.47 22.09
CA LEU A 27 0.37 33.73 22.81
C LEU A 27 -0.75 34.51 22.12
N ALA A 28 -0.65 34.65 20.81
CA ALA A 28 -1.66 35.37 20.04
C ALA A 28 -2.91 34.51 19.81
N CYS A 29 -3.76 34.95 18.89
CA CYS A 29 -4.99 34.22 18.58
C CYS A 29 -4.69 32.80 18.14
N LYS A 30 -5.74 32.00 17.99
CA LYS A 30 -5.60 30.61 17.58
C LYS A 30 -4.93 30.51 16.22
N LEU A 31 -5.29 31.42 15.31
CA LEU A 31 -4.71 31.43 13.97
C LEU A 31 -3.22 31.75 14.05
N ARG A 32 -2.40 30.90 13.42
CA ARG A 32 -0.96 31.09 13.42
C ARG A 32 -0.31 30.32 12.26
N PHE A 33 0.91 30.72 11.91
CA PHE A 33 1.64 30.07 10.83
C PHE A 33 2.87 29.36 11.37
N TYR A 34 3.07 28.12 10.93
CA TYR A 34 4.22 27.33 11.39
C TYR A 34 4.77 26.46 10.26
N ASP A 35 6.08 26.21 10.32
CA ASP A 35 6.74 25.39 9.31
C ASP A 35 7.79 24.47 9.95
N ASP A 36 7.74 24.36 11.28
CA ASP A 36 8.70 23.53 12.01
C ASP A 36 8.21 22.09 12.17
N TRP A 37 7.03 21.78 11.64
CA TRP A 37 6.49 20.44 11.75
C TRP A 37 6.84 19.60 10.52
N ALA A 38 7.63 20.18 9.61
CA ALA A 38 8.04 19.48 8.38
C ALA A 38 8.61 18.09 8.68
N PRO A 39 7.80 17.03 8.46
CA PRO A 39 8.23 15.66 8.70
C PRO A 39 9.40 15.25 7.80
N GLU A 40 10.27 14.39 8.32
CA GLU A 40 11.44 13.94 7.56
C GLU A 40 11.00 13.17 6.31
N TYR A 41 9.95 12.38 6.45
CA TYR A 41 9.43 11.59 5.33
C TYR A 41 8.22 12.25 4.68
N ASP A 42 8.01 13.52 4.98
CA ASP A 42 6.89 14.26 4.40
C ASP A 42 7.05 14.35 2.89
N GLN A 43 8.25 14.68 2.46
CA GLN A 43 8.56 14.81 1.03
C GLN A 43 9.43 13.65 0.55
N ASP A 44 9.49 12.58 1.33
CA ASP A 44 10.30 11.42 0.96
C ASP A 44 9.53 10.50 0.02
N VAL A 45 10.26 9.90 -0.90
CA VAL A 45 9.68 8.97 -1.87
C VAL A 45 9.10 7.74 -1.20
N ALA A 46 9.51 7.48 0.04
CA ALA A 46 9.03 6.32 0.78
C ALA A 46 7.52 6.36 0.97
N ALA A 47 6.98 7.54 1.27
CA ALA A 47 5.54 7.68 1.47
C ALA A 47 4.76 7.28 0.22
N LEU A 48 5.22 7.74 -0.93
CA LEU A 48 4.58 7.40 -2.20
C LEU A 48 5.18 6.14 -2.80
N LYS A 49 6.16 5.55 -2.11
CA LYS A 49 6.82 4.35 -2.59
C LYS A 49 5.82 3.21 -2.74
N TYR A 50 4.90 3.11 -1.79
CA TYR A 50 3.89 2.05 -1.82
C TYR A 50 2.51 2.63 -2.13
N ARG A 51 2.02 2.35 -3.34
CA ARG A 51 0.71 2.82 -3.78
C ARG A 51 0.47 2.39 -5.23
N ALA A 52 -0.73 1.91 -5.53
CA ALA A 52 -1.06 1.45 -6.87
C ALA A 52 -0.93 2.58 -7.90
N PRO A 53 0.04 2.46 -8.81
CA PRO A 53 0.27 3.47 -9.85
C PRO A 53 -0.71 3.32 -11.00
N ARG A 54 -0.43 4.01 -12.10
CA ARG A 54 -1.29 3.97 -13.28
C ARG A 54 -1.41 2.54 -13.81
N LEU A 55 -0.37 1.74 -13.60
CA LEU A 55 -0.37 0.36 -14.08
C LEU A 55 -1.51 -0.42 -13.44
N ALA A 56 -1.75 -0.16 -12.16
CA ALA A 56 -2.81 -0.85 -11.43
C ALA A 56 -4.18 -0.47 -11.99
N VAL A 57 -4.52 0.81 -11.93
CA VAL A 57 -5.82 1.28 -12.40
C VAL A 57 -6.10 0.86 -13.84
N ASP A 58 -5.07 0.82 -14.67
CA ASP A 58 -5.25 0.43 -16.06
C ASP A 58 -5.82 -0.98 -16.11
N CYS A 59 -5.24 -1.85 -15.29
CA CYS A 59 -5.68 -3.23 -15.17
C CYS A 59 -7.11 -3.31 -14.64
N LEU A 60 -7.42 -2.46 -13.67
CA LEU A 60 -8.74 -2.45 -13.06
C LEU A 60 -9.79 -2.17 -14.11
N SER A 61 -9.56 -1.12 -14.89
CA SER A 61 -10.47 -0.74 -15.95
C SER A 61 -10.59 -1.89 -16.95
N ARG A 62 -9.48 -2.57 -17.19
CA ARG A 62 -9.46 -3.72 -18.11
C ARG A 62 -10.41 -4.80 -17.62
N ALA A 63 -10.52 -4.93 -16.29
CA ALA A 63 -11.42 -5.91 -15.69
C ALA A 63 -12.70 -5.24 -15.22
N PHE A 64 -12.89 -3.99 -15.60
CA PHE A 64 -14.07 -3.21 -15.22
C PHE A 64 -14.94 -2.96 -16.45
N ARG A 65 -16.08 -3.65 -16.52
CA ARG A 65 -16.98 -3.49 -17.66
C ARG A 65 -18.10 -2.50 -17.32
N GLY A 66 -18.10 -1.99 -16.10
CA GLY A 66 -19.11 -1.04 -15.68
C GLY A 66 -18.81 0.35 -16.19
N SER A 67 -19.52 1.34 -15.67
CA SER A 67 -19.31 2.72 -16.10
C SER A 67 -18.44 3.46 -15.09
N PRO A 68 -17.15 3.68 -15.41
CA PRO A 68 -16.22 4.39 -14.53
C PRO A 68 -16.55 5.88 -14.43
N HIS A 69 -17.45 6.33 -15.30
CA HIS A 69 -17.87 7.72 -15.28
C HIS A 69 -18.82 7.96 -14.11
N ASP A 70 -19.77 7.05 -13.97
CA ASP A 70 -20.76 7.12 -12.89
C ASP A 70 -20.39 6.18 -11.74
N ALA A 71 -19.23 5.52 -11.86
CA ALA A 71 -18.78 4.61 -10.82
C ALA A 71 -18.05 5.38 -9.73
N LEU A 72 -18.03 4.82 -8.53
CA LEU A 72 -17.36 5.48 -7.40
C LEU A 72 -16.19 4.63 -6.91
N ILE A 73 -15.08 5.28 -6.59
CA ILE A 73 -13.88 4.58 -6.12
C ILE A 73 -13.37 5.18 -4.80
N LEU A 74 -12.75 4.34 -3.94
CA LEU A 74 -12.28 4.83 -2.64
C LEU A 74 -10.77 4.69 -2.42
N ASP A 75 -10.11 5.84 -2.25
CA ASP A 75 -8.67 5.91 -2.02
C ASP A 75 -8.32 6.22 -0.56
N VAL A 76 -7.22 5.64 -0.10
CA VAL A 76 -6.75 5.80 1.27
C VAL A 76 -6.18 7.21 1.54
N ALA A 77 -5.41 7.34 2.62
CA ALA A 77 -4.78 8.60 3.01
C ALA A 77 -3.30 8.57 2.65
N CYS A 78 -2.97 7.83 1.59
CA CYS A 78 -1.60 7.69 1.14
C CYS A 78 -1.27 8.69 0.04
N GLY A 79 -2.06 9.75 -0.07
CA GLY A 79 -1.82 10.74 -1.09
C GLY A 79 -1.93 10.13 -2.48
N THR A 80 -3.14 10.12 -3.01
CA THR A 80 -3.40 9.56 -4.32
C THR A 80 -3.86 10.63 -5.29
N GLY A 81 -3.41 11.85 -5.08
CA GLY A 81 -3.78 12.94 -5.96
C GLY A 81 -3.49 12.60 -7.41
N LEU A 82 -2.30 12.06 -7.66
CA LEU A 82 -1.92 11.67 -9.01
C LEU A 82 -2.90 10.61 -9.53
N VAL A 83 -3.11 9.59 -8.70
CA VAL A 83 -4.00 8.49 -9.06
C VAL A 83 -5.36 9.03 -9.49
N ALA A 84 -5.89 9.99 -8.75
CA ALA A 84 -7.18 10.57 -9.08
C ALA A 84 -7.18 11.14 -10.49
N VAL A 85 -6.06 11.75 -10.90
CA VAL A 85 -5.95 12.32 -12.24
C VAL A 85 -6.00 11.23 -13.29
N GLU A 86 -5.19 10.20 -13.09
CA GLU A 86 -5.14 9.07 -14.00
C GLU A 86 -6.51 8.43 -14.07
N LEU A 87 -7.14 8.36 -12.91
CA LEU A 87 -8.48 7.78 -12.80
C LEU A 87 -9.42 8.47 -13.79
N GLN A 88 -9.43 9.81 -13.79
CA GLN A 88 -10.28 10.56 -14.71
C GLN A 88 -9.91 10.21 -16.15
N ALA A 89 -8.60 10.09 -16.36
CA ALA A 89 -8.08 9.73 -17.69
C ALA A 89 -8.75 8.47 -18.19
N ARG A 90 -8.63 7.40 -17.41
CA ARG A 90 -9.22 6.11 -17.76
C ARG A 90 -10.75 6.16 -17.69
N GLY A 91 -11.30 7.32 -17.33
CA GLY A 91 -12.75 7.49 -17.26
C GLY A 91 -13.30 7.42 -15.85
N PHE A 92 -12.45 7.08 -14.89
CA PHE A 92 -12.87 7.00 -13.49
C PHE A 92 -13.05 8.41 -12.95
N LEU A 93 -14.18 9.03 -13.29
CA LEU A 93 -14.47 10.40 -12.86
C LEU A 93 -14.78 10.52 -11.37
N GLN A 94 -15.53 9.56 -10.81
CA GLN A 94 -15.90 9.65 -9.41
C GLN A 94 -14.98 8.83 -8.52
N VAL A 95 -14.17 9.53 -7.74
CA VAL A 95 -13.25 8.87 -6.82
C VAL A 95 -13.27 9.56 -5.46
N GLN A 96 -13.42 8.76 -4.41
CA GLN A 96 -13.45 9.28 -3.05
C GLN A 96 -12.30 8.67 -2.26
N GLY A 97 -11.91 9.29 -1.16
CA GLY A 97 -10.80 8.76 -0.37
C GLY A 97 -10.49 9.62 0.83
N VAL A 98 -10.20 9.00 1.97
CA VAL A 98 -9.93 9.76 3.18
C VAL A 98 -8.44 9.92 3.47
N ASP A 99 -8.01 11.18 3.54
CA ASP A 99 -6.63 11.54 3.84
C ASP A 99 -6.47 11.77 5.34
N GLY A 100 -5.23 11.73 5.83
CA GLY A 100 -4.97 11.95 7.24
C GLY A 100 -3.95 13.04 7.50
N SER A 101 -3.61 13.77 6.44
CA SER A 101 -2.65 14.86 6.55
C SER A 101 -3.24 16.15 5.98
N PRO A 102 -3.45 17.18 6.83
CA PRO A 102 -4.03 18.45 6.37
C PRO A 102 -3.34 19.00 5.15
N GLU A 103 -2.02 18.88 5.10
CA GLU A 103 -1.25 19.37 3.96
C GLU A 103 -1.51 18.51 2.73
N MET A 104 -1.53 17.20 2.92
CA MET A 104 -1.80 16.26 1.84
C MET A 104 -3.24 16.34 1.38
N LEU A 105 -4.15 16.48 2.33
CA LEU A 105 -5.58 16.57 2.04
C LEU A 105 -5.87 17.77 1.15
N LYS A 106 -5.30 18.91 1.50
CA LYS A 106 -5.49 20.12 0.74
C LYS A 106 -4.99 19.92 -0.69
N GLN A 107 -3.87 19.23 -0.80
CA GLN A 107 -3.29 18.95 -2.11
C GLN A 107 -4.26 18.08 -2.92
N ALA A 108 -4.58 16.91 -2.38
CA ALA A 108 -5.50 16.00 -3.03
C ALA A 108 -6.87 16.63 -3.26
N ARG A 109 -7.34 17.39 -2.26
CA ARG A 109 -8.62 18.06 -2.37
C ARG A 109 -8.60 19.09 -3.49
N ALA A 110 -7.62 19.99 -3.42
CA ALA A 110 -7.47 21.04 -4.44
C ALA A 110 -7.45 20.45 -5.84
N ARG A 111 -7.15 19.16 -5.92
CA ARG A 111 -7.09 18.48 -7.20
C ARG A 111 -8.44 18.55 -7.92
N GLY A 112 -9.52 18.38 -7.17
CA GLY A 112 -10.85 18.45 -7.75
C GLY A 112 -11.26 17.17 -8.46
N LEU A 113 -10.45 16.13 -8.31
CA LEU A 113 -10.74 14.84 -8.94
C LEU A 113 -11.54 13.94 -8.01
N TYR A 114 -11.36 14.13 -6.71
CA TYR A 114 -12.07 13.32 -5.72
C TYR A 114 -13.45 13.85 -5.43
N HIS A 115 -14.45 12.96 -5.48
CA HIS A 115 -15.82 13.34 -5.20
C HIS A 115 -15.96 13.86 -3.78
N HIS A 116 -15.26 13.21 -2.85
CA HIS A 116 -15.29 13.61 -1.46
C HIS A 116 -14.06 13.12 -0.72
N LEU A 117 -13.50 14.00 0.11
CA LEU A 117 -12.32 13.66 0.89
C LEU A 117 -12.58 13.98 2.37
N SER A 118 -12.03 13.16 3.26
CA SER A 118 -12.22 13.37 4.69
C SER A 118 -11.00 12.88 5.47
N LEU A 119 -11.00 13.12 6.77
CA LEU A 119 -9.89 12.71 7.62
C LEU A 119 -10.20 11.39 8.30
N CYS A 120 -9.45 10.35 7.94
CA CYS A 120 -9.66 9.03 8.52
C CYS A 120 -8.37 8.24 8.52
N THR A 121 -8.28 7.31 9.46
CA THR A 121 -7.13 6.42 9.57
C THR A 121 -7.67 5.03 9.83
N LEU A 122 -7.65 4.23 8.77
CA LEU A 122 -8.19 2.87 8.79
C LEU A 122 -7.99 2.18 10.14
N GLY A 123 -9.12 1.75 10.70
CA GLY A 123 -9.13 1.09 11.99
C GLY A 123 -9.56 2.03 13.09
N GLN A 124 -9.40 3.33 12.84
CA GLN A 124 -9.80 4.35 13.80
C GLN A 124 -11.31 4.31 13.99
N GLU A 125 -12.01 4.24 12.86
CA GLU A 125 -13.47 4.19 12.84
C GLU A 125 -13.95 3.48 11.56
N PRO A 126 -15.20 3.01 11.53
CA PRO A 126 -15.75 2.33 10.35
C PRO A 126 -15.88 3.30 9.18
N LEU A 127 -15.76 2.78 7.95
CA LEU A 127 -15.84 3.63 6.77
C LEU A 127 -17.14 4.42 6.73
N PRO A 128 -17.06 5.68 6.23
CA PRO A 128 -18.23 6.57 6.12
C PRO A 128 -19.10 6.22 4.92
N ASP A 129 -18.62 5.32 4.07
CA ASP A 129 -19.37 4.92 2.87
C ASP A 129 -20.24 3.69 3.13
N PRO A 130 -21.52 3.75 2.72
CA PRO A 130 -22.47 2.64 2.89
C PRO A 130 -22.16 1.44 1.99
N GLU A 131 -22.76 0.30 2.32
CA GLU A 131 -22.57 -0.92 1.54
C GLU A 131 -23.02 -0.73 0.09
N GLY A 132 -22.31 -1.34 -0.85
CA GLY A 132 -22.66 -1.24 -2.25
C GLY A 132 -22.77 0.20 -2.74
N THR A 133 -22.09 1.11 -2.07
CA THR A 133 -22.11 2.51 -2.43
C THR A 133 -21.19 2.81 -3.62
N PHE A 134 -19.96 2.32 -3.57
CA PHE A 134 -18.99 2.59 -4.62
C PHE A 134 -18.70 1.35 -5.47
N ASP A 135 -18.62 1.56 -6.78
CA ASP A 135 -18.36 0.48 -7.73
C ASP A 135 -17.01 -0.20 -7.47
N ALA A 136 -15.98 0.58 -7.18
CA ALA A 136 -14.65 0.02 -6.96
C ALA A 136 -13.84 0.83 -5.95
N VAL A 137 -12.72 0.28 -5.50
CA VAL A 137 -11.85 0.96 -4.55
C VAL A 137 -10.39 0.62 -4.78
N ILE A 138 -9.49 1.56 -4.50
CA ILE A 138 -8.06 1.33 -4.67
C ILE A 138 -7.27 1.86 -3.48
N ILE A 139 -6.69 0.94 -2.70
CA ILE A 139 -5.92 1.33 -1.52
C ILE A 139 -4.85 0.29 -1.18
N VAL A 140 -3.59 0.72 -1.18
CA VAL A 140 -2.49 -0.17 -0.86
C VAL A 140 -2.27 -0.28 0.65
N GLY A 141 -1.98 -1.48 1.11
CA GLY A 141 -1.77 -1.72 2.53
C GLY A 141 -3.06 -2.03 3.26
N ALA A 142 -4.12 -2.30 2.50
CA ALA A 142 -5.42 -2.61 3.07
C ALA A 142 -5.38 -3.87 3.95
N LEU A 143 -4.73 -4.91 3.47
CA LEU A 143 -4.63 -6.15 4.23
C LEU A 143 -3.38 -6.13 5.12
N SER A 144 -2.57 -5.08 4.99
CA SER A 144 -1.34 -4.94 5.77
C SER A 144 -1.63 -4.68 7.24
N GLU A 145 -0.72 -5.14 8.10
CA GLU A 145 -0.86 -4.93 9.53
C GLU A 145 -0.65 -3.46 9.86
N GLY A 146 -1.48 -2.93 10.75
CA GLY A 146 -1.37 -1.53 11.12
C GLY A 146 -2.21 -0.63 10.24
N GLN A 147 -2.49 -1.08 9.02
CA GLN A 147 -3.30 -0.31 8.09
C GLN A 147 -4.53 -1.11 7.68
N VAL A 148 -5.67 -0.44 7.63
CA VAL A 148 -6.93 -1.08 7.24
C VAL A 148 -7.07 -2.45 7.91
N PRO A 149 -7.56 -2.47 9.16
CA PRO A 149 -7.72 -3.71 9.93
C PRO A 149 -8.62 -4.73 9.25
N CYS A 150 -8.20 -6.00 9.33
CA CYS A 150 -8.93 -7.10 8.71
C CYS A 150 -10.43 -7.02 8.98
N SER A 151 -10.80 -6.47 10.11
CA SER A 151 -12.21 -6.33 10.46
C SER A 151 -12.89 -5.28 9.57
N ALA A 152 -12.18 -4.19 9.31
CA ALA A 152 -12.69 -3.09 8.49
C ALA A 152 -12.66 -3.39 6.99
N ILE A 153 -11.70 -4.21 6.55
CA ILE A 153 -11.58 -4.53 5.13
C ILE A 153 -12.90 -4.97 4.52
N PRO A 154 -13.60 -5.92 5.17
CA PRO A 154 -14.88 -6.41 4.68
C PRO A 154 -15.86 -5.28 4.39
N GLU A 155 -15.65 -4.15 5.06
CA GLU A 155 -16.48 -2.96 4.84
C GLU A 155 -16.13 -2.32 3.50
N LEU A 156 -14.83 -2.30 3.20
CA LEU A 156 -14.34 -1.72 1.95
C LEU A 156 -14.94 -2.47 0.76
N LEU A 157 -14.86 -3.78 0.80
CA LEU A 157 -15.43 -4.61 -0.26
C LEU A 157 -16.95 -4.56 -0.19
N ARG A 158 -17.44 -4.55 1.04
CA ARG A 158 -18.89 -4.52 1.30
C ARG A 158 -19.51 -3.27 0.70
N VAL A 159 -18.84 -2.13 0.80
CA VAL A 159 -19.35 -0.89 0.23
C VAL A 159 -19.23 -0.90 -1.29
N THR A 160 -18.36 -1.76 -1.80
CA THR A 160 -18.15 -1.86 -3.24
C THR A 160 -19.29 -2.63 -3.91
N LYS A 161 -19.86 -2.05 -4.97
CA LYS A 161 -20.97 -2.66 -5.69
C LYS A 161 -20.59 -4.04 -6.22
N PRO A 162 -21.54 -5.00 -6.24
CA PRO A 162 -21.28 -6.35 -6.72
C PRO A 162 -20.58 -6.37 -8.06
N GLY A 163 -19.51 -7.12 -8.13
CA GLY A 163 -18.71 -7.18 -9.34
C GLY A 163 -17.78 -6.00 -9.43
N GLY A 164 -17.70 -5.24 -8.34
CA GLY A 164 -16.83 -4.07 -8.29
C GLY A 164 -15.37 -4.47 -8.34
N LEU A 165 -14.46 -3.50 -8.27
CA LEU A 165 -13.04 -3.81 -8.32
C LEU A 165 -12.27 -3.19 -7.17
N VAL A 166 -11.67 -4.02 -6.33
CA VAL A 166 -10.90 -3.52 -5.21
C VAL A 166 -9.41 -3.78 -5.44
N CYS A 167 -8.63 -2.72 -5.51
CA CYS A 167 -7.19 -2.84 -5.75
C CYS A 167 -6.39 -2.45 -4.52
N LEU A 168 -5.97 -3.44 -3.76
CA LEU A 168 -5.21 -3.20 -2.54
C LEU A 168 -3.88 -3.96 -2.54
N THR A 169 -3.01 -3.61 -1.61
CA THR A 169 -1.70 -4.25 -1.49
C THR A 169 -1.44 -4.61 -0.04
N THR A 170 -0.63 -5.64 0.20
CA THR A 170 -0.35 -6.04 1.57
C THR A 170 0.85 -6.96 1.67
N ARG A 171 1.34 -7.16 2.89
CA ARG A 171 2.47 -8.03 3.13
C ARG A 171 2.17 -9.41 2.55
N THR A 172 3.09 -9.88 1.72
CA THR A 172 2.93 -11.16 1.07
C THR A 172 3.78 -12.23 1.76
N ASN A 173 3.99 -12.04 3.06
CA ASN A 173 4.76 -12.96 3.91
C ASN A 173 6.24 -12.54 4.06
N PRO A 174 6.49 -11.29 4.49
CA PRO A 174 7.85 -10.80 4.69
C PRO A 174 8.52 -11.47 5.90
N SER A 175 7.70 -11.87 6.87
CA SER A 175 8.22 -12.49 8.08
C SER A 175 8.55 -13.97 7.88
N ASN A 176 7.61 -14.74 7.33
CA ASN A 176 7.84 -16.17 7.12
C ASN A 176 7.33 -16.66 5.77
N LEU A 177 8.13 -17.51 5.12
CA LEU A 177 7.74 -18.09 3.84
C LEU A 177 6.44 -18.89 3.97
N PRO A 178 6.38 -19.82 4.94
CA PRO A 178 5.18 -20.63 5.17
C PRO A 178 3.96 -19.78 5.49
N TYR A 179 4.20 -18.64 6.12
CA TYR A 179 3.13 -17.73 6.49
C TYR A 179 2.39 -17.22 5.23
N LYS A 180 3.07 -17.27 4.09
CA LYS A 180 2.49 -16.81 2.83
C LYS A 180 1.24 -17.60 2.48
N GLU A 181 1.27 -18.91 2.72
CA GLU A 181 0.13 -19.77 2.41
C GLU A 181 -1.10 -19.31 3.19
N THR A 182 -0.87 -18.82 4.41
CA THR A 182 -1.94 -18.32 5.25
C THR A 182 -2.66 -17.17 4.55
N LEU A 183 -1.87 -16.32 3.91
CA LEU A 183 -2.41 -15.19 3.16
C LEU A 183 -3.13 -15.70 1.92
N GLU A 184 -2.39 -16.43 1.09
CA GLU A 184 -2.91 -16.97 -0.16
C GLU A 184 -4.12 -17.86 0.09
N ALA A 185 -4.11 -18.62 1.18
CA ALA A 185 -5.22 -19.50 1.50
C ALA A 185 -6.49 -18.70 1.80
N THR A 186 -6.33 -17.59 2.51
CA THR A 186 -7.46 -16.73 2.87
C THR A 186 -8.17 -16.22 1.62
N LEU A 187 -7.39 -15.83 0.61
CA LEU A 187 -7.97 -15.34 -0.63
C LEU A 187 -8.73 -16.45 -1.35
N ASP A 188 -8.15 -17.64 -1.33
CA ASP A 188 -8.74 -18.79 -2.00
C ASP A 188 -10.12 -19.11 -1.44
N SER A 189 -10.29 -19.03 -0.12
CA SER A 189 -11.59 -19.31 0.48
C SER A 189 -12.59 -18.25 0.07
N LEU A 190 -12.15 -16.99 0.09
CA LEU A 190 -13.00 -15.87 -0.31
C LEU A 190 -13.46 -16.02 -1.74
N GLU A 191 -12.57 -16.51 -2.60
CA GLU A 191 -12.92 -16.72 -3.99
C GLU A 191 -13.90 -17.89 -4.09
N ARG A 192 -13.56 -18.96 -3.38
CA ARG A 192 -14.39 -20.16 -3.36
C ARG A 192 -15.77 -19.86 -2.77
N ALA A 193 -15.80 -19.04 -1.74
CA ALA A 193 -17.05 -18.67 -1.07
C ALA A 193 -17.95 -17.83 -1.98
N GLY A 194 -17.38 -17.27 -3.03
CA GLY A 194 -18.16 -16.45 -3.95
C GLY A 194 -18.14 -14.98 -3.59
N VAL A 195 -17.39 -14.62 -2.55
CA VAL A 195 -17.31 -13.23 -2.10
C VAL A 195 -16.49 -12.34 -3.03
N TRP A 196 -15.49 -12.90 -3.73
CA TRP A 196 -14.67 -12.10 -4.65
C TRP A 196 -13.68 -12.95 -5.44
N GLU A 197 -13.24 -12.44 -6.60
CA GLU A 197 -12.25 -13.14 -7.44
C GLU A 197 -11.17 -12.18 -7.91
N CYS A 198 -10.04 -12.73 -8.29
CA CYS A 198 -8.91 -11.94 -8.77
C CYS A 198 -9.15 -11.45 -10.20
N LEU A 199 -8.72 -10.22 -10.46
CA LEU A 199 -8.85 -9.62 -11.79
C LEU A 199 -7.46 -9.32 -12.36
N VAL A 200 -6.52 -9.09 -11.45
CA VAL A 200 -5.13 -8.80 -11.79
C VAL A 200 -4.24 -8.81 -10.56
N THR A 201 -2.94 -8.94 -10.76
CA THR A 201 -1.99 -8.92 -9.67
C THR A 201 -0.65 -8.34 -10.13
N GLN A 202 -0.03 -7.55 -9.26
CA GLN A 202 1.26 -6.93 -9.56
C GLN A 202 2.28 -7.32 -8.49
N PRO A 203 3.11 -8.35 -8.76
CA PRO A 203 4.11 -8.81 -7.80
C PRO A 203 5.18 -7.77 -7.51
N VAL A 204 5.57 -7.70 -6.24
CA VAL A 204 6.59 -6.75 -5.79
C VAL A 204 7.88 -6.96 -6.57
N ASP A 205 8.29 -5.93 -7.31
CA ASP A 205 9.51 -6.00 -8.11
C ASP A 205 10.74 -5.54 -7.33
N HIS A 206 10.53 -5.05 -6.11
CA HIS A 206 11.63 -4.56 -5.29
C HIS A 206 12.67 -5.64 -5.00
N TRP A 207 12.21 -6.83 -4.65
CA TRP A 207 13.13 -7.92 -4.36
C TRP A 207 12.64 -9.26 -4.91
N GLU A 208 13.58 -10.12 -5.27
CA GLU A 208 13.25 -11.43 -5.80
C GLU A 208 12.54 -12.28 -4.76
N LEU A 209 11.54 -13.03 -5.18
CA LEU A 209 10.78 -13.89 -4.28
C LEU A 209 11.70 -14.93 -3.64
N ALA A 210 11.53 -15.14 -2.34
CA ALA A 210 12.35 -16.11 -1.63
C ALA A 210 12.19 -17.52 -2.21
N THR A 211 10.95 -17.87 -2.55
CA THR A 211 10.66 -19.18 -3.12
C THR A 211 10.04 -19.04 -4.51
N SER A 212 10.59 -19.77 -5.47
CA SER A 212 10.09 -19.74 -6.84
C SER A 212 10.09 -21.16 -7.42
N GLU A 213 10.83 -21.39 -8.52
CA GLU A 213 10.89 -22.72 -9.13
C GLU A 213 11.44 -23.73 -8.13
N GLN A 214 12.44 -23.31 -7.37
CA GLN A 214 13.06 -24.17 -6.36
C GLN A 214 12.88 -23.59 -4.96
N GLU A 215 12.64 -24.46 -3.99
CA GLU A 215 12.44 -24.03 -2.61
C GLU A 215 13.65 -23.27 -2.07
N THR A 216 14.85 -23.74 -2.40
CA THR A 216 16.08 -23.11 -1.94
C THR A 216 16.07 -22.96 -0.41
N GLY A 217 16.89 -22.06 0.12
CA GLY A 217 16.95 -21.87 1.56
C GLY A 217 17.61 -23.03 2.28
N LEU A 218 18.42 -23.80 1.56
CA LEU A 218 19.12 -24.93 2.15
C LEU A 218 20.02 -24.51 3.29
N GLY A 219 20.71 -23.38 3.13
CA GLY A 219 21.60 -22.90 4.17
C GLY A 219 21.86 -21.41 4.07
N THR A 220 20.79 -20.62 4.09
CA THR A 220 20.91 -19.17 4.01
C THR A 220 20.11 -18.48 5.11
N CYS A 221 20.69 -17.44 5.69
CA CYS A 221 20.03 -16.70 6.77
C CYS A 221 20.30 -15.20 6.65
N ALA A 222 19.45 -14.41 7.30
CA ALA A 222 19.57 -12.95 7.28
C ALA A 222 19.23 -12.36 5.92
N ASN A 223 18.58 -13.15 5.08
CA ASN A 223 18.18 -12.69 3.75
C ASN A 223 17.24 -11.51 3.85
N ASP A 224 16.32 -11.57 4.81
CA ASP A 224 15.33 -10.52 5.02
C ASP A 224 14.75 -10.09 3.67
N GLY A 225 14.68 -11.05 2.75
CA GLY A 225 14.17 -10.77 1.42
C GLY A 225 12.86 -11.48 1.16
N PHE A 226 12.11 -11.74 2.21
CA PHE A 226 10.84 -12.41 2.09
C PHE A 226 9.86 -11.51 1.34
N ILE A 227 8.93 -12.12 0.60
CA ILE A 227 7.97 -11.36 -0.18
C ILE A 227 7.15 -10.42 0.72
N SER A 228 7.03 -9.17 0.28
CA SER A 228 6.30 -8.15 1.04
C SER A 228 5.54 -7.20 0.12
N GLY A 229 4.53 -6.52 0.66
CA GLY A 229 3.76 -5.55 -0.11
C GLY A 229 3.56 -5.88 -1.58
N ILE A 230 2.34 -6.32 -1.92
CA ILE A 230 2.01 -6.64 -3.30
C ILE A 230 0.71 -5.95 -3.71
N ILE A 231 0.72 -5.26 -4.85
CA ILE A 231 -0.48 -4.56 -5.31
C ILE A 231 -1.20 -5.36 -6.38
N TYR A 232 -2.43 -5.77 -6.09
CA TYR A 232 -3.21 -6.57 -7.02
C TYR A 232 -4.70 -6.20 -6.98
N LEU A 233 -5.36 -6.39 -8.11
CA LEU A 233 -6.78 -6.07 -8.25
C LEU A 233 -7.68 -7.24 -7.84
N TYR A 234 -8.98 -6.96 -7.74
CA TYR A 234 -9.99 -7.97 -7.38
C TYR A 234 -11.39 -7.46 -7.72
N ARG A 235 -12.35 -8.39 -7.82
CA ARG A 235 -13.74 -8.03 -8.11
C ARG A 235 -14.68 -8.65 -7.08
N LYS A 236 -15.57 -7.85 -6.49
CA LYS A 236 -16.49 -8.33 -5.47
C LYS A 236 -17.60 -9.25 -6.01
N GLN A 237 -17.87 -10.30 -5.23
CA GLN A 237 -18.90 -11.30 -5.55
C GLN A 237 -18.45 -12.19 -6.69
N GLU A 238 -17.63 -13.15 -6.33
CA GLU A 238 -17.10 -14.10 -7.29
C GLU A 238 -16.76 -15.46 -6.67
N THR A 239 -17.16 -16.51 -7.37
CA THR A 239 -16.93 -17.88 -6.92
C THR A 239 -15.87 -18.59 -7.77
N VAL A 240 -15.29 -19.66 -7.23
CA VAL A 240 -14.28 -20.43 -7.94
C VAL A 240 -13.76 -21.59 -7.09
N GLY A 1 40.62 -4.44 2.76
CA GLY A 1 41.07 -3.16 3.36
C GLY A 1 40.91 -3.12 4.87
N ALA A 2 40.95 -1.94 5.45
CA ALA A 2 40.81 -1.76 6.88
C ALA A 2 39.47 -2.30 7.38
N MET A 3 38.41 -2.05 6.61
CA MET A 3 37.08 -2.51 6.97
C MET A 3 37.02 -4.03 7.10
N ALA A 4 37.70 -4.73 6.20
CA ALA A 4 37.72 -6.19 6.23
C ALA A 4 38.35 -6.71 7.50
N GLN A 5 39.41 -6.05 7.95
CA GLN A 5 40.11 -6.45 9.18
C GLN A 5 39.18 -6.33 10.38
N GLU A 6 38.50 -5.20 10.48
CA GLU A 6 37.58 -4.96 11.60
C GLU A 6 36.19 -4.60 11.09
N GLU A 7 35.17 -5.29 11.62
CA GLU A 7 33.79 -5.04 11.22
C GLU A 7 33.31 -3.64 11.61
N ALA A 8 33.70 -3.21 12.80
CA ALA A 8 33.30 -1.90 13.29
C ALA A 8 34.37 -0.85 13.00
N GLY A 9 35.61 -1.29 12.93
CA GLY A 9 36.71 -0.38 12.65
C GLY A 9 37.13 0.38 13.90
N ARG A 10 38.35 0.88 13.90
CA ARG A 10 38.86 1.62 15.04
C ARG A 10 39.26 3.05 14.66
N LEU A 11 38.86 4.00 15.51
CA LEU A 11 39.17 5.41 15.28
C LEU A 11 40.03 5.93 16.42
N PRO A 12 41.33 5.59 16.41
CA PRO A 12 42.26 6.02 17.46
C PRO A 12 42.54 7.51 17.41
N GLN A 13 42.81 8.09 18.57
CA GLN A 13 43.10 9.51 18.69
C GLN A 13 44.52 9.72 19.21
N VAL A 14 45.21 10.73 18.67
CA VAL A 14 46.57 11.03 19.08
C VAL A 14 46.74 12.51 19.40
N LEU A 15 47.68 12.81 20.28
CA LEU A 15 47.95 14.20 20.64
C LEU A 15 48.45 14.99 19.45
N ALA A 16 49.31 14.35 18.65
CA ALA A 16 49.89 14.98 17.47
C ALA A 16 50.47 16.36 17.80
N ARG A 17 51.69 16.35 18.32
CA ARG A 17 52.37 17.59 18.71
C ARG A 17 52.75 18.41 17.48
N VAL A 18 53.02 17.74 16.37
CA VAL A 18 53.41 18.42 15.13
C VAL A 18 52.26 19.23 14.56
N GLY A 19 51.04 18.72 14.69
CA GLY A 19 49.87 19.41 14.18
C GLY A 19 48.58 18.70 14.53
N THR A 20 47.47 19.20 14.02
CA THR A 20 46.17 18.59 14.30
C THR A 20 45.50 18.13 13.01
N SER A 21 45.04 16.89 12.99
CA SER A 21 44.38 16.32 11.81
C SER A 21 43.13 17.12 11.44
N HIS A 22 42.37 17.53 12.45
CA HIS A 22 41.15 18.29 12.24
C HIS A 22 41.43 19.63 11.57
N GLY A 23 42.52 20.27 11.99
CA GLY A 23 42.89 21.55 11.42
C GLY A 23 42.27 22.71 12.16
N ILE A 24 42.91 23.87 12.08
CA ILE A 24 42.42 25.08 12.74
C ILE A 24 41.15 25.59 12.07
N THR A 25 41.12 25.52 10.73
CA THR A 25 39.99 26.03 9.98
C THR A 25 38.70 25.31 10.36
N ASP A 26 38.72 23.97 10.37
CA ASP A 26 37.53 23.21 10.71
C ASP A 26 37.77 22.34 11.94
N LEU A 27 37.19 22.71 13.07
CA LEU A 27 37.34 21.96 14.31
C LEU A 27 36.61 20.61 14.21
N ALA A 28 35.42 20.65 13.60
CA ALA A 28 34.61 19.45 13.44
C ALA A 28 34.12 19.30 12.01
N CYS A 29 34.65 18.30 11.31
CA CYS A 29 34.25 18.05 9.93
C CYS A 29 32.79 17.60 9.87
N LYS A 30 32.41 16.76 10.82
CA LYS A 30 31.03 16.25 10.89
C LYS A 30 30.02 17.37 11.05
N LEU A 31 30.37 18.37 11.87
CA LEU A 31 29.49 19.50 12.12
C LEU A 31 29.17 20.27 10.85
N ARG A 32 30.18 20.46 10.01
CA ARG A 32 30.01 21.18 8.76
C ARG A 32 29.92 20.23 7.57
N PHE A 33 29.02 20.53 6.64
CA PHE A 33 28.84 19.70 5.46
C PHE A 33 29.25 20.46 4.20
N TYR A 34 29.91 19.76 3.28
CA TYR A 34 30.37 20.38 2.04
C TYR A 34 29.18 20.93 1.25
N ASP A 35 28.08 20.18 1.23
CA ASP A 35 26.89 20.62 0.53
C ASP A 35 25.80 21.04 1.51
N ASP A 36 25.53 22.34 1.56
CA ASP A 36 24.52 22.88 2.47
C ASP A 36 23.21 23.20 1.75
N TRP A 37 23.15 22.97 0.45
CA TRP A 37 21.94 23.25 -0.32
C TRP A 37 21.59 22.08 -1.23
N ALA A 38 22.04 20.88 -0.86
CA ALA A 38 21.76 19.69 -1.63
C ALA A 38 20.62 18.89 -1.02
N PRO A 39 19.61 18.51 -1.82
CA PRO A 39 18.48 17.75 -1.32
C PRO A 39 18.88 16.33 -0.96
N GLU A 40 18.19 15.75 0.02
CA GLU A 40 18.47 14.39 0.44
C GLU A 40 17.17 13.60 0.52
N TYR A 41 16.83 12.94 -0.59
CA TYR A 41 15.62 12.14 -0.66
C TYR A 41 15.95 10.66 -0.65
N ASP A 42 17.16 10.34 -0.16
CA ASP A 42 17.59 8.95 -0.04
C ASP A 42 16.81 8.28 1.09
N GLN A 43 16.65 9.05 2.18
CA GLN A 43 15.95 8.59 3.36
C GLN A 43 14.43 8.59 3.17
N ASP A 44 13.98 8.67 1.92
CA ASP A 44 12.54 8.65 1.62
C ASP A 44 12.24 7.67 0.48
N VAL A 45 13.24 6.86 0.11
CA VAL A 45 13.08 5.90 -0.98
C VAL A 45 11.98 4.89 -0.70
N ALA A 46 11.93 4.40 0.53
CA ALA A 46 10.93 3.41 0.92
C ALA A 46 9.52 3.95 0.69
N ALA A 47 9.27 5.16 1.17
CA ALA A 47 7.96 5.78 1.02
C ALA A 47 7.69 6.13 -0.45
N LEU A 48 8.72 6.62 -1.13
CA LEU A 48 8.58 7.01 -2.54
C LEU A 48 8.17 5.83 -3.40
N LYS A 49 8.84 4.70 -3.25
CA LYS A 49 8.53 3.50 -4.03
C LYS A 49 7.10 3.03 -3.73
N TYR A 50 6.35 2.73 -4.78
CA TYR A 50 4.98 2.27 -4.62
C TYR A 50 4.60 1.30 -5.74
N ARG A 51 3.57 0.48 -5.48
CA ARG A 51 3.10 -0.49 -6.45
C ARG A 51 1.63 -0.27 -6.81
N ALA A 52 1.22 0.99 -6.77
CA ALA A 52 -0.15 1.39 -7.13
C ALA A 52 -0.12 2.42 -8.26
N PRO A 53 0.56 2.12 -9.37
CA PRO A 53 0.66 3.02 -10.50
C PRO A 53 -0.41 2.78 -11.55
N ARG A 54 -0.19 3.35 -12.72
CA ARG A 54 -1.11 3.20 -13.84
C ARG A 54 -1.24 1.73 -14.22
N LEU A 55 -0.21 0.95 -13.92
CA LEU A 55 -0.21 -0.47 -14.23
C LEU A 55 -1.37 -1.17 -13.52
N ALA A 56 -1.63 -0.77 -12.28
CA ALA A 56 -2.72 -1.37 -11.52
C ALA A 56 -4.07 -0.97 -12.12
N VAL A 57 -4.36 0.34 -12.12
CA VAL A 57 -5.63 0.84 -12.62
C VAL A 57 -5.89 0.44 -14.07
N ASP A 58 -4.86 0.43 -14.91
CA ASP A 58 -5.05 0.04 -16.31
C ASP A 58 -5.59 -1.37 -16.39
N CYS A 59 -4.99 -2.26 -15.61
CA CYS A 59 -5.42 -3.66 -15.55
C CYS A 59 -6.86 -3.75 -15.06
N LEU A 60 -7.18 -2.90 -14.10
CA LEU A 60 -8.51 -2.89 -13.50
C LEU A 60 -9.55 -2.60 -14.56
N SER A 61 -9.32 -1.55 -15.33
CA SER A 61 -10.21 -1.16 -16.41
C SER A 61 -10.34 -2.28 -17.44
N ARG A 62 -9.24 -3.00 -17.63
CA ARG A 62 -9.20 -4.10 -18.59
C ARG A 62 -10.23 -5.17 -18.23
N ALA A 63 -10.38 -5.41 -16.93
CA ALA A 63 -11.35 -6.40 -16.45
C ALA A 63 -12.62 -5.73 -15.93
N PHE A 64 -12.69 -4.40 -16.09
CA PHE A 64 -13.84 -3.64 -15.64
C PHE A 64 -14.71 -3.25 -16.81
N ARG A 65 -15.89 -3.87 -16.94
CA ARG A 65 -16.79 -3.56 -18.05
C ARG A 65 -17.83 -2.53 -17.64
N GLY A 66 -17.79 -2.11 -16.37
CA GLY A 66 -18.73 -1.12 -15.89
C GLY A 66 -18.32 0.26 -16.30
N SER A 67 -19.05 1.26 -15.81
CA SER A 67 -18.73 2.64 -16.16
C SER A 67 -17.95 3.33 -15.04
N PRO A 68 -16.64 3.52 -15.23
CA PRO A 68 -15.78 4.17 -14.23
C PRO A 68 -16.11 5.66 -14.10
N HIS A 69 -16.98 6.17 -14.96
CA HIS A 69 -17.39 7.56 -14.90
C HIS A 69 -18.44 7.74 -13.82
N ASP A 70 -19.47 6.88 -13.87
CA ASP A 70 -20.54 6.93 -12.88
C ASP A 70 -20.24 5.96 -11.74
N ALA A 71 -19.04 5.37 -11.79
CA ALA A 71 -18.61 4.43 -10.76
C ALA A 71 -17.91 5.18 -9.64
N LEU A 72 -17.95 4.62 -8.44
CA LEU A 72 -17.31 5.24 -7.29
C LEU A 72 -16.02 4.48 -6.93
N ILE A 73 -14.95 5.22 -6.71
CA ILE A 73 -13.66 4.63 -6.36
C ILE A 73 -13.17 5.12 -5.00
N LEU A 74 -12.59 4.23 -4.20
CA LEU A 74 -12.13 4.62 -2.86
C LEU A 74 -10.60 4.73 -2.78
N ASP A 75 -10.14 5.85 -2.22
CA ASP A 75 -8.70 6.10 -2.09
C ASP A 75 -8.32 6.55 -0.66
N VAL A 76 -7.24 5.95 -0.14
CA VAL A 76 -6.75 6.21 1.22
C VAL A 76 -6.24 7.64 1.44
N ALA A 77 -5.47 7.81 2.53
CA ALA A 77 -4.89 9.08 2.95
C ALA A 77 -3.42 9.21 2.53
N CYS A 78 -3.06 8.57 1.43
CA CYS A 78 -1.67 8.59 0.96
C CYS A 78 -1.40 9.72 -0.02
N GLY A 79 -2.23 10.76 0.00
CA GLY A 79 -2.03 11.85 -0.94
C GLY A 79 -2.18 11.38 -2.37
N THR A 80 -2.80 10.21 -2.50
CA THR A 80 -3.02 9.57 -3.79
C THR A 80 -3.88 10.42 -4.73
N GLY A 81 -3.76 11.74 -4.62
CA GLY A 81 -4.50 12.63 -5.47
C GLY A 81 -4.15 12.42 -6.93
N LEU A 82 -2.89 12.06 -7.19
CA LEU A 82 -2.45 11.81 -8.55
C LEU A 82 -3.28 10.70 -9.15
N VAL A 83 -3.32 9.56 -8.45
CA VAL A 83 -4.08 8.41 -8.92
C VAL A 83 -5.50 8.84 -9.27
N ALA A 84 -6.07 9.71 -8.45
CA ALA A 84 -7.41 10.21 -8.68
C ALA A 84 -7.49 10.92 -10.04
N VAL A 85 -6.41 11.63 -10.39
CA VAL A 85 -6.38 12.35 -11.66
C VAL A 85 -6.35 11.36 -12.82
N GLU A 86 -5.45 10.39 -12.73
CA GLU A 86 -5.34 9.36 -13.75
C GLU A 86 -6.63 8.56 -13.78
N LEU A 87 -7.13 8.24 -12.60
CA LEU A 87 -8.37 7.48 -12.49
C LEU A 87 -9.43 8.14 -13.37
N GLN A 88 -9.56 9.46 -13.27
CA GLN A 88 -10.52 10.19 -14.09
C GLN A 88 -10.18 9.99 -15.56
N ALA A 89 -8.89 10.01 -15.86
CA ALA A 89 -8.42 9.81 -17.22
C ALA A 89 -9.01 8.53 -17.78
N ARG A 90 -8.75 7.42 -17.08
CA ARG A 90 -9.26 6.11 -17.47
C ARG A 90 -10.79 6.05 -17.34
N GLY A 91 -11.39 7.16 -16.94
CA GLY A 91 -12.84 7.24 -16.79
C GLY A 91 -13.30 7.19 -15.35
N PHE A 92 -12.40 6.81 -14.44
CA PHE A 92 -12.72 6.75 -13.03
C PHE A 92 -12.81 8.16 -12.46
N LEU A 93 -13.87 8.86 -12.85
CA LEU A 93 -14.09 10.22 -12.41
C LEU A 93 -14.47 10.34 -10.94
N GLN A 94 -15.29 9.41 -10.46
CA GLN A 94 -15.74 9.47 -9.08
C GLN A 94 -14.82 8.71 -8.14
N VAL A 95 -14.21 9.44 -7.22
CA VAL A 95 -13.31 8.83 -6.24
C VAL A 95 -13.52 9.40 -4.85
N GLN A 96 -13.85 8.53 -3.91
CA GLN A 96 -14.05 8.92 -2.52
C GLN A 96 -12.94 8.31 -1.69
N GLY A 97 -12.57 8.95 -0.59
CA GLY A 97 -11.50 8.40 0.23
C GLY A 97 -11.34 9.21 1.49
N VAL A 98 -10.28 8.95 2.23
CA VAL A 98 -10.04 9.71 3.46
C VAL A 98 -8.56 9.99 3.66
N ASP A 99 -8.25 11.21 4.06
CA ASP A 99 -6.88 11.61 4.30
C ASP A 99 -6.68 11.90 5.78
N GLY A 100 -5.43 11.87 6.26
CA GLY A 100 -5.18 12.13 7.66
C GLY A 100 -4.23 13.30 7.86
N SER A 101 -4.03 14.07 6.79
CA SER A 101 -3.16 15.22 6.82
C SER A 101 -3.86 16.41 6.16
N PRO A 102 -4.19 17.46 6.93
CA PRO A 102 -4.88 18.62 6.38
C PRO A 102 -4.20 19.16 5.12
N GLU A 103 -2.88 19.17 5.12
CA GLU A 103 -2.14 19.65 3.95
C GLU A 103 -2.42 18.78 2.72
N MET A 104 -2.28 17.47 2.86
CA MET A 104 -2.53 16.54 1.76
C MET A 104 -4.01 16.47 1.42
N LEU A 105 -4.86 16.49 2.45
CA LEU A 105 -6.30 16.40 2.26
C LEU A 105 -6.81 17.56 1.42
N LYS A 106 -6.43 18.77 1.79
CA LYS A 106 -6.86 19.95 1.05
C LYS A 106 -6.38 19.87 -0.39
N GLN A 107 -5.15 19.40 -0.55
CA GLN A 107 -4.58 19.26 -1.89
C GLN A 107 -5.45 18.32 -2.73
N ALA A 108 -5.61 17.09 -2.25
CA ALA A 108 -6.42 16.09 -2.94
C ALA A 108 -7.88 16.56 -3.05
N ARG A 109 -8.39 17.17 -1.99
CA ARG A 109 -9.77 17.65 -1.99
C ARG A 109 -9.94 18.81 -2.97
N ALA A 110 -9.15 19.87 -2.77
CA ALA A 110 -9.21 21.04 -3.63
C ALA A 110 -9.05 20.66 -5.09
N ARG A 111 -8.46 19.49 -5.33
CA ARG A 111 -8.25 18.98 -6.67
C ARG A 111 -9.59 18.82 -7.38
N GLY A 112 -10.58 18.34 -6.63
CA GLY A 112 -11.92 18.14 -7.19
C GLY A 112 -12.09 16.75 -7.78
N LEU A 113 -11.05 15.93 -7.63
CA LEU A 113 -11.08 14.56 -8.12
C LEU A 113 -11.89 13.67 -7.18
N TYR A 114 -11.74 13.92 -5.88
CA TYR A 114 -12.42 13.12 -4.88
C TYR A 114 -13.81 13.64 -4.56
N HIS A 115 -14.80 12.78 -4.73
CA HIS A 115 -16.19 13.13 -4.44
C HIS A 115 -16.36 13.51 -2.97
N HIS A 116 -15.80 12.70 -2.09
CA HIS A 116 -15.90 12.97 -0.66
C HIS A 116 -14.63 12.53 0.08
N LEU A 117 -13.99 13.49 0.74
CA LEU A 117 -12.78 13.20 1.51
C LEU A 117 -12.98 13.61 2.95
N SER A 118 -12.45 12.81 3.87
CA SER A 118 -12.59 13.09 5.29
C SER A 118 -11.38 12.60 6.08
N LEU A 119 -11.31 13.00 7.35
CA LEU A 119 -10.22 12.60 8.22
C LEU A 119 -10.51 11.26 8.87
N CYS A 120 -9.70 10.27 8.56
CA CYS A 120 -9.89 8.94 9.11
C CYS A 120 -8.55 8.23 9.26
N THR A 121 -8.49 7.35 10.26
CA THR A 121 -7.32 6.54 10.49
C THR A 121 -7.79 5.11 10.61
N LEU A 122 -7.59 4.36 9.53
CA LEU A 122 -8.04 2.97 9.45
C LEU A 122 -7.91 2.22 10.76
N GLY A 123 -9.01 1.58 11.16
CA GLY A 123 -9.04 0.84 12.40
C GLY A 123 -9.69 1.62 13.52
N GLN A 124 -9.67 2.94 13.40
CA GLN A 124 -10.26 3.82 14.40
C GLN A 124 -11.76 3.55 14.52
N GLU A 125 -12.42 3.49 13.37
CA GLU A 125 -13.85 3.26 13.29
C GLU A 125 -14.23 2.74 11.91
N PRO A 126 -15.45 2.20 11.74
CA PRO A 126 -15.88 1.70 10.44
C PRO A 126 -15.88 2.82 9.40
N LEU A 127 -15.65 2.46 8.14
CA LEU A 127 -15.58 3.45 7.06
C LEU A 127 -16.89 4.20 6.87
N PRO A 128 -16.79 5.42 6.29
CA PRO A 128 -17.95 6.27 6.03
C PRO A 128 -18.69 5.87 4.76
N ASP A 129 -18.20 4.82 4.08
CA ASP A 129 -18.83 4.35 2.86
C ASP A 129 -19.65 3.08 3.12
N PRO A 130 -20.93 3.08 2.70
CA PRO A 130 -21.81 1.93 2.89
C PRO A 130 -21.51 0.79 1.90
N GLU A 131 -22.17 -0.34 2.12
CA GLU A 131 -21.98 -1.52 1.28
C GLU A 131 -22.38 -1.25 -0.16
N GLY A 132 -21.73 -1.93 -1.10
CA GLY A 132 -22.04 -1.76 -2.51
C GLY A 132 -22.16 -0.30 -2.92
N THR A 133 -21.44 0.56 -2.21
CA THR A 133 -21.47 1.99 -2.50
C THR A 133 -20.54 2.36 -3.66
N PHE A 134 -19.32 1.84 -3.63
CA PHE A 134 -18.33 2.17 -4.66
C PHE A 134 -18.06 1.01 -5.60
N ASP A 135 -17.98 1.34 -6.89
CA ASP A 135 -17.72 0.34 -7.92
C ASP A 135 -16.35 -0.30 -7.73
N ALA A 136 -15.35 0.52 -7.36
CA ALA A 136 -14.00 0.01 -7.18
C ALA A 136 -13.24 0.78 -6.11
N VAL A 137 -12.12 0.22 -5.68
CA VAL A 137 -11.26 0.83 -4.66
C VAL A 137 -9.79 0.58 -4.98
N ILE A 138 -8.92 1.54 -4.69
CA ILE A 138 -7.49 1.36 -4.96
C ILE A 138 -6.62 1.96 -3.85
N ILE A 139 -5.83 1.12 -3.19
CA ILE A 139 -4.94 1.59 -2.12
C ILE A 139 -3.76 0.66 -1.92
N VAL A 140 -2.56 1.18 -2.16
CA VAL A 140 -1.34 0.41 -2.01
C VAL A 140 -0.40 1.02 -0.98
N GLY A 141 0.07 0.21 -0.03
CA GLY A 141 1.01 0.69 0.96
C GLY A 141 0.46 0.73 2.36
N ALA A 142 -0.76 1.21 2.52
CA ALA A 142 -1.36 1.30 3.86
C ALA A 142 -1.47 -0.07 4.51
N LEU A 143 -2.02 -1.02 3.78
CA LEU A 143 -2.17 -2.38 4.30
C LEU A 143 -0.81 -2.99 4.63
N SER A 144 0.17 -2.74 3.76
CA SER A 144 1.52 -3.26 3.97
C SER A 144 2.09 -2.72 5.27
N GLU A 145 1.81 -1.45 5.53
CA GLU A 145 2.26 -0.79 6.75
C GLU A 145 1.18 -0.88 7.82
N GLY A 146 1.42 -0.25 8.97
CA GLY A 146 0.45 -0.27 10.05
C GLY A 146 -0.80 0.52 9.73
N GLN A 147 -1.31 0.39 8.51
CA GLN A 147 -2.52 1.10 8.10
C GLN A 147 -3.54 0.14 7.53
N VAL A 148 -4.81 0.56 7.50
CA VAL A 148 -5.91 -0.27 6.99
C VAL A 148 -5.84 -1.66 7.61
N PRO A 149 -6.26 -1.80 8.87
CA PRO A 149 -6.23 -3.09 9.58
C PRO A 149 -7.09 -4.16 8.90
N CYS A 150 -6.67 -5.40 9.05
CA CYS A 150 -7.36 -6.54 8.42
C CYS A 150 -8.87 -6.49 8.66
N SER A 151 -9.29 -5.92 9.79
CA SER A 151 -10.71 -5.82 10.09
C SER A 151 -11.41 -4.83 9.17
N ALA A 152 -10.73 -3.72 8.89
CA ALA A 152 -11.27 -2.66 8.03
C ALA A 152 -11.36 -3.09 6.56
N ILE A 153 -10.41 -3.91 6.12
CA ILE A 153 -10.35 -4.35 4.72
C ILE A 153 -11.69 -4.85 4.20
N PRO A 154 -12.36 -5.76 4.92
CA PRO A 154 -13.65 -6.32 4.47
C PRO A 154 -14.70 -5.23 4.22
N GLU A 155 -14.57 -4.09 4.90
CA GLU A 155 -15.48 -2.97 4.67
C GLU A 155 -15.21 -2.38 3.29
N LEU A 156 -13.93 -2.30 2.95
CA LEU A 156 -13.49 -1.75 1.67
C LEU A 156 -14.07 -2.58 0.52
N LEU A 157 -13.94 -3.89 0.63
CA LEU A 157 -14.47 -4.80 -0.37
C LEU A 157 -15.99 -4.88 -0.28
N ARG A 158 -16.47 -4.87 0.96
CA ARG A 158 -17.90 -4.97 1.24
C ARG A 158 -18.64 -3.79 0.60
N VAL A 159 -18.05 -2.59 0.70
CA VAL A 159 -18.65 -1.41 0.11
C VAL A 159 -18.50 -1.40 -1.41
N THR A 160 -17.60 -2.23 -1.93
CA THR A 160 -17.37 -2.32 -3.36
C THR A 160 -18.52 -3.04 -4.05
N LYS A 161 -19.07 -2.44 -5.11
CA LYS A 161 -20.20 -3.03 -5.83
C LYS A 161 -19.80 -4.29 -6.60
N PRO A 162 -20.79 -5.15 -6.92
CA PRO A 162 -20.55 -6.40 -7.66
C PRO A 162 -19.94 -6.14 -9.03
N GLY A 163 -18.99 -6.98 -9.41
CA GLY A 163 -18.30 -6.81 -10.66
C GLY A 163 -17.25 -5.73 -10.55
N GLY A 164 -17.25 -5.03 -9.40
CA GLY A 164 -16.31 -3.98 -9.15
C GLY A 164 -14.89 -4.49 -9.15
N LEU A 165 -13.94 -3.60 -8.92
CA LEU A 165 -12.54 -3.99 -8.91
C LEU A 165 -11.81 -3.39 -7.72
N VAL A 166 -11.16 -4.25 -6.93
CA VAL A 166 -10.42 -3.80 -5.77
C VAL A 166 -8.92 -3.97 -6.01
N CYS A 167 -8.17 -2.88 -5.87
CA CYS A 167 -6.73 -2.91 -6.11
C CYS A 167 -5.94 -2.44 -4.88
N LEU A 168 -5.43 -3.38 -4.10
CA LEU A 168 -4.69 -3.03 -2.89
C LEU A 168 -3.48 -3.93 -2.64
N THR A 169 -2.59 -3.49 -1.75
CA THR A 169 -1.42 -4.26 -1.36
C THR A 169 -1.47 -4.58 0.10
N THR A 170 -0.93 -5.73 0.48
CA THR A 170 -0.91 -6.13 1.87
C THR A 170 0.31 -6.98 2.16
N ARG A 171 0.66 -7.07 3.43
CA ARG A 171 1.80 -7.87 3.82
C ARG A 171 1.56 -9.32 3.40
N THR A 172 2.16 -9.72 2.29
CA THR A 172 1.99 -11.08 1.79
C THR A 172 2.77 -12.07 2.65
N ASN A 173 3.02 -11.68 3.91
CA ASN A 173 3.73 -12.54 4.87
C ASN A 173 5.24 -12.47 4.69
N PRO A 174 5.86 -11.31 4.94
CA PRO A 174 7.32 -11.16 4.84
C PRO A 174 8.00 -12.10 5.82
N SER A 175 8.97 -12.88 5.34
CA SER A 175 9.66 -13.83 6.20
C SER A 175 8.65 -14.64 7.00
N ASN A 176 7.46 -14.80 6.44
CA ASN A 176 6.37 -15.52 7.07
C ASN A 176 5.64 -16.37 6.03
N LEU A 177 6.43 -17.13 5.28
CA LEU A 177 5.92 -17.99 4.21
C LEU A 177 4.77 -18.89 4.69
N PRO A 178 4.89 -19.52 5.88
CA PRO A 178 3.83 -20.39 6.40
C PRO A 178 2.51 -19.64 6.58
N TYR A 179 2.61 -18.35 6.87
CA TYR A 179 1.44 -17.51 7.04
C TYR A 179 0.73 -17.29 5.70
N LYS A 180 1.49 -17.46 4.62
CA LYS A 180 0.96 -17.26 3.26
C LYS A 180 -0.20 -18.20 2.95
N GLU A 181 -0.11 -19.45 3.41
CA GLU A 181 -1.19 -20.41 3.17
C GLU A 181 -2.50 -19.92 3.78
N THR A 182 -2.41 -19.31 4.96
CA THR A 182 -3.59 -18.78 5.65
C THR A 182 -4.17 -17.57 4.91
N LEU A 183 -3.32 -16.86 4.18
CA LEU A 183 -3.75 -15.72 3.39
C LEU A 183 -4.53 -16.23 2.18
N GLU A 184 -3.86 -17.08 1.41
CA GLU A 184 -4.40 -17.65 0.19
C GLU A 184 -5.68 -18.43 0.46
N ALA A 185 -5.74 -19.15 1.57
CA ALA A 185 -6.92 -19.92 1.90
C ALA A 185 -8.12 -19.00 2.14
N THR A 186 -7.88 -17.88 2.81
CA THR A 186 -8.94 -16.92 3.10
C THR A 186 -9.52 -16.34 1.82
N LEU A 187 -8.64 -16.02 0.86
CA LEU A 187 -9.08 -15.48 -0.41
C LEU A 187 -9.92 -16.49 -1.17
N ASP A 188 -9.46 -17.73 -1.17
CA ASP A 188 -10.13 -18.80 -1.88
C ASP A 188 -11.56 -19.01 -1.37
N SER A 189 -11.74 -19.06 -0.06
CA SER A 189 -13.08 -19.24 0.50
C SER A 189 -13.98 -18.08 0.06
N LEU A 190 -13.43 -16.88 0.08
CA LEU A 190 -14.16 -15.69 -0.31
C LEU A 190 -14.55 -15.77 -1.80
N GLU A 191 -13.65 -16.32 -2.61
CA GLU A 191 -13.92 -16.48 -4.04
C GLU A 191 -15.01 -17.53 -4.22
N ARG A 192 -14.83 -18.66 -3.55
CA ARG A 192 -15.78 -19.77 -3.62
C ARG A 192 -17.16 -19.36 -3.15
N ALA A 193 -17.20 -18.55 -2.08
CA ALA A 193 -18.46 -18.08 -1.53
C ALA A 193 -19.15 -17.10 -2.47
N GLY A 194 -18.39 -16.58 -3.43
CA GLY A 194 -18.95 -15.64 -4.38
C GLY A 194 -18.89 -14.20 -3.90
N VAL A 195 -18.22 -13.97 -2.79
CA VAL A 195 -18.10 -12.63 -2.22
C VAL A 195 -17.19 -11.73 -3.05
N TRP A 196 -16.20 -12.32 -3.74
CA TRP A 196 -15.29 -11.55 -4.57
C TRP A 196 -14.41 -12.51 -5.39
N GLU A 197 -13.68 -11.97 -6.35
CA GLU A 197 -12.80 -12.79 -7.18
C GLU A 197 -11.47 -12.08 -7.44
N CYS A 198 -10.48 -12.83 -7.89
CA CYS A 198 -9.18 -12.26 -8.20
C CYS A 198 -8.93 -12.46 -9.69
N LEU A 199 -8.13 -11.60 -10.28
CA LEU A 199 -7.82 -11.72 -11.70
C LEU A 199 -6.32 -11.53 -11.92
N VAL A 200 -5.88 -10.28 -11.81
CA VAL A 200 -4.48 -9.95 -12.02
C VAL A 200 -3.83 -9.41 -10.75
N THR A 201 -2.60 -9.82 -10.52
CA THR A 201 -1.84 -9.38 -9.36
C THR A 201 -0.46 -8.88 -9.81
N GLN A 202 -0.13 -7.63 -9.50
CA GLN A 202 1.17 -7.10 -9.88
C GLN A 202 2.21 -7.53 -8.86
N PRO A 203 3.20 -8.34 -9.28
CA PRO A 203 4.24 -8.86 -8.40
C PRO A 203 5.19 -7.78 -7.87
N VAL A 204 5.42 -7.82 -6.55
CA VAL A 204 6.29 -6.85 -5.87
C VAL A 204 7.45 -6.41 -6.78
N ASP A 205 7.67 -5.10 -6.85
CA ASP A 205 8.72 -4.53 -7.68
C ASP A 205 10.12 -4.85 -7.15
N HIS A 206 10.20 -5.33 -5.92
CA HIS A 206 11.48 -5.65 -5.30
C HIS A 206 12.33 -6.52 -6.22
N TRP A 207 11.67 -7.33 -7.04
CA TRP A 207 12.36 -8.21 -7.99
C TRP A 207 13.35 -9.13 -7.30
N GLU A 208 12.98 -9.66 -6.14
CA GLU A 208 13.85 -10.58 -5.40
C GLU A 208 13.78 -11.97 -6.01
N LEU A 209 14.79 -12.77 -5.73
CA LEU A 209 14.83 -14.15 -6.22
C LEU A 209 13.58 -14.88 -5.74
N ALA A 210 13.19 -14.56 -4.53
CA ALA A 210 12.01 -15.14 -3.90
C ALA A 210 10.75 -14.83 -4.71
N THR A 211 10.76 -13.72 -5.45
CA THR A 211 9.61 -13.32 -6.24
C THR A 211 9.25 -14.38 -7.29
N SER A 212 7.96 -14.61 -7.47
CA SER A 212 7.48 -15.59 -8.43
C SER A 212 8.03 -15.32 -9.83
N GLU A 213 8.35 -14.05 -10.10
CA GLU A 213 8.89 -13.66 -11.39
C GLU A 213 10.19 -14.39 -11.68
N GLN A 214 10.36 -14.81 -12.93
CA GLN A 214 11.57 -15.52 -13.34
C GLN A 214 12.49 -14.60 -14.12
N GLU A 215 13.79 -14.71 -13.86
CA GLU A 215 14.78 -13.89 -14.53
C GLU A 215 15.67 -14.73 -15.43
N THR A 216 16.18 -14.13 -16.49
CA THR A 216 17.04 -14.84 -17.44
C THR A 216 18.28 -15.37 -16.73
N GLY A 217 18.84 -14.57 -15.83
CA GLY A 217 20.03 -14.99 -15.10
C GLY A 217 19.70 -15.87 -13.91
N LEU A 218 19.16 -15.28 -12.86
CA LEU A 218 18.81 -16.00 -11.65
C LEU A 218 17.47 -16.73 -11.81
N GLY A 219 17.24 -17.73 -10.96
CA GLY A 219 16.01 -18.48 -11.01
C GLY A 219 16.22 -19.97 -11.22
N THR A 220 17.28 -20.33 -11.93
CA THR A 220 17.59 -21.73 -12.19
C THR A 220 17.80 -22.49 -10.89
N CYS A 221 18.56 -21.89 -9.97
CA CYS A 221 18.83 -22.54 -8.69
C CYS A 221 17.56 -22.79 -7.90
N ALA A 222 16.72 -21.75 -7.78
CA ALA A 222 15.45 -21.83 -7.06
C ALA A 222 14.96 -20.43 -6.68
N ASN A 223 14.07 -20.36 -5.70
CA ASN A 223 13.55 -19.09 -5.21
C ASN A 223 13.86 -18.93 -3.73
N ASP A 224 14.14 -17.71 -3.32
CA ASP A 224 14.45 -17.43 -1.92
C ASP A 224 13.29 -17.84 -1.01
N GLY A 225 12.06 -17.56 -1.45
CA GLY A 225 10.89 -17.90 -0.67
C GLY A 225 10.50 -16.81 0.30
N PHE A 226 10.18 -15.63 -0.23
CA PHE A 226 9.80 -14.48 0.58
C PHE A 226 8.61 -13.78 -0.05
N ILE A 227 7.71 -13.27 0.77
CA ILE A 227 6.53 -12.58 0.26
C ILE A 227 6.26 -11.30 1.07
N SER A 228 6.22 -10.16 0.38
CA SER A 228 5.96 -8.90 1.07
C SER A 228 5.27 -7.87 0.16
N GLY A 229 4.24 -7.22 0.72
CA GLY A 229 3.50 -6.20 0.02
C GLY A 229 3.31 -6.44 -1.47
N ILE A 230 2.12 -6.87 -1.87
CA ILE A 230 1.81 -7.10 -3.27
C ILE A 230 0.52 -6.41 -3.67
N ILE A 231 0.56 -5.64 -4.75
CA ILE A 231 -0.62 -4.97 -5.26
C ILE A 231 -1.32 -5.92 -6.20
N TYR A 232 -2.63 -6.00 -6.19
CA TYR A 232 -3.31 -6.93 -7.06
C TYR A 232 -4.77 -6.54 -7.27
N LEU A 233 -5.32 -7.03 -8.37
CA LEU A 233 -6.70 -6.75 -8.72
C LEU A 233 -7.64 -7.83 -8.20
N TYR A 234 -8.85 -7.40 -7.87
CA TYR A 234 -9.89 -8.30 -7.38
C TYR A 234 -11.25 -7.82 -7.85
N ARG A 235 -12.11 -8.76 -8.21
CA ARG A 235 -13.45 -8.41 -8.63
C ARG A 235 -14.38 -8.47 -7.42
N LYS A 236 -15.60 -8.00 -7.58
CA LYS A 236 -16.55 -8.00 -6.48
C LYS A 236 -17.76 -8.87 -6.80
N GLN A 237 -18.03 -9.81 -5.91
CA GLN A 237 -19.13 -10.74 -6.11
C GLN A 237 -18.82 -11.67 -7.28
N GLU A 238 -18.09 -12.73 -6.97
CA GLU A 238 -17.73 -13.73 -7.97
C GLU A 238 -17.33 -15.06 -7.38
N THR A 239 -17.74 -16.11 -8.07
CA THR A 239 -17.45 -17.48 -7.67
C THR A 239 -16.03 -17.85 -8.10
N VAL A 240 -15.34 -18.62 -7.27
CA VAL A 240 -13.96 -19.04 -7.55
C VAL A 240 -13.15 -17.94 -8.20
N GLY A 1 14.74 -10.93 31.13
CA GLY A 1 15.78 -10.50 32.11
C GLY A 1 15.64 -9.04 32.49
N ALA A 2 16.72 -8.28 32.36
CA ALA A 2 16.72 -6.86 32.69
C ALA A 2 17.67 -6.09 31.80
N MET A 3 17.45 -4.77 31.70
CA MET A 3 18.28 -3.92 30.86
C MET A 3 19.74 -3.96 31.31
N ALA A 4 19.97 -3.97 32.63
CA ALA A 4 21.33 -4.02 33.16
C ALA A 4 21.97 -5.38 32.86
N GLN A 5 21.31 -6.43 33.35
CA GLN A 5 21.80 -7.78 33.17
C GLN A 5 22.05 -8.08 31.68
N GLU A 6 21.08 -7.78 30.85
CA GLU A 6 21.23 -8.01 29.41
C GLU A 6 21.09 -6.69 28.63
N GLU A 7 22.21 -5.97 28.51
CA GLU A 7 22.20 -4.70 27.78
C GLU A 7 22.02 -4.92 26.29
N ALA A 8 22.66 -5.96 25.78
CA ALA A 8 22.58 -6.28 24.35
C ALA A 8 21.13 -6.58 23.95
N GLY A 9 20.31 -6.95 24.91
CA GLY A 9 18.91 -7.26 24.62
C GLY A 9 17.97 -6.15 25.06
N ARG A 10 18.35 -4.91 24.79
CA ARG A 10 17.52 -3.76 25.15
C ARG A 10 16.70 -3.26 23.97
N LEU A 11 15.39 -3.19 24.17
CA LEU A 11 14.48 -2.72 23.14
C LEU A 11 14.94 -1.38 22.54
N PRO A 12 15.26 -0.39 23.39
CA PRO A 12 15.70 0.93 22.92
C PRO A 12 16.99 0.86 22.13
N GLN A 13 17.14 1.79 21.18
CA GLN A 13 18.33 1.87 20.32
C GLN A 13 18.00 2.72 19.10
N VAL A 14 18.51 3.95 19.07
CA VAL A 14 18.28 4.84 17.93
C VAL A 14 19.54 5.62 17.58
N LEU A 15 19.84 5.69 16.29
CA LEU A 15 21.02 6.41 15.82
C LEU A 15 20.81 7.93 15.84
N ALA A 16 19.81 8.36 15.08
CA ALA A 16 19.51 9.79 14.94
C ALA A 16 19.24 10.47 16.29
N ARG A 17 18.51 9.80 17.18
CA ARG A 17 18.20 10.39 18.48
C ARG A 17 19.48 10.70 19.26
N VAL A 18 19.49 11.86 19.91
CA VAL A 18 20.64 12.30 20.68
C VAL A 18 20.95 11.31 21.81
N GLY A 19 19.93 10.95 22.57
CA GLY A 19 20.08 10.02 23.71
C GLY A 19 21.44 9.36 23.82
N THR A 20 22.46 10.17 24.17
CA THR A 20 23.82 9.66 24.31
C THR A 20 24.36 9.90 25.71
N SER A 21 24.90 8.84 26.32
CA SER A 21 25.46 8.95 27.67
C SER A 21 27.00 8.90 27.64
N HIS A 22 27.57 8.88 26.42
CA HIS A 22 29.02 8.82 26.26
C HIS A 22 29.71 10.02 26.92
N GLY A 23 29.10 11.20 26.79
CA GLY A 23 29.68 12.40 27.38
C GLY A 23 30.49 13.20 26.39
N ILE A 24 31.27 12.51 25.56
CA ILE A 24 32.10 13.17 24.56
C ILE A 24 31.22 13.86 23.52
N THR A 25 30.13 13.21 23.14
CA THR A 25 29.22 13.77 22.15
C THR A 25 28.48 14.99 22.69
N ASP A 26 28.63 15.27 23.99
CA ASP A 26 27.99 16.42 24.60
C ASP A 26 28.60 17.72 24.08
N LEU A 27 29.92 17.73 23.92
CA LEU A 27 30.63 18.91 23.45
C LEU A 27 30.15 19.33 22.07
N ALA A 28 29.67 18.37 21.28
CA ALA A 28 29.18 18.66 19.95
C ALA A 28 28.05 19.68 20.00
N CYS A 29 28.05 20.61 19.06
CA CYS A 29 27.02 21.64 19.00
C CYS A 29 26.28 21.60 17.67
N LYS A 30 24.98 21.40 17.74
CA LYS A 30 24.14 21.35 16.54
C LYS A 30 22.70 21.70 16.86
N LEU A 31 21.98 22.23 15.88
CA LEU A 31 20.58 22.63 16.07
C LEU A 31 19.66 21.42 16.23
N ARG A 32 19.89 20.40 15.41
CA ARG A 32 19.09 19.17 15.46
C ARG A 32 17.59 19.45 15.44
N PHE A 33 17.16 20.42 14.64
CA PHE A 33 15.73 20.73 14.57
C PHE A 33 14.96 19.59 13.91
N TYR A 34 13.79 19.28 14.45
CA TYR A 34 12.96 18.20 13.91
C TYR A 34 11.55 18.70 13.60
N ASP A 35 10.93 18.10 12.58
CA ASP A 35 9.58 18.48 12.19
C ASP A 35 8.77 17.25 11.82
N ASP A 36 7.44 17.37 11.90
CA ASP A 36 6.55 16.28 11.56
C ASP A 36 5.99 16.42 10.14
N TRP A 37 6.29 17.55 9.51
CA TRP A 37 5.82 17.81 8.15
C TRP A 37 6.95 17.63 7.15
N ALA A 38 8.00 16.91 7.56
CA ALA A 38 9.15 16.67 6.71
C ALA A 38 8.72 16.12 5.35
N PRO A 39 9.56 16.31 4.32
CA PRO A 39 9.24 15.83 2.96
C PRO A 39 8.73 14.40 2.94
N GLU A 40 7.70 14.18 2.12
CA GLU A 40 7.08 12.86 1.99
C GLU A 40 8.07 11.82 1.51
N TYR A 41 8.95 12.20 0.59
CA TYR A 41 9.94 11.28 0.02
C TYR A 41 11.14 11.08 0.95
N ASP A 42 11.04 11.57 2.17
CA ASP A 42 12.12 11.42 3.15
C ASP A 42 12.09 10.04 3.81
N GLN A 43 10.88 9.53 4.07
CA GLN A 43 10.73 8.24 4.71
C GLN A 43 11.34 7.12 3.85
N ASP A 44 11.09 7.16 2.55
CA ASP A 44 11.62 6.15 1.63
C ASP A 44 11.63 6.68 0.20
N VAL A 45 12.69 6.37 -0.53
CA VAL A 45 12.80 6.81 -1.92
C VAL A 45 11.75 6.10 -2.78
N ALA A 46 11.61 4.80 -2.57
CA ALA A 46 10.67 3.96 -3.32
C ALA A 46 9.25 4.53 -3.25
N ALA A 47 8.98 5.36 -2.25
CA ALA A 47 7.66 5.97 -2.10
C ALA A 47 7.29 6.79 -3.33
N LEU A 48 8.25 7.51 -3.87
CA LEU A 48 8.03 8.34 -5.05
C LEU A 48 7.58 7.51 -6.24
N LYS A 49 8.29 6.44 -6.52
CA LYS A 49 7.97 5.58 -7.66
C LYS A 49 7.23 4.33 -7.20
N TYR A 50 6.03 4.14 -7.75
CA TYR A 50 5.21 2.98 -7.43
C TYR A 50 4.49 2.47 -8.67
N ARG A 51 4.25 1.18 -8.72
CA ARG A 51 3.59 0.57 -9.86
C ARG A 51 2.24 -0.04 -9.47
N ALA A 52 2.10 -0.40 -8.19
CA ALA A 52 0.87 -1.00 -7.70
C ALA A 52 -0.37 -0.19 -8.11
N PRO A 53 -0.52 1.04 -7.58
CA PRO A 53 -1.68 1.88 -7.91
C PRO A 53 -1.82 2.19 -9.41
N ARG A 54 -0.73 2.67 -10.01
CA ARG A 54 -0.75 3.01 -11.44
C ARG A 54 -1.06 1.80 -12.31
N LEU A 55 -0.42 0.69 -12.02
CA LEU A 55 -0.63 -0.52 -12.79
C LEU A 55 -2.04 -1.04 -12.58
N ALA A 56 -2.51 -0.95 -11.33
CA ALA A 56 -3.84 -1.42 -10.97
C ALA A 56 -4.91 -0.74 -11.81
N VAL A 57 -4.95 0.59 -11.82
CA VAL A 57 -5.99 1.30 -12.55
C VAL A 57 -6.02 0.91 -14.03
N ASP A 58 -4.87 0.78 -14.67
CA ASP A 58 -4.83 0.40 -16.07
C ASP A 58 -5.45 -0.99 -16.24
N CYS A 59 -4.96 -1.95 -15.46
CA CYS A 59 -5.44 -3.32 -15.49
C CYS A 59 -6.88 -3.40 -14.99
N LEU A 60 -7.17 -2.63 -13.95
CA LEU A 60 -8.50 -2.62 -13.36
C LEU A 60 -9.50 -2.19 -14.42
N SER A 61 -9.20 -1.09 -15.09
CA SER A 61 -10.03 -0.57 -16.15
C SER A 61 -10.00 -1.51 -17.36
N ARG A 62 -8.83 -2.07 -17.61
CA ARG A 62 -8.62 -2.98 -18.72
C ARG A 62 -9.54 -4.19 -18.57
N ALA A 63 -9.66 -4.69 -17.35
CA ALA A 63 -10.53 -5.82 -17.07
C ALA A 63 -11.97 -5.35 -16.90
N PHE A 64 -12.10 -4.10 -16.42
CA PHE A 64 -13.40 -3.48 -16.20
C PHE A 64 -14.07 -3.12 -17.52
N ARG A 65 -15.18 -3.79 -17.81
CA ARG A 65 -15.92 -3.56 -19.04
C ARG A 65 -17.25 -2.85 -18.78
N GLY A 66 -17.51 -2.57 -17.50
CA GLY A 66 -18.74 -1.88 -17.15
C GLY A 66 -18.63 -0.39 -17.42
N SER A 67 -19.36 0.41 -16.66
CA SER A 67 -19.32 1.85 -16.84
C SER A 67 -18.30 2.49 -15.90
N PRO A 68 -17.08 2.80 -16.40
CA PRO A 68 -16.04 3.43 -15.59
C PRO A 68 -16.43 4.84 -15.18
N HIS A 69 -17.36 5.43 -15.92
CA HIS A 69 -17.85 6.77 -15.62
C HIS A 69 -18.80 6.71 -14.43
N ASP A 70 -19.62 5.67 -14.40
CA ASP A 70 -20.59 5.47 -13.33
C ASP A 70 -20.00 4.66 -12.19
N ALA A 71 -18.73 4.27 -12.32
CA ALA A 71 -18.05 3.51 -11.28
C ALA A 71 -17.48 4.43 -10.22
N LEU A 72 -17.64 4.07 -8.96
CA LEU A 72 -17.12 4.88 -7.86
C LEU A 72 -15.89 4.21 -7.24
N ILE A 73 -14.81 4.96 -7.09
CA ILE A 73 -13.56 4.42 -6.55
C ILE A 73 -13.12 5.16 -5.29
N LEU A 74 -12.53 4.44 -4.32
CA LEU A 74 -12.10 5.08 -3.08
C LEU A 74 -10.61 4.89 -2.77
N ASP A 75 -9.86 6.00 -2.78
CA ASP A 75 -8.42 5.98 -2.48
C ASP A 75 -8.15 6.66 -1.14
N VAL A 76 -7.32 6.05 -0.30
CA VAL A 76 -7.05 6.63 1.04
C VAL A 76 -5.56 6.77 1.39
N ALA A 77 -5.31 7.69 2.31
CA ALA A 77 -3.98 7.98 2.84
C ALA A 77 -2.90 8.06 1.76
N CYS A 78 -3.30 8.36 0.53
CA CYS A 78 -2.34 8.47 -0.55
C CYS A 78 -2.40 9.83 -1.22
N GLY A 79 -3.22 10.74 -0.68
CA GLY A 79 -3.34 12.08 -1.25
C GLY A 79 -3.55 12.09 -2.76
N THR A 80 -3.63 10.90 -3.36
CA THR A 80 -3.77 10.67 -4.80
C THR A 80 -4.66 11.66 -5.58
N GLY A 81 -4.60 12.95 -5.28
CA GLY A 81 -5.40 13.90 -6.03
C GLY A 81 -5.03 13.82 -7.50
N LEU A 82 -3.74 13.63 -7.74
CA LEU A 82 -3.23 13.50 -9.10
C LEU A 82 -3.88 12.30 -9.80
N VAL A 83 -3.86 11.15 -9.12
CA VAL A 83 -4.41 9.92 -9.68
C VAL A 83 -5.87 10.11 -10.05
N ALA A 84 -6.62 10.81 -9.21
CA ALA A 84 -8.03 11.07 -9.48
C ALA A 84 -8.17 11.77 -10.83
N VAL A 85 -7.16 12.59 -11.16
CA VAL A 85 -7.16 13.30 -12.43
C VAL A 85 -6.99 12.33 -13.59
N GLU A 86 -6.04 11.41 -13.44
CA GLU A 86 -5.80 10.40 -14.47
C GLU A 86 -6.98 9.43 -14.52
N LEU A 87 -7.45 9.05 -13.33
CA LEU A 87 -8.55 8.11 -13.22
C LEU A 87 -9.70 8.50 -14.13
N GLN A 88 -10.05 9.79 -14.18
CA GLN A 88 -11.10 10.23 -15.09
C GLN A 88 -10.70 9.90 -16.52
N ALA A 89 -9.42 10.10 -16.81
CA ALA A 89 -8.87 9.80 -18.13
C ALA A 89 -9.29 8.40 -18.53
N ARG A 90 -8.93 7.41 -17.71
CA ARG A 90 -9.26 6.01 -17.96
C ARG A 90 -10.77 5.76 -17.73
N GLY A 91 -11.54 6.85 -17.74
CA GLY A 91 -12.99 6.77 -17.58
C GLY A 91 -13.45 6.84 -16.14
N PHE A 92 -12.53 6.65 -15.20
CA PHE A 92 -12.90 6.70 -13.78
C PHE A 92 -13.29 8.12 -13.40
N LEU A 93 -14.56 8.44 -13.60
CA LEU A 93 -15.08 9.77 -13.31
C LEU A 93 -15.80 9.83 -11.98
N GLN A 94 -15.58 8.82 -11.14
CA GLN A 94 -16.20 8.79 -9.84
C GLN A 94 -15.25 8.17 -8.83
N VAL A 95 -14.48 9.02 -8.14
CA VAL A 95 -13.54 8.53 -7.15
C VAL A 95 -13.55 9.40 -5.90
N GLN A 96 -13.67 8.75 -4.76
CA GLN A 96 -13.65 9.42 -3.48
C GLN A 96 -12.39 9.02 -2.74
N GLY A 97 -11.90 9.88 -1.86
CA GLY A 97 -10.70 9.55 -1.14
C GLY A 97 -10.77 9.98 0.30
N VAL A 98 -9.78 9.61 1.09
CA VAL A 98 -9.76 10.00 2.48
C VAL A 98 -8.32 10.21 2.95
N ASP A 99 -8.15 11.21 3.78
CA ASP A 99 -6.83 11.56 4.30
C ASP A 99 -6.85 11.74 5.81
N GLY A 100 -5.70 11.50 6.44
CA GLY A 100 -5.59 11.66 7.87
C GLY A 100 -4.91 12.95 8.25
N SER A 101 -4.80 13.86 7.29
CA SER A 101 -4.17 15.15 7.53
C SER A 101 -4.89 16.27 6.76
N PRO A 102 -5.34 17.32 7.45
CA PRO A 102 -6.06 18.43 6.81
C PRO A 102 -5.25 19.05 5.67
N GLU A 103 -3.94 19.19 5.87
CA GLU A 103 -3.08 19.75 4.83
C GLU A 103 -3.14 18.90 3.57
N MET A 104 -3.03 17.59 3.74
CA MET A 104 -3.09 16.65 2.63
C MET A 104 -4.49 16.60 2.05
N LEU A 105 -5.47 16.65 2.94
CA LEU A 105 -6.87 16.61 2.55
C LEU A 105 -7.22 17.77 1.63
N LYS A 106 -6.74 18.96 2.00
CA LYS A 106 -6.98 20.16 1.22
C LYS A 106 -6.34 20.02 -0.16
N GLN A 107 -5.23 19.30 -0.22
CA GLN A 107 -4.50 19.10 -1.47
C GLN A 107 -5.41 18.41 -2.49
N ALA A 108 -6.05 17.31 -2.09
CA ALA A 108 -6.93 16.58 -3.00
C ALA A 108 -8.19 17.39 -3.29
N ARG A 109 -8.70 18.09 -2.27
CA ARG A 109 -9.89 18.91 -2.44
C ARG A 109 -9.65 19.97 -3.51
N ALA A 110 -8.53 20.67 -3.36
CA ALA A 110 -8.14 21.72 -4.31
C ALA A 110 -8.07 21.15 -5.73
N ARG A 111 -7.69 19.88 -5.81
CA ARG A 111 -7.60 19.20 -7.10
C ARG A 111 -8.96 19.18 -7.79
N GLY A 112 -10.02 18.99 -7.01
CA GLY A 112 -11.37 18.97 -7.54
C GLY A 112 -11.66 17.73 -8.36
N LEU A 113 -10.80 16.73 -8.27
CA LEU A 113 -10.99 15.50 -9.01
C LEU A 113 -11.76 14.46 -8.20
N TYR A 114 -11.52 14.41 -6.90
CA TYR A 114 -12.21 13.46 -6.03
C TYR A 114 -13.64 13.89 -5.77
N HIS A 115 -14.54 12.92 -5.69
CA HIS A 115 -15.94 13.19 -5.42
C HIS A 115 -16.13 13.71 -4.00
N HIS A 116 -15.44 13.10 -3.05
CA HIS A 116 -15.53 13.51 -1.66
C HIS A 116 -14.33 13.03 -0.86
N LEU A 117 -13.98 13.80 0.17
CA LEU A 117 -12.85 13.45 1.02
C LEU A 117 -13.25 13.56 2.50
N SER A 118 -12.61 12.76 3.35
CA SER A 118 -12.93 12.80 4.78
C SER A 118 -11.71 12.44 5.64
N LEU A 119 -11.74 12.87 6.90
CA LEU A 119 -10.65 12.60 7.83
C LEU A 119 -10.94 11.34 8.64
N CYS A 120 -10.12 10.32 8.43
CA CYS A 120 -10.30 9.07 9.14
C CYS A 120 -8.98 8.34 9.30
N THR A 121 -8.91 7.50 10.33
CA THR A 121 -7.74 6.70 10.60
C THR A 121 -8.22 5.28 10.92
N LEU A 122 -8.05 4.41 9.94
CA LEU A 122 -8.52 3.02 10.04
C LEU A 122 -8.29 2.41 11.41
N GLY A 123 -9.41 2.12 12.06
CA GLY A 123 -9.39 1.54 13.39
C GLY A 123 -9.90 2.51 14.42
N GLN A 124 -9.75 3.80 14.13
CA GLN A 124 -10.23 4.83 15.02
C GLN A 124 -11.75 4.76 15.10
N GLU A 125 -12.36 4.70 13.92
CA GLU A 125 -13.81 4.61 13.77
C GLU A 125 -14.14 3.90 12.46
N PRO A 126 -15.40 3.46 12.28
CA PRO A 126 -15.80 2.79 11.03
C PRO A 126 -15.65 3.72 9.84
N LEU A 127 -15.38 3.15 8.66
CA LEU A 127 -15.20 3.97 7.47
C LEU A 127 -16.44 4.80 7.18
N PRO A 128 -16.26 6.05 6.71
CA PRO A 128 -17.36 6.96 6.39
C PRO A 128 -18.15 6.54 5.16
N ASP A 129 -17.63 5.56 4.43
CA ASP A 129 -18.28 5.10 3.21
C ASP A 129 -19.31 4.00 3.50
N PRO A 130 -20.54 4.15 2.99
CA PRO A 130 -21.62 3.16 3.16
C PRO A 130 -21.36 1.88 2.37
N GLU A 131 -22.03 0.79 2.77
CA GLU A 131 -21.87 -0.49 2.08
C GLU A 131 -22.35 -0.38 0.64
N GLY A 132 -21.66 -1.06 -0.28
CA GLY A 132 -22.04 -1.01 -1.67
C GLY A 132 -22.00 0.40 -2.25
N THR A 133 -21.21 1.26 -1.64
CA THR A 133 -21.11 2.65 -2.09
C THR A 133 -20.19 2.81 -3.31
N PHE A 134 -18.99 2.27 -3.23
CA PHE A 134 -18.03 2.42 -4.34
C PHE A 134 -17.83 1.13 -5.10
N ASP A 135 -17.80 1.22 -6.43
CA ASP A 135 -17.58 0.06 -7.26
C ASP A 135 -16.19 -0.51 -7.02
N ALA A 136 -15.18 0.36 -6.96
CA ALA A 136 -13.81 -0.10 -6.76
C ALA A 136 -13.07 0.71 -5.70
N VAL A 137 -12.00 0.13 -5.17
CA VAL A 137 -11.18 0.79 -4.17
C VAL A 137 -9.70 0.50 -4.43
N ILE A 138 -8.85 1.52 -4.31
CA ILE A 138 -7.42 1.31 -4.58
C ILE A 138 -6.52 1.86 -3.46
N ILE A 139 -5.89 0.95 -2.72
CA ILE A 139 -4.98 1.31 -1.64
C ILE A 139 -3.96 0.20 -1.42
N VAL A 140 -2.68 0.52 -1.43
CA VAL A 140 -1.65 -0.48 -1.28
C VAL A 140 -1.09 -0.55 0.15
N GLY A 141 -1.02 -1.77 0.68
CA GLY A 141 -0.49 -1.98 2.01
C GLY A 141 -1.29 -1.30 3.09
N ALA A 142 -0.60 -0.77 4.08
CA ALA A 142 -1.24 -0.09 5.20
C ALA A 142 -1.89 -1.08 6.17
N LEU A 143 -2.23 -2.27 5.68
CA LEU A 143 -2.86 -3.28 6.53
C LEU A 143 -1.91 -3.84 7.57
N SER A 144 -0.72 -4.24 7.13
CA SER A 144 0.29 -4.81 8.02
C SER A 144 0.96 -3.75 8.88
N GLU A 145 1.23 -2.60 8.28
CA GLU A 145 1.89 -1.50 8.98
C GLU A 145 1.04 -1.05 10.16
N GLY A 146 -0.27 -1.01 9.96
CA GLY A 146 -1.18 -0.57 11.01
C GLY A 146 -1.94 0.66 10.59
N GLN A 147 -1.85 1.01 9.32
CA GLN A 147 -2.57 2.14 8.77
C GLN A 147 -4.04 1.77 8.62
N VAL A 148 -4.27 0.53 8.17
CA VAL A 148 -5.61 -0.01 7.97
C VAL A 148 -5.77 -1.37 8.65
N PRO A 149 -6.31 -1.39 9.88
CA PRO A 149 -6.49 -2.63 10.65
C PRO A 149 -7.36 -3.66 9.94
N CYS A 150 -6.96 -4.92 10.04
CA CYS A 150 -7.65 -6.03 9.39
C CYS A 150 -9.17 -5.92 9.53
N SER A 151 -9.62 -5.29 10.60
CA SER A 151 -11.06 -5.14 10.82
C SER A 151 -11.66 -4.16 9.82
N ALA A 152 -10.91 -3.11 9.50
CA ALA A 152 -11.36 -2.08 8.56
C ALA A 152 -11.38 -2.58 7.11
N ILE A 153 -10.47 -3.49 6.76
CA ILE A 153 -10.39 -4.01 5.39
C ILE A 153 -11.74 -4.45 4.84
N PRO A 154 -12.47 -5.29 5.60
CA PRO A 154 -13.78 -5.79 5.15
C PRO A 154 -14.76 -4.65 4.93
N GLU A 155 -14.55 -3.56 5.64
CA GLU A 155 -15.38 -2.38 5.49
C GLU A 155 -15.09 -1.73 4.14
N LEU A 156 -13.85 -1.87 3.68
CA LEU A 156 -13.44 -1.32 2.39
C LEU A 156 -14.07 -2.15 1.26
N LEU A 157 -13.98 -3.47 1.39
CA LEU A 157 -14.55 -4.38 0.40
C LEU A 157 -16.08 -4.37 0.50
N ARG A 158 -16.57 -4.29 1.73
CA ARG A 158 -18.01 -4.29 1.98
C ARG A 158 -18.67 -3.11 1.29
N VAL A 159 -18.05 -1.94 1.37
CA VAL A 159 -18.58 -0.76 0.72
C VAL A 159 -18.46 -0.87 -0.80
N THR A 160 -17.58 -1.76 -1.26
CA THR A 160 -17.37 -1.95 -2.68
C THR A 160 -18.54 -2.70 -3.31
N LYS A 161 -19.12 -2.11 -4.36
CA LYS A 161 -20.26 -2.72 -5.06
C LYS A 161 -19.85 -3.95 -5.84
N PRO A 162 -20.81 -4.85 -6.12
CA PRO A 162 -20.55 -6.06 -6.90
C PRO A 162 -20.04 -5.68 -8.29
N GLY A 163 -19.21 -6.53 -8.90
CA GLY A 163 -18.67 -6.20 -10.20
C GLY A 163 -17.60 -5.14 -10.12
N GLY A 164 -17.36 -4.64 -8.90
CA GLY A 164 -16.35 -3.61 -8.71
C GLY A 164 -14.97 -4.20 -8.59
N LEU A 165 -13.94 -3.37 -8.49
CA LEU A 165 -12.57 -3.88 -8.39
C LEU A 165 -11.79 -3.24 -7.25
N VAL A 166 -11.22 -4.06 -6.38
CA VAL A 166 -10.45 -3.54 -5.26
C VAL A 166 -8.97 -3.92 -5.39
N CYS A 167 -8.11 -2.91 -5.49
CA CYS A 167 -6.67 -3.15 -5.62
C CYS A 167 -5.99 -2.99 -4.26
N LEU A 168 -5.83 -4.11 -3.56
CA LEU A 168 -5.23 -4.09 -2.24
C LEU A 168 -3.91 -4.88 -2.19
N THR A 169 -2.90 -4.27 -1.56
CA THR A 169 -1.60 -4.92 -1.39
C THR A 169 -1.28 -5.02 0.10
N THR A 170 -0.46 -5.98 0.47
CA THR A 170 -0.09 -6.17 1.87
C THR A 170 1.09 -7.13 1.97
N ARG A 171 1.77 -7.14 3.11
CA ARG A 171 2.89 -8.04 3.30
C ARG A 171 2.41 -9.47 3.10
N THR A 172 3.04 -10.18 2.19
CA THR A 172 2.67 -11.55 1.88
C THR A 172 3.30 -12.52 2.88
N ASN A 173 3.73 -12.00 4.03
CA ASN A 173 4.33 -12.82 5.09
C ASN A 173 5.81 -13.10 4.80
N PRO A 174 6.68 -12.08 4.95
CA PRO A 174 8.12 -12.24 4.71
C PRO A 174 8.75 -13.31 5.59
N SER A 175 8.07 -13.66 6.68
CA SER A 175 8.58 -14.65 7.62
C SER A 175 8.81 -16.02 6.98
N ASN A 176 7.82 -16.56 6.27
CA ASN A 176 7.96 -17.86 5.64
C ASN A 176 6.97 -18.08 4.49
N LEU A 177 7.39 -18.84 3.49
CA LEU A 177 6.56 -19.17 2.34
C LEU A 177 5.29 -19.91 2.75
N PRO A 178 5.41 -20.90 3.68
CA PRO A 178 4.26 -21.67 4.13
C PRO A 178 3.15 -20.78 4.67
N TYR A 179 3.54 -19.63 5.21
CA TYR A 179 2.57 -18.67 5.72
C TYR A 179 1.80 -18.05 4.55
N LYS A 180 2.44 -18.00 3.39
CA LYS A 180 1.84 -17.42 2.19
C LYS A 180 0.56 -18.17 1.80
N GLU A 181 0.59 -19.49 1.94
CA GLU A 181 -0.56 -20.31 1.60
C GLU A 181 -1.75 -19.92 2.47
N THR A 182 -1.48 -19.59 3.72
CA THR A 182 -2.54 -19.18 4.65
C THR A 182 -3.27 -17.95 4.14
N LEU A 183 -2.50 -17.02 3.58
CA LEU A 183 -3.08 -15.82 3.00
C LEU A 183 -3.85 -16.18 1.74
N GLU A 184 -3.15 -16.82 0.81
CA GLU A 184 -3.72 -17.22 -0.46
C GLU A 184 -4.91 -18.17 -0.31
N ALA A 185 -4.89 -19.00 0.73
CA ALA A 185 -6.00 -19.92 0.96
C ALA A 185 -7.27 -19.16 1.37
N THR A 186 -7.08 -18.14 2.21
CA THR A 186 -8.21 -17.34 2.68
C THR A 186 -8.92 -16.68 1.51
N LEU A 187 -8.13 -16.18 0.56
CA LEU A 187 -8.67 -15.52 -0.62
C LEU A 187 -9.47 -16.52 -1.45
N ASP A 188 -8.92 -17.73 -1.56
CA ASP A 188 -9.54 -18.79 -2.36
C ASP A 188 -10.94 -19.12 -1.85
N SER A 189 -11.14 -19.15 -0.53
CA SER A 189 -12.46 -19.45 0.00
C SER A 189 -13.43 -18.33 -0.35
N LEU A 190 -12.93 -17.10 -0.26
CA LEU A 190 -13.73 -15.93 -0.60
C LEU A 190 -14.18 -15.97 -2.05
N GLU A 191 -13.30 -16.42 -2.93
CA GLU A 191 -13.64 -16.55 -4.34
C GLU A 191 -14.64 -17.68 -4.53
N ARG A 192 -14.36 -18.79 -3.88
CA ARG A 192 -15.22 -19.96 -3.94
C ARG A 192 -16.62 -19.62 -3.41
N ALA A 193 -16.65 -18.84 -2.34
CA ALA A 193 -17.91 -18.43 -1.74
C ALA A 193 -18.70 -17.50 -2.68
N GLY A 194 -18.00 -16.90 -3.63
CA GLY A 194 -18.64 -16.02 -4.59
C GLY A 194 -18.62 -14.56 -4.16
N VAL A 195 -17.93 -14.26 -3.07
CA VAL A 195 -17.86 -12.89 -2.57
C VAL A 195 -17.02 -12.00 -3.49
N TRP A 196 -15.97 -12.56 -4.09
CA TRP A 196 -15.11 -11.78 -4.98
C TRP A 196 -14.12 -12.67 -5.74
N GLU A 197 -13.69 -12.23 -6.91
CA GLU A 197 -12.74 -12.98 -7.73
C GLU A 197 -11.58 -12.10 -8.16
N CYS A 198 -10.43 -12.71 -8.37
CA CYS A 198 -9.24 -11.99 -8.79
C CYS A 198 -9.39 -11.47 -10.22
N LEU A 199 -8.91 -10.25 -10.45
CA LEU A 199 -8.95 -9.63 -11.78
C LEU A 199 -7.56 -9.55 -12.38
N VAL A 200 -6.56 -9.63 -11.50
CA VAL A 200 -5.14 -9.59 -11.87
C VAL A 200 -4.30 -9.60 -10.61
N THR A 201 -3.03 -9.94 -10.74
CA THR A 201 -2.13 -9.95 -9.61
C THR A 201 -0.77 -9.41 -10.01
N GLN A 202 -0.13 -8.69 -9.11
CA GLN A 202 1.18 -8.10 -9.39
C GLN A 202 2.22 -8.54 -8.37
N PRO A 203 3.04 -9.54 -8.75
CA PRO A 203 4.08 -10.07 -7.85
C PRO A 203 5.22 -9.09 -7.63
N VAL A 204 5.61 -8.96 -6.36
CA VAL A 204 6.69 -8.06 -5.98
C VAL A 204 7.98 -8.44 -6.72
N ASP A 205 8.39 -7.57 -7.64
CA ASP A 205 9.60 -7.81 -8.43
C ASP A 205 10.80 -7.10 -7.83
N HIS A 206 10.58 -6.30 -6.80
CA HIS A 206 11.67 -5.56 -6.16
C HIS A 206 12.69 -6.52 -5.56
N TRP A 207 12.26 -7.25 -4.54
CA TRP A 207 13.12 -8.22 -3.88
C TRP A 207 12.34 -9.01 -2.85
N GLU A 208 12.81 -10.22 -2.57
CA GLU A 208 12.16 -11.07 -1.59
C GLU A 208 13.01 -11.16 -0.32
N LEU A 209 12.40 -10.89 0.82
CA LEU A 209 13.13 -10.95 2.08
C LEU A 209 12.63 -12.08 2.96
N ALA A 210 13.56 -12.95 3.36
CA ALA A 210 13.25 -14.09 4.22
C ALA A 210 14.10 -14.07 5.48
N THR A 211 15.11 -13.20 5.50
CA THR A 211 16.00 -13.07 6.63
C THR A 211 15.96 -11.66 7.21
N SER A 212 15.78 -11.58 8.52
CA SER A 212 15.71 -10.29 9.21
C SER A 212 16.99 -9.49 9.00
N GLU A 213 18.13 -10.19 9.04
CA GLU A 213 19.44 -9.54 8.86
C GLU A 213 19.83 -8.77 10.11
N GLN A 214 19.22 -9.14 11.24
CA GLN A 214 19.52 -8.50 12.51
C GLN A 214 20.43 -9.38 13.36
N GLU A 215 21.41 -8.78 14.01
CA GLU A 215 22.35 -9.51 14.85
C GLU A 215 23.12 -10.55 14.03
N THR A 216 23.26 -10.30 12.73
CA THR A 216 23.97 -11.21 11.84
C THR A 216 23.48 -12.64 12.01
N GLY A 217 24.29 -13.61 11.55
CA GLY A 217 23.90 -15.01 11.67
C GLY A 217 23.23 -15.53 10.41
N LEU A 218 23.26 -16.85 10.24
CA LEU A 218 22.65 -17.48 9.07
C LEU A 218 21.74 -18.63 9.49
N GLY A 219 20.70 -18.87 8.69
CA GLY A 219 19.77 -19.95 8.99
C GLY A 219 19.44 -20.79 7.76
N THR A 220 19.26 -22.09 7.96
CA THR A 220 18.93 -23.00 6.87
C THR A 220 17.59 -23.69 7.13
N CYS A 221 16.71 -23.66 6.14
CA CYS A 221 15.39 -24.28 6.24
C CYS A 221 14.89 -24.77 4.89
N ALA A 222 13.93 -25.69 4.91
CA ALA A 222 13.36 -26.24 3.69
C ALA A 222 12.73 -25.15 2.82
N ASN A 223 11.98 -24.26 3.45
CA ASN A 223 11.34 -23.17 2.72
C ASN A 223 12.22 -21.92 2.76
N ASP A 224 12.24 -21.17 1.67
CA ASP A 224 13.04 -19.96 1.60
C ASP A 224 12.43 -18.88 2.50
N GLY A 225 11.10 -18.82 2.47
CA GLY A 225 10.38 -17.85 3.27
C GLY A 225 10.45 -16.45 2.70
N PHE A 226 10.11 -16.32 1.42
CA PHE A 226 10.15 -15.02 0.76
C PHE A 226 8.75 -14.56 0.32
N ILE A 227 8.29 -13.46 0.89
CA ILE A 227 6.97 -12.91 0.55
C ILE A 227 6.71 -11.58 1.26
N SER A 228 6.69 -10.48 0.50
CA SER A 228 6.43 -9.16 1.09
C SER A 228 5.84 -8.18 0.06
N GLY A 229 4.94 -7.33 0.53
CA GLY A 229 4.31 -6.31 -0.31
C GLY A 229 3.91 -6.79 -1.70
N ILE A 230 2.64 -7.15 -1.86
CA ILE A 230 2.13 -7.58 -3.16
C ILE A 230 0.83 -6.87 -3.51
N ILE A 231 0.75 -6.30 -4.73
CA ILE A 231 -0.45 -5.59 -5.15
C ILE A 231 -1.27 -6.41 -6.16
N TYR A 232 -2.42 -6.90 -5.73
CA TYR A 232 -3.27 -7.69 -6.61
C TYR A 232 -4.70 -7.15 -6.63
N LEU A 233 -5.31 -7.16 -7.80
CA LEU A 233 -6.67 -6.67 -7.98
C LEU A 233 -7.72 -7.71 -7.58
N TYR A 234 -8.97 -7.28 -7.59
CA TYR A 234 -10.11 -8.14 -7.27
C TYR A 234 -11.42 -7.50 -7.73
N ARG A 235 -12.47 -8.31 -7.85
CA ARG A 235 -13.78 -7.80 -8.26
C ARG A 235 -14.85 -8.31 -7.30
N LYS A 236 -15.73 -7.43 -6.82
CA LYS A 236 -16.77 -7.81 -5.87
C LYS A 236 -17.86 -8.70 -6.47
N GLN A 237 -18.21 -9.74 -5.73
CA GLN A 237 -19.24 -10.71 -6.12
C GLN A 237 -18.78 -11.59 -7.27
N GLU A 238 -17.90 -12.50 -6.91
CA GLU A 238 -17.38 -13.45 -7.88
C GLU A 238 -16.91 -14.77 -7.29
N THR A 239 -17.03 -15.80 -8.12
CA THR A 239 -16.64 -17.15 -7.76
C THR A 239 -15.47 -17.62 -8.62
N VAL A 240 -14.68 -18.54 -8.08
CA VAL A 240 -13.52 -19.07 -8.80
C VAL A 240 -13.88 -19.47 -10.22
#